data_8IC8
#
_entry.id   8IC8
#
_cell.length_a   131.109
_cell.length_b   207.538
_cell.length_c   253.880
_cell.angle_alpha   90.00
_cell.angle_beta   90.00
_cell.angle_gamma   90.00
#
_symmetry.space_group_name_H-M   'P 21 21 21'
#
loop_
_entity.id
_entity.type
_entity.pdbx_description
1 polymer Exo-alpha-D-arabinofuranosidase
2 non-polymer 'PHOSPHATE ION'
3 water water
#
_entity_poly.entity_id   1
_entity_poly.type   'polypeptide(L)'
_entity_poly.pdbx_seq_one_letter_code
;MPDLNSIAALRQVQTRSISPENFDGTAGGGGRATEGTGADCARDLGPGWKISPSVDIKAGETFELASIEGAGKITHIWIT
THTDNWRTLILRAFWDGADEPAVEVPYGDFFCNGWGVFAQVNSQAIAANPHGGFNSYWPMPFRDGARLTIENTSVVDVRV
YYQVTYEIGGDHSNDAYFHAQWRRSNPLEELTPHVILEGIEGEGHYVGTYIAWGVNSNGWWGEGEIKFYLDDDTDHPTIC
GTGTEDYFGGAWNFDIPGKGYTEFSTPYLGMPQVIRPDGLYVSQQRFGMYRWHLQDPIHFATGIPKVDIQALGWRSGWRY
LPLRDDIASTAMFYLDRPTARRPKSPSADDMEVHLGTAPVPDLGATPPRVLEHHHHHH
;
_entity_poly.pdbx_strand_id   A,B,C,D,E,F,G,H,I,J,K,L
#
loop_
_chem_comp.id
_chem_comp.type
_chem_comp.name
_chem_comp.formula
PO4 non-polymer 'PHOSPHATE ION' 'O4 P -3'
#
# COMPACT_ATOMS: atom_id res chain seq x y z
N PRO A 2 -8.96 -24.87 47.53
CA PRO A 2 -8.00 -25.78 46.89
C PRO A 2 -7.31 -25.17 45.67
N ASP A 3 -6.42 -25.93 45.04
CA ASP A 3 -5.84 -25.54 43.76
C ASP A 3 -5.84 -26.79 42.88
N LEU A 4 -5.28 -26.67 41.67
CA LEU A 4 -5.22 -27.82 40.76
C LEU A 4 -4.59 -29.04 41.44
N ASN A 5 -3.49 -28.83 42.15
CA ASN A 5 -2.81 -29.93 42.85
C ASN A 5 -3.71 -30.62 43.88
N SER A 6 -4.61 -29.87 44.54
CA SER A 6 -5.37 -30.41 45.67
C SER A 6 -6.86 -30.49 45.39
N ILE A 7 -7.30 -30.29 44.14
CA ILE A 7 -8.72 -30.15 43.85
C ILE A 7 -9.50 -31.45 44.07
N ALA A 8 -8.84 -32.61 43.99
CA ALA A 8 -9.59 -33.87 44.03
C ALA A 8 -10.12 -34.20 45.42
N ALA A 9 -9.59 -33.58 46.48
CA ALA A 9 -9.93 -34.01 47.82
C ALA A 9 -11.38 -33.67 48.16
N LEU A 10 -12.09 -34.63 48.75
CA LEU A 10 -13.41 -34.37 49.28
C LEU A 10 -13.29 -33.50 50.52
N ARG A 11 -14.08 -32.43 50.59
CA ARG A 11 -14.00 -31.48 51.69
C ARG A 11 -15.41 -31.16 52.18
N GLN A 12 -15.53 -31.02 53.49
CA GLN A 12 -16.81 -30.71 54.10
C GLN A 12 -16.95 -29.19 54.10
N VAL A 13 -17.28 -28.66 52.94
CA VAL A 13 -17.31 -27.23 52.68
C VAL A 13 -18.55 -26.92 51.85
N GLN A 14 -19.09 -25.73 52.04
CA GLN A 14 -20.24 -25.25 51.27
C GLN A 14 -19.83 -24.02 50.48
N THR A 15 -20.27 -23.95 49.22
CA THR A 15 -20.06 -22.79 48.37
C THR A 15 -21.35 -21.99 48.26
N ARG A 16 -21.25 -20.69 48.51
CA ARG A 16 -22.36 -19.77 48.30
C ARG A 16 -21.88 -18.65 47.39
N SER A 17 -22.82 -17.85 46.90
CA SER A 17 -22.46 -16.82 45.94
C SER A 17 -23.49 -15.71 46.00
N ILE A 18 -23.03 -14.48 46.24
CA ILE A 18 -23.92 -13.33 46.30
C ILE A 18 -23.86 -12.59 44.97
N SER A 19 -25.03 -12.27 44.43
CA SER A 19 -25.14 -11.57 43.17
C SER A 19 -26.47 -10.82 43.18
N PRO A 20 -26.68 -9.88 42.26
CA PRO A 20 -27.99 -9.20 42.20
C PRO A 20 -29.17 -10.15 42.02
N GLU A 21 -28.92 -11.41 41.67
CA GLU A 21 -29.98 -12.41 41.54
C GLU A 21 -30.12 -13.28 42.78
N ASN A 22 -29.25 -13.09 43.77
CA ASN A 22 -29.40 -13.71 45.08
C ASN A 22 -28.64 -12.84 46.09
N PHE A 23 -29.32 -11.80 46.56
CA PHE A 23 -28.69 -10.70 47.28
C PHE A 23 -28.03 -11.15 48.59
N ASP A 24 -28.55 -12.18 49.24
CA ASP A 24 -27.98 -12.65 50.49
C ASP A 24 -27.28 -13.99 50.35
N GLY A 25 -27.26 -14.56 49.16
CA GLY A 25 -26.52 -15.79 48.92
C GLY A 25 -27.08 -17.04 49.57
N THR A 26 -28.39 -17.10 49.82
CA THR A 26 -28.97 -18.23 50.55
C THR A 26 -29.22 -19.40 49.62
N ALA A 27 -29.09 -20.60 50.19
CA ALA A 27 -29.42 -21.83 49.48
C ALA A 27 -30.81 -21.75 48.87
N GLY A 28 -30.91 -22.03 47.58
CA GLY A 28 -32.22 -21.93 46.94
C GLY A 28 -32.81 -20.54 46.89
N GLY A 29 -32.00 -19.51 47.13
CA GLY A 29 -32.47 -18.12 47.13
C GLY A 29 -32.29 -17.34 45.84
N GLY A 30 -31.84 -17.96 44.76
CA GLY A 30 -31.53 -17.23 43.54
C GLY A 30 -32.64 -17.30 42.50
N GLY A 31 -32.74 -16.24 41.71
CA GLY A 31 -33.67 -16.25 40.60
C GLY A 31 -35.11 -16.01 40.97
N ARG A 32 -35.39 -15.52 42.18
CA ARG A 32 -36.77 -15.31 42.63
C ARG A 32 -37.32 -13.93 42.30
N ALA A 33 -36.47 -12.97 41.97
CA ALA A 33 -36.93 -11.58 41.82
C ALA A 33 -38.08 -11.49 40.82
N THR A 34 -39.00 -10.58 41.12
CA THR A 34 -39.99 -10.10 40.16
C THR A 34 -39.80 -8.63 39.83
N GLU A 35 -38.96 -7.92 40.59
CA GLU A 35 -38.54 -6.57 40.25
C GLU A 35 -37.01 -6.52 40.23
N GLY A 36 -36.49 -5.55 39.51
CA GLY A 36 -35.06 -5.41 39.35
C GLY A 36 -34.78 -4.78 37.99
N THR A 37 -33.50 -4.55 37.74
CA THR A 37 -33.10 -3.78 36.55
C THR A 37 -33.47 -4.48 35.25
N GLY A 38 -33.73 -5.78 35.27
CA GLY A 38 -34.10 -6.49 34.07
C GLY A 38 -35.58 -6.79 33.90
N ALA A 39 -36.43 -6.31 34.81
CA ALA A 39 -37.84 -6.76 34.81
C ALA A 39 -38.53 -6.36 33.52
N ASP A 40 -38.45 -5.09 33.13
CA ASP A 40 -39.11 -4.66 31.90
C ASP A 40 -38.51 -5.34 30.67
N CYS A 41 -37.19 -5.62 30.68
CA CYS A 41 -36.58 -6.33 29.55
C CYS A 41 -37.23 -7.68 29.33
N ALA A 42 -37.78 -8.28 30.39
CA ALA A 42 -38.46 -9.56 30.32
C ALA A 42 -39.99 -9.42 30.34
N ARG A 43 -40.53 -8.27 29.90
CA ARG A 43 -41.97 -8.02 30.06
C ARG A 43 -42.82 -9.04 29.32
N ASP A 44 -42.33 -9.57 28.20
CA ASP A 44 -43.04 -10.61 27.45
C ASP A 44 -42.62 -12.01 27.84
N LEU A 45 -41.67 -12.17 28.76
CA LEU A 45 -41.33 -13.45 29.35
C LEU A 45 -41.75 -13.43 30.83
N GLY A 46 -41.80 -14.60 31.45
CA GLY A 46 -42.20 -14.64 32.85
C GLY A 46 -41.08 -14.20 33.78
N PRO A 47 -41.29 -14.35 35.08
CA PRO A 47 -40.16 -14.24 36.01
C PRO A 47 -39.22 -15.43 35.85
N GLY A 48 -38.00 -15.25 36.33
CA GLY A 48 -36.93 -16.20 36.11
C GLY A 48 -36.15 -16.00 34.82
N TRP A 49 -36.36 -14.90 34.10
CA TRP A 49 -35.63 -14.62 32.87
C TRP A 49 -34.85 -13.32 33.05
N LYS A 50 -33.76 -13.41 33.80
CA LYS A 50 -32.82 -12.32 34.01
C LYS A 50 -33.55 -11.05 34.46
N ILE A 51 -34.18 -11.16 35.63
CA ILE A 51 -34.93 -10.05 36.20
C ILE A 51 -34.03 -9.08 36.96
N SER A 52 -32.96 -9.57 37.58
CA SER A 52 -32.17 -8.76 38.51
C SER A 52 -30.67 -8.99 38.34
N PRO A 53 -30.10 -8.68 37.17
CA PRO A 53 -28.66 -8.93 36.97
C PRO A 53 -27.73 -7.85 37.51
N SER A 54 -28.22 -6.65 37.83
CA SER A 54 -27.35 -5.56 38.21
C SER A 54 -28.05 -4.68 39.25
N VAL A 55 -27.32 -3.72 39.80
CA VAL A 55 -27.88 -2.70 40.67
C VAL A 55 -27.46 -1.33 40.18
N ASP A 56 -28.30 -0.33 40.43
CA ASP A 56 -27.98 1.05 40.16
C ASP A 56 -27.62 1.72 41.48
N ILE A 57 -26.52 2.45 41.48
CA ILE A 57 -26.00 3.12 42.67
C ILE A 57 -26.10 4.60 42.41
N LYS A 58 -26.87 5.31 43.24
CA LYS A 58 -27.10 6.71 43.00
C LYS A 58 -25.83 7.50 43.27
N ALA A 59 -25.67 8.59 42.52
CA ALA A 59 -24.58 9.53 42.76
C ALA A 59 -24.42 9.81 44.24
N GLY A 60 -23.20 9.70 44.74
CA GLY A 60 -22.91 9.99 46.12
C GLY A 60 -23.15 8.84 47.08
N GLU A 61 -23.95 7.84 46.69
CA GLU A 61 -24.37 6.82 47.63
C GLU A 61 -23.43 5.61 47.66
N THR A 62 -23.54 4.86 48.76
CA THR A 62 -22.77 3.65 48.96
C THR A 62 -23.71 2.46 48.94
N PHE A 63 -23.28 1.37 48.32
CA PHE A 63 -24.10 0.17 48.17
C PHE A 63 -23.34 -1.00 48.77
N GLU A 64 -24.05 -1.84 49.50
CA GLU A 64 -23.47 -3.00 50.18
C GLU A 64 -23.53 -4.18 49.21
N LEU A 65 -22.40 -4.48 48.56
CA LEU A 65 -22.33 -5.63 47.66
C LEU A 65 -22.66 -6.92 48.39
N ALA A 66 -22.03 -7.15 49.54
CA ALA A 66 -22.13 -8.42 50.23
C ALA A 66 -22.16 -8.21 51.74
N SER A 67 -22.95 -9.01 52.42
CA SER A 67 -22.95 -9.08 53.88
C SER A 67 -23.07 -10.54 54.27
N ILE A 68 -22.04 -11.07 54.92
CA ILE A 68 -21.97 -12.47 55.30
C ILE A 68 -21.83 -12.57 56.81
N GLU A 69 -22.64 -13.42 57.43
CA GLU A 69 -22.55 -13.66 58.86
C GLU A 69 -21.63 -14.84 59.12
N GLY A 70 -20.86 -14.76 60.19
CA GLY A 70 -20.07 -15.90 60.60
C GLY A 70 -18.75 -16.00 59.87
N ALA A 71 -18.21 -17.23 59.88
CA ALA A 71 -16.88 -17.51 59.38
C ALA A 71 -16.96 -18.01 57.94
N GLY A 72 -15.98 -17.62 57.13
CA GLY A 72 -15.94 -18.03 55.74
C GLY A 72 -14.70 -17.50 55.06
N LYS A 73 -14.66 -17.68 53.74
CA LYS A 73 -13.54 -17.23 52.93
C LYS A 73 -14.08 -16.83 51.56
N ILE A 74 -13.88 -15.58 51.14
CA ILE A 74 -14.19 -15.20 49.76
C ILE A 74 -13.22 -15.93 48.85
N THR A 75 -13.74 -16.57 47.81
CA THR A 75 -12.86 -17.32 46.91
C THR A 75 -12.76 -16.70 45.52
N HIS A 76 -13.77 -15.98 45.08
CA HIS A 76 -13.71 -15.35 43.75
C HIS A 76 -14.68 -14.19 43.72
N ILE A 77 -14.20 -13.03 43.26
CA ILE A 77 -15.05 -11.86 42.99
C ILE A 77 -15.00 -11.56 41.50
N TRP A 78 -16.14 -11.62 40.84
CA TRP A 78 -16.33 -11.03 39.53
C TRP A 78 -17.18 -9.77 39.67
N ILE A 79 -16.85 -8.74 38.89
CA ILE A 79 -17.56 -7.46 38.96
C ILE A 79 -17.25 -6.69 37.68
N THR A 80 -18.19 -5.86 37.25
CA THR A 80 -17.96 -4.96 36.13
C THR A 80 -18.85 -3.74 36.25
N THR A 81 -18.49 -2.73 35.46
CA THR A 81 -19.10 -1.42 35.40
C THR A 81 -18.36 -0.68 34.29
N HIS A 82 -18.92 0.41 33.81
CA HIS A 82 -18.33 1.08 32.66
C HIS A 82 -17.05 1.82 33.04
N THR A 83 -16.11 1.83 32.11
CA THR A 83 -14.92 2.66 32.05
C THR A 83 -14.98 3.98 32.83
N ASP A 84 -16.04 4.77 32.67
CA ASP A 84 -16.07 6.07 33.33
C ASP A 84 -16.10 5.94 34.85
N ASN A 85 -16.50 4.79 35.38
CA ASN A 85 -16.59 4.64 36.83
C ASN A 85 -15.37 3.97 37.46
N TRP A 86 -14.30 3.66 36.69
CA TRP A 86 -13.20 2.90 37.28
C TRP A 86 -12.42 3.71 38.29
N ARG A 87 -12.32 5.04 38.11
CA ARG A 87 -11.67 5.90 39.09
C ARG A 87 -12.66 6.84 39.77
N THR A 88 -13.93 6.42 39.91
CA THR A 88 -14.90 7.13 40.74
C THR A 88 -15.51 6.27 41.83
N LEU A 89 -15.43 4.94 41.71
CA LEU A 89 -15.97 4.02 42.69
C LEU A 89 -14.87 3.56 43.64
N ILE A 90 -15.20 3.49 44.93
CA ILE A 90 -14.28 2.99 45.95
C ILE A 90 -14.81 1.64 46.42
N LEU A 91 -13.96 0.62 46.31
CA LEU A 91 -14.27 -0.72 46.81
C LEU A 91 -13.75 -0.87 48.23
N ARG A 92 -14.59 -1.35 49.15
CA ARG A 92 -14.18 -1.57 50.53
C ARG A 92 -14.60 -2.96 51.01
N ALA A 93 -13.77 -3.54 51.89
CA ALA A 93 -14.09 -4.76 52.62
C ALA A 93 -13.88 -4.54 54.12
N PHE A 94 -14.84 -4.99 54.92
CA PHE A 94 -14.79 -4.95 56.38
C PHE A 94 -14.89 -6.37 56.91
N TRP A 95 -13.91 -6.79 57.71
CA TRP A 95 -13.88 -8.15 58.26
C TRP A 95 -14.28 -8.14 59.74
N ASP A 96 -14.99 -9.20 60.15
CA ASP A 96 -15.27 -9.48 61.56
C ASP A 96 -16.09 -8.37 62.24
N GLY A 97 -16.95 -7.69 61.49
CA GLY A 97 -17.81 -6.67 62.06
C GLY A 97 -17.13 -5.37 62.40
N ALA A 98 -15.85 -5.21 62.07
CA ALA A 98 -15.13 -3.97 62.36
C ALA A 98 -15.74 -2.79 61.60
N ASP A 99 -15.46 -1.59 62.11
CA ASP A 99 -15.98 -0.34 61.54
C ASP A 99 -15.04 0.28 60.55
N GLU A 100 -13.76 -0.05 60.62
CA GLU A 100 -12.75 0.38 59.68
C GLU A 100 -12.50 -0.70 58.65
N PRO A 101 -12.39 -0.36 57.37
CA PRO A 101 -12.17 -1.40 56.35
C PRO A 101 -10.71 -1.80 56.19
N ALA A 102 -10.51 -3.08 55.90
CA ALA A 102 -9.17 -3.60 55.59
C ALA A 102 -8.80 -3.37 54.12
N VAL A 103 -9.76 -3.36 53.21
CA VAL A 103 -9.55 -3.01 51.81
C VAL A 103 -10.22 -1.68 51.57
N GLU A 104 -9.45 -0.71 51.04
CA GLU A 104 -10.02 0.59 50.69
C GLU A 104 -9.23 1.09 49.48
N VAL A 105 -9.78 0.85 48.30
CA VAL A 105 -9.01 0.95 47.07
C VAL A 105 -9.96 1.45 45.97
N PRO A 106 -9.53 2.39 45.12
CA PRO A 106 -10.33 2.71 43.92
C PRO A 106 -10.62 1.44 43.14
N TYR A 107 -11.82 1.41 42.55
CA TYR A 107 -12.31 0.22 41.85
C TYR A 107 -11.29 -0.31 40.81
N GLY A 108 -10.76 0.57 39.96
CA GLY A 108 -9.94 0.08 38.85
C GLY A 108 -8.57 -0.44 39.28
N ASP A 109 -7.95 0.24 40.25
CA ASP A 109 -6.63 -0.17 40.71
C ASP A 109 -6.64 -1.58 41.27
N PHE A 110 -7.75 -2.01 41.88
CA PHE A 110 -7.75 -3.32 42.51
C PHE A 110 -7.59 -4.42 41.47
N PHE A 111 -7.94 -4.11 40.22
CA PHE A 111 -7.78 -5.04 39.11
C PHE A 111 -6.74 -4.53 38.10
N CYS A 112 -5.72 -3.82 38.58
CA CYS A 112 -4.60 -3.37 37.73
C CYS A 112 -5.08 -2.51 36.57
N ASN A 113 -6.05 -1.63 36.84
CA ASN A 113 -6.71 -0.88 35.79
C ASN A 113 -7.07 0.52 36.30
N GLY A 114 -6.10 1.17 36.94
CA GLY A 114 -6.29 2.49 37.52
C GLY A 114 -6.35 3.64 36.56
N TRP A 115 -6.30 3.41 35.24
CA TRP A 115 -6.28 4.49 34.28
C TRP A 115 -7.55 4.58 33.47
N GLY A 116 -8.54 3.72 33.73
CA GLY A 116 -9.80 3.78 33.01
C GLY A 116 -9.72 3.41 31.55
N VAL A 117 -8.67 2.69 31.16
CA VAL A 117 -8.47 2.17 29.81
C VAL A 117 -8.18 0.68 29.95
N PHE A 118 -9.02 -0.16 29.37
CA PHE A 118 -8.92 -1.60 29.62
C PHE A 118 -7.57 -2.18 29.19
N ALA A 119 -6.94 -2.91 30.12
CA ALA A 119 -5.72 -3.65 29.83
C ALA A 119 -5.91 -5.09 30.26
N GLN A 120 -5.60 -6.01 29.37
CA GLN A 120 -5.75 -7.43 29.68
C GLN A 120 -4.76 -7.83 30.77
N VAL A 121 -5.24 -8.55 31.79
CA VAL A 121 -4.39 -9.01 32.89
C VAL A 121 -4.58 -10.52 33.01
N ASN A 122 -3.48 -11.27 32.88
CA ASN A 122 -3.50 -12.73 32.86
C ASN A 122 -2.91 -13.37 34.12
N SER A 123 -2.85 -12.65 35.23
CA SER A 123 -2.18 -13.13 36.43
C SER A 123 -3.00 -14.18 37.19
N GLN A 124 -2.40 -14.70 38.26
CA GLN A 124 -3.05 -15.72 39.07
C GLN A 124 -4.09 -15.11 40.00
N ALA A 125 -3.73 -14.03 40.68
CA ALA A 125 -4.60 -13.43 41.68
C ALA A 125 -5.69 -12.59 41.04
N ILE A 126 -5.40 -11.98 39.88
CA ILE A 126 -6.27 -11.01 39.23
C ILE A 126 -6.36 -11.39 37.75
N ALA A 127 -7.57 -11.40 37.20
CA ALA A 127 -7.79 -11.60 35.78
C ALA A 127 -8.74 -10.52 35.31
N ALA A 128 -8.27 -9.67 34.39
CA ALA A 128 -9.08 -8.61 33.81
C ALA A 128 -9.25 -8.94 32.34
N ASN A 129 -10.50 -9.14 31.92
CA ASN A 129 -10.83 -9.74 30.65
C ASN A 129 -11.69 -8.81 29.80
N PRO A 130 -11.74 -9.03 28.49
CA PRO A 130 -12.61 -8.22 27.63
C PRO A 130 -14.06 -8.28 28.07
N HIS A 131 -14.72 -7.13 28.21
CA HIS A 131 -14.12 -5.79 28.25
C HIS A 131 -14.40 -5.21 29.63
N GLY A 132 -13.42 -5.26 30.53
CA GLY A 132 -13.65 -4.83 31.90
C GLY A 132 -14.25 -5.90 32.80
N GLY A 133 -14.12 -7.18 32.42
CA GLY A 133 -14.44 -8.29 33.30
C GLY A 133 -13.39 -8.45 34.38
N PHE A 134 -13.67 -7.96 35.58
CA PHE A 134 -12.66 -7.86 36.63
C PHE A 134 -12.83 -9.01 37.62
N ASN A 135 -11.75 -9.78 37.81
CA ASN A 135 -11.81 -11.00 38.62
C ASN A 135 -10.71 -10.96 39.66
N SER A 136 -11.10 -11.17 40.91
CA SER A 136 -10.16 -11.34 42.01
C SER A 136 -10.29 -12.74 42.58
N TYR A 137 -9.16 -13.44 42.69
CA TYR A 137 -9.10 -14.75 43.33
C TYR A 137 -8.23 -14.73 44.58
N TRP A 138 -7.93 -13.54 45.09
CA TRP A 138 -7.30 -13.40 46.40
C TRP A 138 -8.22 -14.07 47.42
N PRO A 139 -7.76 -15.07 48.17
CA PRO A 139 -8.64 -15.64 49.20
C PRO A 139 -8.75 -14.63 50.31
N MET A 140 -9.95 -14.48 50.87
CA MET A 140 -10.22 -13.45 51.86
C MET A 140 -10.95 -14.11 53.02
N PRO A 141 -10.23 -14.68 53.97
CA PRO A 141 -10.88 -15.41 55.07
C PRO A 141 -11.34 -14.43 56.15
N PHE A 142 -12.32 -14.88 56.92
CA PHE A 142 -12.86 -14.05 58.00
C PHE A 142 -13.56 -14.96 59.02
N ARG A 143 -13.59 -14.48 60.27
CA ARG A 143 -14.02 -15.31 61.39
C ARG A 143 -15.41 -14.99 61.91
N ASP A 144 -15.90 -13.78 61.70
CA ASP A 144 -17.13 -13.34 62.33
C ASP A 144 -17.75 -12.24 61.47
N GLY A 145 -18.03 -12.56 60.20
CA GLY A 145 -18.78 -11.68 59.32
C GLY A 145 -17.90 -10.97 58.29
N ALA A 146 -18.52 -10.58 57.19
CA ALA A 146 -17.83 -9.83 56.14
C ALA A 146 -18.81 -8.88 55.46
N ARG A 147 -18.33 -7.67 55.16
CA ARG A 147 -19.09 -6.69 54.38
C ARG A 147 -18.21 -6.17 53.27
N LEU A 148 -18.75 -6.14 52.06
CA LEU A 148 -18.13 -5.47 50.91
C LEU A 148 -19.04 -4.32 50.48
N THR A 149 -18.47 -3.14 50.29
CA THR A 149 -19.25 -2.02 49.80
C THR A 149 -18.54 -1.37 48.63
N ILE A 150 -19.32 -0.67 47.81
CA ILE A 150 -18.77 0.13 46.73
C ILE A 150 -19.44 1.51 46.80
N GLU A 151 -18.63 2.56 46.89
CA GLU A 151 -19.10 3.93 47.03
C GLU A 151 -19.04 4.66 45.69
N ASN A 152 -20.14 5.29 45.32
CA ASN A 152 -20.18 6.08 44.08
C ASN A 152 -19.89 7.53 44.43
N THR A 153 -18.62 7.93 44.32
CA THR A 153 -18.26 9.31 44.62
C THR A 153 -18.55 10.27 43.45
N SER A 154 -19.02 9.77 42.32
CA SER A 154 -19.28 10.60 41.14
C SER A 154 -20.65 11.27 41.23
N VAL A 155 -20.89 12.20 40.29
CA VAL A 155 -22.13 12.97 40.22
C VAL A 155 -23.20 12.30 39.35
N VAL A 156 -22.95 11.11 38.80
CA VAL A 156 -23.95 10.38 38.01
C VAL A 156 -24.26 9.06 38.70
N ASP A 157 -25.40 8.46 38.33
CA ASP A 157 -25.72 7.10 38.79
C ASP A 157 -24.94 6.10 37.95
N VAL A 158 -24.58 4.97 38.55
CA VAL A 158 -23.74 3.97 37.88
C VAL A 158 -24.38 2.59 37.99
N ARG A 159 -24.20 1.77 36.96
CA ARG A 159 -24.59 0.37 36.96
C ARG A 159 -23.45 -0.50 37.45
N VAL A 160 -23.77 -1.52 38.25
CA VAL A 160 -22.75 -2.49 38.65
C VAL A 160 -23.34 -3.89 38.55
N TYR A 161 -22.64 -4.78 37.87
CA TYR A 161 -22.86 -6.21 37.96
C TYR A 161 -21.80 -6.82 38.86
N TYR A 162 -22.16 -7.85 39.61
CA TYR A 162 -21.16 -8.44 40.51
C TYR A 162 -21.57 -9.86 40.88
N GLN A 163 -20.57 -10.65 41.28
CA GLN A 163 -20.79 -12.01 41.74
C GLN A 163 -19.71 -12.30 42.77
N VAL A 164 -20.11 -12.55 44.01
CA VAL A 164 -19.19 -12.71 45.13
C VAL A 164 -19.34 -14.13 45.65
N THR A 165 -18.36 -14.99 45.36
CA THR A 165 -18.41 -16.40 45.73
C THR A 165 -17.52 -16.69 46.94
N TYR A 166 -18.06 -17.48 47.87
CA TYR A 166 -17.35 -17.72 49.12
C TYR A 166 -17.67 -19.12 49.63
N GLU A 167 -16.96 -19.50 50.68
CA GLU A 167 -17.01 -20.85 51.24
C GLU A 167 -17.29 -20.75 52.73
N ILE A 168 -18.10 -21.67 53.24
CA ILE A 168 -18.31 -21.84 54.68
C ILE A 168 -17.82 -23.23 55.09
N GLY A 169 -16.98 -23.28 56.12
CA GLY A 169 -16.40 -24.54 56.56
C GLY A 169 -14.89 -24.43 56.69
N GLY A 170 -14.29 -25.28 57.50
CA GLY A 170 -12.85 -25.17 57.68
C GLY A 170 -12.46 -24.05 58.61
N ASP A 171 -11.34 -24.22 59.30
CA ASP A 171 -10.91 -23.31 60.34
C ASP A 171 -10.07 -22.18 59.77
N HIS A 172 -10.48 -20.95 60.06
CA HIS A 172 -9.66 -19.78 59.81
C HIS A 172 -9.03 -19.27 61.11
N SER A 173 -8.92 -20.16 62.11
CA SER A 173 -8.14 -19.92 63.33
C SER A 173 -6.84 -19.20 63.02
N ASN A 174 -6.09 -19.70 62.03
CA ASN A 174 -4.77 -19.17 61.72
C ASN A 174 -4.65 -18.54 60.34
N ASP A 175 -5.77 -18.24 59.68
CA ASP A 175 -5.75 -17.51 58.42
C ASP A 175 -5.75 -16.03 58.71
N ALA A 176 -4.81 -15.30 58.12
CA ALA A 176 -4.77 -13.86 58.22
C ALA A 176 -5.90 -13.23 57.40
N TYR A 177 -6.04 -11.91 57.57
CA TYR A 177 -7.04 -11.12 56.87
C TYR A 177 -6.40 -10.42 55.68
N PHE A 178 -7.17 -10.28 54.60
CA PHE A 178 -6.74 -9.60 53.39
C PHE A 178 -6.92 -8.08 53.54
N HIS A 179 -5.86 -7.34 53.23
CA HIS A 179 -5.85 -5.87 53.28
C HIS A 179 -5.36 -5.30 51.95
N ALA A 180 -5.86 -4.11 51.60
CA ALA A 180 -5.40 -3.42 50.40
C ALA A 180 -5.58 -1.92 50.60
N GLN A 181 -4.51 -1.15 50.32
CA GLN A 181 -4.49 0.29 50.54
C GLN A 181 -3.94 1.01 49.32
N TRP A 182 -4.38 2.26 49.14
CA TRP A 182 -4.10 3.04 47.94
C TRP A 182 -3.51 4.40 48.32
N ARG A 183 -2.57 4.88 47.51
CA ARG A 183 -1.95 6.19 47.71
C ARG A 183 -1.55 6.74 46.36
N ARG A 184 -1.81 8.04 46.13
CA ARG A 184 -1.39 8.68 44.89
C ARG A 184 -0.64 9.98 45.16
N SER A 185 0.52 10.13 44.50
CA SER A 185 1.31 11.36 44.53
C SER A 185 1.29 12.02 43.15
N ASN A 186 0.80 13.26 43.10
CA ASN A 186 0.57 13.88 41.79
C ASN A 186 0.56 15.40 41.95
N PRO A 187 1.66 16.11 41.64
CA PRO A 187 2.95 15.52 41.30
C PRO A 187 3.74 15.18 42.56
N LEU A 188 4.56 14.14 42.48
CA LEU A 188 5.36 13.72 43.62
C LEU A 188 6.32 14.82 44.05
N GLU A 189 6.51 14.95 45.36
CA GLU A 189 7.43 15.94 45.90
C GLU A 189 8.87 15.69 45.42
N GLU A 190 9.61 16.77 45.19
CA GLU A 190 11.01 16.72 44.79
C GLU A 190 11.80 15.80 45.70
N LEU A 191 12.59 14.92 45.10
CA LEU A 191 13.52 14.04 45.80
C LEU A 191 12.89 13.40 47.05
N THR A 192 11.70 12.84 46.87
CA THR A 192 10.94 12.23 47.96
C THR A 192 10.38 10.90 47.45
N PRO A 193 10.58 9.80 48.16
CA PRO A 193 9.99 8.54 47.71
C PRO A 193 8.47 8.59 47.74
N HIS A 194 7.85 7.82 46.85
CA HIS A 194 6.42 7.64 46.91
C HIS A 194 6.08 6.56 47.95
N VAL A 195 5.31 6.94 48.97
CA VAL A 195 4.91 5.99 50.00
C VAL A 195 3.93 4.99 49.41
N ILE A 196 4.18 3.70 49.64
CA ILE A 196 3.24 2.64 49.30
C ILE A 196 2.47 2.15 50.52
N LEU A 197 3.13 2.06 51.67
CA LEU A 197 2.53 1.51 52.88
C LEU A 197 3.26 2.14 54.06
N GLU A 198 2.54 2.35 55.17
CA GLU A 198 3.17 3.10 56.24
C GLU A 198 2.57 2.76 57.59
N GLY A 199 3.42 2.45 58.57
CA GLY A 199 3.00 2.37 59.96
C GLY A 199 2.21 1.16 60.35
N ILE A 200 2.20 0.10 59.52
CA ILE A 200 1.38 -1.08 59.79
C ILE A 200 1.97 -1.86 60.95
N GLU A 201 1.11 -2.27 61.88
CA GLU A 201 1.54 -3.08 63.03
C GLU A 201 0.77 -4.38 63.08
N GLY A 202 1.48 -5.46 63.42
CA GLY A 202 0.92 -6.80 63.47
C GLY A 202 1.87 -7.83 62.85
N GLU A 203 1.38 -9.05 62.73
CA GLU A 203 2.06 -10.11 62.01
C GLU A 203 1.34 -10.36 60.67
N GLY A 204 2.12 -10.52 59.61
CA GLY A 204 1.54 -10.82 58.32
C GLY A 204 2.58 -10.91 57.23
N HIS A 205 2.13 -10.69 55.99
CA HIS A 205 3.03 -10.78 54.84
C HIS A 205 2.48 -9.95 53.69
N TYR A 206 3.39 -9.24 53.02
CA TYR A 206 3.06 -8.39 51.89
C TYR A 206 2.99 -9.25 50.64
N VAL A 207 1.94 -9.10 49.84
CA VAL A 207 1.74 -10.03 48.74
C VAL A 207 1.49 -9.35 47.38
N GLY A 208 1.34 -8.03 47.33
CA GLY A 208 0.93 -7.41 46.09
C GLY A 208 1.29 -5.96 45.99
N THR A 209 1.67 -5.54 44.78
CA THR A 209 1.82 -4.13 44.42
C THR A 209 1.31 -3.95 43.00
N TYR A 210 0.39 -3.01 42.82
CA TYR A 210 0.02 -2.48 41.51
C TYR A 210 0.30 -0.98 41.50
N ILE A 211 0.98 -0.51 40.45
CA ILE A 211 1.33 0.90 40.36
C ILE A 211 0.88 1.43 39.01
N ALA A 212 0.24 2.59 39.03
CA ALA A 212 -0.12 3.36 37.85
C ALA A 212 0.78 4.58 37.82
N TRP A 213 1.61 4.69 36.79
CA TRP A 213 2.71 5.65 36.73
C TRP A 213 2.56 6.50 35.48
N GLY A 214 2.45 7.82 35.66
CA GLY A 214 2.43 8.77 34.55
C GLY A 214 3.67 9.63 34.59
N VAL A 215 4.33 9.78 33.43
CA VAL A 215 5.68 10.34 33.39
C VAL A 215 5.67 11.78 32.91
N ASN A 216 6.39 12.64 33.63
CA ASN A 216 6.49 14.06 33.30
C ASN A 216 7.89 14.51 32.90
N SER A 217 8.82 13.58 32.70
CA SER A 217 10.14 13.89 32.15
C SER A 217 10.37 12.99 30.96
N ASN A 218 11.26 13.42 30.05
CA ASN A 218 11.62 12.58 28.93
C ASN A 218 12.64 11.55 29.39
N GLY A 219 12.97 10.64 28.51
CA GLY A 219 13.96 9.65 28.89
C GLY A 219 13.33 8.54 29.71
N TRP A 220 14.18 7.73 30.35
CA TRP A 220 13.70 6.57 31.09
C TRP A 220 13.38 6.96 32.53
N TRP A 221 12.23 6.51 33.01
CA TRP A 221 11.64 7.01 34.24
C TRP A 221 11.71 6.01 35.38
N GLY A 222 12.24 4.81 35.14
CA GLY A 222 12.06 3.73 36.09
C GLY A 222 13.33 3.26 36.80
N GLU A 223 14.24 4.19 37.12
CA GLU A 223 15.45 3.81 37.84
C GLU A 223 15.20 3.59 39.31
N GLY A 224 14.10 4.14 39.85
CA GLY A 224 13.95 4.21 41.29
C GLY A 224 13.77 2.84 41.92
N GLU A 225 14.35 2.66 43.10
CA GLU A 225 14.28 1.37 43.81
C GLU A 225 13.13 1.34 44.80
N ILE A 226 12.53 0.18 44.94
CA ILE A 226 11.53 -0.09 45.97
C ILE A 226 12.24 -0.54 47.24
N LYS A 227 11.69 -0.18 48.40
CA LYS A 227 12.36 -0.45 49.67
C LYS A 227 11.33 -0.95 50.68
N PHE A 228 11.64 -2.03 51.39
CA PHE A 228 10.75 -2.61 52.41
C PHE A 228 11.41 -2.45 53.77
N TYR A 229 10.84 -1.59 54.61
CA TYR A 229 11.28 -1.47 55.98
C TYR A 229 10.37 -2.38 56.81
N LEU A 230 10.96 -3.40 57.43
CA LEU A 230 10.20 -4.43 58.13
C LEU A 230 10.54 -4.41 59.61
N ASP A 231 9.55 -4.81 60.43
CA ASP A 231 9.78 -5.09 61.84
C ASP A 231 10.59 -3.98 62.53
N ASP A 232 11.79 -4.30 63.03
CA ASP A 232 12.60 -3.34 63.77
C ASP A 232 13.27 -2.27 62.91
N ASP A 233 13.11 -2.32 61.59
CA ASP A 233 13.84 -1.39 60.73
C ASP A 233 13.47 0.04 61.06
N THR A 234 14.44 0.93 60.88
CA THR A 234 14.21 2.35 61.07
C THR A 234 14.62 3.13 59.83
N ASP A 235 15.88 3.53 59.74
CA ASP A 235 16.34 4.38 58.64
C ASP A 235 16.79 3.60 57.41
N HIS A 236 16.87 2.27 57.48
CA HIS A 236 17.35 1.46 56.36
C HIS A 236 16.48 0.22 56.20
N PRO A 237 16.17 -0.18 54.97
CA PRO A 237 15.28 -1.32 54.74
C PRO A 237 16.02 -2.65 54.82
N THR A 238 15.21 -3.70 54.94
CA THR A 238 15.64 -5.10 54.89
C THR A 238 15.73 -5.59 53.45
N ILE A 239 14.69 -5.31 52.65
CA ILE A 239 14.69 -5.57 51.21
C ILE A 239 14.84 -4.24 50.49
N CYS A 240 15.87 -4.14 49.64
CA CYS A 240 16.11 -2.97 48.82
C CYS A 240 16.28 -3.42 47.37
N GLY A 241 15.37 -2.99 46.50
CA GLY A 241 15.40 -3.31 45.09
C GLY A 241 16.49 -2.54 44.33
N THR A 242 16.52 -2.77 43.00
CA THR A 242 17.54 -2.19 42.13
C THR A 242 16.97 -1.38 40.97
N GLY A 243 15.65 -1.35 40.81
CA GLY A 243 15.01 -0.52 39.80
C GLY A 243 13.50 -0.72 39.84
N THR A 244 12.80 0.18 39.14
CA THR A 244 11.34 0.07 39.06
C THR A 244 10.93 -1.09 38.15
N GLU A 245 11.44 -1.13 36.92
CA GLU A 245 11.11 -2.26 36.07
C GLU A 245 11.71 -3.53 36.64
N ASP A 246 12.85 -3.41 37.31
CA ASP A 246 13.47 -4.55 38.00
C ASP A 246 12.51 -5.16 38.99
N TYR A 247 11.94 -4.33 39.86
CA TYR A 247 10.99 -4.81 40.86
C TYR A 247 9.85 -5.57 40.21
N PHE A 248 9.36 -5.08 39.08
CA PHE A 248 8.23 -5.69 38.41
C PHE A 248 8.64 -6.82 37.44
N GLY A 249 9.87 -7.33 37.55
CA GLY A 249 10.27 -8.51 36.79
C GLY A 249 10.75 -8.25 35.38
N GLY A 250 10.67 -7.01 34.90
CA GLY A 250 11.26 -6.61 33.64
C GLY A 250 12.72 -6.25 33.85
N ALA A 251 13.26 -5.53 32.86
CA ALA A 251 14.67 -5.15 32.83
C ALA A 251 14.90 -4.27 31.62
N TRP A 252 15.93 -3.42 31.71
CA TRP A 252 16.34 -2.55 30.60
C TRP A 252 15.15 -1.80 30.01
N ASN A 253 14.39 -1.14 30.89
CA ASN A 253 13.36 -0.18 30.54
C ASN A 253 12.13 -0.80 29.91
N PHE A 254 11.92 -2.11 30.05
CA PHE A 254 10.84 -2.80 29.36
C PHE A 254 10.98 -2.70 27.84
N ASP A 255 12.14 -2.28 27.35
CA ASP A 255 12.31 -1.79 25.99
C ASP A 255 12.97 -2.88 25.13
N ILE A 256 12.15 -3.65 24.43
CA ILE A 256 12.67 -4.67 23.50
C ILE A 256 13.16 -3.95 22.25
N PRO A 257 14.43 -4.10 21.88
CA PRO A 257 15.00 -3.30 20.78
C PRO A 257 14.18 -3.36 19.51
N GLY A 258 13.84 -2.18 18.98
CA GLY A 258 13.07 -2.08 17.76
C GLY A 258 11.58 -2.25 17.94
N LYS A 259 11.13 -2.53 19.15
CA LYS A 259 9.71 -2.55 19.45
C LYS A 259 9.32 -1.62 20.59
N GLY A 260 10.28 -1.13 21.39
CA GLY A 260 9.98 -0.23 22.49
C GLY A 260 9.30 -0.94 23.67
N TYR A 261 8.58 -0.14 24.45
CA TYR A 261 7.91 -0.65 25.65
C TYR A 261 6.96 -1.78 25.28
N THR A 262 7.09 -2.91 25.94
CA THR A 262 6.31 -4.07 25.59
C THR A 262 5.48 -4.53 26.78
N GLU A 263 4.16 -4.54 26.61
CA GLU A 263 3.27 -5.08 27.63
C GLU A 263 3.51 -6.57 27.78
N PHE A 264 3.45 -7.04 29.03
CA PHE A 264 3.52 -8.45 29.33
C PHE A 264 2.67 -8.68 30.58
N SER A 265 2.24 -9.94 30.75
CA SER A 265 1.40 -10.29 31.90
C SER A 265 1.61 -11.78 32.17
N THR A 266 2.19 -12.09 33.32
CA THR A 266 2.59 -13.43 33.72
C THR A 266 1.94 -13.69 35.07
N PRO A 267 2.06 -14.91 35.62
CA PRO A 267 1.29 -15.19 36.85
C PRO A 267 1.59 -14.24 38.00
N TYR A 268 2.84 -13.81 38.16
CA TYR A 268 3.24 -13.03 39.32
C TYR A 268 3.78 -11.66 38.99
N LEU A 269 4.00 -11.35 37.70
CA LEU A 269 4.72 -10.16 37.25
C LEU A 269 4.06 -9.65 35.98
N GLY A 270 3.93 -8.33 35.84
CA GLY A 270 3.40 -7.81 34.60
C GLY A 270 3.54 -6.31 34.44
N MET A 271 3.56 -5.88 33.18
CA MET A 271 3.24 -4.51 32.81
C MET A 271 2.08 -4.58 31.83
N PRO A 272 0.85 -4.82 32.33
CA PRO A 272 -0.27 -5.06 31.40
C PRO A 272 -0.70 -3.83 30.59
N GLN A 273 -0.32 -2.62 30.99
CA GLN A 273 -0.81 -1.40 30.33
C GLN A 273 0.32 -0.45 29.97
N VAL A 274 0.42 -0.11 28.68
CA VAL A 274 1.19 1.04 28.21
C VAL A 274 0.22 1.93 27.45
N ILE A 275 0.09 3.19 27.89
CA ILE A 275 -0.77 4.18 27.24
C ILE A 275 0.12 5.21 26.55
N ARG A 276 0.05 5.27 25.21
CA ARG A 276 0.86 6.24 24.49
C ARG A 276 0.03 7.43 24.07
N PRO A 277 0.57 8.64 24.23
CA PRO A 277 -0.16 9.85 23.83
C PRO A 277 -0.56 9.82 22.37
N ASP A 278 -1.73 10.38 22.08
CA ASP A 278 -2.24 10.39 20.72
C ASP A 278 -1.90 11.68 19.97
N GLY A 279 -1.10 12.57 20.57
CA GLY A 279 -0.71 13.80 19.92
C GLY A 279 -1.77 14.86 19.93
N LEU A 280 -2.93 14.60 20.55
CA LEU A 280 -3.95 15.60 20.72
C LEU A 280 -4.28 15.65 22.22
N TYR A 281 -5.46 15.20 22.63
CA TYR A 281 -5.88 15.51 23.99
C TYR A 281 -5.48 14.44 25.00
N VAL A 282 -5.17 13.23 24.54
CA VAL A 282 -4.59 12.22 25.43
C VAL A 282 -3.09 12.44 25.34
N SER A 283 -2.58 13.34 26.18
CA SER A 283 -1.20 13.78 26.08
C SER A 283 -0.27 13.17 27.15
N GLN A 284 -0.77 12.30 28.02
CA GLN A 284 0.04 11.76 29.11
C GLN A 284 0.44 10.32 28.81
N GLN A 285 1.74 10.06 28.79
CA GLN A 285 2.28 8.70 28.67
C GLN A 285 2.20 8.00 30.03
N ARG A 286 1.50 6.86 30.10
CA ARG A 286 1.23 6.20 31.36
C ARG A 286 1.50 4.70 31.28
N PHE A 287 1.68 4.09 32.46
CA PHE A 287 2.00 2.67 32.59
C PHE A 287 1.20 2.03 33.72
N GLY A 288 0.92 0.73 33.57
CA GLY A 288 0.30 -0.06 34.62
C GLY A 288 1.11 -1.33 34.87
N MET A 289 1.53 -1.57 36.13
CA MET A 289 2.44 -2.64 36.47
C MET A 289 2.02 -3.32 37.76
N TYR A 290 2.17 -4.65 37.82
CA TYR A 290 1.83 -5.39 39.04
C TYR A 290 2.91 -6.41 39.34
N ARG A 291 3.08 -6.68 40.64
CA ARG A 291 3.86 -7.78 41.14
C ARG A 291 3.10 -8.45 42.27
N TRP A 292 2.87 -9.75 42.18
CA TRP A 292 2.24 -10.51 43.24
C TRP A 292 3.31 -11.36 43.92
N HIS A 293 3.47 -11.19 45.22
CA HIS A 293 4.44 -12.00 45.97
C HIS A 293 3.69 -13.16 46.61
N LEU A 294 3.44 -14.20 45.81
CA LEU A 294 2.65 -15.37 46.20
C LEU A 294 3.51 -16.54 46.62
N GLN A 295 4.46 -16.95 45.77
CA GLN A 295 5.47 -17.92 46.17
C GLN A 295 6.55 -17.27 47.02
N ASP A 296 6.72 -15.96 46.90
CA ASP A 296 7.76 -15.23 47.62
C ASP A 296 7.16 -14.12 48.47
N PRO A 297 6.30 -14.47 49.44
CA PRO A 297 5.74 -13.43 50.32
C PRO A 297 6.83 -12.75 51.13
N ILE A 298 6.59 -11.48 51.43
CA ILE A 298 7.50 -10.69 52.28
C ILE A 298 6.89 -10.69 53.68
N HIS A 299 7.41 -11.54 54.56
CA HIS A 299 6.85 -11.68 55.89
C HIS A 299 7.30 -10.55 56.83
N PHE A 300 6.46 -10.30 57.83
CA PHE A 300 6.83 -9.43 58.94
C PHE A 300 6.21 -10.01 60.20
N ALA A 301 6.89 -9.81 61.33
CA ALA A 301 6.47 -10.37 62.61
C ALA A 301 5.83 -9.34 63.54
N THR A 302 6.29 -8.09 63.52
CA THR A 302 5.71 -7.03 64.33
C THR A 302 5.15 -5.85 63.52
N GLY A 303 5.51 -5.71 62.25
CA GLY A 303 4.85 -4.71 61.42
C GLY A 303 5.67 -4.34 60.20
N ILE A 304 5.11 -3.40 59.44
CA ILE A 304 5.74 -2.80 58.28
C ILE A 304 5.80 -1.29 58.50
N PRO A 305 6.93 -0.77 58.99
CA PRO A 305 7.02 0.70 59.14
C PRO A 305 6.80 1.44 57.82
N LYS A 306 7.50 1.06 56.75
CA LYS A 306 7.41 1.78 55.49
C LYS A 306 7.68 0.84 54.32
N VAL A 307 6.90 0.99 53.25
CA VAL A 307 7.26 0.53 51.91
C VAL A 307 7.19 1.74 51.00
N ASP A 308 8.27 2.02 50.29
CA ASP A 308 8.29 3.16 49.40
C ASP A 308 9.09 2.81 48.15
N ILE A 309 9.00 3.67 47.14
CA ILE A 309 9.70 3.49 45.87
C ILE A 309 10.19 4.85 45.38
N GLN A 310 11.42 4.88 44.88
CA GLN A 310 11.99 6.12 44.38
C GLN A 310 11.47 6.44 43.00
N ALA A 311 11.40 7.72 42.68
CA ALA A 311 11.03 8.20 41.36
C ALA A 311 12.27 8.87 40.74
N LEU A 312 13.01 8.10 39.94
CA LEU A 312 14.29 8.55 39.38
C LEU A 312 14.34 8.33 37.88
N GLY A 313 14.72 9.37 37.15
CA GLY A 313 15.05 9.26 35.74
C GLY A 313 16.50 9.65 35.48
N TRP A 314 16.78 10.23 34.31
CA TRP A 314 18.12 10.56 33.90
C TRP A 314 18.20 12.02 33.50
N ARG A 315 19.30 12.66 33.87
CA ARG A 315 19.67 14.03 33.58
C ARG A 315 20.97 14.04 32.78
N SER A 316 21.29 15.19 32.18
CA SER A 316 22.59 15.42 31.58
C SER A 316 23.74 15.01 32.51
N GLY A 317 24.77 14.41 31.92
CA GLY A 317 25.95 14.01 32.67
C GLY A 317 25.85 12.70 33.42
N TRP A 318 25.00 11.78 32.97
CA TRP A 318 24.76 10.52 33.67
C TRP A 318 24.40 10.74 35.15
N ARG A 319 23.54 11.73 35.40
CA ARG A 319 22.99 11.98 36.73
C ARG A 319 21.56 11.46 36.78
N TYR A 320 21.18 10.87 37.92
CA TYR A 320 19.77 10.61 38.20
C TYR A 320 19.01 11.92 38.17
N LEU A 321 17.80 11.90 37.61
CA LEU A 321 16.92 13.07 37.64
C LEU A 321 15.74 12.78 38.56
N PRO A 322 15.57 13.51 39.66
CA PRO A 322 14.39 13.32 40.50
C PRO A 322 13.13 13.66 39.74
N LEU A 323 12.15 12.76 39.80
CA LEU A 323 10.99 12.82 38.91
C LEU A 323 9.81 13.38 39.66
N ARG A 324 9.24 14.48 39.15
CA ARG A 324 8.00 15.06 39.68
C ARG A 324 6.78 14.41 39.01
N ASP A 325 6.64 13.11 39.26
CA ASP A 325 5.79 12.25 38.44
C ASP A 325 4.47 11.97 39.13
N ASP A 326 3.57 11.26 38.42
CA ASP A 326 2.21 10.96 38.85
C ASP A 326 2.17 9.46 39.17
N ILE A 327 2.19 9.11 40.45
CA ILE A 327 2.40 7.74 40.90
C ILE A 327 1.26 7.35 41.85
N ALA A 328 0.51 6.31 41.50
CA ALA A 328 -0.52 5.73 42.36
C ALA A 328 -0.19 4.28 42.61
N SER A 329 -0.22 3.86 43.89
CA SER A 329 0.12 2.49 44.24
C SER A 329 -1.04 1.84 44.99
N THR A 330 -1.21 0.54 44.77
CA THR A 330 -2.13 -0.29 45.54
C THR A 330 -1.31 -1.40 46.18
N ALA A 331 -1.30 -1.47 47.51
CA ALA A 331 -0.56 -2.51 48.21
C ALA A 331 -1.52 -3.56 48.76
N MET A 332 -1.20 -4.82 48.56
CA MET A 332 -1.94 -5.95 49.10
C MET A 332 -1.09 -6.64 50.17
N PHE A 333 -1.67 -6.87 51.34
CA PHE A 333 -0.98 -7.62 52.38
C PHE A 333 -1.98 -8.38 53.26
N TYR A 334 -1.50 -9.46 53.87
CA TYR A 334 -2.27 -10.20 54.87
C TYR A 334 -1.78 -9.82 56.25
N LEU A 335 -2.72 -9.79 57.20
CA LEU A 335 -2.44 -9.32 58.56
C LEU A 335 -3.25 -10.13 59.55
N ASP A 336 -2.70 -10.30 60.75
CA ASP A 336 -3.39 -11.07 61.77
C ASP A 336 -4.47 -10.28 62.52
N ARG A 337 -4.78 -9.04 62.09
CA ARG A 337 -5.89 -8.24 62.59
C ARG A 337 -6.79 -7.81 61.43
N PRO A 338 -8.09 -7.67 61.65
CA PRO A 338 -8.99 -7.21 60.57
C PRO A 338 -8.92 -5.70 60.27
N THR A 339 -8.25 -4.91 61.08
CA THR A 339 -8.05 -3.49 60.84
C THR A 339 -6.56 -3.20 60.79
N ALA A 340 -6.20 -2.07 60.16
CA ALA A 340 -4.83 -1.58 60.18
C ALA A 340 -4.86 -0.08 59.98
N ARG A 341 -3.74 0.58 60.27
CA ARG A 341 -3.62 2.00 59.97
C ARG A 341 -3.52 2.18 58.47
N ARG A 342 -4.36 3.04 57.92
CA ARG A 342 -4.46 3.24 56.49
C ARG A 342 -4.32 4.72 56.18
N PRO A 343 -4.05 5.08 54.92
CA PRO A 343 -3.94 6.50 54.57
C PRO A 343 -5.27 7.21 54.68
N LYS A 344 -5.26 8.51 54.39
CA LYS A 344 -6.51 9.23 54.15
C LYS A 344 -7.27 8.55 53.03
N SER A 345 -8.58 8.42 53.22
CA SER A 345 -9.47 7.85 52.21
C SER A 345 -9.25 8.53 50.87
N PRO A 346 -9.43 7.81 49.75
CA PRO A 346 -9.42 8.47 48.44
C PRO A 346 -10.64 9.36 48.27
N SER A 347 -10.44 10.53 47.69
CA SER A 347 -11.54 11.40 47.33
C SER A 347 -11.81 11.34 45.82
N ALA A 348 -12.94 11.92 45.43
CA ALA A 348 -13.24 12.01 44.01
C ALA A 348 -12.12 12.74 43.28
N ASP A 349 -11.61 13.80 43.89
CA ASP A 349 -10.66 14.67 43.21
C ASP A 349 -9.30 14.00 43.01
N ASP A 350 -8.74 13.38 44.05
CA ASP A 350 -7.42 12.81 43.78
C ASP A 350 -7.51 11.45 43.07
N MET A 351 -8.69 10.82 43.02
CA MET A 351 -8.89 9.64 42.19
C MET A 351 -9.00 10.00 40.71
N GLU A 352 -9.62 11.16 40.41
CA GLU A 352 -10.01 11.51 39.05
C GLU A 352 -8.87 11.32 38.04
N VAL A 353 -9.19 10.62 36.95
CA VAL A 353 -8.45 10.62 35.69
C VAL A 353 -9.37 11.11 34.60
N HIS A 354 -8.80 11.82 33.62
CA HIS A 354 -9.56 12.37 32.49
C HIS A 354 -10.34 11.27 31.76
N LEU A 355 -11.60 11.56 31.45
CA LEU A 355 -12.51 10.60 30.81
C LEU A 355 -12.49 10.77 29.30
N GLY A 356 -12.36 9.67 28.58
CA GLY A 356 -12.44 9.77 27.13
C GLY A 356 -11.23 10.45 26.52
N THR A 357 -11.39 10.94 25.28
CA THR A 357 -10.30 11.52 24.48
C THR A 357 -10.54 12.96 24.06
N ALA A 358 -11.64 13.57 24.48
CA ALA A 358 -12.04 14.90 24.06
C ALA A 358 -11.37 15.96 24.94
N PRO A 359 -11.49 17.24 24.59
CA PRO A 359 -10.81 18.28 25.38
C PRO A 359 -11.33 18.43 26.81
N VAL A 360 -12.56 18.02 27.09
CA VAL A 360 -13.15 18.13 28.42
C VAL A 360 -13.66 16.74 28.83
N PRO A 361 -13.42 16.29 30.06
CA PRO A 361 -13.94 14.97 30.48
C PRO A 361 -15.43 14.76 30.20
N ASP A 362 -16.27 15.76 30.45
CA ASP A 362 -17.71 15.62 30.21
C ASP A 362 -18.04 15.39 28.74
N LEU A 363 -17.19 15.89 27.82
CA LEU A 363 -17.43 15.64 26.39
C LEU A 363 -17.07 14.21 25.99
N GLY A 364 -16.16 13.57 26.71
CA GLY A 364 -15.71 12.22 26.42
C GLY A 364 -16.38 11.15 27.22
N ALA A 365 -17.27 11.53 28.15
CA ALA A 365 -18.02 10.58 28.93
C ALA A 365 -19.05 9.85 28.06
N THR A 366 -19.54 8.71 28.55
CA THR A 366 -20.56 7.94 27.86
C THR A 366 -21.85 7.93 28.66
N PRO A 367 -22.93 8.58 28.18
CA PRO A 367 -22.94 9.54 27.08
C PRO A 367 -22.33 10.86 27.55
N PRO A 368 -22.11 11.81 26.63
CA PRO A 368 -21.56 13.10 27.02
C PRO A 368 -22.45 13.81 28.03
N ARG A 369 -21.83 14.61 28.90
CA ARG A 369 -22.59 15.21 30.00
C ARG A 369 -23.15 16.57 29.62
N VAL A 370 -22.39 17.38 28.89
CA VAL A 370 -22.94 18.53 28.14
C VAL A 370 -23.70 19.52 29.04
N PRO B 2 35.30 -24.62 -33.19
CA PRO B 2 35.71 -23.21 -33.31
C PRO B 2 35.02 -22.28 -32.31
N ASP B 3 35.22 -20.97 -32.46
CA ASP B 3 34.56 -19.96 -31.63
C ASP B 3 34.24 -18.79 -32.58
N LEU B 4 33.73 -17.69 -32.01
CA LEU B 4 33.31 -16.57 -32.85
C LEU B 4 34.46 -16.03 -33.69
N ASN B 5 35.67 -15.95 -33.11
CA ASN B 5 36.85 -15.51 -33.85
C ASN B 5 37.22 -16.45 -35.00
N SER B 6 37.01 -17.76 -34.85
CA SER B 6 37.45 -18.70 -35.88
C SER B 6 36.31 -19.31 -36.68
N ILE B 7 35.08 -18.81 -36.54
CA ILE B 7 33.93 -19.57 -37.04
C ILE B 7 33.86 -19.58 -38.57
N ALA B 8 34.47 -18.60 -39.25
CA ALA B 8 34.27 -18.52 -40.71
C ALA B 8 35.10 -19.53 -41.46
N ALA B 9 36.13 -20.10 -40.85
CA ALA B 9 37.03 -21.00 -41.56
C ALA B 9 36.28 -22.24 -42.05
N LEU B 10 36.52 -22.61 -43.30
CA LEU B 10 36.03 -23.87 -43.81
C LEU B 10 36.85 -25.03 -43.24
N ARG B 11 36.18 -26.03 -42.68
CA ARG B 11 36.83 -27.21 -42.11
C ARG B 11 36.18 -28.48 -42.62
N GLN B 12 36.98 -29.54 -42.82
CA GLN B 12 36.46 -30.87 -43.14
C GLN B 12 36.07 -31.57 -41.85
N VAL B 13 34.87 -31.26 -41.37
CA VAL B 13 34.35 -31.81 -40.14
C VAL B 13 32.89 -32.19 -40.38
N GLN B 14 32.45 -33.29 -39.79
CA GLN B 14 31.05 -33.67 -39.77
C GLN B 14 30.48 -33.40 -38.38
N THR B 15 29.21 -33.02 -38.33
CA THR B 15 28.50 -32.79 -37.07
C THR B 15 27.41 -33.84 -36.94
N ARG B 16 27.46 -34.60 -35.86
CA ARG B 16 26.43 -35.59 -35.57
C ARG B 16 25.77 -35.24 -34.24
N SER B 17 24.61 -35.82 -33.99
CA SER B 17 23.85 -35.43 -32.81
C SER B 17 22.96 -36.57 -32.34
N ILE B 18 23.15 -36.99 -31.10
CA ILE B 18 22.47 -38.14 -30.53
C ILE B 18 21.38 -37.64 -29.62
N SER B 19 20.16 -38.12 -29.86
CA SER B 19 18.98 -37.72 -29.09
C SER B 19 18.03 -38.90 -29.11
N PRO B 20 16.94 -38.84 -28.33
CA PRO B 20 15.95 -39.92 -28.39
C PRO B 20 15.30 -40.08 -29.76
N GLU B 21 15.42 -39.08 -30.64
CA GLU B 21 14.91 -39.16 -32.01
C GLU B 21 15.94 -39.69 -32.98
N ASN B 22 17.16 -39.99 -32.51
CA ASN B 22 18.21 -40.55 -33.34
C ASN B 22 19.24 -41.17 -32.38
N PHE B 23 18.93 -42.38 -31.87
CA PHE B 23 19.67 -42.93 -30.73
C PHE B 23 21.14 -43.10 -31.02
N ASP B 24 21.50 -43.36 -32.28
CA ASP B 24 22.88 -43.65 -32.67
C ASP B 24 23.56 -42.47 -33.34
N GLY B 25 22.82 -41.41 -33.67
CA GLY B 25 23.40 -40.26 -34.33
C GLY B 25 23.79 -40.47 -35.77
N THR B 26 23.17 -41.44 -36.46
CA THR B 26 23.62 -41.76 -37.81
C THR B 26 23.12 -40.73 -38.81
N ALA B 27 23.79 -40.66 -39.95
CA ALA B 27 23.36 -39.77 -41.02
C ALA B 27 21.98 -40.18 -41.50
N GLY B 28 21.06 -39.23 -41.57
CA GLY B 28 19.72 -39.59 -42.02
C GLY B 28 18.95 -40.53 -41.11
N GLY B 29 19.39 -40.70 -39.86
CA GLY B 29 18.74 -41.60 -38.93
C GLY B 29 17.73 -40.96 -38.00
N GLY B 30 17.38 -39.69 -38.18
CA GLY B 30 16.53 -39.00 -37.23
C GLY B 30 15.06 -39.12 -37.55
N GLY B 31 14.24 -39.01 -36.50
CA GLY B 31 12.79 -38.93 -36.65
C GLY B 31 12.16 -40.12 -37.32
N ARG B 32 12.75 -41.31 -37.20
CA ARG B 32 12.21 -42.47 -37.88
C ARG B 32 11.33 -43.34 -36.99
N ALA B 33 11.24 -43.03 -35.70
CA ALA B 33 10.58 -43.93 -34.77
C ALA B 33 9.08 -44.04 -35.06
N THR B 34 8.56 -45.25 -34.93
CA THR B 34 7.11 -45.45 -34.88
C THR B 34 6.64 -45.77 -33.47
N GLU B 35 7.57 -46.03 -32.52
CA GLU B 35 7.24 -46.25 -31.12
C GLU B 35 8.14 -45.38 -30.25
N GLY B 36 7.61 -44.96 -29.11
CA GLY B 36 8.36 -44.13 -28.18
C GLY B 36 7.44 -43.37 -27.25
N THR B 37 8.05 -42.52 -26.42
CA THR B 37 7.28 -41.81 -25.40
C THR B 37 6.30 -40.80 -25.96
N GLY B 38 6.41 -40.41 -27.23
CA GLY B 38 5.44 -39.52 -27.84
C GLY B 38 4.42 -40.16 -28.76
N ALA B 39 4.46 -41.49 -28.92
CA ALA B 39 3.64 -42.17 -29.93
C ALA B 39 2.15 -41.95 -29.70
N ASP B 40 1.68 -42.16 -28.47
CA ASP B 40 0.25 -41.96 -28.19
C ASP B 40 -0.15 -40.50 -28.36
N CYS B 41 0.75 -39.58 -27.98
CA CYS B 41 0.50 -38.15 -28.19
C CYS B 41 0.24 -37.80 -29.65
N ALA B 42 0.84 -38.53 -30.59
CA ALA B 42 0.64 -38.29 -32.02
C ALA B 42 -0.37 -39.23 -32.68
N ARG B 43 -1.18 -39.93 -31.87
CA ARG B 43 -2.08 -40.96 -32.43
C ARG B 43 -2.94 -40.43 -33.57
N ASP B 44 -3.46 -39.20 -33.47
CA ASP B 44 -4.20 -38.62 -34.59
C ASP B 44 -3.28 -38.05 -35.67
N LEU B 45 -1.97 -37.95 -35.44
CA LEU B 45 -1.11 -37.23 -36.37
C LEU B 45 -0.34 -38.14 -37.30
N GLY B 46 0.08 -39.31 -36.85
CA GLY B 46 0.85 -40.18 -37.69
C GLY B 46 2.30 -40.21 -37.29
N PRO B 47 3.13 -40.88 -38.08
CA PRO B 47 4.55 -40.97 -37.74
C PRO B 47 5.30 -39.73 -38.20
N GLY B 48 6.45 -39.50 -37.57
CA GLY B 48 7.24 -38.32 -37.82
C GLY B 48 6.83 -37.08 -37.05
N TRP B 49 5.83 -37.17 -36.18
CA TRP B 49 5.39 -36.00 -35.42
C TRP B 49 5.73 -36.22 -33.95
N LYS B 50 7.01 -36.02 -33.62
CA LYS B 50 7.49 -36.09 -32.24
C LYS B 50 7.09 -37.42 -31.59
N ILE B 51 7.50 -38.52 -32.23
CA ILE B 51 7.20 -39.85 -31.69
C ILE B 51 8.15 -40.23 -30.56
N SER B 52 9.33 -39.61 -30.47
CA SER B 52 10.31 -40.17 -29.55
C SER B 52 11.24 -39.11 -28.97
N PRO B 53 10.73 -38.14 -28.21
CA PRO B 53 11.57 -37.05 -27.67
C PRO B 53 12.29 -37.34 -26.37
N SER B 54 12.02 -38.46 -25.72
CA SER B 54 12.53 -38.68 -24.38
C SER B 54 12.71 -40.17 -24.15
N VAL B 55 13.32 -40.50 -23.03
CA VAL B 55 13.41 -41.88 -22.58
C VAL B 55 13.02 -41.92 -21.11
N ASP B 56 12.47 -43.05 -20.69
CA ASP B 56 12.20 -43.27 -19.27
C ASP B 56 13.25 -44.23 -18.75
N ILE B 57 13.84 -43.89 -17.62
CA ILE B 57 14.88 -44.72 -17.02
C ILE B 57 14.27 -45.32 -15.76
N LYS B 58 14.17 -46.64 -15.75
CA LYS B 58 13.46 -47.31 -14.66
C LYS B 58 14.26 -47.15 -13.37
N ALA B 59 13.53 -47.11 -12.25
CA ALA B 59 14.15 -47.04 -10.92
C ALA B 59 15.31 -48.03 -10.80
N GLY B 60 16.50 -47.52 -10.47
CA GLY B 60 17.67 -48.33 -10.27
C GLY B 60 18.57 -48.48 -11.48
N GLU B 61 18.04 -48.33 -12.69
CA GLU B 61 18.73 -48.69 -13.92
C GLU B 61 19.64 -47.56 -14.41
N THR B 62 20.50 -47.92 -15.36
CA THR B 62 21.43 -47.03 -16.03
C THR B 62 21.13 -47.02 -17.51
N PHE B 63 21.05 -45.84 -18.09
CA PHE B 63 20.74 -45.67 -19.50
C PHE B 63 21.99 -45.18 -20.21
N GLU B 64 22.32 -45.80 -21.34
CA GLU B 64 23.45 -45.32 -22.12
C GLU B 64 22.96 -44.16 -22.98
N LEU B 65 23.29 -42.92 -22.57
CA LEU B 65 22.94 -41.74 -23.36
C LEU B 65 23.55 -41.81 -24.74
N ALA B 66 24.83 -42.18 -24.82
CA ALA B 66 25.54 -42.00 -26.08
C ALA B 66 26.63 -43.06 -26.18
N SER B 67 26.73 -43.68 -27.36
CA SER B 67 27.82 -44.60 -27.66
C SER B 67 28.37 -44.17 -29.02
N ILE B 68 29.60 -43.68 -29.04
CA ILE B 68 30.25 -43.20 -30.25
C ILE B 68 31.49 -44.05 -30.48
N GLU B 69 31.66 -44.52 -31.71
CA GLU B 69 32.87 -45.22 -32.09
C GLU B 69 33.82 -44.25 -32.80
N GLY B 70 35.12 -44.48 -32.64
CA GLY B 70 36.11 -43.71 -33.34
C GLY B 70 36.43 -42.39 -32.66
N ALA B 71 37.38 -41.69 -33.26
CA ALA B 71 37.76 -40.36 -32.82
C ALA B 71 36.60 -39.38 -33.00
N GLY B 72 36.43 -38.48 -32.03
CA GLY B 72 35.41 -37.44 -32.07
C GLY B 72 35.59 -36.42 -30.96
N LYS B 73 34.67 -35.48 -30.87
CA LYS B 73 34.69 -34.49 -29.80
C LYS B 73 33.27 -33.99 -29.55
N ILE B 74 32.77 -34.19 -28.33
CA ILE B 74 31.50 -33.59 -27.92
C ILE B 74 31.64 -32.08 -27.89
N THR B 75 30.70 -31.38 -28.55
CA THR B 75 30.72 -29.93 -28.57
C THR B 75 29.57 -29.27 -27.80
N HIS B 76 28.46 -29.97 -27.63
CA HIS B 76 27.36 -29.45 -26.83
C HIS B 76 26.53 -30.62 -26.31
N ILE B 77 26.29 -30.63 -24.99
CA ILE B 77 25.26 -31.46 -24.37
C ILE B 77 24.16 -30.51 -23.90
N TRP B 78 22.93 -30.72 -24.39
CA TRP B 78 21.75 -30.20 -23.72
C TRP B 78 21.03 -31.39 -23.12
N ILE B 79 20.47 -31.21 -21.92
CA ILE B 79 19.75 -32.27 -21.23
C ILE B 79 18.75 -31.62 -20.29
N THR B 80 17.63 -32.30 -20.05
CA THR B 80 16.72 -31.83 -18.99
C THR B 80 16.02 -33.01 -18.31
N THR B 81 15.57 -32.74 -17.10
CA THR B 81 14.77 -33.64 -16.28
C THR B 81 14.19 -32.80 -15.15
N HIS B 82 13.09 -33.27 -14.55
CA HIS B 82 12.44 -32.52 -13.47
C HIS B 82 13.38 -32.34 -12.28
N THR B 83 13.08 -31.33 -11.45
CA THR B 83 13.99 -30.94 -10.37
C THR B 83 14.22 -32.05 -9.35
N ASP B 84 13.20 -32.91 -9.14
CA ASP B 84 13.33 -33.98 -8.16
C ASP B 84 14.48 -34.94 -8.45
N ASN B 85 14.92 -35.04 -9.71
CA ASN B 85 15.94 -36.01 -10.10
C ASN B 85 17.34 -35.40 -10.17
N TRP B 86 17.51 -34.11 -9.84
CA TRP B 86 18.81 -33.47 -10.02
C TRP B 86 19.86 -34.01 -9.06
N ARG B 87 19.47 -34.46 -7.86
CA ARG B 87 20.40 -35.12 -6.95
C ARG B 87 20.08 -36.60 -6.81
N THR B 88 19.50 -37.21 -7.85
CA THR B 88 19.31 -38.65 -7.86
C THR B 88 19.87 -39.32 -9.11
N LEU B 89 20.30 -38.56 -10.12
CA LEU B 89 20.92 -39.12 -11.31
C LEU B 89 22.42 -38.85 -11.30
N ILE B 90 23.20 -39.82 -11.74
CA ILE B 90 24.64 -39.70 -11.84
C ILE B 90 25.03 -39.72 -13.30
N LEU B 91 25.70 -38.67 -13.74
CA LEU B 91 26.19 -38.58 -15.11
C LEU B 91 27.61 -39.13 -15.17
N ARG B 92 27.88 -40.00 -16.16
CA ARG B 92 29.18 -40.62 -16.31
C ARG B 92 29.63 -40.54 -17.76
N ALA B 93 30.94 -40.45 -17.96
CA ALA B 93 31.52 -40.49 -19.30
C ALA B 93 32.78 -41.33 -19.27
N PHE B 94 32.90 -42.25 -20.22
CA PHE B 94 34.04 -43.13 -20.38
C PHE B 94 34.67 -42.83 -21.74
N TRP B 95 35.99 -42.62 -21.76
CA TRP B 95 36.72 -42.30 -22.99
C TRP B 95 37.57 -43.48 -23.42
N ASP B 96 37.63 -43.71 -24.75
CA ASP B 96 38.59 -44.63 -25.38
C ASP B 96 38.52 -46.05 -24.81
N GLY B 97 37.31 -46.50 -24.50
CA GLY B 97 37.16 -47.85 -24.00
C GLY B 97 37.66 -48.08 -22.58
N ALA B 98 38.16 -47.07 -21.89
CA ALA B 98 38.50 -47.21 -20.48
C ALA B 98 37.32 -47.79 -19.72
N ASP B 99 37.60 -48.46 -18.61
CA ASP B 99 36.53 -49.12 -17.86
C ASP B 99 36.28 -48.47 -16.51
N GLU B 100 36.95 -47.37 -16.21
CA GLU B 100 36.56 -46.43 -15.19
C GLU B 100 36.15 -45.12 -15.85
N PRO B 101 35.17 -44.39 -15.31
CA PRO B 101 34.72 -43.16 -15.96
C PRO B 101 35.61 -41.96 -15.62
N ALA B 102 35.79 -41.08 -16.60
CA ALA B 102 36.51 -39.83 -16.37
C ALA B 102 35.58 -38.75 -15.80
N VAL B 103 34.30 -38.80 -16.14
CA VAL B 103 33.28 -37.95 -15.56
C VAL B 103 32.42 -38.81 -14.64
N GLU B 104 32.30 -38.43 -13.37
CA GLU B 104 31.38 -39.15 -12.49
C GLU B 104 30.80 -38.16 -11.50
N VAL B 105 29.63 -37.59 -11.83
CA VAL B 105 29.11 -36.41 -11.17
C VAL B 105 27.59 -36.54 -11.00
N PRO B 106 27.06 -36.06 -9.86
CA PRO B 106 25.60 -35.92 -9.79
C PRO B 106 25.12 -34.97 -10.87
N TYR B 107 23.94 -35.27 -11.40
CA TYR B 107 23.40 -34.55 -12.55
C TYR B 107 23.37 -33.04 -12.31
N GLY B 108 22.75 -32.60 -11.21
CA GLY B 108 22.56 -31.17 -11.01
C GLY B 108 23.86 -30.41 -10.85
N ASP B 109 24.85 -31.03 -10.21
CA ASP B 109 26.09 -30.35 -9.90
C ASP B 109 26.88 -30.03 -11.16
N PHE B 110 26.77 -30.88 -12.20
CA PHE B 110 27.54 -30.64 -13.42
C PHE B 110 27.15 -29.32 -14.06
N PHE B 111 25.92 -28.88 -13.80
CA PHE B 111 25.38 -27.66 -14.36
C PHE B 111 25.17 -26.59 -13.30
N CYS B 112 25.90 -26.68 -12.17
CA CYS B 112 25.92 -25.63 -11.17
C CYS B 112 24.56 -25.51 -10.48
N ASN B 113 23.92 -26.65 -10.28
CA ASN B 113 22.55 -26.70 -9.80
C ASN B 113 22.38 -27.94 -8.94
N GLY B 114 23.29 -28.14 -7.99
CA GLY B 114 23.30 -29.28 -7.11
C GLY B 114 22.35 -29.22 -5.94
N TRP B 115 21.45 -28.25 -5.90
CA TRP B 115 20.55 -28.11 -4.78
C TRP B 115 19.10 -28.40 -5.13
N GLY B 116 18.79 -28.68 -6.39
CA GLY B 116 17.43 -29.01 -6.76
C GLY B 116 16.50 -27.84 -6.89
N VAL B 117 17.05 -26.62 -6.95
CA VAL B 117 16.29 -25.37 -7.12
C VAL B 117 16.95 -24.62 -8.26
N PHE B 118 16.18 -24.37 -9.33
CA PHE B 118 16.78 -23.81 -10.54
C PHE B 118 17.44 -22.46 -10.28
N ALA B 119 18.71 -22.36 -10.66
CA ALA B 119 19.44 -21.09 -10.65
C ALA B 119 20.02 -20.85 -12.04
N GLN B 120 19.79 -19.65 -12.56
CA GLN B 120 20.23 -19.26 -13.90
C GLN B 120 21.75 -19.17 -13.95
N VAL B 121 22.35 -19.74 -15.00
CA VAL B 121 23.79 -19.71 -15.16
C VAL B 121 24.07 -19.18 -16.56
N ASN B 122 24.81 -18.07 -16.63
CA ASN B 122 25.07 -17.34 -17.87
C ASN B 122 26.52 -17.49 -18.35
N SER B 123 27.22 -18.53 -17.92
CA SER B 123 28.65 -18.65 -18.16
C SER B 123 28.93 -19.19 -19.56
N GLN B 124 30.23 -19.29 -19.88
CA GLN B 124 30.66 -19.71 -21.20
C GLN B 124 30.59 -21.23 -21.36
N ALA B 125 31.03 -21.97 -20.33
CA ALA B 125 31.12 -23.41 -20.40
C ALA B 125 29.78 -24.06 -20.08
N ILE B 126 29.01 -23.48 -19.17
CA ILE B 126 27.73 -24.03 -18.71
C ILE B 126 26.66 -22.95 -18.82
N ALA B 127 25.57 -23.26 -19.50
CA ALA B 127 24.38 -22.41 -19.50
C ALA B 127 23.22 -23.20 -18.92
N ALA B 128 22.64 -22.71 -17.82
CA ALA B 128 21.45 -23.32 -17.22
C ALA B 128 20.28 -22.34 -17.34
N ASN B 129 19.26 -22.74 -18.11
CA ASN B 129 18.24 -21.85 -18.63
C ASN B 129 16.85 -22.26 -18.16
N PRO B 130 15.89 -21.32 -18.17
CA PRO B 130 14.52 -21.65 -17.74
C PRO B 130 13.92 -22.77 -18.56
N HIS B 131 13.39 -23.80 -17.90
CA HIS B 131 13.48 -24.04 -16.47
C HIS B 131 14.10 -25.43 -16.35
N GLY B 132 15.36 -25.50 -15.98
CA GLY B 132 16.08 -26.75 -16.07
C GLY B 132 16.68 -27.05 -17.43
N GLY B 133 16.90 -26.03 -18.27
CA GLY B 133 17.59 -26.24 -19.54
C GLY B 133 19.10 -26.25 -19.33
N PHE B 134 19.70 -27.44 -19.30
CA PHE B 134 21.09 -27.63 -18.87
C PHE B 134 21.97 -27.86 -20.08
N ASN B 135 22.99 -27.02 -20.26
CA ASN B 135 23.84 -27.04 -21.45
C ASN B 135 25.31 -27.03 -21.04
N SER B 136 26.06 -28.01 -21.53
CA SER B 136 27.51 -28.08 -21.41
C SER B 136 28.15 -27.77 -22.76
N TYR B 137 29.16 -26.91 -22.76
CA TYR B 137 29.93 -26.59 -23.96
C TYR B 137 31.42 -26.92 -23.79
N TRP B 138 31.79 -27.53 -22.66
CA TRP B 138 33.06 -28.20 -22.49
C TRP B 138 33.36 -29.09 -23.70
N PRO B 139 34.43 -28.84 -24.45
CA PRO B 139 34.83 -29.81 -25.47
C PRO B 139 35.36 -31.09 -24.81
N MET B 140 34.92 -32.23 -25.32
CA MET B 140 35.25 -33.53 -24.72
C MET B 140 35.83 -34.39 -25.84
N PRO B 141 37.11 -34.22 -26.15
CA PRO B 141 37.67 -34.96 -27.28
C PRO B 141 37.99 -36.38 -26.86
N PHE B 142 38.07 -37.27 -27.85
CA PHE B 142 38.38 -38.67 -27.62
C PHE B 142 38.94 -39.27 -28.90
N ARG B 143 39.76 -40.30 -28.73
CA ARG B 143 40.55 -40.84 -29.83
C ARG B 143 40.04 -42.17 -30.33
N ASP B 144 39.21 -42.85 -29.55
CA ASP B 144 38.87 -44.24 -29.82
C ASP B 144 37.61 -44.62 -29.03
N GLY B 145 36.53 -43.86 -29.18
CA GLY B 145 35.24 -44.23 -28.62
C GLY B 145 34.84 -43.40 -27.41
N ALA B 146 33.52 -43.23 -27.24
CA ALA B 146 32.95 -42.50 -26.11
C ALA B 146 31.67 -43.18 -25.65
N ARG B 147 31.50 -43.29 -24.32
CA ARG B 147 30.29 -43.82 -23.69
C ARG B 147 29.82 -42.83 -22.64
N LEU B 148 28.59 -42.34 -22.78
CA LEU B 148 27.97 -41.51 -21.76
C LEU B 148 26.81 -42.29 -21.13
N THR B 149 26.73 -42.27 -19.80
CA THR B 149 25.64 -42.96 -19.12
C THR B 149 25.01 -42.07 -18.06
N ILE B 150 23.78 -42.42 -17.70
CA ILE B 150 23.10 -41.72 -16.62
C ILE B 150 22.43 -42.79 -15.77
N GLU B 151 22.72 -42.77 -14.47
CA GLU B 151 22.22 -43.79 -13.54
C GLU B 151 21.10 -43.19 -12.71
N ASN B 152 19.96 -43.87 -12.71
CA ASN B 152 18.83 -43.51 -11.85
C ASN B 152 18.97 -44.26 -10.53
N THR B 153 19.47 -43.58 -9.49
CA THR B 153 19.63 -44.21 -8.18
C THR B 153 18.38 -44.12 -7.32
N SER B 154 17.29 -43.54 -7.83
CA SER B 154 16.11 -43.31 -7.02
C SER B 154 15.13 -44.48 -7.16
N VAL B 155 14.04 -44.43 -6.38
CA VAL B 155 13.04 -45.49 -6.39
C VAL B 155 11.89 -45.18 -7.34
N VAL B 156 12.00 -44.13 -8.14
CA VAL B 156 10.97 -43.83 -9.15
C VAL B 156 11.60 -43.88 -10.54
N ASP B 157 10.75 -44.15 -11.54
CA ASP B 157 11.16 -44.00 -12.93
C ASP B 157 11.31 -42.51 -13.25
N VAL B 158 12.33 -42.17 -14.05
CA VAL B 158 12.57 -40.77 -14.39
C VAL B 158 12.53 -40.57 -15.90
N ARG B 159 12.08 -39.40 -16.30
CA ARG B 159 12.06 -39.01 -17.70
C ARG B 159 13.26 -38.09 -17.98
N VAL B 160 13.92 -38.31 -19.11
CA VAL B 160 15.10 -37.53 -19.46
C VAL B 160 15.04 -37.21 -20.94
N TYR B 161 15.22 -35.93 -21.28
CA TYR B 161 15.39 -35.47 -22.64
C TYR B 161 16.84 -35.06 -22.82
N TYR B 162 17.42 -35.31 -24.00
CA TYR B 162 18.85 -35.06 -24.13
C TYR B 162 19.20 -34.87 -25.60
N GLN B 163 20.33 -34.22 -25.85
CA GLN B 163 20.80 -33.93 -27.20
C GLN B 163 22.31 -33.79 -27.10
N VAL B 164 23.04 -34.73 -27.67
CA VAL B 164 24.49 -34.78 -27.50
C VAL B 164 25.09 -34.53 -28.88
N THR B 165 25.62 -33.32 -29.09
CA THR B 165 26.18 -32.93 -30.39
C THR B 165 27.70 -33.07 -30.33
N TYR B 166 28.28 -33.66 -31.37
CA TYR B 166 29.70 -33.94 -31.42
C TYR B 166 30.18 -33.89 -32.86
N GLU B 167 31.50 -33.90 -33.01
CA GLU B 167 32.16 -33.66 -34.27
C GLU B 167 33.06 -34.84 -34.60
N ILE B 168 32.98 -35.29 -35.85
CA ILE B 168 33.90 -36.29 -36.40
C ILE B 168 34.85 -35.57 -37.35
N GLY B 169 36.10 -36.02 -37.36
CA GLY B 169 37.09 -35.40 -38.21
C GLY B 169 37.76 -34.33 -37.42
N GLY B 170 39.07 -34.43 -37.29
CA GLY B 170 39.79 -33.57 -36.35
C GLY B 170 40.79 -34.48 -35.70
N ASP B 171 41.96 -33.92 -35.41
CA ASP B 171 43.07 -34.67 -34.84
C ASP B 171 43.04 -34.45 -33.34
N HIS B 172 42.87 -35.54 -32.57
CA HIS B 172 42.84 -35.43 -31.11
C HIS B 172 44.02 -36.09 -30.44
N SER B 173 45.10 -36.33 -31.20
CA SER B 173 46.30 -36.96 -30.63
C SER B 173 46.91 -36.14 -29.51
N ASN B 174 46.80 -34.80 -29.57
CA ASN B 174 47.28 -33.94 -28.49
C ASN B 174 46.15 -33.21 -27.77
N ASP B 175 44.91 -33.68 -27.87
CA ASP B 175 43.83 -33.15 -27.04
C ASP B 175 43.73 -33.98 -25.76
N ALA B 176 43.71 -33.28 -24.62
CA ALA B 176 43.51 -33.97 -23.35
C ALA B 176 42.08 -34.46 -23.24
N TYR B 177 41.82 -35.36 -22.29
CA TYR B 177 40.48 -35.81 -21.97
C TYR B 177 39.86 -34.95 -20.86
N PHE B 178 38.54 -34.80 -20.93
CA PHE B 178 37.78 -34.04 -19.94
C PHE B 178 37.39 -34.94 -18.76
N HIS B 179 37.72 -34.51 -17.54
CA HIS B 179 37.37 -35.22 -16.32
C HIS B 179 36.55 -34.33 -15.40
N ALA B 180 35.70 -34.96 -14.59
CA ALA B 180 34.95 -34.20 -13.59
C ALA B 180 34.62 -35.14 -12.44
N GLN B 181 34.84 -34.67 -11.21
CA GLN B 181 34.77 -35.49 -10.01
C GLN B 181 34.01 -34.73 -8.94
N TRP B 182 33.39 -35.48 -8.03
CA TRP B 182 32.46 -34.92 -7.06
C TRP B 182 32.73 -35.49 -5.67
N ARG B 183 32.81 -34.60 -4.67
CA ARG B 183 32.98 -34.97 -3.27
C ARG B 183 32.06 -34.11 -2.40
N ARG B 184 31.36 -34.74 -1.45
CA ARG B 184 30.52 -34.02 -0.50
C ARG B 184 30.98 -34.32 0.92
N SER B 185 31.16 -33.26 1.73
CA SER B 185 31.39 -33.34 3.16
C SER B 185 30.16 -32.81 3.90
N ASN B 186 29.53 -33.66 4.72
CA ASN B 186 28.31 -33.21 5.38
C ASN B 186 28.04 -34.00 6.66
N PRO B 187 28.39 -33.46 7.85
CA PRO B 187 29.20 -32.25 8.02
C PRO B 187 30.69 -32.48 7.95
N LEU B 188 31.39 -31.48 7.41
CA LEU B 188 32.84 -31.46 7.41
C LEU B 188 33.38 -31.58 8.83
N GLU B 189 34.47 -32.33 8.97
CA GLU B 189 35.06 -32.54 10.29
C GLU B 189 35.79 -31.29 10.75
N GLU B 190 35.91 -31.16 12.07
CA GLU B 190 36.54 -30.01 12.67
C GLU B 190 37.96 -29.84 12.13
N LEU B 191 38.32 -28.59 11.81
CA LEU B 191 39.66 -28.23 11.37
C LEU B 191 40.22 -29.20 10.33
N THR B 192 39.40 -29.49 9.31
CA THR B 192 39.79 -30.39 8.23
C THR B 192 39.38 -29.73 6.92
N PRO B 193 40.30 -29.51 5.99
CA PRO B 193 39.90 -28.93 4.70
C PRO B 193 39.00 -29.90 3.92
N HIS B 194 38.01 -29.35 3.23
CA HIS B 194 37.23 -30.15 2.29
C HIS B 194 38.09 -30.49 1.08
N VAL B 195 38.22 -31.78 0.78
CA VAL B 195 39.02 -32.25 -0.34
C VAL B 195 38.22 -32.07 -1.62
N ILE B 196 38.81 -31.39 -2.60
CA ILE B 196 38.17 -31.18 -3.90
C ILE B 196 38.74 -32.16 -4.93
N LEU B 197 40.06 -32.36 -4.91
CA LEU B 197 40.76 -33.30 -5.77
C LEU B 197 41.89 -33.91 -4.98
N GLU B 198 42.21 -35.17 -5.32
CA GLU B 198 43.25 -35.91 -4.62
C GLU B 198 43.85 -36.97 -5.52
N GLY B 199 45.18 -37.02 -5.60
CA GLY B 199 45.88 -38.14 -6.19
C GLY B 199 45.84 -38.22 -7.70
N ILE B 200 45.54 -37.11 -8.38
CA ILE B 200 45.50 -37.09 -9.84
C ILE B 200 46.91 -37.24 -10.40
N GLU B 201 47.11 -38.21 -11.30
CA GLU B 201 48.43 -38.42 -11.90
C GLU B 201 48.32 -38.29 -13.41
N GLY B 202 49.28 -37.58 -14.00
CA GLY B 202 49.30 -37.33 -15.42
C GLY B 202 49.63 -35.89 -15.72
N GLU B 203 49.53 -35.52 -16.99
CA GLU B 203 49.74 -34.16 -17.46
C GLU B 203 48.39 -33.59 -17.86
N GLY B 204 48.11 -32.36 -17.43
CA GLY B 204 46.86 -31.73 -17.80
C GLY B 204 46.64 -30.36 -17.19
N HIS B 205 45.38 -29.97 -16.98
CA HIS B 205 45.15 -28.64 -16.40
C HIS B 205 43.78 -28.59 -15.73
N TYR B 206 43.77 -28.05 -14.52
CA TYR B 206 42.55 -27.81 -13.78
C TYR B 206 41.78 -26.65 -14.43
N VAL B 207 40.49 -26.87 -14.72
CA VAL B 207 39.70 -25.90 -15.48
C VAL B 207 38.37 -25.55 -14.83
N GLY B 208 38.04 -26.09 -13.65
CA GLY B 208 36.72 -25.85 -13.11
C GLY B 208 36.44 -26.26 -11.66
N THR B 209 35.70 -25.41 -10.96
CA THR B 209 35.20 -25.73 -9.63
C THR B 209 33.77 -25.23 -9.53
N TYR B 210 32.85 -26.12 -9.18
CA TYR B 210 31.53 -25.74 -8.70
C TYR B 210 31.36 -26.26 -7.28
N ILE B 211 30.86 -25.39 -6.39
CA ILE B 211 30.70 -25.75 -4.98
C ILE B 211 29.30 -25.39 -4.55
N ALA B 212 28.61 -26.36 -3.94
CA ALA B 212 27.32 -26.14 -3.28
C ALA B 212 27.54 -26.15 -1.76
N TRP B 213 27.29 -25.01 -1.10
CA TRP B 213 27.68 -24.82 0.29
C TRP B 213 26.45 -24.50 1.15
N GLY B 214 26.22 -25.30 2.18
CA GLY B 214 25.18 -25.05 3.18
C GLY B 214 25.80 -24.72 4.53
N VAL B 215 25.36 -23.61 5.14
CA VAL B 215 26.07 -23.03 6.27
C VAL B 215 25.36 -23.38 7.57
N ASN B 216 26.14 -23.84 8.56
CA ASN B 216 25.59 -24.24 9.85
C ASN B 216 26.11 -23.38 10.98
N SER B 217 26.85 -22.31 10.70
CA SER B 217 27.11 -21.30 11.71
C SER B 217 26.64 -19.95 11.19
N ASN B 218 26.25 -19.08 12.14
CA ASN B 218 25.95 -17.69 11.82
C ASN B 218 27.22 -16.93 11.46
N GLY B 219 27.06 -15.74 10.90
CA GLY B 219 28.23 -14.96 10.51
C GLY B 219 28.62 -15.19 9.06
N TRP B 220 29.72 -14.58 8.67
CA TRP B 220 30.27 -14.86 7.34
C TRP B 220 31.00 -16.20 7.38
N TRP B 221 30.78 -16.98 6.33
CA TRP B 221 31.20 -18.37 6.29
C TRP B 221 32.35 -18.63 5.33
N GLY B 222 32.76 -17.63 4.55
CA GLY B 222 33.66 -17.88 3.43
C GLY B 222 35.06 -17.34 3.58
N GLU B 223 35.65 -17.45 4.78
CA GLU B 223 37.04 -17.01 4.94
C GLU B 223 38.05 -18.01 4.37
N GLY B 224 37.65 -19.27 4.18
CA GLY B 224 38.64 -20.32 3.92
C GLY B 224 39.29 -20.24 2.56
N GLU B 225 40.59 -20.59 2.51
CA GLU B 225 41.35 -20.52 1.26
C GLU B 225 41.36 -21.85 0.53
N ILE B 226 41.31 -21.78 -0.82
CA ILE B 226 41.60 -22.91 -1.71
C ILE B 226 43.11 -23.06 -1.83
N LYS B 227 43.57 -24.31 -2.00
CA LYS B 227 44.99 -24.56 -2.12
C LYS B 227 45.20 -25.62 -3.19
N PHE B 228 46.10 -25.34 -4.15
CA PHE B 228 46.40 -26.24 -5.26
C PHE B 228 47.79 -26.83 -5.02
N TYR B 229 47.84 -28.11 -4.65
CA TYR B 229 49.09 -28.86 -4.55
C TYR B 229 49.35 -29.54 -5.89
N LEU B 230 50.43 -29.15 -6.55
CA LEU B 230 50.67 -29.54 -7.93
C LEU B 230 52.01 -30.25 -8.05
N ASP B 231 52.06 -31.27 -8.90
CA ASP B 231 53.30 -31.98 -9.23
C ASP B 231 54.01 -32.48 -7.98
N ASP B 232 55.21 -31.95 -7.70
CA ASP B 232 56.06 -32.39 -6.60
C ASP B 232 55.63 -31.87 -5.23
N ASP B 233 54.62 -31.01 -5.17
CA ASP B 233 54.14 -30.47 -3.88
C ASP B 233 53.84 -31.61 -2.89
N THR B 234 54.23 -31.38 -1.63
CA THR B 234 53.94 -32.28 -0.53
C THR B 234 53.13 -31.56 0.55
N ASP B 235 53.81 -30.85 1.44
CA ASP B 235 53.16 -30.28 2.60
C ASP B 235 52.66 -28.87 2.35
N HIS B 236 53.08 -28.22 1.27
CA HIS B 236 52.66 -26.87 1.03
C HIS B 236 52.33 -26.64 -0.43
N PRO B 237 51.23 -25.95 -0.71
CA PRO B 237 50.75 -25.81 -2.10
C PRO B 237 51.54 -24.81 -2.95
N THR B 238 51.29 -24.91 -4.25
CA THR B 238 51.88 -23.97 -5.21
C THR B 238 51.00 -22.74 -5.39
N ILE B 239 49.69 -22.91 -5.56
CA ILE B 239 48.74 -21.82 -5.56
C ILE B 239 47.95 -21.88 -4.26
N CYS B 240 47.88 -20.74 -3.55
CA CYS B 240 47.14 -20.64 -2.29
C CYS B 240 46.31 -19.37 -2.32
N GLY B 241 44.98 -19.51 -2.29
CA GLY B 241 44.05 -18.40 -2.38
C GLY B 241 43.92 -17.62 -1.07
N THR B 242 42.98 -16.67 -1.06
CA THR B 242 42.84 -15.77 0.09
C THR B 242 41.44 -15.76 0.71
N GLY B 243 40.52 -16.57 0.22
CA GLY B 243 39.15 -16.54 0.72
C GLY B 243 38.22 -17.36 -0.17
N THR B 244 37.06 -17.74 0.34
CA THR B 244 36.14 -18.53 -0.47
C THR B 244 35.48 -17.66 -1.54
N GLU B 245 34.90 -16.52 -1.15
CA GLU B 245 34.34 -15.64 -2.19
C GLU B 245 35.45 -15.08 -3.08
N ASP B 246 36.66 -14.90 -2.52
CA ASP B 246 37.80 -14.44 -3.33
C ASP B 246 38.08 -15.40 -4.47
N TYR B 247 38.03 -16.71 -4.19
CA TYR B 247 38.32 -17.68 -5.23
C TYR B 247 37.31 -17.59 -6.37
N PHE B 248 36.03 -17.41 -6.05
CA PHE B 248 34.97 -17.35 -7.04
C PHE B 248 34.77 -15.95 -7.62
N GLY B 249 35.75 -15.06 -7.48
CA GLY B 249 35.69 -13.79 -8.16
C GLY B 249 34.95 -12.69 -7.45
N GLY B 250 34.36 -12.97 -6.28
CA GLY B 250 33.70 -11.95 -5.48
C GLY B 250 34.65 -11.35 -4.45
N ALA B 251 34.06 -10.69 -3.47
CA ALA B 251 34.84 -10.07 -2.39
C ALA B 251 33.89 -9.61 -1.30
N TRP B 252 34.45 -9.33 -0.13
CA TRP B 252 33.72 -8.84 1.05
C TRP B 252 32.36 -9.52 1.21
N ASN B 253 32.39 -10.85 1.30
CA ASN B 253 31.23 -11.69 1.65
C ASN B 253 30.14 -11.73 0.59
N PHE B 254 30.41 -11.31 -0.65
CA PHE B 254 29.38 -11.25 -1.70
C PHE B 254 28.28 -10.27 -1.32
N ASP B 255 28.54 -9.36 -0.39
CA ASP B 255 27.52 -8.60 0.34
C ASP B 255 27.50 -7.15 -0.11
N ILE B 256 26.54 -6.77 -0.95
CA ILE B 256 26.40 -5.39 -1.40
C ILE B 256 25.62 -4.63 -0.34
N PRO B 257 26.16 -3.55 0.23
CA PRO B 257 25.51 -2.90 1.38
C PRO B 257 24.06 -2.50 1.09
N GLY B 258 23.18 -2.80 2.04
CA GLY B 258 21.76 -2.57 1.85
C GLY B 258 21.07 -3.51 0.89
N LYS B 259 21.77 -4.49 0.34
CA LYS B 259 21.16 -5.54 -0.47
C LYS B 259 21.49 -6.95 0.02
N GLY B 260 22.59 -7.12 0.76
CA GLY B 260 23.03 -8.42 1.18
C GLY B 260 23.63 -9.23 0.04
N TYR B 261 23.68 -10.55 0.27
CA TYR B 261 24.16 -11.51 -0.70
C TYR B 261 23.53 -11.29 -2.06
N THR B 262 24.36 -11.20 -3.11
CA THR B 262 23.84 -10.93 -4.45
C THR B 262 24.30 -12.01 -5.41
N GLU B 263 23.35 -12.71 -6.01
CA GLU B 263 23.67 -13.62 -7.09
C GLU B 263 24.32 -12.87 -8.24
N PHE B 264 25.27 -13.53 -8.90
CA PHE B 264 25.91 -13.00 -10.10
C PHE B 264 26.37 -14.18 -10.95
N SER B 265 26.51 -13.94 -12.25
CA SER B 265 26.94 -14.99 -13.17
C SER B 265 27.62 -14.35 -14.38
N THR B 266 28.92 -14.56 -14.52
CA THR B 266 29.71 -13.96 -15.59
C THR B 266 30.39 -15.08 -16.39
N PRO B 267 31.12 -14.78 -17.47
CA PRO B 267 31.70 -15.88 -18.27
C PRO B 267 32.49 -16.92 -17.48
N TYR B 268 33.32 -16.50 -16.52
CA TYR B 268 34.15 -17.47 -15.80
C TYR B 268 33.88 -17.53 -14.30
N LEU B 269 33.00 -16.69 -13.77
CA LEU B 269 32.88 -16.50 -12.34
C LEU B 269 31.42 -16.25 -11.98
N GLY B 270 30.97 -16.88 -10.90
CA GLY B 270 29.61 -16.66 -10.48
C GLY B 270 29.26 -17.21 -9.11
N MET B 271 28.27 -16.58 -8.48
CA MET B 271 27.45 -17.20 -7.45
C MET B 271 26.03 -17.16 -7.99
N PRO B 272 25.67 -18.11 -8.85
CA PRO B 272 24.33 -18.09 -9.47
C PRO B 272 23.22 -18.30 -8.47
N GLN B 273 23.48 -18.96 -7.36
CA GLN B 273 22.41 -19.43 -6.48
C GLN B 273 22.63 -18.99 -5.04
N VAL B 274 21.62 -18.32 -4.47
CA VAL B 274 21.52 -18.07 -3.03
C VAL B 274 20.15 -18.57 -2.62
N ILE B 275 20.09 -19.43 -1.61
CA ILE B 275 18.82 -19.99 -1.15
C ILE B 275 18.58 -19.50 0.28
N ARG B 276 17.55 -18.69 0.46
CA ARG B 276 17.28 -18.13 1.78
C ARG B 276 16.20 -18.91 2.48
N PRO B 277 16.38 -19.28 3.75
CA PRO B 277 15.33 -20.05 4.45
C PRO B 277 13.99 -19.34 4.46
N ASP B 278 12.91 -20.12 4.44
CA ASP B 278 11.57 -19.56 4.35
C ASP B 278 10.94 -19.32 5.71
N GLY B 279 11.60 -19.69 6.80
CA GLY B 279 11.01 -19.59 8.13
C GLY B 279 10.16 -20.78 8.53
N LEU B 280 9.94 -21.73 7.63
CA LEU B 280 9.29 -22.99 7.97
C LEU B 280 10.21 -24.17 7.67
N TYR B 281 9.90 -24.99 6.64
CA TYR B 281 10.61 -26.25 6.43
C TYR B 281 11.82 -26.15 5.50
N VAL B 282 11.93 -25.09 4.69
CA VAL B 282 13.17 -24.79 3.99
C VAL B 282 13.98 -23.93 4.94
N SER B 283 14.82 -24.58 5.74
CA SER B 283 15.52 -23.97 6.85
C SER B 283 17.03 -23.84 6.65
N GLN B 284 17.58 -24.38 5.56
CA GLN B 284 19.02 -24.37 5.29
C GLN B 284 19.36 -23.24 4.33
N GLN B 285 20.26 -22.35 4.76
CA GLN B 285 20.78 -21.27 3.93
C GLN B 285 21.92 -21.83 3.08
N ARG B 286 21.80 -21.70 1.75
CA ARG B 286 22.65 -22.44 0.82
C ARG B 286 23.12 -21.56 -0.32
N PHE B 287 24.29 -21.93 -0.87
CA PHE B 287 24.88 -21.19 -1.98
C PHE B 287 25.39 -22.15 -3.04
N GLY B 288 25.46 -21.67 -4.28
CA GLY B 288 26.11 -22.38 -5.37
C GLY B 288 27.03 -21.45 -6.15
N MET B 289 28.29 -21.84 -6.31
CA MET B 289 29.32 -20.95 -6.82
C MET B 289 30.16 -21.70 -7.84
N TYR B 290 30.54 -21.03 -8.92
CA TYR B 290 31.37 -21.67 -9.92
C TYR B 290 32.50 -20.75 -10.33
N ARG B 291 33.64 -21.36 -10.69
CA ARG B 291 34.73 -20.67 -11.33
C ARG B 291 35.32 -21.55 -12.42
N TRP B 292 35.41 -21.01 -13.63
CA TRP B 292 36.03 -21.71 -14.76
C TRP B 292 37.38 -21.09 -15.04
N HIS B 293 38.43 -21.92 -15.17
CA HIS B 293 39.77 -21.43 -15.50
C HIS B 293 40.07 -21.73 -16.96
N LEU B 294 39.44 -20.97 -17.85
CA LEU B 294 39.54 -21.18 -19.29
C LEU B 294 40.65 -20.33 -19.90
N GLN B 295 40.65 -19.01 -19.65
CA GLN B 295 41.79 -18.17 -19.99
C GLN B 295 42.96 -18.36 -19.05
N ASP B 296 42.71 -18.85 -17.83
CA ASP B 296 43.75 -18.97 -16.81
C ASP B 296 43.75 -20.37 -16.20
N PRO B 297 43.93 -21.42 -17.01
CA PRO B 297 43.96 -22.78 -16.46
C PRO B 297 45.15 -22.99 -15.52
N ILE B 298 44.97 -23.95 -14.60
CA ILE B 298 46.03 -24.29 -13.65
C ILE B 298 46.72 -25.54 -14.18
N HIS B 299 47.83 -25.35 -14.88
CA HIS B 299 48.56 -26.44 -15.50
C HIS B 299 49.31 -27.26 -14.46
N PHE B 300 49.45 -28.56 -14.73
CA PHE B 300 50.30 -29.44 -13.96
C PHE B 300 50.96 -30.44 -14.90
N ALA B 301 52.19 -30.87 -14.55
CA ALA B 301 52.99 -31.68 -15.47
C ALA B 301 53.01 -33.17 -15.11
N THR B 302 53.01 -33.52 -13.82
CA THR B 302 52.97 -34.92 -13.41
C THR B 302 51.74 -35.27 -12.56
N GLY B 303 50.99 -34.31 -12.05
CA GLY B 303 49.73 -34.61 -11.42
C GLY B 303 49.26 -33.49 -10.53
N ILE B 304 48.10 -33.74 -9.91
CA ILE B 304 47.54 -32.91 -8.83
C ILE B 304 47.47 -33.78 -7.57
N PRO B 305 48.45 -33.70 -6.67
CA PRO B 305 48.30 -34.40 -5.38
C PRO B 305 47.06 -33.98 -4.59
N LYS B 306 46.72 -32.69 -4.56
CA LYS B 306 45.59 -32.23 -3.75
C LYS B 306 45.11 -30.84 -4.12
N VAL B 307 43.79 -30.70 -4.22
CA VAL B 307 43.10 -29.42 -4.17
C VAL B 307 42.14 -29.50 -2.98
N ASP B 308 42.26 -28.58 -2.03
CA ASP B 308 41.34 -28.54 -0.91
C ASP B 308 40.95 -27.09 -0.63
N ILE B 309 39.93 -26.92 0.22
CA ILE B 309 39.46 -25.60 0.63
C ILE B 309 39.12 -25.61 2.12
N GLN B 310 39.53 -24.55 2.80
CA GLN B 310 39.25 -24.45 4.23
C GLN B 310 37.81 -23.98 4.44
N ALA B 311 37.23 -24.41 5.56
CA ALA B 311 35.93 -23.93 6.01
C ALA B 311 36.16 -23.10 7.26
N LEU B 312 36.20 -21.77 7.09
CA LEU B 312 36.46 -20.83 8.17
C LEU B 312 35.39 -19.75 8.18
N GLY B 313 34.78 -19.53 9.33
CA GLY B 313 33.95 -18.37 9.56
C GLY B 313 34.54 -17.53 10.69
N TRP B 314 33.69 -16.93 11.54
CA TRP B 314 34.16 -16.07 12.63
C TRP B 314 33.55 -16.50 13.95
N ARG B 315 34.32 -16.33 15.02
CA ARG B 315 33.84 -16.44 16.38
C ARG B 315 34.39 -15.25 17.17
N SER B 316 33.94 -15.10 18.40
CA SER B 316 34.23 -13.90 19.17
C SER B 316 35.73 -13.68 19.35
N GLY B 317 36.12 -12.41 19.46
CA GLY B 317 37.51 -12.07 19.61
C GLY B 317 38.28 -12.06 18.30
N TRP B 318 37.57 -11.88 17.17
CA TRP B 318 38.20 -11.90 15.85
C TRP B 318 39.03 -13.17 15.63
N ARG B 319 38.43 -14.30 15.96
CA ARG B 319 39.06 -15.61 15.77
C ARG B 319 38.39 -16.31 14.60
N TYR B 320 39.17 -17.01 13.78
CA TYR B 320 38.54 -17.87 12.78
C TYR B 320 37.71 -18.93 13.48
N LEU B 321 36.56 -19.28 12.89
CA LEU B 321 35.72 -20.33 13.45
C LEU B 321 35.72 -21.52 12.50
N PRO B 322 36.27 -22.67 12.89
CA PRO B 322 36.24 -23.85 12.02
C PRO B 322 34.81 -24.33 11.83
N LEU B 323 34.39 -24.43 10.57
CA LEU B 323 32.99 -24.65 10.24
C LEU B 323 32.68 -26.14 10.03
N ARG B 324 31.65 -26.61 10.71
CA ARG B 324 31.12 -27.94 10.46
C ARG B 324 30.02 -27.83 9.40
N ASP B 325 30.43 -27.51 8.17
CA ASP B 325 29.47 -27.13 7.16
C ASP B 325 29.20 -28.27 6.18
N ASP B 326 28.28 -28.02 5.25
CA ASP B 326 27.77 -28.98 4.29
C ASP B 326 28.25 -28.53 2.91
N ILE B 327 29.30 -29.19 2.39
CA ILE B 327 30.08 -28.66 1.27
C ILE B 327 30.26 -29.73 0.22
N ALA B 328 29.78 -29.46 -1.00
CA ALA B 328 29.90 -30.35 -2.13
C ALA B 328 30.68 -29.66 -3.24
N SER B 329 31.66 -30.36 -3.82
CA SER B 329 32.47 -29.79 -4.89
C SER B 329 32.43 -30.66 -6.13
N THR B 330 32.33 -30.02 -7.29
CA THR B 330 32.58 -30.66 -8.57
C THR B 330 33.84 -30.04 -9.16
N ALA B 331 34.84 -30.86 -9.44
CA ALA B 331 36.12 -30.41 -9.99
C ALA B 331 36.21 -30.83 -11.44
N MET B 332 36.56 -29.88 -12.32
CA MET B 332 36.72 -30.15 -13.75
C MET B 332 38.18 -29.96 -14.13
N PHE B 333 38.75 -30.96 -14.80
CA PHE B 333 40.14 -30.87 -15.24
C PHE B 333 40.32 -31.65 -16.53
N TYR B 334 41.30 -31.24 -17.33
CA TYR B 334 41.73 -32.01 -18.49
C TYR B 334 42.95 -32.84 -18.14
N LEU B 335 43.00 -34.06 -18.66
CA LEU B 335 44.07 -35.00 -18.37
C LEU B 335 44.47 -35.69 -19.66
N ASP B 336 45.75 -36.03 -19.76
CA ASP B 336 46.25 -36.73 -20.94
C ASP B 336 45.98 -38.24 -20.90
N ARG B 337 45.10 -38.70 -20.00
CA ARG B 337 44.74 -40.11 -19.75
C ARG B 337 43.24 -40.14 -19.53
N PRO B 338 42.55 -41.19 -19.97
CA PRO B 338 41.07 -41.24 -19.80
C PRO B 338 40.63 -41.55 -18.37
N THR B 339 41.56 -41.79 -17.45
CA THR B 339 41.27 -42.37 -16.16
C THR B 339 42.12 -41.71 -15.09
N ALA B 340 41.55 -41.51 -13.90
CA ALA B 340 42.32 -40.96 -12.79
C ALA B 340 41.73 -41.46 -11.49
N ARG B 341 42.46 -41.22 -10.41
CA ARG B 341 41.97 -41.56 -9.08
C ARG B 341 40.72 -40.75 -8.77
N ARG B 342 39.66 -41.44 -8.38
CA ARG B 342 38.37 -40.81 -8.10
C ARG B 342 37.98 -41.03 -6.65
N PRO B 343 37.08 -40.19 -6.12
CA PRO B 343 36.47 -40.50 -4.82
C PRO B 343 35.58 -41.71 -4.94
N LYS B 344 35.03 -42.20 -3.82
CA LYS B 344 33.93 -43.14 -3.91
C LYS B 344 32.82 -42.53 -4.76
N SER B 345 32.17 -43.35 -5.58
CA SER B 345 31.19 -42.77 -6.49
C SER B 345 30.02 -42.21 -5.68
N PRO B 346 29.25 -41.28 -6.24
CA PRO B 346 28.14 -40.71 -5.45
C PRO B 346 27.06 -41.77 -5.22
N SER B 347 26.46 -41.74 -4.03
CA SER B 347 25.37 -42.66 -3.74
C SER B 347 24.06 -41.90 -3.56
N ALA B 348 22.96 -42.65 -3.59
CA ALA B 348 21.67 -42.06 -3.29
C ALA B 348 21.70 -41.32 -1.96
N ASP B 349 22.30 -41.93 -0.92
CA ASP B 349 22.25 -41.34 0.40
C ASP B 349 23.07 -40.06 0.49
N ASP B 350 24.29 -40.05 -0.07
CA ASP B 350 25.07 -38.83 0.14
C ASP B 350 24.74 -37.76 -0.88
N MET B 351 24.01 -38.08 -1.96
CA MET B 351 23.54 -37.04 -2.86
C MET B 351 22.26 -36.37 -2.37
N GLU B 352 21.46 -37.08 -1.57
CA GLU B 352 20.07 -36.66 -1.35
C GLU B 352 20.01 -35.26 -0.77
N VAL B 353 19.16 -34.43 -1.35
CA VAL B 353 18.68 -33.20 -0.74
C VAL B 353 17.15 -33.28 -0.70
N HIS B 354 16.57 -32.58 0.27
CA HIS B 354 15.13 -32.50 0.45
C HIS B 354 14.43 -32.04 -0.84
N LEU B 355 13.37 -32.74 -1.23
CA LEU B 355 12.54 -32.32 -2.36
C LEU B 355 11.39 -31.43 -1.86
N GLY B 356 11.22 -30.27 -2.48
CA GLY B 356 10.05 -29.47 -2.15
C GLY B 356 10.18 -28.69 -0.85
N THR B 357 9.03 -28.19 -0.38
CA THR B 357 9.01 -27.28 0.76
C THR B 357 8.19 -27.83 1.92
N ALA B 358 7.78 -29.09 1.84
CA ALA B 358 6.89 -29.71 2.81
C ALA B 358 7.71 -30.37 3.93
N PRO B 359 7.05 -30.90 4.98
CA PRO B 359 7.83 -31.51 6.08
C PRO B 359 8.56 -32.78 5.70
N VAL B 360 8.02 -33.54 4.75
CA VAL B 360 8.60 -34.80 4.29
C VAL B 360 8.93 -34.63 2.82
N PRO B 361 10.10 -35.11 2.33
CA PRO B 361 10.39 -34.99 0.88
C PRO B 361 9.30 -35.54 -0.01
N ASP B 362 8.68 -36.65 0.38
CA ASP B 362 7.66 -37.27 -0.45
C ASP B 362 6.44 -36.37 -0.59
N LEU B 363 6.17 -35.53 0.42
CA LEU B 363 5.00 -34.66 0.36
C LEU B 363 5.18 -33.54 -0.66
N GLY B 364 6.43 -33.14 -0.90
CA GLY B 364 6.75 -32.09 -1.85
C GLY B 364 7.23 -32.53 -3.20
N ALA B 365 7.31 -33.84 -3.45
CA ALA B 365 7.71 -34.35 -4.75
C ALA B 365 6.58 -34.13 -5.76
N THR B 366 6.90 -34.29 -7.03
CA THR B 366 5.95 -34.08 -8.13
C THR B 366 5.79 -35.37 -8.92
N PRO B 367 4.69 -36.11 -8.76
CA PRO B 367 3.60 -35.82 -7.81
C PRO B 367 3.96 -36.29 -6.40
N PRO B 368 3.17 -35.90 -5.40
CA PRO B 368 3.41 -36.40 -4.04
C PRO B 368 3.39 -37.92 -3.98
N ARG B 369 4.31 -38.48 -3.20
CA ARG B 369 4.38 -39.93 -2.98
C ARG B 369 3.78 -40.23 -1.61
N VAL B 370 2.63 -40.90 -1.60
CA VAL B 370 1.89 -41.13 -0.37
C VAL B 370 1.76 -42.64 -0.16
N LEU B 371 2.31 -43.12 0.94
CA LEU B 371 2.29 -44.53 1.32
C LEU B 371 2.78 -44.64 2.77
N PRO C 2 2.02 -32.76 43.55
CA PRO C 2 2.61 -31.47 43.88
C PRO C 2 2.21 -30.33 42.94
N ASP C 3 2.66 -29.13 43.30
CA ASP C 3 2.59 -27.94 42.48
C ASP C 3 3.88 -27.18 42.72
N LEU C 4 4.02 -25.99 42.11
CA LEU C 4 5.25 -25.23 42.29
C LEU C 4 5.59 -25.03 43.77
N ASN C 5 4.57 -24.79 44.60
CA ASN C 5 4.83 -24.48 46.00
C ASN C 5 5.27 -25.70 46.80
N SER C 6 4.80 -26.89 46.43
CA SER C 6 5.19 -28.10 47.17
C SER C 6 6.11 -29.02 46.37
N ILE C 7 6.75 -28.52 45.31
CA ILE C 7 7.48 -29.40 44.41
C ILE C 7 8.77 -29.92 45.01
N ALA C 8 9.35 -29.22 45.99
CA ALA C 8 10.64 -29.65 46.52
C ALA C 8 10.54 -30.84 47.46
N ALA C 9 9.34 -31.21 47.91
CA ALA C 9 9.20 -32.20 48.97
C ALA C 9 9.39 -33.62 48.46
N LEU C 10 10.12 -34.43 49.23
CA LEU C 10 10.39 -35.84 48.89
C LEU C 10 9.17 -36.70 49.17
N ARG C 11 8.76 -37.53 48.20
CA ARG C 11 7.58 -38.37 48.35
C ARG C 11 7.84 -39.77 47.83
N GLN C 12 7.40 -40.78 48.59
CA GLN C 12 7.43 -42.19 48.16
C GLN C 12 6.33 -42.42 47.14
N VAL C 13 6.58 -41.97 45.91
CA VAL C 13 5.64 -42.12 44.81
C VAL C 13 6.41 -42.55 43.57
N GLN C 14 5.83 -43.45 42.78
CA GLN C 14 6.37 -43.79 41.47
C GLN C 14 5.60 -43.06 40.37
N THR C 15 6.30 -42.66 39.32
CA THR C 15 5.68 -42.10 38.12
C THR C 15 5.74 -43.15 37.01
N ARG C 16 4.59 -43.41 36.40
CA ARG C 16 4.56 -44.27 35.22
C ARG C 16 3.88 -43.53 34.08
N SER C 17 4.12 -44.01 32.86
CA SER C 17 3.60 -43.32 31.69
C SER C 17 3.24 -44.33 30.62
N ILE C 18 2.00 -44.26 30.14
CA ILE C 18 1.47 -45.18 29.13
C ILE C 18 1.47 -44.46 27.79
N SER C 19 2.12 -45.05 26.78
CA SER C 19 2.10 -44.47 25.45
C SER C 19 2.12 -45.59 24.42
N PRO C 20 1.99 -45.32 23.12
CA PRO C 20 2.16 -46.40 22.13
C PRO C 20 3.54 -47.05 22.17
N GLU C 21 4.52 -46.43 22.83
CA GLU C 21 5.85 -47.00 22.99
C GLU C 21 6.01 -47.75 24.31
N ASN C 22 4.97 -47.73 25.14
CA ASN C 22 4.90 -48.51 26.38
C ASN C 22 3.43 -48.69 26.74
N PHE C 23 2.77 -49.65 26.09
CA PHE C 23 1.32 -49.76 26.14
C PHE C 23 0.81 -49.99 27.55
N ASP C 24 1.56 -50.73 28.37
CA ASP C 24 1.16 -51.09 29.73
C ASP C 24 1.78 -50.21 30.79
N GLY C 25 2.78 -49.41 30.45
CA GLY C 25 3.43 -48.52 31.39
C GLY C 25 4.41 -49.18 32.31
N THR C 26 4.82 -50.41 32.04
CA THR C 26 5.64 -51.13 32.99
C THR C 26 7.03 -50.51 33.05
N ALA C 27 7.68 -50.69 34.20
CA ALA C 27 9.05 -50.25 34.37
C ALA C 27 9.97 -50.94 33.36
N GLY C 28 10.86 -50.19 32.75
CA GLY C 28 11.73 -50.77 31.75
C GLY C 28 11.04 -51.33 30.53
N GLY C 29 9.78 -50.96 30.29
CA GLY C 29 8.99 -51.53 29.20
C GLY C 29 8.89 -50.70 27.95
N GLY C 30 9.56 -49.54 27.91
CA GLY C 30 9.40 -48.59 26.81
C GLY C 30 10.33 -48.85 25.64
N GLY C 31 9.90 -48.45 24.46
CA GLY C 31 10.73 -48.53 23.28
C GLY C 31 11.19 -49.91 22.89
N ARG C 32 10.41 -50.96 23.20
CA ARG C 32 10.77 -52.34 22.85
C ARG C 32 10.21 -52.80 21.52
N ALA C 33 9.25 -52.08 20.95
CA ALA C 33 8.45 -52.64 19.87
C ALA C 33 9.29 -52.96 18.65
N THR C 34 8.94 -54.04 17.96
CA THR C 34 9.52 -54.37 16.67
C THR C 34 8.50 -54.22 15.56
N GLU C 35 7.25 -53.97 15.90
CA GLU C 35 6.19 -53.65 14.95
C GLU C 35 5.45 -52.43 15.46
N GLY C 36 4.84 -51.68 14.54
CA GLY C 36 4.14 -50.47 14.92
C GLY C 36 4.02 -49.52 13.74
N THR C 37 3.46 -48.34 14.02
CA THR C 37 3.14 -47.41 12.96
C THR C 37 4.36 -46.78 12.32
N GLY C 38 5.53 -46.89 12.94
CA GLY C 38 6.75 -46.32 12.41
C GLY C 38 7.80 -47.35 12.03
N ALA C 39 7.45 -48.64 11.99
CA ALA C 39 8.45 -49.66 11.71
C ALA C 39 9.07 -49.47 10.32
N ASP C 40 8.23 -49.22 9.30
CA ASP C 40 8.71 -48.96 7.95
C ASP C 40 9.59 -47.71 7.91
N CYS C 41 9.13 -46.62 8.54
CA CYS C 41 9.93 -45.42 8.66
C CYS C 41 11.33 -45.70 9.21
N ALA C 42 11.47 -46.75 10.00
CA ALA C 42 12.74 -47.06 10.64
C ALA C 42 13.43 -48.28 10.02
N ARG C 43 13.07 -48.66 8.79
CA ARG C 43 13.59 -49.91 8.21
C ARG C 43 15.11 -49.90 8.15
N ASP C 44 15.71 -48.76 7.81
CA ASP C 44 17.16 -48.72 7.76
C ASP C 44 17.79 -48.61 9.13
N LEU C 45 17.00 -48.29 10.16
CA LEU C 45 17.53 -47.98 11.49
C LEU C 45 17.34 -49.11 12.49
N GLY C 46 16.17 -49.75 12.50
CA GLY C 46 15.91 -50.86 13.39
C GLY C 46 15.28 -50.44 14.71
N PRO C 47 15.06 -51.42 15.60
CA PRO C 47 14.24 -51.17 16.81
C PRO C 47 14.85 -50.12 17.73
N GLY C 48 13.97 -49.43 18.46
CA GLY C 48 14.37 -48.36 19.35
C GLY C 48 14.44 -47.01 18.68
N TRP C 49 14.03 -46.90 17.42
CA TRP C 49 14.04 -45.64 16.69
C TRP C 49 12.61 -45.36 16.22
N LYS C 50 11.76 -44.93 17.16
CA LYS C 50 10.38 -44.56 16.88
C LYS C 50 9.65 -45.65 16.09
N ILE C 51 9.57 -46.84 16.69
CA ILE C 51 8.89 -47.96 16.03
C ILE C 51 7.37 -47.85 16.20
N SER C 52 6.91 -47.27 17.32
CA SER C 52 5.50 -47.34 17.70
C SER C 52 5.06 -46.04 18.37
N PRO C 53 5.03 -44.91 17.63
CA PRO C 53 4.61 -43.64 18.23
C PRO C 53 3.11 -43.42 18.29
N SER C 54 2.32 -44.15 17.51
CA SER C 54 0.91 -43.88 17.41
C SER C 54 0.17 -45.20 17.27
N VAL C 55 -1.17 -45.12 17.19
CA VAL C 55 -2.02 -46.26 16.92
C VAL C 55 -3.06 -45.84 15.89
N ASP C 56 -3.45 -46.79 15.04
CA ASP C 56 -4.54 -46.58 14.09
C ASP C 56 -5.79 -47.24 14.65
N ILE C 57 -6.85 -46.46 14.83
CA ILE C 57 -8.14 -46.96 15.30
C ILE C 57 -9.07 -47.05 14.11
N LYS C 58 -9.62 -48.23 13.86
CA LYS C 58 -10.39 -48.45 12.66
C LYS C 58 -11.77 -47.81 12.82
N ALA C 59 -12.35 -47.44 11.67
CA ALA C 59 -13.69 -46.86 11.66
C ALA C 59 -14.64 -47.72 12.48
N GLY C 60 -15.40 -47.06 13.36
CA GLY C 60 -16.42 -47.69 14.16
C GLY C 60 -15.94 -48.30 15.45
N GLU C 61 -14.64 -48.49 15.61
CA GLU C 61 -14.12 -49.28 16.71
C GLU C 61 -13.65 -48.41 17.87
N THR C 62 -13.38 -49.06 19.00
CA THR C 62 -12.97 -48.42 20.25
C THR C 62 -11.60 -48.95 20.62
N PHE C 63 -10.71 -48.04 21.01
CA PHE C 63 -9.36 -48.40 21.41
C PHE C 63 -9.18 -48.12 22.90
N GLU C 64 -8.42 -48.97 23.58
CA GLU C 64 -8.14 -48.79 25.00
C GLU C 64 -6.83 -48.04 25.18
N LEU C 65 -6.91 -46.75 25.52
CA LEU C 65 -5.67 -45.98 25.69
C LEU C 65 -4.86 -46.47 26.88
N ALA C 66 -5.53 -46.72 28.00
CA ALA C 66 -4.81 -47.03 29.22
C ALA C 66 -5.65 -47.96 30.09
N SER C 67 -5.03 -49.00 30.61
CA SER C 67 -5.65 -49.87 31.61
C SER C 67 -4.68 -50.01 32.77
N ILE C 68 -5.00 -49.35 33.89
CA ILE C 68 -4.15 -49.33 35.08
C ILE C 68 -4.82 -50.18 36.15
N GLU C 69 -4.03 -50.99 36.84
CA GLU C 69 -4.55 -51.76 37.95
C GLU C 69 -4.15 -51.09 39.26
N GLY C 70 -4.95 -51.32 40.29
CA GLY C 70 -4.62 -50.79 41.60
C GLY C 70 -5.01 -49.34 41.74
N ALA C 71 -4.46 -48.74 42.79
CA ALA C 71 -4.73 -47.35 43.11
C ALA C 71 -3.73 -46.44 42.40
N GLY C 72 -4.19 -45.27 42.01
CA GLY C 72 -3.31 -44.30 41.36
C GLY C 72 -4.02 -43.00 41.06
N LYS C 73 -3.29 -42.09 40.44
CA LYS C 73 -3.79 -40.78 40.06
C LYS C 73 -3.17 -40.37 38.74
N ILE C 74 -3.99 -40.15 37.72
CA ILE C 74 -3.52 -39.60 36.46
C ILE C 74 -3.16 -38.13 36.66
N THR C 75 -1.90 -37.77 36.34
CA THR C 75 -1.45 -36.41 36.52
C THR C 75 -1.30 -35.61 35.23
N HIS C 76 -1.23 -36.28 34.08
CA HIS C 76 -1.09 -35.53 32.82
C HIS C 76 -1.46 -36.45 31.68
N ILE C 77 -2.35 -35.97 30.82
CA ILE C 77 -2.66 -36.62 29.56
C ILE C 77 -2.22 -35.67 28.46
N TRP C 78 -1.43 -36.19 27.52
CA TRP C 78 -1.18 -35.51 26.26
C TRP C 78 -1.75 -36.39 25.15
N ILE C 79 -2.36 -35.76 24.13
CA ILE C 79 -2.93 -36.52 23.03
C ILE C 79 -3.10 -35.61 21.82
N THR C 80 -2.94 -36.18 20.62
CA THR C 80 -3.27 -35.45 19.39
C THR C 80 -3.82 -36.41 18.35
N THR C 81 -4.47 -35.82 17.35
CA THR C 81 -5.14 -36.43 16.21
C THR C 81 -5.56 -35.27 15.31
N HIS C 82 -5.67 -35.52 14.00
CA HIS C 82 -5.99 -34.41 13.09
C HIS C 82 -7.34 -33.79 13.42
N THR C 83 -7.49 -32.51 13.10
CA THR C 83 -8.70 -31.76 13.41
C THR C 83 -9.96 -32.44 12.89
N ASP C 84 -9.87 -33.18 11.77
CA ASP C 84 -11.04 -33.85 11.23
C ASP C 84 -11.69 -34.80 12.22
N ASN C 85 -10.97 -35.25 13.24
CA ASN C 85 -11.50 -36.22 14.20
C ASN C 85 -11.95 -35.60 15.51
N TRP C 86 -11.87 -34.27 15.67
CA TRP C 86 -12.13 -33.71 17.00
C TRP C 86 -13.58 -33.88 17.43
N ARG C 87 -14.51 -33.97 16.47
CA ARG C 87 -15.91 -34.19 16.82
C ARG C 87 -16.43 -35.54 16.33
N THR C 88 -15.53 -36.50 16.12
CA THR C 88 -15.95 -37.86 15.79
C THR C 88 -15.45 -38.88 16.81
N LEU C 89 -14.57 -38.48 17.73
CA LEU C 89 -13.96 -39.36 18.72
C LEU C 89 -14.55 -39.06 20.09
N ILE C 90 -14.75 -40.11 20.88
CA ILE C 90 -15.36 -39.99 22.20
C ILE C 90 -14.37 -40.50 23.23
N LEU C 91 -14.00 -39.62 24.17
CA LEU C 91 -13.02 -39.95 25.18
C LEU C 91 -13.77 -40.40 26.43
N ARG C 92 -13.51 -41.62 26.89
CA ARG C 92 -14.15 -42.15 28.10
C ARG C 92 -13.12 -42.56 29.14
N ALA C 93 -13.52 -42.45 30.41
CA ALA C 93 -12.73 -42.90 31.55
C ALA C 93 -13.64 -43.69 32.48
N PHE C 94 -13.18 -44.88 32.89
CA PHE C 94 -13.88 -45.74 33.85
C PHE C 94 -12.99 -45.93 35.06
N TRP C 95 -13.54 -45.68 36.25
CA TRP C 95 -12.78 -45.79 37.49
C TRP C 95 -13.22 -47.01 38.27
N ASP C 96 -12.25 -47.65 38.96
CA ASP C 96 -12.51 -48.68 39.96
C ASP C 96 -13.34 -49.84 39.40
N GLY C 97 -13.12 -50.16 38.13
CA GLY C 97 -13.80 -51.27 37.49
C GLY C 97 -15.25 -51.04 37.11
N ALA C 98 -15.78 -49.84 37.35
CA ALA C 98 -17.18 -49.57 37.09
C ALA C 98 -17.52 -49.86 35.64
N ASP C 99 -18.80 -50.15 35.39
CA ASP C 99 -19.26 -50.52 34.06
C ASP C 99 -19.53 -49.31 33.20
N GLU C 100 -19.95 -48.26 33.79
CA GLU C 100 -20.30 -46.98 33.22
C GLU C 100 -19.13 -46.01 33.36
N PRO C 101 -18.98 -45.12 32.39
CA PRO C 101 -17.90 -44.15 32.42
C PRO C 101 -18.24 -42.97 33.32
N ALA C 102 -17.20 -42.42 33.93
CA ALA C 102 -17.33 -41.13 34.61
C ALA C 102 -17.06 -39.97 33.66
N VAL C 103 -16.19 -40.17 32.68
CA VAL C 103 -15.89 -39.20 31.64
C VAL C 103 -16.47 -39.73 30.34
N GLU C 104 -17.21 -38.88 29.62
CA GLU C 104 -17.83 -39.29 28.35
C GLU C 104 -18.04 -38.03 27.52
N VAL C 105 -17.01 -37.68 26.77
CA VAL C 105 -16.89 -36.35 26.18
C VAL C 105 -16.39 -36.51 24.75
N PRO C 106 -16.96 -35.81 23.78
CA PRO C 106 -16.30 -35.69 22.48
C PRO C 106 -14.88 -35.18 22.69
N TYR C 107 -13.96 -35.69 21.87
CA TYR C 107 -12.54 -35.48 22.10
C TYR C 107 -12.18 -33.99 22.13
N GLY C 108 -12.66 -33.22 21.15
CA GLY C 108 -12.25 -31.82 21.06
C GLY C 108 -12.71 -30.99 22.25
N ASP C 109 -13.92 -31.26 22.75
CA ASP C 109 -14.49 -30.43 23.80
C ASP C 109 -13.74 -30.54 25.10
N PHE C 110 -13.16 -31.71 25.39
CA PHE C 110 -12.44 -31.89 26.66
C PHE C 110 -11.25 -30.96 26.75
N PHE C 111 -10.73 -30.49 25.62
CA PHE C 111 -9.63 -29.54 25.59
C PHE C 111 -10.08 -28.21 24.99
N CYS C 112 -11.37 -27.87 25.15
CA CYS C 112 -11.88 -26.55 24.82
C CYS C 112 -11.79 -26.28 23.34
N ASN C 113 -11.85 -27.33 22.53
CA ASN C 113 -11.69 -27.22 21.10
C ASN C 113 -12.76 -28.05 20.40
N GLY C 114 -14.02 -27.74 20.71
CA GLY C 114 -15.15 -28.50 20.19
C GLY C 114 -15.61 -28.14 18.80
N TRP C 115 -14.97 -27.17 18.15
CA TRP C 115 -15.38 -26.73 16.82
C TRP C 115 -14.49 -27.24 15.70
N GLY C 116 -13.47 -28.06 16.01
CA GLY C 116 -12.61 -28.60 14.98
C GLY C 116 -11.64 -27.61 14.36
N VAL C 117 -11.47 -26.45 14.98
CA VAL C 117 -10.58 -25.38 14.51
C VAL C 117 -9.68 -25.02 15.68
N PHE C 118 -8.37 -25.15 15.51
CA PHE C 118 -7.48 -25.03 16.65
C PHE C 118 -7.60 -23.66 17.30
N ALA C 119 -7.73 -23.65 18.62
CA ALA C 119 -7.68 -22.43 19.40
C ALA C 119 -6.71 -22.65 20.55
N GLN C 120 -5.79 -21.69 20.74
CA GLN C 120 -4.81 -21.74 21.79
C GLN C 120 -5.47 -21.58 23.16
N VAL C 121 -5.13 -22.47 24.10
CA VAL C 121 -5.67 -22.41 25.45
C VAL C 121 -4.48 -22.39 26.41
N ASN C 122 -4.36 -21.32 27.20
CA ASN C 122 -3.22 -21.13 28.09
C ASN C 122 -3.57 -21.31 29.57
N SER C 123 -4.44 -22.25 29.90
CA SER C 123 -5.02 -22.30 31.23
C SER C 123 -4.24 -23.27 32.11
N GLN C 124 -4.64 -23.31 33.40
CA GLN C 124 -4.00 -24.17 34.39
C GLN C 124 -4.26 -25.65 34.11
N ALA C 125 -5.55 -26.01 33.89
CA ALA C 125 -5.97 -27.41 33.79
C ALA C 125 -5.87 -27.96 32.38
N ILE C 126 -6.11 -27.11 31.38
CA ILE C 126 -6.06 -27.49 29.97
C ILE C 126 -5.04 -26.60 29.26
N ALA C 127 -4.14 -27.22 28.51
CA ALA C 127 -3.22 -26.51 27.64
C ALA C 127 -3.36 -27.12 26.25
N ALA C 128 -3.82 -26.34 25.30
CA ALA C 128 -3.97 -26.76 23.91
C ALA C 128 -3.02 -25.91 23.08
N ASN C 129 -2.01 -26.55 22.48
CA ASN C 129 -0.88 -25.87 21.89
C ASN C 129 -0.77 -26.15 20.39
N PRO C 130 -0.02 -25.35 19.65
CA PRO C 130 0.22 -25.63 18.21
C PRO C 130 0.79 -27.02 17.99
N HIS C 131 0.20 -27.78 17.07
CA HIS C 131 -1.10 -27.54 16.46
C HIS C 131 -2.01 -28.70 16.86
N GLY C 132 -2.99 -28.48 17.75
CA GLY C 132 -3.79 -29.58 18.27
C GLY C 132 -3.08 -30.43 19.32
N GLY C 133 -2.09 -29.86 20.03
CA GLY C 133 -1.45 -30.55 21.14
C GLY C 133 -2.27 -30.36 22.40
N PHE C 134 -2.99 -31.39 22.81
CA PHE C 134 -4.05 -31.28 23.81
C PHE C 134 -3.55 -31.84 25.14
N ASN C 135 -3.59 -31.02 26.18
CA ASN C 135 -2.99 -31.38 27.47
C ASN C 135 -4.01 -31.22 28.58
N SER C 136 -4.20 -32.28 29.36
CA SER C 136 -5.05 -32.22 30.54
C SER C 136 -4.20 -32.50 31.78
N TYR C 137 -4.21 -31.56 32.72
CA TYR C 137 -3.57 -31.72 34.01
C TYR C 137 -4.58 -31.90 35.14
N TRP C 138 -5.88 -32.04 34.83
CA TRP C 138 -6.87 -32.45 35.82
C TRP C 138 -6.36 -33.67 36.57
N PRO C 139 -6.18 -33.62 37.89
CA PRO C 139 -5.81 -34.86 38.61
C PRO C 139 -7.01 -35.80 38.61
N MET C 140 -6.79 -37.07 38.24
CA MET C 140 -7.84 -38.08 38.22
C MET C 140 -7.45 -39.24 39.11
N PRO C 141 -7.82 -39.21 40.40
CA PRO C 141 -7.44 -40.30 41.31
C PRO C 141 -8.42 -41.45 41.23
N PHE C 142 -7.90 -42.65 41.53
CA PHE C 142 -8.71 -43.86 41.54
C PHE C 142 -8.15 -44.84 42.57
N ARG C 143 -8.99 -45.78 43.02
CA ARG C 143 -8.64 -46.66 44.12
C ARG C 143 -8.49 -48.14 43.72
N ASP C 144 -9.11 -48.56 42.63
CA ASP C 144 -9.11 -49.95 42.25
C ASP C 144 -9.17 -50.05 40.73
N GLY C 145 -8.21 -49.43 40.04
CA GLY C 145 -8.07 -49.55 38.61
C GLY C 145 -8.65 -48.39 37.83
N ALA C 146 -8.23 -48.28 36.57
CA ALA C 146 -8.72 -47.24 35.66
C ALA C 146 -8.56 -47.70 34.22
N ARG C 147 -9.60 -47.47 33.39
CA ARG C 147 -9.55 -47.64 31.94
C ARG C 147 -9.89 -46.33 31.25
N LEU C 148 -9.03 -45.92 30.31
CA LEU C 148 -9.32 -44.84 29.37
C LEU C 148 -9.54 -45.45 28.00
N THR C 149 -10.64 -45.11 27.36
CA THR C 149 -10.89 -45.58 26.00
C THR C 149 -11.18 -44.39 25.09
N ILE C 150 -11.09 -44.64 23.79
CA ILE C 150 -11.34 -43.63 22.77
C ILE C 150 -12.06 -44.31 21.61
N GLU C 151 -13.22 -43.79 21.24
CA GLU C 151 -14.11 -44.47 20.30
C GLU C 151 -14.16 -43.67 19.01
N ASN C 152 -13.83 -44.33 17.90
CA ASN C 152 -13.88 -43.72 16.59
C ASN C 152 -15.26 -43.99 15.99
N THR C 153 -16.16 -42.98 16.09
CA THR C 153 -17.51 -43.09 15.52
C THR C 153 -17.59 -42.72 14.03
N SER C 154 -16.48 -42.37 13.38
CA SER C 154 -16.44 -42.00 11.98
C SER C 154 -16.29 -43.21 11.07
N VAL C 155 -16.46 -42.97 9.76
CA VAL C 155 -16.35 -44.02 8.75
C VAL C 155 -14.93 -44.05 8.17
N VAL C 156 -13.98 -43.39 8.83
CA VAL C 156 -12.59 -43.49 8.42
C VAL C 156 -11.77 -44.02 9.59
N ASP C 157 -10.63 -44.63 9.26
CA ASP C 157 -9.64 -44.97 10.28
C ASP C 157 -8.93 -43.72 10.76
N VAL C 158 -8.61 -43.68 12.05
CA VAL C 158 -7.96 -42.50 12.61
C VAL C 158 -6.68 -42.91 13.34
N ARG C 159 -5.74 -41.98 13.36
CA ARG C 159 -4.45 -42.12 14.02
C ARG C 159 -4.45 -41.23 15.25
N VAL C 160 -3.98 -41.76 16.38
CA VAL C 160 -3.96 -41.02 17.63
C VAL C 160 -2.60 -41.21 18.28
N TYR C 161 -2.00 -40.11 18.73
CA TYR C 161 -0.81 -40.17 19.57
C TYR C 161 -1.23 -39.83 20.99
N TYR C 162 -0.68 -40.53 21.99
CA TYR C 162 -1.10 -40.25 23.35
C TYR C 162 0.03 -40.54 24.33
N GLN C 163 -0.09 -39.94 25.51
CA GLN C 163 0.88 -40.08 26.59
C GLN C 163 0.12 -39.87 27.88
N VAL C 164 -0.14 -40.94 28.62
CA VAL C 164 -0.93 -40.90 29.83
C VAL C 164 0.01 -41.16 31.00
N THR C 165 0.32 -40.10 31.76
CA THR C 165 1.26 -40.14 32.87
C THR C 165 0.51 -40.12 34.20
N TYR C 166 0.93 -40.97 35.13
CA TYR C 166 0.16 -41.16 36.36
C TYR C 166 1.11 -41.51 37.50
N GLU C 167 0.59 -41.47 38.73
CA GLU C 167 1.37 -41.77 39.91
C GLU C 167 0.79 -42.95 40.66
N ILE C 168 1.69 -43.67 41.36
CA ILE C 168 1.34 -44.80 42.20
C ILE C 168 1.95 -44.57 43.57
N GLY C 169 1.23 -45.00 44.61
CA GLY C 169 1.67 -44.74 45.96
C GLY C 169 1.06 -43.44 46.41
N GLY C 170 0.57 -43.37 47.63
CA GLY C 170 -0.23 -42.22 48.00
C GLY C 170 -1.68 -42.64 48.08
N ASP C 171 -2.36 -42.20 49.13
CA ASP C 171 -3.66 -42.75 49.46
C ASP C 171 -4.75 -41.89 48.84
N HIS C 172 -5.71 -42.55 48.18
CA HIS C 172 -6.78 -41.87 47.47
C HIS C 172 -8.15 -42.21 48.07
N SER C 173 -8.18 -42.67 49.30
CA SER C 173 -9.44 -43.04 49.94
C SER C 173 -10.31 -41.83 50.28
N ASN C 174 -9.72 -40.64 50.38
CA ASN C 174 -10.52 -39.42 50.51
C ASN C 174 -10.40 -38.50 49.29
N ASP C 175 -9.99 -39.05 48.14
CA ASP C 175 -9.98 -38.31 46.87
C ASP C 175 -11.24 -38.64 46.07
N ALA C 176 -11.90 -37.60 45.57
CA ALA C 176 -13.06 -37.79 44.71
C ALA C 176 -12.63 -38.28 43.35
N TYR C 177 -13.58 -38.82 42.58
CA TYR C 177 -13.32 -39.19 41.21
C TYR C 177 -13.65 -38.04 40.25
N PHE C 178 -12.89 -37.96 39.16
CA PHE C 178 -13.11 -36.96 38.12
C PHE C 178 -14.16 -37.44 37.14
N HIS C 179 -15.13 -36.58 36.85
CA HIS C 179 -16.23 -36.83 35.93
C HIS C 179 -16.26 -35.73 34.88
N ALA C 180 -16.82 -36.04 33.71
CA ALA C 180 -17.05 -35.02 32.71
C ALA C 180 -18.16 -35.48 31.77
N GLN C 181 -19.08 -34.56 31.45
CA GLN C 181 -20.28 -34.87 30.69
C GLN C 181 -20.56 -33.78 29.66
N TRP C 182 -21.11 -34.19 28.53
CA TRP C 182 -21.35 -33.35 27.37
C TRP C 182 -22.82 -33.38 26.96
N ARG C 183 -23.39 -32.20 26.71
CA ARG C 183 -24.76 -32.10 26.19
C ARG C 183 -24.83 -31.01 25.11
N ARG C 184 -25.52 -31.30 24.02
CA ARG C 184 -25.68 -30.34 22.95
C ARG C 184 -27.15 -30.08 22.66
N SER C 185 -27.51 -28.80 22.52
CA SER C 185 -28.82 -28.38 22.03
C SER C 185 -28.62 -27.66 20.71
N ASN C 186 -29.19 -28.20 19.65
CA ASN C 186 -29.01 -27.61 18.33
C ASN C 186 -30.21 -27.91 17.44
N PRO C 187 -31.13 -26.96 17.24
CA PRO C 187 -31.25 -25.71 18.00
C PRO C 187 -31.89 -25.91 19.37
N LEU C 188 -31.49 -25.08 20.33
CA LEU C 188 -32.17 -25.03 21.62
C LEU C 188 -33.64 -24.68 21.44
N GLU C 189 -34.51 -25.36 22.18
CA GLU C 189 -35.93 -25.08 22.10
C GLU C 189 -36.25 -23.72 22.69
N GLU C 190 -37.34 -23.12 22.19
CA GLU C 190 -37.71 -21.78 22.64
C GLU C 190 -37.83 -21.73 24.15
N LEU C 191 -37.34 -20.63 24.73
CA LEU C 191 -37.56 -20.31 26.15
C LEU C 191 -37.19 -21.48 27.05
N THR C 192 -36.16 -22.23 26.70
CA THR C 192 -35.74 -23.40 27.47
C THR C 192 -34.27 -23.26 27.83
N PRO C 193 -33.92 -23.28 29.12
CA PRO C 193 -32.49 -23.25 29.47
C PRO C 193 -31.78 -24.46 28.90
N HIS C 194 -30.51 -24.27 28.57
CA HIS C 194 -29.66 -25.36 28.11
C HIS C 194 -29.17 -26.14 29.31
N VAL C 195 -29.43 -27.44 29.34
CA VAL C 195 -29.03 -28.25 30.48
C VAL C 195 -27.55 -28.56 30.38
N ILE C 196 -26.83 -28.34 31.47
CA ILE C 196 -25.40 -28.61 31.52
C ILE C 196 -25.09 -29.84 32.36
N LEU C 197 -25.91 -30.12 33.38
CA LEU C 197 -25.75 -31.19 34.35
C LEU C 197 -27.12 -31.43 34.96
N GLU C 198 -27.44 -32.70 35.22
CA GLU C 198 -28.77 -33.03 35.75
C GLU C 198 -28.73 -34.28 36.61
N GLY C 199 -29.26 -34.18 37.83
CA GLY C 199 -29.47 -35.36 38.65
C GLY C 199 -28.22 -36.07 39.13
N ILE C 200 -27.17 -35.34 39.45
CA ILE C 200 -25.97 -35.97 40.00
C ILE C 200 -26.21 -36.25 41.49
N GLU C 201 -25.94 -37.48 41.92
CA GLU C 201 -26.07 -37.84 43.33
C GLU C 201 -24.71 -38.14 43.93
N GLY C 202 -24.49 -37.62 45.12
CA GLY C 202 -23.26 -37.83 45.87
C GLY C 202 -22.70 -36.55 46.42
N GLU C 203 -21.58 -36.68 47.12
CA GLU C 203 -20.85 -35.53 47.63
C GLU C 203 -19.75 -35.19 46.63
N GLY C 204 -19.61 -33.90 46.31
CA GLY C 204 -18.56 -33.51 45.39
C GLY C 204 -18.46 -32.01 45.20
N HIS C 205 -17.83 -31.62 44.09
CA HIS C 205 -17.75 -30.22 43.71
C HIS C 205 -17.64 -30.07 42.19
N TYR C 206 -18.39 -29.11 41.68
CA TYR C 206 -18.34 -28.70 40.28
C TYR C 206 -17.08 -27.87 40.07
N VAL C 207 -16.29 -28.21 39.04
CA VAL C 207 -14.99 -27.58 38.86
C VAL C 207 -14.76 -27.02 37.47
N GLY C 208 -15.71 -27.18 36.52
CA GLY C 208 -15.46 -26.66 35.19
C GLY C 208 -16.60 -26.64 34.20
N THR C 209 -16.56 -25.69 33.26
CA THR C 209 -17.51 -25.59 32.16
C THR C 209 -16.75 -25.16 30.91
N TYR C 210 -16.97 -25.87 29.81
CA TYR C 210 -16.58 -25.37 28.49
C TYR C 210 -17.82 -25.38 27.61
N ILE C 211 -18.06 -24.29 26.92
CA ILE C 211 -19.23 -24.20 26.05
C ILE C 211 -18.77 -23.80 24.65
N ALA C 212 -19.27 -24.51 23.66
CA ALA C 212 -19.16 -24.13 22.26
C ALA C 212 -20.53 -23.62 21.83
N TRP C 213 -20.58 -22.35 21.42
CA TRP C 213 -21.83 -21.63 21.20
C TRP C 213 -21.83 -21.02 19.80
N GLY C 214 -22.79 -21.44 18.96
CA GLY C 214 -22.98 -20.88 17.63
C GLY C 214 -24.28 -20.08 17.61
N VAL C 215 -24.20 -18.85 17.11
CA VAL C 215 -25.30 -17.89 17.26
C VAL C 215 -26.15 -17.89 16.01
N ASN C 216 -27.47 -17.94 16.20
CA ASN C 216 -28.42 -17.90 15.09
C ASN C 216 -29.27 -16.64 15.12
N SER C 217 -28.93 -15.67 15.95
CA SER C 217 -29.58 -14.37 15.95
C SER C 217 -28.49 -13.31 15.87
N ASN C 218 -28.85 -12.12 15.38
CA ASN C 218 -27.94 -10.98 15.33
C ASN C 218 -27.92 -10.29 16.71
N GLY C 219 -26.99 -9.36 16.88
CA GLY C 219 -26.88 -8.64 18.14
C GLY C 219 -26.10 -9.44 19.17
N TRP C 220 -26.09 -8.93 20.40
CA TRP C 220 -25.40 -9.63 21.49
C TRP C 220 -26.21 -10.83 21.95
N TRP C 221 -25.51 -11.95 22.15
CA TRP C 221 -26.15 -13.24 22.35
C TRP C 221 -25.96 -13.80 23.75
N GLY C 222 -25.33 -13.04 24.64
CA GLY C 222 -24.83 -13.60 25.89
C GLY C 222 -25.42 -13.01 27.16
N GLU C 223 -26.70 -12.61 27.10
CA GLU C 223 -27.37 -12.12 28.29
C GLU C 223 -27.71 -13.24 29.29
N GLY C 224 -27.84 -14.47 28.81
CA GLY C 224 -28.43 -15.54 29.62
C GLY C 224 -27.60 -15.90 30.83
N GLU C 225 -28.30 -16.26 31.92
CA GLU C 225 -27.67 -16.57 33.21
C GLU C 225 -27.47 -18.08 33.40
N ILE C 226 -26.39 -18.43 34.06
CA ILE C 226 -26.16 -19.80 34.52
C ILE C 226 -26.76 -19.94 35.92
N LYS C 227 -27.25 -21.14 36.24
CA LYS C 227 -27.87 -21.40 37.53
C LYS C 227 -27.39 -22.75 38.05
N PHE C 228 -26.87 -22.79 39.27
CA PHE C 228 -26.51 -24.05 39.92
C PHE C 228 -27.57 -24.37 40.98
N TYR C 229 -28.26 -25.50 40.79
CA TYR C 229 -29.23 -26.01 41.75
C TYR C 229 -28.53 -27.10 42.57
N LEU C 230 -28.22 -26.82 43.83
CA LEU C 230 -27.40 -27.72 44.64
C LEU C 230 -28.22 -28.35 45.75
N ASP C 231 -27.91 -29.63 46.03
CA ASP C 231 -28.43 -30.34 47.20
C ASP C 231 -29.96 -30.34 47.24
N ASP C 232 -30.54 -29.62 48.20
CA ASP C 232 -31.98 -29.65 48.38
C ASP C 232 -32.73 -28.74 47.44
N ASP C 233 -32.04 -27.92 46.64
CA ASP C 233 -32.70 -27.02 45.71
C ASP C 233 -33.71 -27.77 44.86
N THR C 234 -34.82 -27.10 44.56
CA THR C 234 -35.82 -27.62 43.65
C THR C 234 -36.13 -26.62 42.54
N ASP C 235 -37.02 -25.67 42.83
CA ASP C 235 -37.48 -24.74 41.81
C ASP C 235 -36.60 -23.49 41.68
N HIS C 236 -35.60 -23.31 42.56
CA HIS C 236 -34.73 -22.13 42.51
C HIS C 236 -33.29 -22.45 42.91
N PRO C 237 -32.31 -21.87 42.23
CA PRO C 237 -30.91 -22.25 42.47
C PRO C 237 -30.31 -21.60 43.72
N THR C 238 -29.20 -22.21 44.19
CA THR C 238 -28.39 -21.61 45.24
C THR C 238 -27.50 -20.51 44.67
N ILE C 239 -27.01 -20.72 43.43
CA ILE C 239 -26.12 -19.80 42.75
C ILE C 239 -26.75 -19.39 41.42
N CYS C 240 -26.89 -18.08 41.23
CA CYS C 240 -27.47 -17.48 40.04
C CYS C 240 -26.48 -16.44 39.52
N GLY C 241 -25.92 -16.66 38.33
CA GLY C 241 -25.05 -15.69 37.70
C GLY C 241 -25.84 -14.60 36.97
N THR C 242 -25.10 -13.64 36.43
CA THR C 242 -25.71 -12.45 35.84
C THR C 242 -25.59 -12.36 34.31
N GLY C 243 -24.92 -13.31 33.64
CA GLY C 243 -24.75 -13.26 32.21
C GLY C 243 -23.83 -14.35 31.71
N THR C 244 -23.84 -14.53 30.38
CA THR C 244 -23.02 -15.59 29.77
C THR C 244 -21.56 -15.19 29.75
N GLU C 245 -21.26 -13.97 29.27
CA GLU C 245 -19.88 -13.52 29.33
C GLU C 245 -19.46 -13.28 30.76
N ASP C 246 -20.41 -12.84 31.62
CA ASP C 246 -20.08 -12.61 33.02
C ASP C 246 -19.58 -13.90 33.67
N TYR C 247 -20.25 -15.01 33.39
CA TYR C 247 -19.86 -16.28 33.99
C TYR C 247 -18.47 -16.68 33.55
N PHE C 248 -18.11 -16.39 32.30
CA PHE C 248 -16.78 -16.72 31.79
C PHE C 248 -15.77 -15.62 32.06
N GLY C 249 -16.01 -14.79 33.07
CA GLY C 249 -15.02 -13.82 33.51
C GLY C 249 -14.92 -12.57 32.67
N GLY C 250 -15.72 -12.47 31.60
CA GLY C 250 -15.74 -11.31 30.74
C GLY C 250 -16.78 -10.30 31.20
N ALA C 251 -17.01 -9.32 30.35
CA ALA C 251 -18.00 -8.29 30.62
C ALA C 251 -18.28 -7.57 29.32
N TRP C 252 -19.48 -6.98 29.22
CA TRP C 252 -19.84 -6.08 28.12
C TRP C 252 -19.57 -6.74 26.78
N ASN C 253 -20.10 -7.94 26.60
CA ASN C 253 -20.13 -8.67 25.33
C ASN C 253 -18.76 -9.14 24.84
N PHE C 254 -17.71 -9.15 25.70
CA PHE C 254 -16.34 -9.40 25.26
C PHE C 254 -15.87 -8.40 24.20
N ASP C 255 -16.51 -7.25 24.13
CA ASP C 255 -16.36 -6.33 23.01
C ASP C 255 -15.44 -5.18 23.43
N ILE C 256 -14.17 -5.25 23.06
CA ILE C 256 -13.26 -4.14 23.33
C ILE C 256 -13.49 -3.06 22.26
N PRO C 257 -13.90 -1.84 22.63
CA PRO C 257 -14.28 -0.85 21.63
C PRO C 257 -13.20 -0.66 20.58
N GLY C 258 -13.61 -0.68 19.31
CA GLY C 258 -12.66 -0.59 18.23
C GLY C 258 -11.94 -1.87 17.88
N LYS C 259 -12.17 -2.96 18.63
CA LYS C 259 -11.58 -4.24 18.30
C LYS C 259 -12.58 -5.38 18.13
N GLY C 260 -13.79 -5.25 18.67
CA GLY C 260 -14.77 -6.33 18.59
C GLY C 260 -14.53 -7.41 19.62
N TYR C 261 -15.10 -8.58 19.35
CA TYR C 261 -14.89 -9.74 20.22
C TYR C 261 -13.41 -10.04 20.34
N THR C 262 -12.91 -10.18 21.57
CA THR C 262 -11.50 -10.44 21.76
C THR C 262 -11.30 -11.75 22.50
N GLU C 263 -10.52 -12.65 21.87
CA GLU C 263 -10.09 -13.90 22.50
C GLU C 263 -9.18 -13.61 23.69
N PHE C 264 -9.28 -14.45 24.71
CA PHE C 264 -8.47 -14.33 25.92
C PHE C 264 -8.41 -15.69 26.60
N SER C 265 -7.38 -15.89 27.40
CA SER C 265 -7.18 -17.18 28.06
C SER C 265 -6.30 -16.97 29.29
N THR C 266 -6.91 -17.07 30.46
CA THR C 266 -6.23 -16.89 31.74
C THR C 266 -6.17 -18.23 32.47
N PRO C 267 -5.56 -18.32 33.67
CA PRO C 267 -5.53 -19.60 34.38
C PRO C 267 -6.89 -20.26 34.58
N TYR C 268 -7.94 -19.50 34.88
CA TYR C 268 -9.24 -20.08 35.19
C TYR C 268 -10.37 -19.59 34.29
N LEU C 269 -10.09 -18.69 33.35
CA LEU C 269 -11.13 -18.00 32.60
C LEU C 269 -10.65 -17.73 31.19
N GLY C 270 -11.52 -17.96 30.21
CA GLY C 270 -11.11 -17.69 28.85
C GLY C 270 -12.23 -17.72 27.84
N MET C 271 -12.10 -16.89 26.81
CA MET C 271 -12.78 -17.16 25.57
C MET C 271 -11.67 -17.43 24.56
N PRO C 272 -11.11 -18.64 24.53
CA PRO C 272 -9.97 -18.88 23.64
C PRO C 272 -10.34 -18.86 22.16
N GLN C 273 -11.61 -19.03 21.81
CA GLN C 273 -11.96 -19.22 20.41
C GLN C 273 -13.04 -18.23 19.97
N VAL C 274 -12.76 -17.52 18.90
CA VAL C 274 -13.79 -16.78 18.15
C VAL C 274 -13.67 -17.20 16.69
N ILE C 275 -14.77 -17.69 16.11
CA ILE C 275 -14.78 -18.10 14.72
C ILE C 275 -15.67 -17.13 13.96
N ARG C 276 -15.05 -16.38 12.98
CA ARG C 276 -15.84 -15.40 12.23
C ARG C 276 -16.22 -15.97 10.87
N PRO C 277 -17.48 -15.89 10.48
CA PRO C 277 -17.87 -16.34 9.14
C PRO C 277 -17.01 -15.71 8.04
N ASP C 278 -16.63 -16.54 7.08
CA ASP C 278 -15.76 -16.09 5.98
C ASP C 278 -16.53 -15.51 4.80
N GLY C 279 -17.85 -15.47 4.86
CA GLY C 279 -18.63 -14.94 3.74
C GLY C 279 -18.88 -15.93 2.62
N LEU C 280 -18.32 -17.14 2.68
CA LEU C 280 -18.68 -18.20 1.77
C LEU C 280 -19.25 -19.37 2.58
N TYR C 281 -18.56 -20.53 2.65
CA TYR C 281 -19.19 -21.71 3.25
C TYR C 281 -18.95 -21.85 4.76
N VAL C 282 -18.06 -21.05 5.35
CA VAL C 282 -17.97 -20.95 6.81
C VAL C 282 -18.91 -19.82 7.20
N SER C 283 -20.18 -20.17 7.43
CA SER C 283 -21.22 -19.17 7.62
C SER C 283 -21.66 -18.99 9.07
N GLN C 284 -21.17 -19.83 9.99
CA GLN C 284 -21.65 -19.82 11.37
C GLN C 284 -20.65 -19.09 12.26
N GLN C 285 -21.13 -18.05 12.98
CA GLN C 285 -20.32 -17.35 13.96
C GLN C 285 -20.32 -18.12 15.28
N ARG C 286 -19.14 -18.52 15.75
CA ARG C 286 -19.06 -19.47 16.85
C ARG C 286 -18.00 -19.05 17.89
N PHE C 287 -18.20 -19.51 19.12
CA PHE C 287 -17.39 -19.13 20.26
C PHE C 287 -17.08 -20.36 21.08
N GLY C 288 -15.89 -20.38 21.68
CA GLY C 288 -15.54 -21.36 22.69
C GLY C 288 -15.15 -20.63 23.97
N MET C 289 -15.65 -21.12 25.11
CA MET C 289 -15.46 -20.45 26.39
C MET C 289 -15.30 -21.47 27.49
N TYR C 290 -14.45 -21.16 28.47
CA TYR C 290 -14.23 -22.07 29.58
C TYR C 290 -14.08 -21.29 30.88
N ARG C 291 -14.53 -21.92 31.97
CA ARG C 291 -14.23 -21.48 33.32
C ARG C 291 -13.91 -22.69 34.18
N TRP C 292 -12.73 -22.68 34.84
CA TRP C 292 -12.38 -23.70 35.81
C TRP C 292 -12.55 -23.13 37.22
N HIS C 293 -13.33 -23.81 38.04
CA HIS C 293 -13.52 -23.41 39.44
C HIS C 293 -12.56 -24.27 40.24
N LEU C 294 -11.32 -23.80 40.38
CA LEU C 294 -10.28 -24.54 41.10
C LEU C 294 -9.99 -23.90 42.46
N GLN C 295 -9.70 -22.60 42.47
CA GLN C 295 -9.65 -21.85 43.72
C GLN C 295 -11.05 -21.66 44.31
N ASP C 296 -12.09 -21.69 43.47
CA ASP C 296 -13.46 -21.43 43.92
C ASP C 296 -14.39 -22.55 43.47
N PRO C 297 -14.15 -23.78 43.92
CA PRO C 297 -15.04 -24.88 43.52
C PRO C 297 -16.46 -24.65 44.02
N ILE C 298 -17.43 -25.21 43.31
CA ILE C 298 -18.83 -25.16 43.75
C ILE C 298 -19.13 -26.50 44.40
N HIS C 299 -19.07 -26.54 45.73
CA HIS C 299 -19.32 -27.74 46.51
C HIS C 299 -20.80 -28.10 46.55
N PHE C 300 -21.06 -29.39 46.77
CA PHE C 300 -22.39 -29.91 47.07
C PHE C 300 -22.21 -31.12 47.98
N ALA C 301 -23.23 -31.42 48.78
CA ALA C 301 -23.12 -32.44 49.82
C ALA C 301 -23.90 -33.71 49.51
N THR C 302 -25.03 -33.61 48.81
CA THR C 302 -25.84 -34.74 48.42
C THR C 302 -26.10 -34.85 46.93
N GLY C 303 -25.97 -33.76 46.17
CA GLY C 303 -26.07 -33.89 44.73
C GLY C 303 -26.12 -32.53 44.05
N ILE C 304 -26.26 -32.59 42.74
CA ILE C 304 -26.57 -31.45 41.90
C ILE C 304 -27.82 -31.77 41.11
N PRO C 305 -28.99 -31.31 41.54
CA PRO C 305 -30.20 -31.50 40.73
C PRO C 305 -30.09 -30.98 39.31
N LYS C 306 -29.39 -29.86 39.11
CA LYS C 306 -29.43 -29.18 37.82
C LYS C 306 -28.40 -28.06 37.71
N VAL C 307 -27.69 -28.01 36.59
CA VAL C 307 -26.99 -26.80 36.19
C VAL C 307 -27.47 -26.48 34.78
N ASP C 308 -27.89 -25.24 34.56
CA ASP C 308 -28.38 -24.84 33.24
C ASP C 308 -27.96 -23.40 32.97
N ILE C 309 -28.11 -22.99 31.71
CA ILE C 309 -27.79 -21.62 31.30
C ILE C 309 -28.87 -21.18 30.32
N GLN C 310 -29.33 -19.95 30.50
CA GLN C 310 -30.30 -19.37 29.60
C GLN C 310 -29.59 -18.92 28.32
N ALA C 311 -30.32 -18.97 27.20
CA ALA C 311 -29.85 -18.39 25.94
C ALA C 311 -30.70 -17.15 25.64
N LEU C 312 -30.20 -15.98 26.02
CA LEU C 312 -30.93 -14.73 25.84
C LEU C 312 -30.09 -13.72 25.08
N GLY C 313 -30.67 -13.18 24.00
CA GLY C 313 -30.11 -12.04 23.27
C GLY C 313 -31.01 -10.83 23.34
N TRP C 314 -31.13 -10.05 22.26
CA TRP C 314 -31.89 -8.81 22.26
C TRP C 314 -32.82 -8.72 21.06
N ARG C 315 -34.00 -8.14 21.29
CA ARG C 315 -34.95 -7.79 20.25
C ARG C 315 -35.46 -6.37 20.52
N SER C 316 -36.25 -5.85 19.58
CA SER C 316 -36.72 -4.47 19.61
C SER C 316 -37.37 -4.12 20.96
N GLY C 317 -37.27 -2.85 21.33
CA GLY C 317 -37.91 -2.36 22.52
C GLY C 317 -37.19 -2.72 23.80
N TRP C 318 -35.90 -3.04 23.70
CA TRP C 318 -35.11 -3.50 24.84
C TRP C 318 -35.75 -4.73 25.51
N ARG C 319 -36.17 -5.69 24.68
CA ARG C 319 -36.69 -6.96 25.17
C ARG C 319 -35.64 -8.04 24.99
N TYR C 320 -35.61 -9.00 25.92
CA TYR C 320 -34.72 -10.15 25.75
C TYR C 320 -35.23 -10.98 24.59
N LEU C 321 -34.30 -11.53 23.80
CA LEU C 321 -34.75 -12.43 22.75
C LEU C 321 -34.34 -13.85 23.09
N PRO C 322 -35.30 -14.76 23.29
CA PRO C 322 -34.97 -16.19 23.44
C PRO C 322 -34.31 -16.70 22.17
N LEU C 323 -33.13 -17.28 22.30
CA LEU C 323 -32.32 -17.66 21.15
C LEU C 323 -32.51 -19.13 20.85
N ARG C 324 -32.71 -19.44 19.57
CA ARG C 324 -32.74 -20.82 19.09
C ARG C 324 -31.34 -21.23 18.61
N ASP C 325 -30.41 -21.21 19.55
CA ASP C 325 -28.99 -21.27 19.26
C ASP C 325 -28.45 -22.68 19.41
N ASP C 326 -27.17 -22.83 19.07
CA ASP C 326 -26.48 -24.11 18.98
C ASP C 326 -25.44 -24.15 20.11
N ILE C 327 -25.79 -24.81 21.22
CA ILE C 327 -25.04 -24.73 22.46
C ILE C 327 -24.66 -26.13 22.88
N ALA C 328 -23.36 -26.37 23.07
CA ALA C 328 -22.84 -27.62 23.59
C ALA C 328 -21.99 -27.30 24.80
N SER C 329 -22.25 -28.02 25.90
CA SER C 329 -21.59 -27.77 27.17
C SER C 329 -20.82 -29.01 27.57
N THR C 330 -19.64 -28.81 28.16
CA THR C 330 -18.89 -29.87 28.80
C THR C 330 -18.71 -29.49 30.27
N ALA C 331 -19.14 -30.36 31.17
CA ALA C 331 -19.12 -30.05 32.59
C ALA C 331 -18.17 -31.02 33.30
N MET C 332 -17.29 -30.46 34.11
CA MET C 332 -16.33 -31.21 34.89
C MET C 332 -16.70 -31.11 36.36
N PHE C 333 -16.66 -32.23 37.05
CA PHE C 333 -16.99 -32.22 38.47
C PHE C 333 -16.35 -33.44 39.12
N TYR C 334 -15.93 -33.28 40.36
CA TYR C 334 -15.51 -34.40 41.17
C TYR C 334 -16.68 -34.93 41.99
N LEU C 335 -16.69 -36.26 42.19
CA LEU C 335 -17.75 -36.95 42.89
C LEU C 335 -17.14 -38.03 43.76
N ASP C 336 -17.80 -38.33 44.90
CA ASP C 336 -17.33 -39.40 45.77
C ASP C 336 -17.74 -40.81 45.27
N ARG C 337 -18.15 -40.94 44.03
CA ARG C 337 -18.51 -42.19 43.37
C ARG C 337 -17.97 -42.21 41.96
N PRO C 338 -17.73 -43.41 41.39
CA PRO C 338 -17.20 -43.48 40.01
C PRO C 338 -18.26 -43.40 38.93
N THR C 339 -19.55 -43.36 39.27
CA THR C 339 -20.61 -43.25 38.27
C THR C 339 -21.66 -42.26 38.76
N ALA C 340 -22.46 -41.77 37.82
CA ALA C 340 -23.45 -40.73 38.06
C ALA C 340 -24.38 -40.68 36.86
N ARG C 341 -25.57 -40.11 37.06
CA ARG C 341 -26.51 -39.99 35.96
C ARG C 341 -25.88 -39.20 34.82
N ARG C 342 -26.13 -39.62 33.59
CA ARG C 342 -25.50 -39.03 32.42
C ARG C 342 -26.53 -38.79 31.34
N PRO C 343 -26.25 -37.90 30.39
CA PRO C 343 -27.07 -37.84 29.16
C PRO C 343 -26.78 -39.05 28.29
N LYS C 344 -27.59 -39.20 27.24
CA LYS C 344 -27.35 -40.27 26.30
C LYS C 344 -25.97 -40.08 25.68
N SER C 345 -25.33 -41.19 25.33
CA SER C 345 -23.98 -41.10 24.81
C SER C 345 -23.96 -40.25 23.52
N PRO C 346 -22.89 -39.48 23.29
CA PRO C 346 -22.87 -38.63 22.08
C PRO C 346 -22.82 -39.49 20.81
N SER C 347 -23.68 -39.17 19.86
CA SER C 347 -23.71 -39.91 18.61
C SER C 347 -22.85 -39.20 17.55
N ALA C 348 -22.51 -39.95 16.50
CA ALA C 348 -21.92 -39.37 15.30
C ALA C 348 -22.68 -38.12 14.85
N ASP C 349 -24.00 -38.24 14.66
CA ASP C 349 -24.77 -37.13 14.09
C ASP C 349 -24.88 -35.94 15.05
N ASP C 350 -25.06 -36.18 16.34
CA ASP C 350 -25.09 -35.08 17.32
C ASP C 350 -23.76 -34.32 17.34
N MET C 351 -22.66 -35.06 17.24
CA MET C 351 -21.34 -34.47 17.44
C MET C 351 -20.87 -33.70 16.20
N GLU C 352 -21.34 -34.11 15.03
CA GLU C 352 -20.75 -33.68 13.78
C GLU C 352 -20.72 -32.16 13.66
N VAL C 353 -19.57 -31.63 13.25
CA VAL C 353 -19.45 -30.27 12.76
C VAL C 353 -18.80 -30.35 11.39
N HIS C 354 -19.04 -29.31 10.60
CA HIS C 354 -18.56 -29.28 9.22
C HIS C 354 -17.03 -29.38 9.17
N LEU C 355 -16.52 -30.14 8.21
CA LEU C 355 -15.08 -30.34 8.04
C LEU C 355 -14.56 -29.42 6.94
N GLY C 356 -13.54 -28.63 7.24
CA GLY C 356 -12.97 -27.79 6.21
C GLY C 356 -13.87 -26.61 5.85
N THR C 357 -13.74 -26.17 4.61
CA THR C 357 -14.36 -24.92 4.19
C THR C 357 -15.01 -25.02 2.82
N ALA C 358 -15.13 -26.21 2.26
CA ALA C 358 -15.77 -26.44 0.96
C ALA C 358 -17.26 -26.58 1.16
N PRO C 359 -18.05 -26.67 0.08
CA PRO C 359 -19.51 -26.84 0.27
C PRO C 359 -19.92 -28.13 0.94
N VAL C 360 -19.06 -29.16 0.94
CA VAL C 360 -19.41 -30.48 1.46
C VAL C 360 -18.30 -30.92 2.40
N PRO C 361 -18.62 -31.48 3.57
CA PRO C 361 -17.56 -31.92 4.51
C PRO C 361 -16.51 -32.83 3.89
N ASP C 362 -16.90 -33.72 2.97
CA ASP C 362 -15.94 -34.66 2.41
C ASP C 362 -14.96 -33.95 1.48
N LEU C 363 -15.37 -32.84 0.85
CA LEU C 363 -14.47 -32.11 -0.04
C LEU C 363 -13.40 -31.36 0.73
N GLY C 364 -13.70 -30.91 1.94
CA GLY C 364 -12.75 -30.20 2.75
C GLY C 364 -11.99 -31.03 3.76
N ALA C 365 -12.19 -32.35 3.77
CA ALA C 365 -11.46 -33.24 4.68
C ALA C 365 -10.03 -33.44 4.22
N THR C 366 -9.22 -33.99 5.12
CA THR C 366 -7.81 -34.26 4.85
C THR C 366 -7.52 -35.75 4.89
N PRO C 367 -7.31 -36.41 3.74
CA PRO C 367 -7.52 -35.92 2.38
C PRO C 367 -9.01 -35.89 2.01
N PRO C 368 -9.35 -35.27 0.88
CA PRO C 368 -10.74 -35.31 0.42
C PRO C 368 -11.24 -36.74 0.22
N ARG C 369 -12.51 -36.95 0.56
CA ARG C 369 -13.19 -38.24 0.37
C ARG C 369 -14.16 -38.09 -0.79
N VAL C 370 -13.88 -38.80 -1.89
CA VAL C 370 -14.58 -38.57 -3.14
C VAL C 370 -14.98 -39.88 -3.82
N PRO D 2 44.48 -20.14 -23.30
CA PRO D 2 43.46 -20.73 -24.17
C PRO D 2 42.10 -20.10 -23.97
N ASP D 3 41.09 -20.61 -24.67
CA ASP D 3 39.69 -20.24 -24.46
C ASP D 3 38.88 -21.55 -24.49
N LEU D 4 37.55 -21.42 -24.45
CA LEU D 4 36.70 -22.60 -24.47
C LEU D 4 36.98 -23.48 -25.68
N ASN D 5 37.13 -22.86 -26.85
CA ASN D 5 37.38 -23.60 -28.08
C ASN D 5 38.72 -24.35 -28.05
N SER D 6 39.73 -23.80 -27.39
CA SER D 6 41.05 -24.42 -27.41
C SER D 6 41.47 -25.04 -26.08
N ILE D 7 40.54 -25.21 -25.12
CA ILE D 7 40.91 -25.60 -23.76
C ILE D 7 41.42 -27.04 -23.66
N ALA D 8 41.04 -27.94 -24.57
CA ALA D 8 41.51 -29.33 -24.40
C ALA D 8 42.96 -29.54 -24.81
N ALA D 9 43.59 -28.61 -25.52
CA ALA D 9 44.91 -28.89 -26.07
C ALA D 9 45.92 -29.07 -24.95
N LEU D 10 46.73 -30.12 -25.06
CA LEU D 10 47.83 -30.31 -24.10
C LEU D 10 48.93 -29.30 -24.39
N ARG D 11 49.51 -28.72 -23.34
CA ARG D 11 50.48 -27.63 -23.51
C ARG D 11 51.58 -27.74 -22.47
N GLN D 12 52.81 -27.53 -22.91
CA GLN D 12 53.97 -27.42 -22.02
C GLN D 12 53.96 -26.02 -21.41
N VAL D 13 53.11 -25.83 -20.41
CA VAL D 13 52.97 -24.56 -19.71
C VAL D 13 52.96 -24.83 -18.21
N GLN D 14 53.50 -23.89 -17.46
CA GLN D 14 53.40 -23.91 -16.01
C GLN D 14 52.48 -22.79 -15.57
N THR D 15 51.63 -23.04 -14.57
CA THR D 15 50.81 -22.01 -13.96
C THR D 15 51.33 -21.71 -12.56
N ARG D 16 51.61 -20.43 -12.30
CA ARG D 16 51.94 -19.92 -10.99
C ARG D 16 50.96 -18.80 -10.61
N SER D 17 50.90 -18.50 -9.30
CA SER D 17 49.95 -17.53 -8.78
C SER D 17 50.57 -16.83 -7.59
N ILE D 18 50.72 -15.51 -7.70
CA ILE D 18 51.29 -14.72 -6.62
C ILE D 18 50.15 -14.17 -5.76
N SER D 19 50.27 -14.32 -4.45
CA SER D 19 49.25 -13.83 -3.53
C SER D 19 49.94 -13.50 -2.22
N PRO D 20 49.23 -12.88 -1.27
CA PRO D 20 49.83 -12.68 0.05
C PRO D 20 50.22 -13.97 0.75
N GLU D 21 49.62 -15.10 0.39
CA GLU D 21 49.99 -16.41 0.91
C GLU D 21 51.13 -17.05 0.14
N ASN D 22 51.57 -16.44 -0.98
CA ASN D 22 52.71 -16.95 -1.76
C ASN D 22 53.32 -15.75 -2.48
N PHE D 23 54.08 -14.95 -1.74
CA PHE D 23 54.46 -13.59 -2.18
C PHE D 23 55.23 -13.60 -3.50
N ASP D 24 56.00 -14.65 -3.78
CA ASP D 24 56.71 -14.72 -5.06
C ASP D 24 56.23 -15.85 -5.98
N GLY D 25 55.11 -16.50 -5.66
CA GLY D 25 54.54 -17.48 -6.58
C GLY D 25 55.34 -18.75 -6.75
N THR D 26 56.19 -19.09 -5.78
CA THR D 26 57.09 -20.23 -5.91
C THR D 26 56.34 -21.55 -5.81
N ALA D 27 56.81 -22.55 -6.55
CA ALA D 27 56.27 -23.90 -6.45
C ALA D 27 56.43 -24.42 -5.03
N GLY D 28 55.35 -24.92 -4.46
CA GLY D 28 55.46 -25.41 -3.11
C GLY D 28 55.63 -24.35 -2.04
N GLY D 29 55.53 -23.07 -2.41
CA GLY D 29 55.79 -21.98 -1.50
C GLY D 29 54.59 -21.31 -0.89
N GLY D 30 53.40 -21.88 -1.01
CA GLY D 30 52.19 -21.24 -0.52
C GLY D 30 51.82 -21.72 0.88
N GLY D 31 51.12 -20.86 1.62
CA GLY D 31 50.57 -21.28 2.90
C GLY D 31 51.57 -21.46 4.00
N ARG D 32 52.79 -20.92 3.87
CA ARG D 32 53.87 -21.20 4.80
C ARG D 32 54.01 -20.17 5.91
N ALA D 33 53.36 -19.01 5.80
CA ALA D 33 53.63 -17.93 6.73
C ALA D 33 53.23 -18.30 8.16
N THR D 34 53.98 -17.75 9.11
CA THR D 34 53.63 -17.81 10.52
C THR D 34 53.28 -16.43 11.06
N GLU D 35 53.62 -15.36 10.34
CA GLU D 35 53.25 -14.00 10.67
C GLU D 35 52.43 -13.44 9.52
N GLY D 36 51.53 -12.51 9.83
CA GLY D 36 50.79 -11.82 8.80
C GLY D 36 49.46 -11.33 9.31
N THR D 37 48.65 -10.81 8.40
CA THR D 37 47.42 -10.14 8.78
C THR D 37 46.37 -11.10 9.33
N GLY D 38 46.53 -12.41 9.12
CA GLY D 38 45.66 -13.39 9.73
C GLY D 38 46.21 -14.11 10.94
N ALA D 39 47.41 -13.73 11.43
CA ALA D 39 48.08 -14.49 12.48
C ALA D 39 47.27 -14.54 13.76
N ASP D 40 46.83 -13.37 14.27
CA ASP D 40 46.06 -13.34 15.51
C ASP D 40 44.71 -14.05 15.33
N CYS D 41 44.09 -13.89 14.17
CA CYS D 41 42.83 -14.56 13.90
C CYS D 41 42.97 -16.07 13.99
N ALA D 42 44.17 -16.59 13.79
CA ALA D 42 44.39 -18.01 13.88
C ALA D 42 45.04 -18.44 15.18
N ARG D 43 45.11 -17.57 16.19
CA ARG D 43 45.87 -17.90 17.40
C ARG D 43 45.41 -19.20 18.05
N ASP D 44 44.12 -19.53 17.97
CA ASP D 44 43.69 -20.81 18.53
C ASP D 44 43.99 -21.99 17.60
N LEU D 45 44.25 -21.75 16.32
CA LEU D 45 44.54 -22.81 15.36
C LEU D 45 46.02 -22.77 15.00
N GLY D 46 46.50 -23.78 14.30
CA GLY D 46 47.92 -23.81 13.95
C GLY D 46 48.31 -22.70 12.99
N PRO D 47 49.52 -22.77 12.43
CA PRO D 47 49.75 -22.14 11.13
C PRO D 47 49.12 -22.99 10.04
N GLY D 48 49.10 -22.43 8.82
CA GLY D 48 48.33 -23.03 7.77
C GLY D 48 46.87 -22.62 7.73
N TRP D 49 46.39 -21.84 8.69
CA TRP D 49 44.97 -21.46 8.75
C TRP D 49 44.83 -19.96 8.49
N LYS D 50 45.02 -19.57 7.23
CA LYS D 50 44.78 -18.22 6.73
C LYS D 50 45.60 -17.19 7.50
N ILE D 51 46.93 -17.39 7.49
CA ILE D 51 47.83 -16.55 8.27
C ILE D 51 48.13 -15.24 7.56
N SER D 52 48.02 -15.22 6.23
CA SER D 52 48.53 -14.09 5.48
C SER D 52 47.67 -13.83 4.24
N PRO D 53 46.38 -13.54 4.39
CA PRO D 53 45.52 -13.39 3.22
C PRO D 53 45.57 -12.02 2.55
N SER D 54 46.22 -11.03 3.16
CA SER D 54 46.18 -9.66 2.64
C SER D 54 47.44 -8.93 3.04
N VAL D 55 47.56 -7.68 2.57
CA VAL D 55 48.68 -6.84 2.99
C VAL D 55 48.15 -5.46 3.33
N ASP D 56 48.82 -4.82 4.28
CA ASP D 56 48.48 -3.45 4.66
C ASP D 56 49.53 -2.53 4.04
N ILE D 57 49.07 -1.57 3.22
CA ILE D 57 49.95 -0.63 2.52
C ILE D 57 49.80 0.72 3.20
N LYS D 58 50.90 1.23 3.72
CA LYS D 58 50.83 2.42 4.55
C LYS D 58 50.59 3.67 3.70
N ALA D 59 50.00 4.70 4.32
CA ALA D 59 49.72 5.94 3.63
C ALA D 59 50.97 6.46 2.92
N GLY D 60 50.79 6.79 1.64
CA GLY D 60 51.87 7.34 0.83
C GLY D 60 52.76 6.31 0.16
N GLU D 61 52.69 5.05 0.55
CA GLU D 61 53.68 4.08 0.10
C GLU D 61 53.22 3.27 -1.10
N THR D 62 54.20 2.67 -1.76
CA THR D 62 53.98 1.82 -2.92
C THR D 62 54.34 0.39 -2.55
N PHE D 63 53.44 -0.53 -2.86
CA PHE D 63 53.65 -1.95 -2.59
C PHE D 63 53.79 -2.70 -3.91
N GLU D 64 54.80 -3.57 -4.00
CA GLU D 64 55.04 -4.36 -5.20
C GLU D 64 54.21 -5.64 -5.10
N LEU D 65 53.09 -5.68 -5.83
CA LEU D 65 52.20 -6.83 -5.79
C LEU D 65 52.89 -8.09 -6.29
N ALA D 66 53.65 -7.96 -7.37
CA ALA D 66 54.13 -9.14 -8.08
C ALA D 66 55.41 -8.76 -8.79
N SER D 67 56.36 -9.68 -8.80
CA SER D 67 57.60 -9.50 -9.52
C SER D 67 57.93 -10.87 -10.10
N ILE D 68 57.95 -10.96 -11.42
CA ILE D 68 58.18 -12.21 -12.12
C ILE D 68 59.43 -12.04 -12.96
N GLU D 69 60.31 -13.03 -12.92
CA GLU D 69 61.53 -13.03 -13.71
C GLU D 69 61.37 -13.96 -14.91
N GLY D 70 61.94 -13.56 -16.04
CA GLY D 70 61.83 -14.33 -17.25
C GLY D 70 60.55 -14.03 -18.01
N ALA D 71 60.32 -14.83 -19.03
CA ALA D 71 59.16 -14.65 -19.87
C ALA D 71 57.92 -15.28 -19.23
N GLY D 72 56.76 -14.80 -19.66
CA GLY D 72 55.53 -15.35 -19.16
C GLY D 72 54.36 -14.45 -19.56
N LYS D 73 53.22 -14.70 -18.93
CA LYS D 73 52.01 -13.98 -19.32
C LYS D 73 51.01 -14.01 -18.17
N ILE D 74 50.60 -12.83 -17.68
CA ILE D 74 49.48 -12.74 -16.75
C ILE D 74 48.21 -13.20 -17.45
N THR D 75 47.52 -14.18 -16.87
CA THR D 75 46.24 -14.64 -17.39
C THR D 75 45.06 -14.24 -16.53
N HIS D 76 45.27 -14.02 -15.23
CA HIS D 76 44.17 -13.55 -14.38
C HIS D 76 44.71 -12.76 -13.19
N ILE D 77 44.11 -11.59 -12.96
CA ILE D 77 44.30 -10.82 -11.73
C ILE D 77 42.96 -10.75 -11.03
N TRP D 78 42.93 -11.16 -9.77
CA TRP D 78 41.83 -10.83 -8.87
C TRP D 78 42.38 -9.93 -7.78
N ILE D 79 41.56 -9.01 -7.30
CA ILE D 79 42.03 -8.06 -6.29
C ILE D 79 40.82 -7.43 -5.63
N THR D 80 40.91 -7.18 -4.33
CA THR D 80 39.88 -6.37 -3.70
C THR D 80 40.49 -5.44 -2.66
N THR D 81 39.73 -4.37 -2.37
CA THR D 81 39.99 -3.38 -1.33
C THR D 81 38.70 -2.62 -1.14
N HIS D 82 38.54 -1.96 0.01
CA HIS D 82 37.28 -1.31 0.29
C HIS D 82 37.03 -0.12 -0.65
N THR D 83 35.75 0.28 -0.78
CA THR D 83 35.37 1.24 -1.80
C THR D 83 36.02 2.61 -1.63
N ASP D 84 36.35 3.00 -0.39
CA ASP D 84 37.01 4.29 -0.13
C ASP D 84 38.37 4.40 -0.80
N ASN D 85 38.97 3.29 -1.23
CA ASN D 85 40.31 3.30 -1.81
C ASN D 85 40.30 3.19 -3.33
N TRP D 86 39.12 3.09 -3.95
CA TRP D 86 39.10 2.85 -5.39
C TRP D 86 39.68 4.02 -6.17
N ARG D 87 39.53 5.25 -5.69
CA ARG D 87 40.14 6.38 -6.37
C ARG D 87 41.30 6.96 -5.56
N THR D 88 41.96 6.14 -4.73
CA THR D 88 43.20 6.56 -4.08
C THR D 88 44.40 5.67 -4.40
N LEU D 89 44.19 4.46 -4.92
CA LEU D 89 45.28 3.56 -5.28
C LEU D 89 45.55 3.62 -6.78
N ILE D 90 46.83 3.58 -7.15
CA ILE D 90 47.27 3.57 -8.53
C ILE D 90 47.89 2.21 -8.87
N LEU D 91 47.35 1.54 -9.88
CA LEU D 91 47.88 0.29 -10.38
C LEU D 91 48.89 0.55 -11.50
N ARG D 92 50.10 -0.01 -11.37
CA ARG D 92 51.12 0.11 -12.40
C ARG D 92 51.63 -1.28 -12.76
N ALA D 93 52.01 -1.44 -14.03
CA ALA D 93 52.72 -2.63 -14.48
C ALA D 93 53.88 -2.21 -15.37
N PHE D 94 55.02 -2.85 -15.16
CA PHE D 94 56.28 -2.54 -15.83
C PHE D 94 56.73 -3.81 -16.51
N TRP D 95 56.94 -3.75 -17.82
CA TRP D 95 57.34 -4.94 -18.54
C TRP D 95 58.84 -4.93 -18.85
N ASP D 96 59.45 -6.12 -18.81
CA ASP D 96 60.79 -6.37 -19.32
C ASP D 96 61.86 -5.47 -18.70
N GLY D 97 61.74 -5.20 -17.40
CA GLY D 97 62.71 -4.35 -16.70
C GLY D 97 62.68 -2.88 -17.08
N ALA D 98 61.72 -2.45 -17.90
CA ALA D 98 61.54 -1.04 -18.23
C ALA D 98 61.22 -0.22 -16.97
N ASP D 99 61.73 1.02 -16.93
CA ASP D 99 61.54 1.88 -15.76
C ASP D 99 60.37 2.83 -15.89
N GLU D 100 59.68 2.82 -17.00
CA GLU D 100 58.44 3.54 -17.15
C GLU D 100 57.30 2.53 -17.25
N PRO D 101 56.16 2.79 -16.61
CA PRO D 101 55.07 1.82 -16.62
C PRO D 101 54.29 1.83 -17.93
N ALA D 102 53.79 0.66 -18.30
CA ALA D 102 52.90 0.51 -19.44
C ALA D 102 51.44 0.61 -19.03
N VAL D 103 51.13 0.17 -17.81
CA VAL D 103 49.83 0.37 -17.20
C VAL D 103 50.02 1.40 -16.09
N GLU D 104 49.18 2.44 -16.10
CA GLU D 104 49.22 3.45 -15.04
C GLU D 104 47.79 3.97 -14.92
N VAL D 105 47.02 3.34 -14.04
CA VAL D 105 45.58 3.53 -14.02
C VAL D 105 45.11 3.55 -12.57
N PRO D 106 44.28 4.53 -12.18
CA PRO D 106 43.60 4.46 -10.88
C PRO D 106 42.89 3.13 -10.72
N TYR D 107 42.90 2.62 -9.49
CA TYR D 107 42.44 1.26 -9.20
C TYR D 107 41.04 1.01 -9.76
N GLY D 108 40.06 1.85 -9.39
CA GLY D 108 38.68 1.57 -9.74
C GLY D 108 38.41 1.57 -11.23
N ASP D 109 39.12 2.41 -11.97
CA ASP D 109 38.86 2.56 -13.40
C ASP D 109 39.25 1.32 -14.20
N PHE D 110 40.37 0.68 -13.84
CA PHE D 110 40.79 -0.53 -14.54
C PHE D 110 39.69 -1.59 -14.57
N PHE D 111 38.77 -1.56 -13.60
CA PHE D 111 37.69 -2.53 -13.49
C PHE D 111 36.33 -1.86 -13.71
N CYS D 112 36.32 -0.80 -14.54
CA CYS D 112 35.11 -0.03 -14.88
C CYS D 112 34.34 0.39 -13.64
N ASN D 113 35.05 0.84 -12.61
CA ASN D 113 34.41 1.21 -11.37
C ASN D 113 35.11 2.41 -10.77
N GLY D 114 35.22 3.47 -11.57
CA GLY D 114 35.98 4.65 -11.23
C GLY D 114 35.22 5.67 -10.40
N TRP D 115 34.03 5.32 -9.91
CA TRP D 115 33.21 6.24 -9.13
C TRP D 115 33.16 5.82 -7.67
N GLY D 116 33.72 4.67 -7.32
CA GLY D 116 33.72 4.27 -5.93
C GLY D 116 32.39 3.78 -5.44
N VAL D 117 31.49 3.44 -6.36
CA VAL D 117 30.20 2.83 -6.07
C VAL D 117 30.12 1.59 -6.95
N PHE D 118 29.93 0.42 -6.33
CA PHE D 118 30.09 -0.83 -7.05
C PHE D 118 29.05 -0.97 -8.15
N ALA D 119 29.52 -1.34 -9.33
CA ALA D 119 28.67 -1.67 -10.46
C ALA D 119 29.12 -3.02 -11.02
N GLN D 120 28.17 -3.94 -11.14
CA GLN D 120 28.41 -5.26 -11.69
C GLN D 120 28.88 -5.15 -13.15
N VAL D 121 29.93 -5.89 -13.49
CA VAL D 121 30.46 -5.94 -14.85
C VAL D 121 30.58 -7.41 -15.27
N ASN D 122 29.88 -7.79 -16.34
CA ASN D 122 29.82 -9.15 -16.83
C ASN D 122 30.62 -9.37 -18.11
N SER D 123 31.60 -8.51 -18.39
CA SER D 123 32.27 -8.53 -19.69
C SER D 123 33.27 -9.70 -19.79
N GLN D 124 33.86 -9.82 -20.98
CA GLN D 124 34.82 -10.90 -21.22
C GLN D 124 36.14 -10.61 -20.51
N ALA D 125 36.63 -9.37 -20.61
CA ALA D 125 37.94 -9.01 -20.10
C ALA D 125 37.91 -8.55 -18.64
N ILE D 126 36.81 -7.95 -18.19
CA ILE D 126 36.66 -7.45 -16.82
C ILE D 126 35.40 -8.07 -16.21
N ALA D 127 35.55 -8.67 -15.04
CA ALA D 127 34.43 -9.10 -14.21
C ALA D 127 34.55 -8.38 -12.87
N ALA D 128 33.58 -7.55 -12.56
CA ALA D 128 33.47 -6.88 -11.28
C ALA D 128 32.21 -7.40 -10.61
N ASN D 129 32.37 -8.04 -9.46
CA ASN D 129 31.40 -8.90 -8.81
C ASN D 129 31.16 -8.48 -7.37
N PRO D 130 30.02 -8.86 -6.79
CA PRO D 130 29.70 -8.49 -5.41
C PRO D 130 30.74 -8.98 -4.41
N HIS D 131 31.23 -8.09 -3.56
CA HIS D 131 31.03 -6.66 -3.61
C HIS D 131 32.42 -6.06 -3.77
N GLY D 132 32.77 -5.63 -4.97
CA GLY D 132 34.13 -5.20 -5.23
C GLY D 132 35.11 -6.32 -5.53
N GLY D 133 34.64 -7.49 -5.99
CA GLY D 133 35.54 -8.49 -6.51
C GLY D 133 35.98 -8.12 -7.92
N PHE D 134 37.21 -7.63 -8.06
CA PHE D 134 37.65 -7.07 -9.32
C PHE D 134 38.56 -8.08 -10.01
N ASN D 135 38.23 -8.44 -11.25
CA ASN D 135 38.91 -9.50 -11.99
C ASN D 135 39.30 -8.98 -13.37
N SER D 136 40.56 -9.17 -13.73
CA SER D 136 41.07 -8.84 -15.06
C SER D 136 41.53 -10.11 -15.75
N TYR D 137 41.01 -10.36 -16.95
CA TYR D 137 41.45 -11.46 -17.79
C TYR D 137 42.21 -10.99 -19.02
N TRP D 138 42.50 -9.70 -19.12
CA TRP D 138 43.41 -9.23 -20.16
C TRP D 138 44.69 -10.06 -20.10
N PRO D 139 45.10 -10.71 -21.19
CA PRO D 139 46.40 -11.37 -21.17
C PRO D 139 47.50 -10.33 -21.27
N MET D 140 48.56 -10.51 -20.47
CA MET D 140 49.64 -9.53 -20.34
C MET D 140 50.98 -10.25 -20.54
N PRO D 141 51.41 -10.44 -21.78
CA PRO D 141 52.64 -11.19 -22.03
C PRO D 141 53.87 -10.31 -21.88
N PHE D 142 55.00 -10.97 -21.60
CA PHE D 142 56.26 -10.27 -21.41
C PHE D 142 57.38 -11.27 -21.68
N ARG D 143 58.54 -10.74 -22.05
CA ARG D 143 59.64 -11.58 -22.50
C ARG D 143 60.78 -11.64 -21.50
N ASP D 144 60.90 -10.66 -20.61
CA ASP D 144 62.04 -10.56 -19.72
C ASP D 144 61.66 -9.78 -18.47
N GLY D 145 60.73 -10.30 -17.68
CA GLY D 145 60.37 -9.71 -16.40
C GLY D 145 59.02 -8.99 -16.41
N ALA D 146 58.37 -8.96 -15.25
CA ALA D 146 57.14 -8.21 -15.05
C ALA D 146 57.13 -7.69 -13.61
N ARG D 147 56.70 -6.44 -13.43
CA ARG D 147 56.56 -5.90 -12.07
C ARG D 147 55.24 -5.16 -11.98
N LEU D 148 54.45 -5.50 -10.96
CA LEU D 148 53.15 -4.87 -10.72
C LEU D 148 53.23 -4.16 -9.38
N THR D 149 52.75 -2.92 -9.34
CA THR D 149 52.80 -2.15 -8.09
C THR D 149 51.46 -1.49 -7.82
N ILE D 150 51.24 -1.16 -6.56
CA ILE D 150 50.02 -0.45 -6.20
C ILE D 150 50.44 0.68 -5.26
N GLU D 151 50.18 1.92 -5.67
CA GLU D 151 50.54 3.11 -4.90
C GLU D 151 49.35 3.61 -4.11
N ASN D 152 49.51 3.69 -2.79
CA ASN D 152 48.48 4.22 -1.91
C ASN D 152 48.74 5.71 -1.73
N THR D 153 48.02 6.57 -2.47
CA THR D 153 48.26 8.01 -2.42
C THR D 153 47.46 8.73 -1.35
N SER D 154 46.77 7.98 -0.50
CA SER D 154 45.88 8.54 0.51
C SER D 154 46.61 8.66 1.84
N VAL D 155 45.94 9.32 2.80
CA VAL D 155 46.55 9.59 4.08
C VAL D 155 46.28 8.49 5.09
N VAL D 156 45.48 7.47 4.74
CA VAL D 156 45.19 6.36 5.64
C VAL D 156 45.87 5.09 5.11
N ASP D 157 46.13 4.15 6.01
CA ASP D 157 46.64 2.84 5.63
C ASP D 157 45.50 2.04 5.01
N VAL D 158 45.87 1.20 4.06
CA VAL D 158 44.90 0.56 3.17
C VAL D 158 45.21 -0.92 3.13
N ARG D 159 44.17 -1.75 3.22
CA ARG D 159 44.28 -3.20 3.12
C ARG D 159 43.95 -3.66 1.69
N VAL D 160 44.71 -4.61 1.17
CA VAL D 160 44.53 -5.11 -0.19
C VAL D 160 44.64 -6.64 -0.17
N TYR D 161 43.72 -7.33 -0.86
CA TYR D 161 43.81 -8.76 -1.13
C TYR D 161 44.05 -8.93 -2.62
N TYR D 162 44.94 -9.84 -3.00
CA TYR D 162 45.17 -9.98 -4.43
C TYR D 162 45.58 -11.41 -4.78
N GLN D 163 45.44 -11.73 -6.07
CA GLN D 163 45.82 -13.03 -6.61
C GLN D 163 46.16 -12.77 -8.07
N VAL D 164 47.42 -12.99 -8.42
CA VAL D 164 47.95 -12.66 -9.74
C VAL D 164 48.44 -13.98 -10.31
N THR D 165 47.68 -14.53 -11.25
CA THR D 165 47.96 -15.84 -11.82
C THR D 165 48.59 -15.64 -13.19
N TYR D 166 49.58 -16.45 -13.51
CA TYR D 166 50.31 -16.25 -14.76
C TYR D 166 50.89 -17.56 -15.25
N GLU D 167 51.31 -17.56 -16.51
CA GLU D 167 51.85 -18.75 -17.15
C GLU D 167 53.30 -18.53 -17.52
N ILE D 168 54.10 -19.58 -17.34
CA ILE D 168 55.48 -19.63 -17.81
C ILE D 168 55.59 -20.71 -18.88
N GLY D 169 56.40 -20.45 -19.90
CA GLY D 169 56.52 -21.39 -20.98
C GLY D 169 55.59 -20.94 -22.09
N GLY D 170 56.12 -20.75 -23.28
CA GLY D 170 55.36 -20.04 -24.29
C GLY D 170 56.20 -18.95 -24.90
N ASP D 171 56.07 -18.79 -26.21
CA ASP D 171 56.89 -17.87 -26.98
C ASP D 171 56.14 -16.56 -27.13
N HIS D 172 56.64 -15.50 -26.48
CA HIS D 172 56.03 -14.18 -26.57
C HIS D 172 56.84 -13.22 -27.43
N SER D 173 57.73 -13.76 -28.26
CA SER D 173 58.53 -12.91 -29.13
C SER D 173 57.67 -12.13 -30.12
N ASN D 174 56.48 -12.63 -30.46
CA ASN D 174 55.55 -11.88 -31.31
C ASN D 174 54.27 -11.49 -30.56
N ASP D 175 54.32 -11.43 -29.24
CA ASP D 175 53.19 -10.99 -28.44
C ASP D 175 53.40 -9.55 -28.00
N ALA D 176 52.40 -8.71 -28.24
CA ALA D 176 52.47 -7.33 -27.81
C ALA D 176 52.31 -7.24 -26.30
N TYR D 177 52.72 -6.10 -25.75
CA TYR D 177 52.58 -5.80 -24.32
C TYR D 177 51.27 -5.07 -24.04
N PHE D 178 50.75 -5.27 -22.83
CA PHE D 178 49.48 -4.66 -22.46
C PHE D 178 49.72 -3.28 -21.84
N HIS D 179 48.99 -2.28 -22.35
CA HIS D 179 49.09 -0.89 -21.89
C HIS D 179 47.72 -0.35 -21.48
N ALA D 180 47.72 0.60 -20.55
CA ALA D 180 46.49 1.25 -20.09
C ALA D 180 46.81 2.62 -19.53
N GLN D 181 46.05 3.64 -19.95
CA GLN D 181 46.37 5.02 -19.57
C GLN D 181 45.09 5.74 -19.20
N TRP D 182 45.21 6.67 -18.24
CA TRP D 182 44.06 7.34 -17.66
C TRP D 182 44.21 8.85 -17.76
N ARG D 183 43.12 9.55 -18.09
CA ARG D 183 43.09 10.99 -18.30
C ARG D 183 41.75 11.54 -17.82
N ARG D 184 41.77 12.58 -16.99
CA ARG D 184 40.54 13.18 -16.49
C ARG D 184 40.50 14.67 -16.82
N SER D 185 39.41 15.11 -17.43
CA SER D 185 39.13 16.53 -17.63
C SER D 185 37.97 16.90 -16.73
N ASN D 186 38.22 17.78 -15.75
CA ASN D 186 37.20 18.16 -14.76
C ASN D 186 37.38 19.60 -14.35
N PRO D 187 36.58 20.52 -14.90
CA PRO D 187 35.73 20.35 -16.08
C PRO D 187 36.50 20.54 -17.39
N LEU D 188 36.06 19.79 -18.39
CA LEU D 188 36.58 19.92 -19.75
C LEU D 188 36.47 21.35 -20.25
N GLU D 189 37.52 21.83 -20.92
CA GLU D 189 37.50 23.18 -21.46
C GLU D 189 36.43 23.31 -22.55
N GLU D 190 35.95 24.55 -22.72
CA GLU D 190 34.96 24.86 -23.75
C GLU D 190 35.40 24.37 -25.12
N LEU D 191 34.49 23.69 -25.82
CA LEU D 191 34.67 23.34 -27.23
C LEU D 191 36.00 22.64 -27.47
N THR D 192 36.38 21.73 -26.57
CA THR D 192 37.67 21.05 -26.58
C THR D 192 37.42 19.56 -26.42
N PRO D 193 37.86 18.70 -27.33
CA PRO D 193 37.65 17.27 -27.15
C PRO D 193 38.43 16.75 -25.96
N HIS D 194 37.83 15.79 -25.25
CA HIS D 194 38.54 15.07 -24.19
C HIS D 194 39.56 14.12 -24.82
N VAL D 195 40.83 14.26 -24.47
CA VAL D 195 41.87 13.40 -25.03
C VAL D 195 41.84 12.06 -24.33
N ILE D 196 41.83 10.99 -25.11
CA ILE D 196 41.85 9.64 -24.54
C ILE D 196 43.26 9.06 -24.67
N LEU D 197 43.96 9.42 -25.74
CA LEU D 197 45.27 8.86 -26.05
C LEU D 197 46.03 9.86 -26.93
N GLU D 198 47.36 9.90 -26.77
CA GLU D 198 48.15 10.91 -27.50
C GLU D 198 49.56 10.40 -27.78
N GLY D 199 49.94 10.39 -29.06
CA GLY D 199 51.34 10.21 -29.39
C GLY D 199 51.92 8.85 -29.08
N ILE D 200 51.12 7.80 -29.22
CA ILE D 200 51.60 6.43 -29.09
C ILE D 200 52.39 6.05 -30.34
N GLU D 201 53.60 5.53 -30.14
CA GLU D 201 54.54 5.21 -31.19
C GLU D 201 54.85 3.71 -31.17
N GLY D 202 54.69 3.05 -32.31
CA GLY D 202 54.96 1.64 -32.43
C GLY D 202 53.83 0.94 -33.15
N GLU D 203 53.95 -0.38 -33.24
CA GLU D 203 52.91 -1.20 -33.85
C GLU D 203 52.09 -1.88 -32.76
N GLY D 204 50.78 -1.90 -32.94
CA GLY D 204 49.88 -2.58 -32.01
C GLY D 204 48.40 -2.38 -32.31
N HIS D 205 47.54 -2.43 -31.29
CA HIS D 205 46.12 -2.25 -31.55
C HIS D 205 45.41 -1.74 -30.29
N TYR D 206 44.45 -0.85 -30.51
CA TYR D 206 43.61 -0.31 -29.47
C TYR D 206 42.50 -1.31 -29.16
N VAL D 207 42.28 -1.62 -27.88
CA VAL D 207 41.38 -2.71 -27.51
C VAL D 207 40.38 -2.34 -26.44
N GLY D 208 40.40 -1.11 -25.92
CA GLY D 208 39.57 -0.85 -24.75
C GLY D 208 39.40 0.60 -24.38
N THR D 209 38.15 0.99 -24.07
CA THR D 209 37.83 2.29 -23.51
C THR D 209 36.84 2.12 -22.36
N TYR D 210 37.20 2.66 -21.20
CA TYR D 210 36.27 2.88 -20.10
C TYR D 210 36.21 4.37 -19.81
N ILE D 211 34.99 4.91 -19.67
CA ILE D 211 34.81 6.32 -19.36
C ILE D 211 33.87 6.48 -18.16
N ALA D 212 34.31 7.25 -17.17
CA ALA D 212 33.46 7.74 -16.08
C ALA D 212 33.07 9.18 -16.40
N TRP D 213 31.80 9.39 -16.71
CA TRP D 213 31.29 10.68 -17.19
C TRP D 213 30.32 11.25 -16.17
N GLY D 214 30.59 12.46 -15.70
CA GLY D 214 29.67 13.20 -14.84
C GLY D 214 29.17 14.45 -15.53
N VAL D 215 27.86 14.67 -15.53
CA VAL D 215 27.24 15.65 -16.41
C VAL D 215 26.92 16.92 -15.63
N ASN D 216 27.19 18.07 -16.26
CA ASN D 216 26.93 19.37 -15.64
C ASN D 216 25.93 20.20 -16.43
N SER D 217 25.30 19.65 -17.46
CA SER D 217 24.16 20.28 -18.14
C SER D 217 22.97 19.34 -18.16
N ASN D 218 21.76 19.92 -18.21
CA ASN D 218 20.53 19.13 -18.34
C ASN D 218 20.41 18.58 -19.77
N GLY D 219 19.43 17.72 -19.98
CA GLY D 219 19.27 17.18 -21.33
C GLY D 219 20.22 16.03 -21.60
N TRP D 220 20.24 15.54 -22.84
CA TRP D 220 21.09 14.41 -23.19
C TRP D 220 22.52 14.90 -23.42
N TRP D 221 23.48 14.15 -22.88
CA TRP D 221 24.87 14.57 -22.81
C TRP D 221 25.79 13.86 -23.80
N GLY D 222 25.29 12.89 -24.57
CA GLY D 222 26.20 12.01 -25.27
C GLY D 222 26.16 12.07 -26.79
N GLU D 223 25.94 13.27 -27.33
CA GLU D 223 25.99 13.42 -28.77
C GLU D 223 27.41 13.31 -29.30
N GLY D 224 28.45 13.54 -28.49
CA GLY D 224 29.79 13.69 -29.01
C GLY D 224 30.37 12.43 -29.63
N GLU D 225 31.21 12.63 -30.65
CA GLU D 225 31.81 11.53 -31.41
C GLU D 225 33.24 11.23 -30.95
N ILE D 226 33.57 9.92 -30.90
CA ILE D 226 34.94 9.47 -30.70
C ILE D 226 35.70 9.47 -32.03
N LYS D 227 37.00 9.78 -31.97
CA LYS D 227 37.84 9.86 -33.17
C LYS D 227 39.17 9.18 -32.93
N PHE D 228 39.57 8.30 -33.85
CA PHE D 228 40.85 7.62 -33.82
C PHE D 228 41.72 8.20 -34.92
N TYR D 229 42.73 8.96 -34.54
CA TYR D 229 43.75 9.38 -35.50
C TYR D 229 44.86 8.35 -35.42
N LEU D 230 45.13 7.68 -36.54
CA LEU D 230 46.03 6.52 -36.59
C LEU D 230 47.16 6.76 -37.59
N ASP D 231 48.34 6.27 -37.24
CA ASP D 231 49.45 6.19 -38.20
C ASP D 231 49.81 7.56 -38.77
N ASP D 232 49.51 7.81 -40.05
CA ASP D 232 49.84 9.05 -40.74
C ASP D 232 48.81 10.15 -40.54
N ASP D 233 47.72 9.89 -39.85
CA ASP D 233 46.69 10.91 -39.68
C ASP D 233 47.27 12.16 -39.04
N THR D 234 46.84 13.32 -39.53
CA THR D 234 47.23 14.58 -38.92
C THR D 234 46.01 15.30 -38.38
N ASP D 235 45.24 15.96 -39.25
CA ASP D 235 44.14 16.78 -38.77
C ASP D 235 42.79 16.12 -38.89
N HIS D 236 42.73 14.89 -39.42
CA HIS D 236 41.48 14.17 -39.61
C HIS D 236 41.67 12.70 -39.30
N PRO D 237 40.72 12.11 -38.58
CA PRO D 237 40.88 10.72 -38.14
C PRO D 237 40.57 9.72 -39.25
N THR D 238 40.97 8.49 -39.01
CA THR D 238 40.64 7.36 -39.86
C THR D 238 39.31 6.75 -39.45
N ILE D 239 39.07 6.64 -38.15
CA ILE D 239 37.78 6.18 -37.63
C ILE D 239 37.12 7.35 -36.94
N CYS D 240 35.89 7.66 -37.36
CA CYS D 240 35.07 8.71 -36.78
C CYS D 240 33.71 8.11 -36.44
N GLY D 241 33.34 8.14 -35.15
CA GLY D 241 32.08 7.60 -34.69
C GLY D 241 30.92 8.60 -34.83
N THR D 242 29.75 8.19 -34.34
CA THR D 242 28.50 8.95 -34.48
C THR D 242 27.90 9.45 -33.16
N GLY D 243 28.48 9.12 -32.01
CA GLY D 243 27.91 9.53 -30.74
C GLY D 243 28.56 8.80 -29.59
N THR D 244 28.26 9.29 -28.38
CA THR D 244 28.89 8.71 -27.20
C THR D 244 28.25 7.37 -26.83
N GLU D 245 26.92 7.31 -26.75
CA GLU D 245 26.31 6.01 -26.50
C GLU D 245 26.49 5.10 -27.71
N ASP D 246 26.44 5.67 -28.93
CA ASP D 246 26.69 4.89 -30.14
C ASP D 246 28.02 4.13 -30.03
N TYR D 247 29.08 4.82 -29.58
CA TYR D 247 30.40 4.19 -29.48
C TYR D 247 30.38 2.99 -28.54
N PHE D 248 29.70 3.15 -27.40
CA PHE D 248 29.59 2.10 -26.40
C PHE D 248 28.49 1.09 -26.71
N GLY D 249 27.95 1.10 -27.93
CA GLY D 249 27.02 0.08 -28.37
C GLY D 249 25.57 0.34 -28.04
N GLY D 250 25.27 1.45 -27.35
CA GLY D 250 23.90 1.85 -27.11
C GLY D 250 23.34 2.64 -28.27
N ALA D 251 22.27 3.37 -27.98
CA ALA D 251 21.57 4.16 -28.98
C ALA D 251 20.45 4.96 -28.31
N TRP D 252 20.13 6.13 -28.86
CA TRP D 252 18.99 6.92 -28.39
C TRP D 252 19.07 7.17 -26.89
N ASN D 253 20.24 7.66 -26.44
CA ASN D 253 20.47 8.15 -25.09
C ASN D 253 20.48 7.03 -24.04
N PHE D 254 20.60 5.76 -24.45
CA PHE D 254 20.47 4.66 -23.50
C PHE D 254 19.08 4.65 -22.84
N ASP D 255 18.11 5.34 -23.43
CA ASP D 255 16.84 5.65 -22.78
C ASP D 255 15.76 4.69 -23.29
N ILE D 256 15.39 3.72 -22.45
CA ILE D 256 14.30 2.80 -22.74
C ILE D 256 12.99 3.47 -22.34
N PRO D 257 12.06 3.68 -23.26
CA PRO D 257 10.84 4.45 -22.97
C PRO D 257 10.11 3.93 -21.74
N GLY D 258 9.80 4.83 -20.82
CA GLY D 258 9.12 4.43 -19.60
C GLY D 258 10.03 3.91 -18.52
N LYS D 259 11.31 3.64 -18.82
CA LYS D 259 12.27 3.19 -17.83
C LYS D 259 13.44 4.15 -17.66
N GLY D 260 13.80 4.91 -18.69
CA GLY D 260 14.91 5.81 -18.58
C GLY D 260 16.25 5.12 -18.81
N TYR D 261 17.30 5.74 -18.26
CA TYR D 261 18.66 5.23 -18.37
C TYR D 261 18.75 3.81 -17.83
N THR D 262 19.28 2.89 -18.63
CA THR D 262 19.23 1.47 -18.30
C THR D 262 20.64 0.90 -18.35
N GLU D 263 21.15 0.44 -17.22
CA GLU D 263 22.44 -0.23 -17.22
C GLU D 263 22.38 -1.50 -18.05
N PHE D 264 23.51 -1.87 -18.64
CA PHE D 264 23.62 -3.09 -19.41
C PHE D 264 25.08 -3.48 -19.41
N SER D 265 25.35 -4.77 -19.52
CA SER D 265 26.72 -5.28 -19.50
C SER D 265 26.80 -6.51 -20.39
N THR D 266 27.44 -6.40 -21.55
CA THR D 266 27.56 -7.54 -22.46
C THR D 266 29.04 -7.87 -22.63
N PRO D 267 29.41 -8.93 -23.37
CA PRO D 267 30.85 -9.31 -23.44
C PRO D 267 31.77 -8.17 -23.83
N TYR D 268 31.40 -7.35 -24.81
CA TYR D 268 32.28 -6.29 -25.31
C TYR D 268 31.76 -4.88 -25.08
N LEU D 269 30.49 -4.71 -24.70
CA LEU D 269 29.86 -3.39 -24.62
C LEU D 269 29.07 -3.28 -23.33
N GLY D 270 29.12 -2.12 -22.71
CA GLY D 270 28.31 -1.91 -21.51
C GLY D 270 28.21 -0.47 -21.06
N MET D 271 27.10 -0.20 -20.37
CA MET D 271 26.99 0.90 -19.40
C MET D 271 26.67 0.26 -18.06
N PRO D 272 27.67 -0.31 -17.38
CA PRO D 272 27.36 -1.02 -16.13
C PRO D 272 26.85 -0.11 -15.03
N GLN D 273 27.14 1.20 -15.07
CA GLN D 273 26.90 2.09 -13.94
C GLN D 273 26.11 3.33 -14.35
N VAL D 274 24.98 3.54 -13.69
CA VAL D 274 24.26 4.82 -13.67
C VAL D 274 24.12 5.25 -12.22
N ILE D 275 24.58 6.46 -11.91
CA ILE D 275 24.47 6.99 -10.55
C ILE D 275 23.47 8.14 -10.57
N ARG D 276 22.39 8.00 -9.80
CA ARG D 276 21.35 9.03 -9.76
C ARG D 276 21.47 9.86 -8.51
N PRO D 277 21.43 11.18 -8.62
CA PRO D 277 21.48 12.03 -7.42
C PRO D 277 20.34 11.70 -6.45
N ASP D 278 20.62 11.85 -5.15
CA ASP D 278 19.67 11.42 -4.12
C ASP D 278 18.86 12.58 -3.56
N GLY D 279 19.01 13.77 -4.12
CA GLY D 279 18.33 14.95 -3.65
C GLY D 279 18.97 15.59 -2.45
N LEU D 280 20.01 14.97 -1.89
CA LEU D 280 20.76 15.57 -0.80
C LEU D 280 22.21 15.76 -1.25
N TYR D 281 23.18 15.06 -0.64
CA TYR D 281 24.59 15.34 -0.87
C TYR D 281 25.23 14.52 -1.97
N VAL D 282 24.55 13.48 -2.47
CA VAL D 282 24.97 12.81 -3.70
C VAL D 282 24.20 13.49 -4.82
N SER D 283 24.78 14.56 -5.36
CA SER D 283 24.10 15.49 -6.23
C SER D 283 24.55 15.41 -7.67
N GLN D 284 25.56 14.58 -7.96
CA GLN D 284 26.17 14.50 -9.29
C GLN D 284 25.62 13.27 -10.01
N GLN D 285 25.06 13.49 -11.20
CA GLN D 285 24.57 12.41 -12.03
C GLN D 285 25.73 11.85 -12.85
N ARG D 286 26.03 10.56 -12.69
CA ARG D 286 27.24 9.99 -13.27
C ARG D 286 26.95 8.69 -14.00
N PHE D 287 27.87 8.34 -14.90
CA PHE D 287 27.77 7.16 -15.75
C PHE D 287 29.15 6.49 -15.85
N GLY D 288 29.14 5.18 -16.03
CA GLY D 288 30.35 4.45 -16.34
C GLY D 288 30.11 3.54 -17.53
N MET D 289 30.96 3.65 -18.56
CA MET D 289 30.74 2.98 -19.84
C MET D 289 32.03 2.31 -20.28
N TYR D 290 31.91 1.12 -20.86
CA TYR D 290 33.09 0.40 -21.36
C TYR D 290 32.81 -0.18 -22.73
N ARG D 291 33.88 -0.32 -23.51
CA ARG D 291 33.84 -1.04 -24.78
C ARG D 291 35.19 -1.72 -24.99
N TRP D 292 35.16 -3.04 -25.17
CA TRP D 292 36.36 -3.80 -25.52
C TRP D 292 36.33 -4.08 -27.02
N HIS D 293 37.46 -3.82 -27.69
CA HIS D 293 37.60 -4.09 -29.12
C HIS D 293 38.42 -5.38 -29.20
N LEU D 294 37.74 -6.50 -28.97
CA LEU D 294 38.42 -7.78 -28.90
C LEU D 294 38.31 -8.56 -30.21
N GLN D 295 37.09 -8.72 -30.73
CA GLN D 295 36.91 -9.26 -32.07
C GLN D 295 37.20 -8.21 -33.14
N ASP D 296 37.20 -6.93 -32.77
CA ASP D 296 37.38 -5.81 -33.71
C ASP D 296 38.40 -4.82 -33.19
N PRO D 297 39.64 -5.26 -32.94
CA PRO D 297 40.67 -4.31 -32.48
C PRO D 297 40.88 -3.21 -33.51
N ILE D 298 41.44 -2.10 -33.07
CA ILE D 298 41.74 -1.01 -33.99
C ILE D 298 43.24 -0.99 -34.19
N HIS D 299 43.68 -1.54 -35.32
CA HIS D 299 45.10 -1.75 -35.59
C HIS D 299 45.77 -0.45 -36.04
N PHE D 300 47.05 -0.34 -35.72
CA PHE D 300 47.87 0.75 -36.24
C PHE D 300 49.28 0.21 -36.47
N ALA D 301 49.91 0.65 -37.56
CA ALA D 301 51.21 0.13 -37.97
C ALA D 301 52.38 0.92 -37.39
N THR D 302 52.22 2.24 -37.22
CA THR D 302 53.30 3.06 -36.71
C THR D 302 52.93 3.91 -35.51
N GLY D 303 51.67 4.10 -35.20
CA GLY D 303 51.30 4.70 -33.92
C GLY D 303 49.88 5.20 -33.93
N ILE D 304 49.52 5.80 -32.79
CA ILE D 304 48.24 6.46 -32.59
C ILE D 304 48.53 7.89 -32.19
N PRO D 305 48.48 8.84 -33.13
CA PRO D 305 48.65 10.25 -32.74
C PRO D 305 47.63 10.74 -31.73
N LYS D 306 46.35 10.34 -31.87
CA LYS D 306 45.32 10.92 -31.02
C LYS D 306 44.07 10.04 -31.03
N VAL D 307 43.52 9.79 -29.85
CA VAL D 307 42.13 9.35 -29.71
C VAL D 307 41.45 10.38 -28.82
N ASP D 308 40.30 10.90 -29.25
CA ASP D 308 39.61 11.86 -28.41
C ASP D 308 38.10 11.69 -28.62
N ILE D 309 37.31 12.32 -27.74
CA ILE D 309 35.86 12.25 -27.83
C ILE D 309 35.26 13.63 -27.54
N GLN D 310 34.28 14.02 -28.34
CA GLN D 310 33.62 15.30 -28.13
C GLN D 310 32.69 15.20 -26.94
N ALA D 311 32.48 16.33 -26.26
CA ALA D 311 31.48 16.46 -25.21
C ALA D 311 30.43 17.44 -25.71
N LEU D 312 29.31 16.90 -26.21
CA LEU D 312 28.27 17.67 -26.88
C LEU D 312 26.91 17.27 -26.32
N GLY D 313 26.17 18.24 -25.76
CA GLY D 313 24.77 18.07 -25.43
C GLY D 313 23.88 18.90 -26.35
N TRP D 314 22.79 19.48 -25.81
CA TRP D 314 21.81 20.21 -26.62
C TRP D 314 21.48 21.56 -25.99
N ARG D 315 21.35 22.61 -26.83
CA ARG D 315 20.79 23.92 -26.48
C ARG D 315 19.49 24.15 -27.24
N SER D 316 18.83 25.28 -26.93
CA SER D 316 17.63 25.68 -27.64
C SER D 316 17.92 25.89 -29.12
N GLY D 317 16.90 25.64 -29.95
CA GLY D 317 17.07 25.74 -31.39
C GLY D 317 17.85 24.59 -32.00
N TRP D 318 17.76 23.39 -31.42
CA TRP D 318 18.43 22.20 -31.94
C TRP D 318 19.89 22.49 -32.30
N ARG D 319 20.59 23.17 -31.38
CA ARG D 319 22.02 23.41 -31.44
C ARG D 319 22.74 22.47 -30.48
N TYR D 320 23.88 21.95 -30.91
CA TYR D 320 24.72 21.23 -29.97
C TYR D 320 25.16 22.16 -28.85
N LEU D 321 25.27 21.63 -27.62
CA LEU D 321 25.77 22.37 -26.47
C LEU D 321 27.16 21.87 -26.12
N PRO D 322 28.21 22.68 -26.24
CA PRO D 322 29.52 22.24 -25.73
C PRO D 322 29.45 22.02 -24.23
N LEU D 323 29.90 20.84 -23.80
CA LEU D 323 29.71 20.42 -22.41
C LEU D 323 30.95 20.70 -21.59
N ARG D 324 30.77 21.37 -20.45
CA ARG D 324 31.84 21.50 -19.46
C ARG D 324 31.71 20.37 -18.45
N ASP D 325 32.01 19.15 -18.89
CA ASP D 325 31.67 17.98 -18.09
C ASP D 325 32.91 17.37 -17.42
N ASP D 326 32.67 16.31 -16.64
CA ASP D 326 33.67 15.69 -15.77
C ASP D 326 33.93 14.31 -16.36
N ILE D 327 35.03 14.16 -17.09
CA ILE D 327 35.21 12.99 -17.94
C ILE D 327 36.59 12.40 -17.65
N ALA D 328 36.62 11.15 -17.18
CA ALA D 328 37.84 10.39 -17.01
C ALA D 328 37.80 9.18 -17.92
N SER D 329 38.85 8.98 -18.71
CA SER D 329 38.93 7.87 -19.64
C SER D 329 40.11 6.97 -19.28
N THR D 330 39.90 5.66 -19.42
CA THR D 330 40.96 4.65 -19.38
C THR D 330 41.02 4.00 -20.77
N ALA D 331 42.18 4.03 -21.39
CA ALA D 331 42.37 3.44 -22.71
C ALA D 331 43.27 2.24 -22.56
N MET D 332 42.85 1.11 -23.14
CA MET D 332 43.66 -0.11 -23.14
C MET D 332 44.13 -0.37 -24.56
N PHE D 333 45.41 -0.75 -24.69
CA PHE D 333 45.93 -1.04 -26.02
C PHE D 333 47.13 -1.97 -25.89
N TYR D 334 47.41 -2.69 -26.97
CA TYR D 334 48.57 -3.55 -27.11
C TYR D 334 49.61 -2.88 -27.99
N LEU D 335 50.87 -2.93 -27.55
CA LEU D 335 51.98 -2.27 -28.22
C LEU D 335 53.14 -3.23 -28.34
N ASP D 336 53.95 -3.07 -29.41
CA ASP D 336 55.10 -3.93 -29.63
C ASP D 336 56.32 -3.51 -28.83
N ARG D 337 56.13 -2.66 -27.82
CA ARG D 337 57.24 -2.22 -26.97
C ARG D 337 56.67 -1.91 -25.59
N PRO D 338 57.53 -1.91 -24.55
CA PRO D 338 56.98 -1.83 -23.18
C PRO D 338 56.58 -0.45 -22.72
N THR D 339 56.99 0.62 -23.39
CA THR D 339 56.66 1.97 -22.94
C THR D 339 56.11 2.79 -24.09
N ALA D 340 55.42 3.87 -23.73
CA ALA D 340 54.84 4.77 -24.72
C ALA D 340 54.58 6.10 -24.03
N ARG D 341 54.28 7.11 -24.83
CA ARG D 341 54.03 8.42 -24.23
C ARG D 341 52.79 8.37 -23.34
N ARG D 342 52.82 9.06 -22.21
CA ARG D 342 51.79 8.97 -21.19
C ARG D 342 51.33 10.35 -20.74
N PRO D 343 50.09 10.49 -20.27
CA PRO D 343 49.72 11.72 -19.55
C PRO D 343 50.48 11.80 -18.24
N LYS D 344 50.31 12.92 -17.54
CA LYS D 344 50.91 13.02 -16.22
C LYS D 344 50.35 11.90 -15.35
N SER D 345 51.15 11.44 -14.40
CA SER D 345 50.70 10.41 -13.49
C SER D 345 49.42 10.88 -12.77
N PRO D 346 48.50 9.96 -12.47
CA PRO D 346 47.32 10.35 -11.71
C PRO D 346 47.71 10.79 -10.29
N SER D 347 47.15 11.91 -9.85
CA SER D 347 47.47 12.41 -8.52
C SER D 347 46.29 12.15 -7.60
N ALA D 348 46.57 12.23 -6.30
CA ALA D 348 45.50 12.09 -5.32
C ALA D 348 44.38 13.08 -5.59
N ASP D 349 44.72 14.33 -5.91
CA ASP D 349 43.70 15.38 -5.99
C ASP D 349 42.82 15.23 -7.22
N ASP D 350 43.37 14.85 -8.37
CA ASP D 350 42.47 14.75 -9.51
C ASP D 350 41.82 13.37 -9.63
N MET D 351 42.34 12.36 -8.93
CA MET D 351 41.60 11.11 -8.82
C MET D 351 40.40 11.23 -7.88
N GLU D 352 40.48 12.11 -6.88
CA GLU D 352 39.54 12.08 -5.76
C GLU D 352 38.09 12.18 -6.20
N VAL D 353 37.26 11.31 -5.61
CA VAL D 353 35.80 11.43 -5.67
C VAL D 353 35.29 11.38 -4.23
N HIS D 354 34.10 11.95 -4.04
CA HIS D 354 33.53 12.09 -2.70
C HIS D 354 33.26 10.72 -2.10
N LEU D 355 33.70 10.51 -0.86
CA LEU D 355 33.44 9.25 -0.16
C LEU D 355 32.08 9.31 0.54
N GLY D 356 31.30 8.27 0.36
CA GLY D 356 30.09 8.18 1.15
C GLY D 356 29.02 9.15 0.68
N THR D 357 28.05 9.37 1.56
CA THR D 357 26.87 10.15 1.20
C THR D 357 26.63 11.33 2.15
N ALA D 358 27.57 11.63 3.05
CA ALA D 358 27.44 12.69 4.05
C ALA D 358 27.93 14.04 3.50
N PRO D 359 27.81 15.17 4.24
CA PRO D 359 28.27 16.46 3.66
C PRO D 359 29.77 16.55 3.46
N VAL D 360 30.54 15.75 4.19
CA VAL D 360 32.01 15.75 4.16
C VAL D 360 32.46 14.33 3.78
N PRO D 361 33.47 14.17 2.92
CA PRO D 361 34.01 12.82 2.67
C PRO D 361 34.35 12.06 3.93
N ASP D 362 34.99 12.73 4.88
CA ASP D 362 35.50 12.07 6.08
C ASP D 362 34.38 11.52 6.94
N LEU D 363 33.19 12.11 6.85
CA LEU D 363 32.08 11.64 7.66
C LEU D 363 31.45 10.38 7.08
N GLY D 364 31.45 10.25 5.76
CA GLY D 364 30.95 9.06 5.10
C GLY D 364 31.98 7.98 4.82
N ALA D 365 33.22 8.15 5.31
CA ALA D 365 34.26 7.14 5.15
C ALA D 365 34.02 5.99 6.12
N THR D 366 34.73 4.88 5.89
CA THR D 366 34.55 3.66 6.68
C THR D 366 35.86 3.30 7.36
N PRO D 367 36.00 3.53 8.67
CA PRO D 367 35.06 4.23 9.54
C PRO D 367 35.20 5.76 9.37
N PRO D 368 34.29 6.55 9.95
CA PRO D 368 34.42 8.00 9.82
C PRO D 368 35.71 8.49 10.45
N ARG D 369 36.31 9.51 9.83
CA ARG D 369 37.66 9.92 10.22
C ARG D 369 37.62 10.90 11.38
N VAL D 370 36.87 11.98 11.26
CA VAL D 370 36.57 12.85 12.41
C VAL D 370 37.83 13.44 13.04
N PRO E 2 -47.13 -15.17 -22.19
CA PRO E 2 -47.38 -13.75 -21.88
C PRO E 2 -46.14 -12.94 -21.52
N ASP E 3 -46.36 -11.70 -21.10
CA ASP E 3 -45.27 -10.85 -20.63
C ASP E 3 -45.84 -9.99 -19.50
N LEU E 4 -45.06 -9.04 -19.00
CA LEU E 4 -45.51 -8.23 -17.87
C LEU E 4 -46.78 -7.47 -18.22
N ASN E 5 -46.88 -7.01 -19.46
CA ASN E 5 -48.04 -6.22 -19.88
C ASN E 5 -49.30 -7.05 -19.90
N SER E 6 -49.19 -8.33 -20.28
CA SER E 6 -50.35 -9.19 -20.48
C SER E 6 -50.46 -10.33 -19.47
N ILE E 7 -49.68 -10.29 -18.37
CA ILE E 7 -49.65 -11.42 -17.44
C ILE E 7 -50.97 -11.62 -16.69
N ALA E 8 -51.81 -10.60 -16.57
CA ALA E 8 -53.01 -10.76 -15.74
C ALA E 8 -54.12 -11.57 -16.41
N ALA E 9 -54.10 -11.70 -17.74
CA ALA E 9 -55.21 -12.31 -18.46
C ALA E 9 -55.39 -13.79 -18.10
N LEU E 10 -56.62 -14.16 -17.74
CA LEU E 10 -56.96 -15.58 -17.61
C LEU E 10 -56.81 -16.27 -18.96
N ARG E 11 -56.15 -17.43 -18.96
CA ARG E 11 -55.94 -18.20 -20.18
C ARG E 11 -56.08 -19.69 -19.90
N GLN E 12 -56.70 -20.41 -20.83
CA GLN E 12 -56.88 -21.85 -20.74
C GLN E 12 -55.63 -22.56 -21.25
N VAL E 13 -54.60 -22.55 -20.41
CA VAL E 13 -53.30 -23.12 -20.74
C VAL E 13 -52.87 -23.99 -19.57
N GLN E 14 -52.17 -25.10 -19.88
CA GLN E 14 -51.51 -25.91 -18.85
C GLN E 14 -50.00 -25.76 -18.96
N THR E 15 -49.34 -25.66 -17.80
CA THR E 15 -47.89 -25.61 -17.73
C THR E 15 -47.38 -26.99 -17.29
N ARG E 16 -46.39 -27.51 -18.00
CA ARG E 16 -45.71 -28.73 -17.63
C ARG E 16 -44.21 -28.50 -17.62
N SER E 17 -43.49 -29.24 -16.77
CA SER E 17 -42.06 -29.07 -16.62
C SER E 17 -41.39 -30.44 -16.63
N ILE E 18 -40.52 -30.65 -17.60
CA ILE E 18 -39.72 -31.88 -17.70
C ILE E 18 -38.39 -31.63 -17.01
N SER E 19 -38.05 -32.46 -16.03
CA SER E 19 -36.77 -32.42 -15.33
C SER E 19 -36.35 -33.84 -14.96
N PRO E 20 -35.16 -34.04 -14.39
CA PRO E 20 -34.81 -35.38 -13.86
C PRO E 20 -35.72 -35.87 -12.72
N GLU E 21 -36.51 -35.01 -12.08
CA GLU E 21 -37.48 -35.44 -11.10
C GLU E 21 -38.86 -35.71 -11.71
N ASN E 22 -38.98 -35.52 -13.03
CA ASN E 22 -40.20 -35.82 -13.77
C ASN E 22 -39.83 -35.95 -15.25
N PHE E 23 -39.23 -37.09 -15.59
CA PHE E 23 -38.60 -37.28 -16.90
C PHE E 23 -39.55 -37.03 -18.07
N ASP E 24 -40.87 -37.15 -17.87
CA ASP E 24 -41.83 -36.93 -18.95
C ASP E 24 -42.83 -35.82 -18.67
N GLY E 25 -42.72 -35.13 -17.54
CA GLY E 25 -43.54 -33.95 -17.30
C GLY E 25 -45.00 -34.21 -17.01
N THR E 26 -45.38 -35.45 -16.69
CA THR E 26 -46.78 -35.76 -16.45
C THR E 26 -47.29 -35.10 -15.17
N ALA E 27 -48.58 -34.77 -15.20
CA ALA E 27 -49.26 -34.26 -14.02
C ALA E 27 -49.15 -35.26 -12.87
N GLY E 28 -48.86 -34.76 -11.68
CA GLY E 28 -48.66 -35.66 -10.55
C GLY E 28 -47.49 -36.62 -10.68
N GLY E 29 -46.60 -36.39 -11.65
CA GLY E 29 -45.54 -37.34 -11.96
C GLY E 29 -44.16 -37.03 -11.44
N GLY E 30 -44.00 -36.05 -10.57
CA GLY E 30 -42.69 -35.62 -10.12
C GLY E 30 -42.36 -36.08 -8.72
N GLY E 31 -41.07 -36.23 -8.45
CA GLY E 31 -40.62 -36.54 -7.11
C GLY E 31 -40.92 -37.95 -6.67
N ARG E 32 -41.09 -38.87 -7.62
CA ARG E 32 -41.46 -40.24 -7.31
C ARG E 32 -40.29 -41.21 -7.36
N ALA E 33 -39.11 -40.76 -7.79
CA ALA E 33 -38.01 -41.68 -8.01
C ALA E 33 -37.54 -42.32 -6.71
N THR E 34 -37.24 -43.61 -6.79
CA THR E 34 -36.57 -44.32 -5.73
C THR E 34 -35.12 -44.59 -6.06
N GLU E 35 -34.77 -44.56 -7.34
CA GLU E 35 -33.41 -44.69 -7.82
C GLU E 35 -33.02 -43.39 -8.53
N GLY E 36 -31.74 -43.08 -8.53
CA GLY E 36 -31.23 -41.92 -9.25
C GLY E 36 -29.95 -41.41 -8.64
N THR E 37 -29.47 -40.28 -9.19
CA THR E 37 -28.17 -39.76 -8.82
C THR E 37 -28.10 -39.19 -7.40
N GLY E 38 -29.24 -38.93 -6.77
CA GLY E 38 -29.21 -38.48 -5.40
C GLY E 38 -29.55 -39.53 -4.37
N ALA E 39 -29.77 -40.78 -4.79
CA ALA E 39 -30.36 -41.79 -3.90
C ALA E 39 -29.44 -42.11 -2.73
N ASP E 40 -28.16 -42.33 -3.01
CA ASP E 40 -27.19 -42.51 -1.93
C ASP E 40 -27.14 -41.28 -1.03
N CYS E 41 -27.23 -40.08 -1.60
CA CYS E 41 -27.14 -38.88 -0.79
C CYS E 41 -28.27 -38.80 0.21
N ALA E 42 -29.41 -39.42 -0.13
CA ALA E 42 -30.60 -39.42 0.71
C ALA E 42 -30.75 -40.68 1.55
N ARG E 43 -29.70 -41.48 1.67
CA ARG E 43 -29.84 -42.82 2.24
C ARG E 43 -30.36 -42.83 3.68
N ASP E 44 -30.06 -41.79 4.47
CA ASP E 44 -30.65 -41.67 5.80
C ASP E 44 -32.02 -41.03 5.79
N LEU E 45 -32.44 -40.46 4.65
CA LEU E 45 -33.75 -39.86 4.51
C LEU E 45 -34.62 -40.78 3.66
N GLY E 46 -35.92 -40.58 3.70
CA GLY E 46 -36.78 -41.39 2.88
C GLY E 46 -36.55 -41.12 1.40
N PRO E 47 -37.39 -41.69 0.55
CA PRO E 47 -37.54 -41.14 -0.81
C PRO E 47 -38.26 -39.81 -0.73
N GLY E 48 -38.36 -39.15 -1.89
CA GLY E 48 -38.86 -37.80 -1.95
C GLY E 48 -37.87 -36.72 -1.60
N TRP E 49 -36.65 -37.09 -1.16
CA TRP E 49 -35.64 -36.13 -0.73
C TRP E 49 -34.50 -36.08 -1.75
N LYS E 50 -34.74 -35.33 -2.84
CA LYS E 50 -33.78 -35.09 -3.92
C LYS E 50 -33.13 -36.39 -4.40
N ILE E 51 -33.96 -37.31 -4.89
CA ILE E 51 -33.46 -38.61 -5.33
C ILE E 51 -32.91 -38.55 -6.75
N SER E 52 -33.46 -37.68 -7.58
CA SER E 52 -33.17 -37.71 -9.02
C SER E 52 -32.98 -36.30 -9.57
N PRO E 53 -31.97 -35.57 -9.11
CA PRO E 53 -31.83 -34.17 -9.56
C PRO E 53 -31.13 -34.01 -10.90
N SER E 54 -30.45 -35.04 -11.40
CA SER E 54 -29.57 -34.87 -12.54
C SER E 54 -29.40 -36.19 -13.25
N VAL E 55 -28.86 -36.14 -14.46
CA VAL E 55 -28.54 -37.35 -15.21
C VAL E 55 -27.05 -37.39 -15.49
N ASP E 56 -26.52 -38.60 -15.64
CA ASP E 56 -25.16 -38.82 -16.13
C ASP E 56 -25.24 -39.33 -17.57
N ILE E 57 -24.53 -38.66 -18.47
CA ILE E 57 -24.47 -38.99 -19.88
C ILE E 57 -23.07 -39.52 -20.17
N LYS E 58 -23.00 -40.78 -20.59
CA LYS E 58 -21.68 -41.41 -20.73
C LYS E 58 -20.96 -40.89 -21.97
N ALA E 59 -19.63 -40.99 -21.93
CA ALA E 59 -18.76 -40.57 -23.02
C ALA E 59 -19.30 -41.05 -24.36
N GLY E 60 -19.45 -40.12 -25.30
CA GLY E 60 -19.86 -40.44 -26.65
C GLY E 60 -21.36 -40.56 -26.87
N GLU E 61 -22.18 -40.56 -25.83
CA GLU E 61 -23.58 -40.92 -25.96
C GLU E 61 -24.49 -39.70 -26.01
N THR E 62 -25.75 -39.95 -26.36
CA THR E 62 -26.74 -38.91 -26.51
C THR E 62 -27.87 -39.16 -25.54
N PHE E 63 -28.27 -38.11 -24.82
CA PHE E 63 -29.37 -38.16 -23.88
C PHE E 63 -30.55 -37.36 -24.41
N GLU E 64 -31.76 -37.93 -24.29
CA GLU E 64 -32.98 -37.24 -24.69
C GLU E 64 -33.49 -36.42 -23.51
N LEU E 65 -33.26 -35.10 -23.55
CA LEU E 65 -33.70 -34.23 -22.46
C LEU E 65 -35.23 -34.18 -22.35
N ALA E 66 -35.91 -34.04 -23.48
CA ALA E 66 -37.35 -33.82 -23.48
C ALA E 66 -37.97 -34.50 -24.69
N SER E 67 -39.12 -35.12 -24.47
CA SER E 67 -39.92 -35.69 -25.54
C SER E 67 -41.37 -35.35 -25.23
N ILE E 68 -42.00 -34.55 -26.09
CA ILE E 68 -43.34 -34.04 -25.86
C ILE E 68 -44.16 -34.38 -27.10
N GLU E 69 -45.42 -34.76 -26.90
CA GLU E 69 -46.33 -34.99 -28.01
C GLU E 69 -47.41 -33.93 -28.07
N GLY E 70 -47.94 -33.70 -29.27
CA GLY E 70 -48.95 -32.68 -29.47
C GLY E 70 -48.38 -31.30 -29.72
N ALA E 71 -49.27 -30.33 -29.81
CA ALA E 71 -48.87 -28.94 -29.92
C ALA E 71 -48.43 -28.42 -28.55
N GLY E 72 -47.56 -27.42 -28.58
CA GLY E 72 -47.05 -26.85 -27.34
C GLY E 72 -46.03 -25.79 -27.63
N LYS E 73 -45.47 -25.24 -26.55
CA LYS E 73 -44.49 -24.17 -26.66
C LYS E 73 -43.59 -24.24 -25.42
N ILE E 74 -42.31 -24.52 -25.65
CA ILE E 74 -41.33 -24.39 -24.57
C ILE E 74 -41.20 -22.91 -24.22
N THR E 75 -41.41 -22.58 -22.94
CA THR E 75 -41.33 -21.22 -22.47
C THR E 75 -40.09 -20.91 -21.64
N HIS E 76 -39.32 -21.93 -21.23
CA HIS E 76 -38.14 -21.70 -20.41
C HIS E 76 -37.32 -22.97 -20.29
N ILE E 77 -36.05 -22.88 -20.63
CA ILE E 77 -35.07 -23.94 -20.35
C ILE E 77 -34.10 -23.41 -19.30
N TRP E 78 -33.95 -24.15 -18.21
CA TRP E 78 -32.82 -23.98 -17.31
C TRP E 78 -31.93 -25.21 -17.43
N ILE E 79 -30.62 -25.01 -17.47
CA ILE E 79 -29.72 -26.14 -17.62
C ILE E 79 -28.35 -25.73 -17.09
N THR E 80 -27.67 -26.67 -16.45
CA THR E 80 -26.29 -26.43 -16.05
C THR E 80 -25.48 -27.72 -16.16
N THR E 81 -24.18 -27.53 -16.25
CA THR E 81 -23.15 -28.55 -16.33
C THR E 81 -21.84 -27.81 -16.13
N HIS E 82 -20.79 -28.52 -15.73
CA HIS E 82 -19.53 -27.85 -15.45
C HIS E 82 -18.92 -27.29 -16.73
N THR E 83 -18.06 -26.26 -16.55
CA THR E 83 -17.54 -25.49 -17.67
C THR E 83 -16.68 -26.32 -18.62
N ASP E 84 -16.03 -27.37 -18.12
CA ASP E 84 -15.25 -28.27 -18.99
C ASP E 84 -16.09 -28.85 -20.12
N ASN E 85 -17.43 -28.86 -19.99
CA ASN E 85 -18.31 -29.47 -20.97
C ASN E 85 -18.98 -28.46 -21.90
N TRP E 86 -18.72 -27.15 -21.74
CA TRP E 86 -19.49 -26.16 -22.50
C TRP E 86 -19.16 -26.19 -23.98
N ARG E 87 -17.98 -26.72 -24.35
CA ARG E 87 -17.65 -26.88 -25.76
C ARG E 87 -17.44 -28.35 -26.10
N THR E 88 -18.10 -29.26 -25.40
CA THR E 88 -18.08 -30.67 -25.77
C THR E 88 -19.47 -31.27 -25.86
N LEU E 89 -20.51 -30.56 -25.42
CA LEU E 89 -21.90 -31.00 -25.52
C LEU E 89 -22.58 -30.26 -26.66
N ILE E 90 -23.43 -30.98 -27.40
CA ILE E 90 -24.18 -30.40 -28.51
C ILE E 90 -25.67 -30.46 -28.16
N LEU E 91 -26.32 -29.30 -28.11
CA LEU E 91 -27.76 -29.20 -27.89
C LEU E 91 -28.48 -29.27 -29.24
N ARG E 92 -29.52 -30.13 -29.32
CA ARG E 92 -30.38 -30.21 -30.50
C ARG E 92 -31.86 -30.11 -30.12
N ALA E 93 -32.65 -29.61 -31.05
CA ALA E 93 -34.10 -29.62 -30.93
C ALA E 93 -34.69 -30.06 -32.26
N PHE E 94 -35.69 -30.94 -32.20
CA PHE E 94 -36.41 -31.44 -33.37
C PHE E 94 -37.89 -31.15 -33.16
N TRP E 95 -38.51 -30.53 -34.15
CA TRP E 95 -39.92 -30.17 -34.07
C TRP E 95 -40.74 -31.03 -35.05
N ASP E 96 -41.92 -31.46 -34.58
CA ASP E 96 -42.94 -32.08 -35.40
C ASP E 96 -42.48 -33.42 -35.97
N GLY E 97 -41.68 -34.16 -35.22
CA GLY E 97 -41.18 -35.45 -35.66
C GLY E 97 -40.13 -35.42 -36.75
N ALA E 98 -39.68 -34.23 -37.16
CA ALA E 98 -38.72 -34.11 -38.24
C ALA E 98 -37.44 -34.86 -37.91
N ASP E 99 -36.75 -35.31 -38.98
CA ASP E 99 -35.57 -36.15 -38.86
C ASP E 99 -34.31 -35.36 -38.64
N GLU E 100 -34.33 -34.07 -38.96
CA GLU E 100 -33.19 -33.21 -38.82
C GLU E 100 -33.50 -32.14 -37.75
N PRO E 101 -32.49 -31.70 -37.01
CA PRO E 101 -32.74 -30.69 -35.97
C PRO E 101 -32.81 -29.28 -36.54
N ALA E 102 -33.78 -28.50 -36.03
CA ALA E 102 -33.82 -27.06 -36.27
C ALA E 102 -32.79 -26.33 -35.40
N VAL E 103 -32.48 -26.86 -34.22
CA VAL E 103 -31.48 -26.32 -33.30
C VAL E 103 -30.33 -27.32 -33.25
N GLU E 104 -29.11 -26.83 -33.48
CA GLU E 104 -27.93 -27.69 -33.44
C GLU E 104 -26.73 -26.80 -33.11
N VAL E 105 -26.46 -26.66 -31.81
CA VAL E 105 -25.54 -25.64 -31.31
C VAL E 105 -24.68 -26.20 -30.19
N PRO E 106 -23.38 -25.89 -30.17
CA PRO E 106 -22.59 -26.13 -28.94
C PRO E 106 -23.32 -25.58 -27.73
N TYR E 107 -23.28 -26.37 -26.65
CA TYR E 107 -23.99 -26.02 -25.43
C TYR E 107 -23.69 -24.60 -24.98
N GLY E 108 -22.40 -24.24 -24.88
CA GLY E 108 -22.05 -22.96 -24.30
C GLY E 108 -22.50 -21.79 -25.14
N ASP E 109 -22.42 -21.94 -26.46
CA ASP E 109 -22.73 -20.83 -27.36
C ASP E 109 -24.22 -20.46 -27.35
N PHE E 110 -25.11 -21.39 -26.99
CA PHE E 110 -26.52 -21.05 -26.96
C PHE E 110 -26.83 -20.07 -25.84
N PHE E 111 -25.98 -20.03 -24.83
CA PHE E 111 -26.18 -19.13 -23.70
C PHE E 111 -25.05 -18.11 -23.64
N CYS E 112 -24.52 -17.73 -24.81
CA CYS E 112 -23.52 -16.66 -24.95
C CYS E 112 -22.24 -16.95 -24.15
N ASN E 113 -21.88 -18.22 -24.06
CA ASN E 113 -20.75 -18.64 -23.24
C ASN E 113 -19.96 -19.73 -23.95
N GLY E 114 -19.56 -19.48 -25.19
CA GLY E 114 -18.88 -20.47 -25.99
C GLY E 114 -17.39 -20.61 -25.71
N TRP E 115 -16.85 -19.89 -24.74
CA TRP E 115 -15.43 -19.96 -24.44
C TRP E 115 -15.12 -20.76 -23.18
N GLY E 116 -16.14 -21.22 -22.44
CA GLY E 116 -15.89 -22.08 -21.30
C GLY E 116 -15.40 -21.34 -20.07
N VAL E 117 -15.62 -20.03 -20.03
CA VAL E 117 -15.31 -19.18 -18.89
C VAL E 117 -16.57 -18.37 -18.63
N PHE E 118 -17.13 -18.47 -17.43
CA PHE E 118 -18.45 -17.94 -17.18
C PHE E 118 -18.49 -16.42 -17.35
N ALA E 119 -19.42 -15.95 -18.17
CA ALA E 119 -19.70 -14.53 -18.31
C ALA E 119 -21.19 -14.31 -18.03
N GLN E 120 -21.49 -13.36 -17.17
CA GLN E 120 -22.87 -13.03 -16.81
C GLN E 120 -23.59 -12.39 -17.99
N VAL E 121 -24.78 -12.88 -18.32
CA VAL E 121 -25.63 -12.33 -19.37
C VAL E 121 -26.94 -11.90 -18.75
N ASN E 122 -27.27 -10.61 -18.84
CA ASN E 122 -28.50 -10.09 -18.24
C ASN E 122 -29.60 -9.82 -19.27
N SER E 123 -29.56 -10.47 -20.43
CA SER E 123 -30.48 -10.10 -21.51
C SER E 123 -31.89 -10.66 -21.27
N GLN E 124 -32.77 -10.42 -22.25
CA GLN E 124 -34.19 -10.78 -22.14
C GLN E 124 -34.44 -12.24 -22.52
N ALA E 125 -33.85 -12.68 -23.64
CA ALA E 125 -34.01 -14.05 -24.11
C ALA E 125 -33.06 -15.02 -23.41
N ILE E 126 -31.88 -14.55 -23.01
CA ILE E 126 -30.86 -15.38 -22.37
C ILE E 126 -30.42 -14.75 -21.05
N ALA E 127 -30.52 -15.51 -19.97
CA ALA E 127 -29.93 -15.16 -18.69
C ALA E 127 -28.94 -16.26 -18.31
N ALA E 128 -27.66 -15.88 -18.16
CA ALA E 128 -26.60 -16.76 -17.70
C ALA E 128 -26.11 -16.19 -16.37
N ASN E 129 -26.24 -16.97 -15.30
CA ASN E 129 -26.10 -16.49 -13.93
C ASN E 129 -25.10 -17.34 -13.16
N PRO E 130 -24.60 -16.83 -12.02
CA PRO E 130 -23.60 -17.59 -11.23
C PRO E 130 -24.13 -18.96 -10.79
N HIS E 131 -23.32 -20.01 -10.98
CA HIS E 131 -22.13 -20.04 -11.83
C HIS E 131 -22.40 -21.07 -12.91
N GLY E 132 -22.74 -20.59 -14.11
CA GLY E 132 -23.19 -21.49 -15.15
C GLY E 132 -24.67 -21.81 -15.12
N GLY E 133 -25.49 -20.98 -14.46
CA GLY E 133 -26.93 -21.11 -14.53
C GLY E 133 -27.44 -20.58 -15.86
N PHE E 134 -27.77 -21.47 -16.79
CA PHE E 134 -28.03 -21.11 -18.18
C PHE E 134 -29.54 -21.15 -18.42
N ASN E 135 -30.10 -20.02 -18.84
CA ASN E 135 -31.55 -19.86 -18.97
C ASN E 135 -31.90 -19.34 -20.35
N SER E 136 -32.76 -20.08 -21.04
CA SER E 136 -33.33 -19.67 -22.32
C SER E 136 -34.82 -19.35 -22.15
N TYR E 137 -35.21 -18.17 -22.61
CA TYR E 137 -36.61 -17.76 -22.64
C TYR E 137 -37.11 -17.60 -24.06
N TRP E 138 -36.31 -17.99 -25.05
CA TRP E 138 -36.79 -18.11 -26.40
C TRP E 138 -38.06 -18.97 -26.42
N PRO E 139 -39.21 -18.45 -26.85
CA PRO E 139 -40.38 -19.33 -27.04
C PRO E 139 -40.15 -20.24 -28.23
N MET E 140 -40.40 -21.54 -28.04
CA MET E 140 -40.19 -22.55 -29.08
C MET E 140 -41.51 -23.29 -29.31
N PRO E 141 -42.38 -22.77 -30.17
CA PRO E 141 -43.66 -23.43 -30.42
C PRO E 141 -43.50 -24.62 -31.37
N PHE E 142 -44.40 -25.58 -31.21
CA PHE E 142 -44.40 -26.72 -32.12
C PHE E 142 -45.84 -27.22 -32.24
N ARG E 143 -46.09 -27.98 -33.31
CA ARG E 143 -47.45 -28.40 -33.61
C ARG E 143 -47.68 -29.90 -33.44
N ASP E 144 -46.63 -30.70 -33.47
CA ASP E 144 -46.80 -32.14 -33.53
C ASP E 144 -45.61 -32.86 -32.90
N GLY E 145 -45.30 -32.51 -31.66
CA GLY E 145 -44.20 -33.17 -30.98
C GLY E 145 -42.94 -32.34 -30.95
N ALA E 146 -42.14 -32.55 -29.90
CA ALA E 146 -40.85 -31.90 -29.75
C ALA E 146 -39.87 -32.87 -29.10
N ARG E 147 -38.62 -32.82 -29.56
CA ARG E 147 -37.53 -33.62 -29.00
C ARG E 147 -36.33 -32.71 -28.81
N LEU E 148 -35.83 -32.62 -27.58
CA LEU E 148 -34.57 -31.94 -27.28
C LEU E 148 -33.57 -33.01 -26.86
N THR E 149 -32.38 -32.99 -27.47
CA THR E 149 -31.33 -33.94 -27.11
C THR E 149 -30.04 -33.19 -26.80
N ILE E 150 -29.18 -33.88 -26.07
CA ILE E 150 -27.85 -33.36 -25.72
C ILE E 150 -26.86 -34.49 -25.98
N GLU E 151 -25.85 -34.22 -26.80
CA GLU E 151 -24.88 -35.22 -27.20
C GLU E 151 -23.56 -34.94 -26.51
N ASN E 152 -23.03 -35.93 -25.80
CA ASN E 152 -21.73 -35.81 -25.13
C ASN E 152 -20.67 -36.33 -26.08
N THR E 153 -19.99 -35.41 -26.78
CA THR E 153 -18.93 -35.82 -27.70
C THR E 153 -17.58 -35.98 -27.02
N SER E 154 -17.49 -35.81 -25.70
CA SER E 154 -16.20 -35.88 -25.04
C SER E 154 -15.88 -37.34 -24.67
N VAL E 155 -14.64 -37.57 -24.21
CA VAL E 155 -14.23 -38.91 -23.80
C VAL E 155 -14.52 -39.20 -22.32
N VAL E 156 -15.05 -38.24 -21.56
CA VAL E 156 -15.43 -38.46 -20.18
C VAL E 156 -16.94 -38.42 -20.04
N ASP E 157 -17.45 -39.04 -18.97
CA ASP E 157 -18.86 -38.94 -18.60
C ASP E 157 -19.15 -37.58 -17.98
N VAL E 158 -20.32 -37.02 -18.27
CA VAL E 158 -20.68 -35.68 -17.84
C VAL E 158 -22.00 -35.71 -17.09
N ARG E 159 -22.15 -34.79 -16.14
CA ARG E 159 -23.38 -34.64 -15.39
C ARG E 159 -24.12 -33.40 -15.88
N VAL E 160 -25.45 -33.50 -16.01
CA VAL E 160 -26.28 -32.39 -16.49
C VAL E 160 -27.52 -32.27 -15.60
N TYR E 161 -27.85 -31.04 -15.22
CA TYR E 161 -29.12 -30.73 -14.57
C TYR E 161 -29.94 -29.91 -15.54
N TYR E 162 -31.26 -30.10 -15.55
CA TYR E 162 -32.08 -29.41 -16.53
C TYR E 162 -33.53 -29.33 -16.07
N GLN E 163 -34.23 -28.33 -16.62
CA GLN E 163 -35.63 -28.05 -16.32
C GLN E 163 -36.21 -27.40 -17.55
N VAL E 164 -37.09 -28.10 -18.25
CA VAL E 164 -37.70 -27.68 -19.51
C VAL E 164 -39.19 -27.44 -19.24
N THR E 165 -39.61 -26.19 -19.20
CA THR E 165 -40.98 -25.82 -18.91
C THR E 165 -41.69 -25.42 -20.19
N TYR E 166 -42.89 -25.96 -20.41
CA TYR E 166 -43.60 -25.71 -21.65
C TYR E 166 -45.10 -25.58 -21.37
N GLU E 167 -45.82 -25.03 -22.34
CA GLU E 167 -47.26 -24.80 -22.23
C GLU E 167 -47.99 -25.66 -23.26
N ILE E 168 -49.14 -26.19 -22.85
CA ILE E 168 -50.08 -26.86 -23.74
C ILE E 168 -51.42 -26.14 -23.66
N GLY E 169 -51.95 -25.74 -24.81
CA GLY E 169 -53.24 -25.06 -24.80
C GLY E 169 -53.35 -24.00 -25.86
N GLY E 170 -52.21 -23.44 -26.26
CA GLY E 170 -52.20 -22.42 -27.29
C GLY E 170 -52.43 -23.00 -28.66
N ASP E 171 -52.67 -22.09 -29.60
CA ASP E 171 -52.82 -22.39 -31.03
C ASP E 171 -51.54 -21.97 -31.73
N HIS E 172 -50.83 -22.93 -32.32
CA HIS E 172 -49.54 -22.65 -32.94
C HIS E 172 -49.58 -22.85 -34.45
N SER E 173 -50.78 -22.80 -35.03
CA SER E 173 -50.98 -22.89 -36.47
C SER E 173 -50.19 -21.82 -37.25
N ASN E 174 -50.08 -20.60 -36.70
CA ASN E 174 -49.32 -19.55 -37.37
C ASN E 174 -48.07 -19.15 -36.58
N ASP E 175 -47.55 -20.07 -35.76
CA ASP E 175 -46.33 -19.83 -35.02
C ASP E 175 -45.17 -20.51 -35.72
N ALA E 176 -44.11 -19.75 -36.00
CA ALA E 176 -42.93 -20.30 -36.64
C ALA E 176 -42.17 -21.20 -35.67
N TYR E 177 -41.25 -21.98 -36.24
CA TYR E 177 -40.38 -22.84 -35.44
C TYR E 177 -39.11 -22.08 -35.11
N PHE E 178 -38.62 -22.28 -33.89
CA PHE E 178 -37.36 -21.69 -33.48
C PHE E 178 -36.21 -22.53 -34.00
N HIS E 179 -35.20 -21.88 -34.62
CA HIS E 179 -34.01 -22.50 -35.19
C HIS E 179 -32.74 -21.88 -34.61
N ALA E 180 -31.65 -22.65 -34.61
CA ALA E 180 -30.37 -22.08 -34.20
C ALA E 180 -29.23 -22.88 -34.82
N GLN E 181 -28.25 -22.17 -35.39
CA GLN E 181 -27.17 -22.78 -36.16
C GLN E 181 -25.82 -22.17 -35.78
N TRP E 182 -24.77 -22.98 -35.88
CA TRP E 182 -23.44 -22.64 -35.39
C TRP E 182 -22.39 -22.82 -36.47
N ARG E 183 -21.49 -21.85 -36.62
CA ARG E 183 -20.41 -21.93 -37.58
C ARG E 183 -19.14 -21.33 -36.98
N ARG E 184 -18.02 -22.00 -37.21
CA ARG E 184 -16.73 -21.54 -36.68
C ARG E 184 -15.72 -21.53 -37.80
N SER E 185 -15.01 -20.41 -37.97
CA SER E 185 -13.82 -20.33 -38.81
C SER E 185 -12.62 -20.09 -37.90
N ASN E 186 -11.57 -20.91 -38.06
CA ASN E 186 -10.40 -20.92 -37.18
C ASN E 186 -9.17 -21.56 -37.84
N PRO E 187 -8.32 -20.79 -38.53
CA PRO E 187 -8.45 -19.36 -38.76
C PRO E 187 -9.30 -19.05 -39.98
N LEU E 188 -10.04 -17.95 -39.92
CA LEU E 188 -10.77 -17.49 -41.08
C LEU E 188 -9.81 -17.30 -42.26
N GLU E 189 -10.22 -17.78 -43.43
CA GLU E 189 -9.41 -17.61 -44.64
C GLU E 189 -9.26 -16.13 -45.00
N GLU E 190 -8.21 -15.84 -45.75
CA GLU E 190 -7.87 -14.46 -46.08
C GLU E 190 -8.99 -13.79 -46.86
N LEU E 191 -9.24 -12.52 -46.57
CA LEU E 191 -10.22 -11.70 -47.29
C LEU E 191 -11.50 -12.45 -47.60
N THR E 192 -11.95 -13.29 -46.67
CA THR E 192 -13.14 -14.09 -46.83
C THR E 192 -14.08 -13.78 -45.68
N PRO E 193 -15.33 -13.40 -45.94
CA PRO E 193 -16.26 -13.12 -44.84
C PRO E 193 -16.56 -14.39 -44.07
N HIS E 194 -16.81 -14.25 -42.76
CA HIS E 194 -17.25 -15.37 -41.93
C HIS E 194 -18.73 -15.62 -42.15
N VAL E 195 -19.09 -16.85 -42.55
CA VAL E 195 -20.48 -17.17 -42.82
C VAL E 195 -21.23 -17.40 -41.51
N ILE E 196 -22.35 -16.72 -41.36
CA ILE E 196 -23.21 -16.88 -40.19
C ILE E 196 -24.43 -17.73 -40.51
N LEU E 197 -25.05 -17.51 -41.67
CA LEU E 197 -26.20 -18.26 -42.13
C LEU E 197 -26.10 -18.39 -43.65
N GLU E 198 -26.65 -19.47 -44.20
CA GLU E 198 -26.56 -19.73 -45.63
C GLU E 198 -27.75 -20.54 -46.14
N GLY E 199 -28.38 -20.04 -47.22
CA GLY E 199 -29.35 -20.81 -48.00
C GLY E 199 -30.60 -21.28 -47.27
N ILE E 200 -31.15 -20.43 -46.40
CA ILE E 200 -32.34 -20.81 -45.65
C ILE E 200 -33.55 -20.53 -46.54
N GLU E 201 -34.35 -21.56 -46.80
CA GLU E 201 -35.55 -21.42 -47.61
C GLU E 201 -36.78 -21.45 -46.71
N GLY E 202 -37.68 -20.49 -46.90
CA GLY E 202 -38.89 -20.39 -46.13
C GLY E 202 -39.25 -18.96 -45.78
N GLU E 203 -40.37 -18.77 -45.09
CA GLU E 203 -40.74 -17.48 -44.52
C GLU E 203 -40.32 -17.46 -43.05
N GLY E 204 -39.82 -16.31 -42.59
CA GLY E 204 -39.47 -16.20 -41.18
C GLY E 204 -38.80 -14.89 -40.82
N HIS E 205 -38.04 -14.93 -39.72
CA HIS E 205 -37.33 -13.73 -39.29
C HIS E 205 -36.11 -14.10 -38.46
N TYR E 206 -35.01 -13.39 -38.72
CA TYR E 206 -33.77 -13.51 -37.99
C TYR E 206 -33.89 -12.75 -36.66
N VAL E 207 -33.52 -13.39 -35.55
CA VAL E 207 -33.78 -12.81 -34.23
C VAL E 207 -32.55 -12.77 -33.34
N GLY E 208 -31.44 -13.37 -33.76
CA GLY E 208 -30.28 -13.33 -32.87
C GLY E 208 -28.94 -13.75 -33.42
N THR E 209 -27.88 -13.14 -32.89
CA THR E 209 -26.50 -13.46 -33.23
C THR E 209 -25.69 -13.44 -31.93
N TYR E 210 -25.00 -14.54 -31.64
CA TYR E 210 -23.95 -14.56 -30.64
C TYR E 210 -22.66 -14.93 -31.36
N ILE E 211 -21.60 -14.17 -31.11
CA ILE E 211 -20.31 -14.43 -31.73
C ILE E 211 -19.23 -14.51 -30.64
N ALA E 212 -18.43 -15.57 -30.70
CA ALA E 212 -17.19 -15.70 -29.92
C ALA E 212 -16.02 -15.47 -30.85
N TRP E 213 -15.19 -14.46 -30.52
CA TRP E 213 -14.16 -13.92 -31.41
C TRP E 213 -12.81 -13.89 -30.70
N GLY E 214 -11.85 -14.67 -31.17
CA GLY E 214 -10.46 -14.59 -30.73
C GLY E 214 -9.59 -13.91 -31.78
N VAL E 215 -8.78 -12.95 -31.32
CA VAL E 215 -8.11 -12.02 -32.23
C VAL E 215 -6.65 -12.43 -32.37
N ASN E 216 -6.16 -12.48 -33.60
CA ASN E 216 -4.80 -12.91 -33.88
C ASN E 216 -3.94 -11.79 -34.47
N SER E 217 -4.43 -10.55 -34.48
CA SER E 217 -3.66 -9.38 -34.87
C SER E 217 -3.80 -8.32 -33.79
N ASN E 218 -2.79 -7.47 -33.66
CA ASN E 218 -2.83 -6.37 -32.69
C ASN E 218 -3.76 -5.27 -33.21
N GLY E 219 -4.10 -4.34 -32.34
CA GLY E 219 -4.92 -3.23 -32.79
C GLY E 219 -6.40 -3.55 -32.72
N TRP E 220 -7.22 -2.64 -33.23
CA TRP E 220 -8.65 -2.85 -33.22
C TRP E 220 -9.03 -3.89 -34.28
N TRP E 221 -9.89 -4.83 -33.89
CA TRP E 221 -10.21 -6.00 -34.68
C TRP E 221 -11.64 -6.00 -35.21
N GLY E 222 -12.46 -5.01 -34.83
CA GLY E 222 -13.88 -5.09 -35.08
C GLY E 222 -14.39 -4.09 -36.09
N GLU E 223 -13.65 -3.88 -37.19
CA GLU E 223 -14.09 -2.98 -38.23
C GLU E 223 -15.12 -3.61 -39.15
N GLY E 224 -15.12 -4.94 -39.26
CA GLY E 224 -15.89 -5.60 -40.30
C GLY E 224 -17.38 -5.46 -40.11
N GLU E 225 -18.09 -5.34 -41.24
CA GLU E 225 -19.54 -5.16 -41.26
C GLU E 225 -20.26 -6.49 -41.45
N ILE E 226 -21.44 -6.58 -40.86
CA ILE E 226 -22.37 -7.68 -41.03
C ILE E 226 -23.25 -7.37 -42.24
N LYS E 227 -23.58 -8.41 -43.03
CA LYS E 227 -24.42 -8.23 -44.20
C LYS E 227 -25.54 -9.26 -44.21
N PHE E 228 -26.78 -8.80 -44.35
CA PHE E 228 -27.94 -9.68 -44.46
C PHE E 228 -28.42 -9.69 -45.92
N TYR E 229 -28.19 -10.81 -46.60
CA TYR E 229 -28.76 -11.05 -47.92
C TYR E 229 -30.10 -11.74 -47.71
N LEU E 230 -31.18 -11.06 -48.12
CA LEU E 230 -32.55 -11.56 -47.92
C LEU E 230 -33.26 -11.72 -49.24
N ASP E 231 -34.07 -12.79 -49.35
CA ASP E 231 -35.04 -12.98 -50.43
C ASP E 231 -34.29 -13.01 -51.77
N ASP E 232 -34.55 -12.09 -52.70
CA ASP E 232 -33.93 -12.14 -54.02
C ASP E 232 -32.46 -11.76 -54.02
N ASP E 233 -31.95 -11.17 -52.92
CA ASP E 233 -30.55 -10.75 -52.88
C ASP E 233 -29.63 -11.84 -53.40
N THR E 234 -28.69 -11.45 -54.25
CA THR E 234 -27.65 -12.39 -54.67
C THR E 234 -26.30 -11.86 -54.23
N ASP E 235 -25.73 -10.91 -54.97
CA ASP E 235 -24.35 -10.55 -54.71
C ASP E 235 -24.20 -9.31 -53.85
N HIS E 236 -25.29 -8.67 -53.44
CA HIS E 236 -25.24 -7.53 -52.54
C HIS E 236 -26.40 -7.55 -51.55
N PRO E 237 -26.16 -7.20 -50.28
CA PRO E 237 -27.18 -7.39 -49.24
C PRO E 237 -28.18 -6.23 -49.14
N THR E 238 -29.35 -6.55 -48.58
CA THR E 238 -30.40 -5.57 -48.32
C THR E 238 -30.10 -4.72 -47.07
N ILE E 239 -29.63 -5.36 -46.01
CA ILE E 239 -29.13 -4.67 -44.83
C ILE E 239 -27.63 -4.83 -44.80
N CYS E 240 -26.92 -3.74 -44.50
CA CYS E 240 -25.46 -3.75 -44.47
C CYS E 240 -25.00 -2.88 -43.31
N GLY E 241 -24.32 -3.49 -42.33
CA GLY E 241 -23.85 -2.76 -41.16
C GLY E 241 -22.66 -1.87 -41.46
N THR E 242 -22.15 -1.25 -40.39
CA THR E 242 -20.99 -0.37 -40.48
C THR E 242 -19.80 -0.79 -39.63
N GLY E 243 -19.91 -1.85 -38.81
CA GLY E 243 -18.81 -2.31 -37.95
C GLY E 243 -19.21 -3.42 -36.98
N THR E 244 -18.23 -4.18 -36.46
CA THR E 244 -18.58 -5.31 -35.59
C THR E 244 -19.11 -4.83 -34.24
N GLU E 245 -18.45 -3.85 -33.62
CA GLU E 245 -19.01 -3.33 -32.37
C GLU E 245 -20.30 -2.58 -32.65
N ASP E 246 -20.36 -1.87 -33.78
CA ASP E 246 -21.59 -1.22 -34.22
C ASP E 246 -22.76 -2.17 -34.19
N TYR E 247 -22.61 -3.34 -34.84
CA TYR E 247 -23.70 -4.30 -34.94
C TYR E 247 -24.18 -4.75 -33.56
N PHE E 248 -23.26 -4.97 -32.62
CA PHE E 248 -23.66 -5.40 -31.29
C PHE E 248 -24.00 -4.24 -30.36
N GLY E 249 -24.26 -3.05 -30.94
CA GLY E 249 -24.72 -1.91 -30.17
C GLY E 249 -23.65 -1.06 -29.53
N GLY E 250 -22.38 -1.43 -29.67
CA GLY E 250 -21.28 -0.65 -29.13
C GLY E 250 -20.82 0.43 -30.09
N ALA E 251 -19.68 1.02 -29.78
CA ALA E 251 -19.09 2.02 -30.67
C ALA E 251 -17.65 2.25 -30.26
N TRP E 252 -16.83 2.63 -31.23
CA TRP E 252 -15.45 3.07 -30.98
C TRP E 252 -14.67 2.03 -30.16
N ASN E 253 -14.64 0.80 -30.68
CA ASN E 253 -13.80 -0.29 -30.16
C ASN E 253 -14.26 -0.86 -28.82
N PHE E 254 -15.46 -0.50 -28.32
CA PHE E 254 -15.89 -0.83 -26.97
C PHE E 254 -14.96 -0.23 -25.92
N ASP E 255 -14.19 0.80 -26.27
CA ASP E 255 -13.06 1.27 -25.47
C ASP E 255 -13.46 2.55 -24.75
N ILE E 256 -13.73 2.45 -23.45
CA ILE E 256 -14.00 3.64 -22.64
C ILE E 256 -12.65 4.21 -22.24
N PRO E 257 -12.34 5.44 -22.63
CA PRO E 257 -11.02 6.01 -22.34
C PRO E 257 -10.59 5.82 -20.89
N GLY E 258 -9.39 5.27 -20.71
CA GLY E 258 -8.86 5.02 -19.39
C GLY E 258 -9.43 3.80 -18.70
N LYS E 259 -10.33 3.06 -19.34
CA LYS E 259 -10.81 1.79 -18.84
C LYS E 259 -10.58 0.63 -19.79
N GLY E 260 -10.35 0.89 -21.08
CA GLY E 260 -10.24 -0.18 -22.03
C GLY E 260 -11.59 -0.81 -22.37
N TYR E 261 -11.50 -2.01 -22.96
CA TYR E 261 -12.67 -2.79 -23.36
C TYR E 261 -13.59 -2.98 -22.18
N THR E 262 -14.87 -2.68 -22.35
CA THR E 262 -15.81 -2.72 -21.22
C THR E 262 -16.92 -3.71 -21.51
N GLU E 263 -17.06 -4.70 -20.64
CA GLU E 263 -18.21 -5.59 -20.71
C GLU E 263 -19.48 -4.79 -20.46
N PHE E 264 -20.55 -5.19 -21.13
CA PHE E 264 -21.88 -4.62 -20.92
C PHE E 264 -22.88 -5.67 -21.36
N SER E 265 -24.11 -5.57 -20.84
CA SER E 265 -25.15 -6.57 -21.12
C SER E 265 -26.51 -5.93 -20.94
N THR E 266 -27.25 -5.74 -22.03
CA THR E 266 -28.55 -5.04 -22.00
C THR E 266 -29.64 -5.97 -22.55
N PRO E 267 -30.93 -5.61 -22.53
CA PRO E 267 -31.95 -6.60 -22.94
C PRO E 267 -31.74 -7.18 -24.32
N TYR E 268 -31.25 -6.38 -25.29
CA TYR E 268 -31.06 -6.83 -26.65
C TYR E 268 -29.61 -6.82 -27.13
N LEU E 269 -28.70 -6.20 -26.38
CA LEU E 269 -27.35 -5.94 -26.87
C LEU E 269 -26.34 -6.19 -25.75
N GLY E 270 -25.21 -6.79 -26.10
CA GLY E 270 -24.18 -7.00 -25.11
C GLY E 270 -22.81 -7.42 -25.65
N MET E 271 -21.77 -7.08 -24.89
CA MET E 271 -20.50 -7.78 -24.93
C MET E 271 -20.31 -8.29 -23.50
N PRO E 272 -20.93 -9.42 -23.17
CA PRO E 272 -20.81 -9.94 -21.80
C PRO E 272 -19.42 -10.44 -21.45
N GLN E 273 -18.58 -10.73 -22.44
CA GLN E 273 -17.34 -11.44 -22.17
C GLN E 273 -16.15 -10.74 -22.82
N VAL E 274 -15.15 -10.41 -22.00
CA VAL E 274 -13.80 -10.06 -22.45
C VAL E 274 -12.84 -10.99 -21.71
N ILE E 275 -12.04 -11.74 -22.47
CA ILE E 275 -11.04 -12.60 -21.87
C ILE E 275 -9.66 -12.02 -22.19
N ARG E 276 -8.92 -11.62 -21.15
CA ARG E 276 -7.59 -11.03 -21.29
C ARG E 276 -6.51 -12.06 -21.00
N PRO E 277 -5.50 -12.17 -21.86
CA PRO E 277 -4.42 -13.14 -21.61
C PRO E 277 -3.80 -12.94 -20.24
N ASP E 278 -3.34 -14.05 -19.65
CA ASP E 278 -2.72 -14.00 -18.33
C ASP E 278 -1.20 -13.87 -18.37
N GLY E 279 -0.60 -13.80 -19.57
CA GLY E 279 0.84 -13.69 -19.66
C GLY E 279 1.57 -15.01 -19.57
N LEU E 280 0.82 -16.11 -19.46
CA LEU E 280 1.35 -17.47 -19.49
C LEU E 280 0.55 -18.32 -20.49
N TYR E 281 -0.21 -19.34 -20.04
CA TYR E 281 -0.83 -20.27 -20.98
C TYR E 281 -2.23 -19.84 -21.43
N VAL E 282 -2.88 -18.93 -20.74
CA VAL E 282 -4.09 -18.30 -21.27
C VAL E 282 -3.60 -17.12 -22.11
N SER E 283 -3.35 -17.38 -23.38
CA SER E 283 -2.67 -16.45 -24.26
C SER E 283 -3.55 -15.89 -25.37
N GLN E 284 -4.82 -16.26 -25.44
CA GLN E 284 -5.70 -15.81 -26.50
C GLN E 284 -6.61 -14.70 -26.00
N GLN E 285 -6.60 -13.55 -26.68
CA GLN E 285 -7.54 -12.49 -26.36
C GLN E 285 -8.85 -12.79 -27.05
N ARG E 286 -9.95 -12.84 -26.29
CA ARG E 286 -11.20 -13.42 -26.76
C ARG E 286 -12.39 -12.56 -26.34
N PHE E 287 -13.44 -12.61 -27.14
CA PHE E 287 -14.62 -11.78 -26.90
C PHE E 287 -15.86 -12.60 -27.16
N GLY E 288 -16.94 -12.26 -26.44
CA GLY E 288 -18.26 -12.81 -26.71
C GLY E 288 -19.29 -11.70 -26.76
N MET E 289 -20.09 -11.66 -27.83
CA MET E 289 -21.03 -10.58 -28.08
C MET E 289 -22.37 -11.15 -28.53
N TYR E 290 -23.46 -10.51 -28.12
CA TYR E 290 -24.77 -10.98 -28.54
C TYR E 290 -25.63 -9.79 -28.95
N ARG E 291 -26.50 -10.05 -29.92
CA ARG E 291 -27.54 -9.12 -30.32
C ARG E 291 -28.81 -9.90 -30.61
N TRP E 292 -29.89 -9.57 -29.89
CA TRP E 292 -31.20 -10.12 -30.17
C TRP E 292 -32.02 -9.08 -30.93
N HIS E 293 -32.67 -9.51 -32.01
CA HIS E 293 -33.54 -8.63 -32.78
C HIS E 293 -34.98 -9.03 -32.43
N LEU E 294 -35.47 -8.48 -31.32
CA LEU E 294 -36.77 -8.83 -30.76
C LEU E 294 -37.81 -7.75 -31.05
N GLN E 295 -37.50 -6.50 -30.70
CA GLN E 295 -38.29 -5.38 -31.16
C GLN E 295 -38.05 -5.07 -32.62
N ASP E 296 -36.95 -5.58 -33.19
CA ASP E 296 -36.53 -5.22 -34.56
C ASP E 296 -36.07 -6.46 -35.32
N PRO E 297 -36.93 -7.46 -35.48
CA PRO E 297 -36.53 -8.67 -36.20
C PRO E 297 -36.34 -8.39 -37.67
N ILE E 298 -35.46 -9.18 -38.29
CA ILE E 298 -35.12 -9.03 -39.70
C ILE E 298 -35.95 -10.06 -40.48
N HIS E 299 -37.07 -9.59 -41.04
CA HIS E 299 -38.02 -10.48 -41.71
C HIS E 299 -37.47 -10.91 -43.07
N PHE E 300 -37.93 -12.06 -43.54
CA PHE E 300 -37.73 -12.49 -44.91
C PHE E 300 -38.96 -13.26 -45.36
N ALA E 301 -39.31 -13.12 -46.64
CA ALA E 301 -40.50 -13.74 -47.19
C ALA E 301 -40.23 -15.07 -47.89
N THR E 302 -39.08 -15.22 -48.55
CA THR E 302 -38.75 -16.46 -49.24
C THR E 302 -37.49 -17.13 -48.72
N GLY E 303 -36.59 -16.41 -48.06
CA GLY E 303 -35.42 -17.06 -47.52
C GLY E 303 -34.35 -16.09 -47.08
N ILE E 304 -33.28 -16.66 -46.54
CA ILE E 304 -32.05 -15.96 -46.19
C ILE E 304 -30.91 -16.62 -46.96
N PRO E 305 -30.56 -16.14 -48.15
CA PRO E 305 -29.40 -16.73 -48.85
C PRO E 305 -28.11 -16.67 -48.05
N LYS E 306 -27.85 -15.56 -47.35
CA LYS E 306 -26.58 -15.39 -46.67
C LYS E 306 -26.70 -14.33 -45.58
N VAL E 307 -26.16 -14.63 -44.41
CA VAL E 307 -25.68 -13.63 -43.47
C VAL E 307 -24.19 -13.90 -43.26
N ASP E 308 -23.35 -12.86 -43.42
CA ASP E 308 -21.94 -13.01 -43.11
C ASP E 308 -21.40 -11.71 -42.50
N ILE E 309 -20.15 -11.76 -42.03
CA ILE E 309 -19.50 -10.64 -41.35
C ILE E 309 -18.03 -10.61 -41.75
N GLN E 310 -17.54 -9.42 -42.12
CA GLN E 310 -16.14 -9.24 -42.46
C GLN E 310 -15.29 -9.25 -41.21
N ALA E 311 -14.07 -9.74 -41.35
CA ALA E 311 -13.08 -9.66 -40.28
C ALA E 311 -12.03 -8.67 -40.75
N LEU E 312 -12.13 -7.43 -40.26
CA LEU E 312 -11.20 -6.38 -40.68
C LEU E 312 -10.61 -5.67 -39.48
N GLY E 313 -9.29 -5.55 -39.47
CA GLY E 313 -8.59 -4.67 -38.54
C GLY E 313 -7.87 -3.51 -39.22
N TRP E 314 -6.74 -3.06 -38.65
CA TRP E 314 -5.98 -1.93 -39.18
C TRP E 314 -4.54 -2.34 -39.41
N ARG E 315 -3.94 -1.84 -40.49
CA ARG E 315 -2.50 -1.97 -40.73
C ARG E 315 -1.95 -0.58 -41.07
N SER E 316 -0.65 -0.51 -41.34
CA SER E 316 -0.03 0.80 -41.55
C SER E 316 -0.64 1.55 -42.72
N GLY E 317 -0.63 2.88 -42.62
CA GLY E 317 -1.15 3.73 -43.68
C GLY E 317 -2.65 3.86 -43.68
N TRP E 318 -3.29 3.74 -42.52
CA TRP E 318 -4.75 3.71 -42.39
C TRP E 318 -5.39 2.75 -43.40
N ARG E 319 -4.83 1.56 -43.54
CA ARG E 319 -5.43 0.51 -44.37
C ARG E 319 -6.12 -0.52 -43.51
N TYR E 320 -7.28 -0.99 -43.96
CA TYR E 320 -7.89 -2.17 -43.34
C TYR E 320 -6.93 -3.36 -43.41
N LEU E 321 -6.98 -4.19 -42.39
CA LEU E 321 -6.16 -5.41 -42.33
C LEU E 321 -7.08 -6.61 -42.34
N PRO E 322 -7.07 -7.43 -43.39
CA PRO E 322 -7.84 -8.68 -43.35
C PRO E 322 -7.31 -9.58 -42.23
N LEU E 323 -8.22 -10.06 -41.39
CA LEU E 323 -7.86 -10.72 -40.15
C LEU E 323 -8.03 -12.22 -40.28
N ARG E 324 -6.98 -12.96 -39.93
CA ARG E 324 -7.06 -14.42 -39.95
C ARG E 324 -7.46 -14.88 -38.56
N ASP E 325 -8.69 -14.53 -38.20
CA ASP E 325 -9.13 -14.61 -36.82
C ASP E 325 -9.94 -15.89 -36.59
N ASP E 326 -10.30 -16.10 -35.32
CA ASP E 326 -10.98 -17.30 -34.84
C ASP E 326 -12.39 -16.84 -34.46
N ILE E 327 -13.36 -17.17 -35.30
CA ILE E 327 -14.70 -16.59 -35.23
C ILE E 327 -15.73 -17.71 -35.21
N ALA E 328 -16.57 -17.73 -34.17
CA ALA E 328 -17.64 -18.71 -34.03
C ALA E 328 -18.95 -17.95 -33.85
N SER E 329 -19.94 -18.23 -34.69
CA SER E 329 -21.23 -17.56 -34.63
C SER E 329 -22.34 -18.56 -34.34
N THR E 330 -23.32 -18.10 -33.60
CA THR E 330 -24.58 -18.80 -33.36
C THR E 330 -25.67 -17.89 -33.89
N ALA E 331 -26.48 -18.39 -34.82
CA ALA E 331 -27.56 -17.61 -35.41
C ALA E 331 -28.91 -18.19 -35.01
N MET E 332 -29.77 -17.36 -34.43
CA MET E 332 -31.12 -17.76 -34.05
C MET E 332 -32.10 -17.17 -35.04
N PHE E 333 -33.07 -17.98 -35.50
CA PHE E 333 -34.10 -17.46 -36.39
C PHE E 333 -35.38 -18.28 -36.27
N TYR E 334 -36.49 -17.64 -36.64
CA TYR E 334 -37.79 -18.31 -36.74
C TYR E 334 -38.07 -18.57 -38.22
N LEU E 335 -38.53 -19.78 -38.52
CA LEU E 335 -38.84 -20.23 -39.88
C LEU E 335 -40.22 -20.87 -39.89
N ASP E 336 -40.90 -20.79 -41.05
CA ASP E 336 -42.24 -21.38 -41.16
C ASP E 336 -42.21 -22.90 -41.41
N ARG E 337 -41.05 -23.54 -41.33
CA ARG E 337 -40.91 -24.99 -41.43
C ARG E 337 -39.85 -25.48 -40.44
N PRO E 338 -39.93 -26.75 -40.03
CA PRO E 338 -39.10 -27.20 -38.93
C PRO E 338 -37.69 -27.64 -39.31
N THR E 339 -37.30 -27.64 -40.59
CA THR E 339 -35.92 -27.95 -40.95
C THR E 339 -35.43 -26.93 -41.97
N ALA E 340 -34.11 -26.82 -42.07
CA ALA E 340 -33.50 -25.87 -42.99
C ALA E 340 -32.09 -26.34 -43.32
N ARG E 341 -31.47 -25.67 -44.30
CA ARG E 341 -30.08 -25.97 -44.61
C ARG E 341 -29.19 -25.64 -43.43
N ARG E 342 -28.35 -26.60 -43.05
CA ARG E 342 -27.47 -26.45 -41.91
C ARG E 342 -26.03 -26.64 -42.35
N PRO E 343 -25.08 -26.07 -41.61
CA PRO E 343 -23.68 -26.46 -41.82
C PRO E 343 -23.45 -27.87 -41.30
N LYS E 344 -22.31 -28.44 -41.66
CA LYS E 344 -21.87 -29.70 -41.09
C LYS E 344 -22.05 -29.66 -39.58
N SER E 345 -22.46 -30.79 -39.01
CA SER E 345 -22.59 -30.89 -37.56
C SER E 345 -21.25 -30.52 -36.90
N PRO E 346 -21.30 -29.89 -35.73
CA PRO E 346 -20.04 -29.56 -35.02
C PRO E 346 -19.38 -30.83 -34.47
N SER E 347 -18.12 -31.04 -34.86
CA SER E 347 -17.33 -32.12 -34.30
C SER E 347 -16.68 -31.71 -32.97
N ALA E 348 -16.13 -32.69 -32.26
CA ALA E 348 -15.42 -32.39 -31.03
C ALA E 348 -14.19 -31.53 -31.30
N ASP E 349 -13.44 -31.85 -32.36
CA ASP E 349 -12.20 -31.14 -32.67
C ASP E 349 -12.46 -29.67 -33.00
N ASP E 350 -13.55 -29.36 -33.71
CA ASP E 350 -13.84 -27.98 -34.08
C ASP E 350 -14.42 -27.19 -32.92
N MET E 351 -15.17 -27.84 -32.02
CA MET E 351 -15.75 -27.13 -30.88
C MET E 351 -14.70 -26.83 -29.82
N GLU E 352 -13.67 -27.67 -29.72
CA GLU E 352 -12.77 -27.70 -28.57
C GLU E 352 -12.18 -26.32 -28.29
N VAL E 353 -12.11 -25.97 -27.00
CA VAL E 353 -11.28 -24.90 -26.48
C VAL E 353 -10.45 -25.47 -25.33
N HIS E 354 -9.32 -24.82 -25.07
CA HIS E 354 -8.41 -25.27 -24.02
C HIS E 354 -9.10 -25.21 -22.66
N LEU E 355 -9.04 -26.32 -21.91
CA LEU E 355 -9.63 -26.37 -20.57
C LEU E 355 -8.61 -25.85 -19.56
N GLY E 356 -9.06 -24.99 -18.65
CA GLY E 356 -8.20 -24.57 -17.56
C GLY E 356 -7.10 -23.62 -18.00
N THR E 357 -6.10 -23.46 -17.11
CA THR E 357 -5.05 -22.47 -17.31
C THR E 357 -3.65 -23.09 -17.35
N ALA E 358 -3.54 -24.41 -17.43
CA ALA E 358 -2.30 -25.17 -17.41
C ALA E 358 -1.79 -25.38 -18.84
N PRO E 359 -0.56 -25.92 -19.02
CA PRO E 359 -0.04 -26.10 -20.40
C PRO E 359 -0.83 -27.09 -21.24
N VAL E 360 -1.55 -28.02 -20.61
CA VAL E 360 -2.24 -29.11 -21.29
C VAL E 360 -3.69 -29.13 -20.80
N PRO E 361 -4.70 -29.14 -21.71
CA PRO E 361 -6.11 -29.21 -21.27
C PRO E 361 -6.38 -30.23 -20.16
N ASP E 362 -5.70 -31.38 -20.22
CA ASP E 362 -5.94 -32.40 -19.22
C ASP E 362 -5.42 -31.99 -17.85
N LEU E 363 -4.34 -31.21 -17.80
CA LEU E 363 -3.82 -30.77 -16.51
C LEU E 363 -4.78 -29.80 -15.82
N GLY E 364 -5.60 -29.09 -16.60
CA GLY E 364 -6.44 -28.05 -16.05
C GLY E 364 -7.90 -28.42 -15.99
N ALA E 365 -8.24 -29.66 -16.36
CA ALA E 365 -9.62 -30.11 -16.27
C ALA E 365 -9.97 -30.42 -14.83
N THR E 366 -11.25 -30.70 -14.58
CA THR E 366 -11.75 -30.91 -13.22
C THR E 366 -12.42 -32.26 -13.10
N PRO E 367 -11.77 -33.25 -12.48
CA PRO E 367 -10.38 -33.23 -12.01
C PRO E 367 -9.38 -33.36 -13.17
N PRO E 368 -8.08 -33.15 -12.91
CA PRO E 368 -7.08 -33.37 -13.97
C PRO E 368 -7.17 -34.79 -14.51
N ARG E 369 -6.89 -34.93 -15.81
CA ARG E 369 -7.16 -36.20 -16.45
C ARG E 369 -5.95 -37.15 -16.42
N VAL E 370 -4.74 -36.62 -16.57
CA VAL E 370 -3.51 -37.38 -16.26
C VAL E 370 -3.44 -38.70 -17.06
N PRO F 2 40.68 -11.44 -33.86
CA PRO F 2 41.15 -12.19 -32.67
C PRO F 2 40.04 -12.37 -31.63
N ASP F 3 40.39 -12.92 -30.48
CA ASP F 3 39.49 -12.98 -29.32
C ASP F 3 40.34 -12.74 -28.08
N LEU F 4 39.73 -12.83 -26.91
CA LEU F 4 40.45 -12.50 -25.69
C LEU F 4 41.73 -13.31 -25.56
N ASN F 5 41.67 -14.58 -25.93
CA ASN F 5 42.79 -15.46 -25.71
C ASN F 5 43.93 -15.18 -26.69
N SER F 6 43.63 -14.68 -27.88
CA SER F 6 44.65 -14.41 -28.88
C SER F 6 44.83 -12.91 -29.15
N ILE F 7 44.38 -12.03 -28.25
CA ILE F 7 44.36 -10.59 -28.54
C ILE F 7 45.76 -9.99 -28.52
N ALA F 8 46.68 -10.58 -27.76
CA ALA F 8 48.00 -9.95 -27.61
C ALA F 8 48.87 -10.08 -28.84
N ALA F 9 48.53 -10.96 -29.77
CA ALA F 9 49.42 -11.27 -30.88
C ALA F 9 49.51 -10.06 -31.83
N LEU F 10 50.72 -9.80 -32.32
CA LEU F 10 50.93 -8.74 -33.31
C LEU F 10 50.56 -9.28 -34.68
N ARG F 11 49.80 -8.48 -35.44
CA ARG F 11 49.29 -8.90 -36.74
C ARG F 11 49.46 -7.78 -37.75
N GLN F 12 49.86 -8.15 -38.98
CA GLN F 12 49.91 -7.21 -40.11
C GLN F 12 48.51 -7.00 -40.67
N VAL F 13 47.70 -6.27 -39.90
CA VAL F 13 46.30 -6.03 -40.25
C VAL F 13 46.03 -4.54 -40.15
N GLN F 14 45.18 -4.04 -41.03
CA GLN F 14 44.65 -2.68 -40.95
C GLN F 14 43.21 -2.74 -40.46
N THR F 15 42.81 -1.71 -39.70
CA THR F 15 41.41 -1.57 -39.29
C THR F 15 40.84 -0.32 -39.94
N ARG F 16 39.69 -0.47 -40.58
CA ARG F 16 39.00 0.65 -41.19
C ARG F 16 37.57 0.65 -40.74
N SER F 17 36.91 1.81 -40.85
CA SER F 17 35.55 1.90 -40.32
C SER F 17 34.73 2.88 -41.14
N ILE F 18 33.57 2.43 -41.61
CA ILE F 18 32.70 3.19 -42.50
C ILE F 18 31.51 3.70 -41.70
N SER F 19 31.28 5.00 -41.75
CA SER F 19 30.20 5.62 -41.00
C SER F 19 29.71 6.81 -41.81
N PRO F 20 28.61 7.45 -41.38
CA PRO F 20 28.23 8.72 -42.02
C PRO F 20 29.30 9.81 -41.97
N GLU F 21 30.26 9.73 -41.04
CA GLU F 21 31.35 10.68 -40.91
C GLU F 21 32.59 10.28 -41.70
N ASN F 22 32.56 9.12 -42.34
CA ASN F 22 33.62 8.65 -43.24
C ASN F 22 32.99 7.62 -44.18
N PHE F 23 32.33 8.12 -45.23
CA PHE F 23 31.42 7.29 -46.03
C PHE F 23 32.12 6.14 -46.72
N ASP F 24 33.41 6.27 -47.01
CA ASP F 24 34.09 5.19 -47.71
C ASP F 24 35.23 4.60 -46.91
N GLY F 25 35.46 5.07 -45.69
CA GLY F 25 36.38 4.40 -44.79
C GLY F 25 37.85 4.65 -45.05
N THR F 26 38.17 5.67 -45.85
CA THR F 26 39.55 5.97 -46.21
C THR F 26 40.35 6.43 -44.99
N ALA F 27 41.65 6.14 -45.02
CA ALA F 27 42.57 6.60 -43.98
C ALA F 27 42.59 8.12 -43.94
N GLY F 28 42.49 8.69 -42.76
CA GLY F 28 42.42 10.16 -42.73
C GLY F 28 41.20 10.77 -43.38
N GLY F 29 40.14 10.00 -43.62
CA GLY F 29 38.94 10.47 -44.27
C GLY F 29 37.77 10.86 -43.39
N GLY F 30 37.95 10.92 -42.07
CA GLY F 30 36.83 11.08 -41.16
C GLY F 30 36.64 12.50 -40.66
N GLY F 31 35.39 12.88 -40.42
CA GLY F 31 35.15 14.20 -39.84
C GLY F 31 35.39 15.37 -40.75
N ARG F 32 35.41 15.17 -42.07
CA ARG F 32 35.69 16.24 -43.02
C ARG F 32 34.45 16.89 -43.58
N ALA F 33 33.26 16.36 -43.29
CA ALA F 33 32.05 16.86 -43.92
C ALA F 33 31.78 18.32 -43.53
N THR F 34 31.24 19.04 -44.49
CA THR F 34 30.75 20.40 -44.35
C THR F 34 29.23 20.46 -44.40
N GLU F 35 28.61 19.50 -45.04
CA GLU F 35 27.16 19.35 -45.08
C GLU F 35 26.80 17.98 -44.52
N GLY F 36 25.59 17.87 -44.02
CA GLY F 36 25.14 16.63 -43.41
C GLY F 36 24.01 16.91 -42.44
N THR F 37 23.49 15.81 -41.88
CA THR F 37 22.33 15.92 -41.01
C THR F 37 22.64 16.63 -39.70
N GLY F 38 23.90 16.89 -39.40
CA GLY F 38 24.25 17.65 -38.22
C GLY F 38 24.70 19.07 -38.51
N ALA F 39 24.69 19.47 -39.79
CA ALA F 39 25.25 20.78 -40.16
C ALA F 39 24.55 21.90 -39.42
N ASP F 40 23.21 21.94 -39.45
CA ASP F 40 22.50 23.04 -38.80
C ASP F 40 22.70 23.02 -37.29
N CYS F 41 22.73 21.81 -36.70
CA CYS F 41 22.97 21.66 -35.26
C CYS F 41 24.28 22.31 -34.85
N ALA F 42 25.29 22.28 -35.72
CA ALA F 42 26.59 22.85 -35.42
C ALA F 42 26.74 24.30 -35.87
N ARG F 43 25.66 24.99 -36.26
CA ARG F 43 25.80 26.29 -36.93
C ARG F 43 26.60 27.31 -36.10
N ASP F 44 26.52 27.27 -34.76
CA ASP F 44 27.33 28.18 -33.96
C ASP F 44 28.75 27.66 -33.72
N LEU F 45 29.02 26.40 -34.02
CA LEU F 45 30.33 25.80 -33.85
C LEU F 45 30.98 25.64 -35.22
N GLY F 46 32.30 25.46 -35.25
CA GLY F 46 32.98 25.25 -36.50
C GLY F 46 32.52 23.97 -37.19
N PRO F 47 33.15 23.66 -38.33
CA PRO F 47 33.02 22.30 -38.88
C PRO F 47 33.88 21.37 -38.04
N GLY F 48 33.65 20.08 -38.20
CA GLY F 48 34.28 19.12 -37.31
C GLY F 48 33.51 18.85 -36.03
N TRP F 49 32.32 19.41 -35.85
CA TRP F 49 31.50 19.18 -34.67
C TRP F 49 30.23 18.44 -35.08
N LYS F 50 30.36 17.11 -35.25
CA LYS F 50 29.24 16.22 -35.55
C LYS F 50 28.37 16.74 -36.70
N ILE F 51 29.02 16.86 -37.87
CA ILE F 51 28.35 17.44 -39.05
C ILE F 51 27.56 16.36 -39.80
N SER F 52 28.00 15.11 -39.77
CA SER F 52 27.40 14.06 -40.58
C SER F 52 27.33 12.75 -39.81
N PRO F 53 26.50 12.68 -38.76
CA PRO F 53 26.40 11.45 -37.97
C PRO F 53 25.43 10.40 -38.50
N SER F 54 24.52 10.76 -39.40
CA SER F 54 23.45 9.86 -39.81
C SER F 54 23.10 10.14 -41.27
N VAL F 55 22.25 9.29 -41.84
CA VAL F 55 21.74 9.47 -43.20
C VAL F 55 20.23 9.31 -43.19
N ASP F 56 19.56 10.08 -44.05
CA ASP F 56 18.13 9.96 -44.26
C ASP F 56 17.90 9.16 -45.52
N ILE F 57 17.09 8.10 -45.42
CA ILE F 57 16.73 7.24 -46.54
C ILE F 57 15.27 7.48 -46.89
N LYS F 58 15.01 7.93 -48.12
CA LYS F 58 13.64 8.31 -48.45
C LYS F 58 12.79 7.06 -48.65
N ALA F 59 11.48 7.25 -48.47
CA ALA F 59 10.52 6.16 -48.65
C ALA F 59 10.79 5.44 -49.97
N GLY F 60 10.86 4.11 -49.90
CA GLY F 60 11.05 3.28 -51.07
C GLY F 60 12.48 3.06 -51.48
N GLU F 61 13.42 3.89 -51.02
CA GLU F 61 14.75 3.89 -51.60
C GLU F 61 15.70 2.96 -50.83
N THR F 62 16.85 2.69 -51.46
CA THR F 62 17.84 1.78 -50.90
C THR F 62 19.14 2.55 -50.73
N PHE F 63 19.68 2.53 -49.52
CA PHE F 63 20.94 3.19 -49.23
C PHE F 63 22.08 2.19 -49.16
N GLU F 64 23.21 2.55 -49.75
CA GLU F 64 24.40 1.72 -49.70
C GLU F 64 25.19 2.05 -48.44
N LEU F 65 25.08 1.19 -47.43
CA LEU F 65 25.79 1.38 -46.16
C LEU F 65 27.31 1.33 -46.35
N ALA F 66 27.79 0.37 -47.12
CA ALA F 66 29.24 0.15 -47.23
C ALA F 66 29.54 -0.49 -48.58
N SER F 67 30.57 0.04 -49.24
CA SER F 67 31.17 -0.53 -50.44
C SER F 67 32.66 -0.66 -50.18
N ILE F 68 33.15 -1.90 -50.13
CA ILE F 68 34.55 -2.16 -49.87
C ILE F 68 35.15 -2.89 -51.06
N GLU F 69 36.34 -2.47 -51.49
CA GLU F 69 37.06 -3.12 -52.59
C GLU F 69 38.13 -4.05 -52.05
N GLY F 70 38.34 -5.18 -52.73
CA GLY F 70 39.38 -6.10 -52.34
C GLY F 70 38.95 -7.06 -51.24
N ALA F 71 39.92 -7.85 -50.77
CA ALA F 71 39.74 -8.81 -49.70
C ALA F 71 39.66 -8.08 -48.37
N GLY F 72 39.02 -8.71 -47.39
CA GLY F 72 38.79 -8.09 -46.11
C GLY F 72 37.80 -8.87 -45.29
N LYS F 73 37.47 -8.32 -44.11
CA LYS F 73 36.59 -9.02 -43.18
C LYS F 73 35.89 -8.02 -42.28
N ILE F 74 34.57 -7.97 -42.34
CA ILE F 74 33.79 -7.18 -41.40
C ILE F 74 33.85 -7.82 -40.02
N THR F 75 34.21 -7.01 -39.02
CA THR F 75 34.40 -7.50 -37.66
C THR F 75 33.43 -6.92 -36.66
N HIS F 76 32.76 -5.81 -36.98
CA HIS F 76 31.75 -5.30 -36.07
C HIS F 76 30.84 -4.36 -36.83
N ILE F 77 29.53 -4.57 -36.70
CA ILE F 77 28.53 -3.66 -37.24
C ILE F 77 27.77 -3.09 -36.06
N TRP F 78 27.74 -1.77 -35.94
CA TRP F 78 26.82 -1.07 -35.06
C TRP F 78 25.84 -0.25 -35.91
N ILE F 79 24.58 -0.22 -35.49
CA ILE F 79 23.55 0.47 -36.27
C ILE F 79 22.36 0.71 -35.37
N THR F 80 21.67 1.84 -35.60
CA THR F 80 20.41 2.07 -34.90
C THR F 80 19.44 2.79 -35.81
N THR F 81 18.16 2.59 -35.51
CA THR F 81 17.05 3.32 -36.12
C THR F 81 15.87 3.18 -35.15
N HIS F 82 14.91 4.10 -35.25
CA HIS F 82 13.77 4.06 -34.35
C HIS F 82 12.99 2.76 -34.53
N THR F 83 12.29 2.34 -33.46
CA THR F 83 11.64 1.02 -33.44
C THR F 83 10.63 0.88 -34.58
N ASP F 84 9.96 1.97 -34.95
CA ASP F 84 9.02 2.00 -36.06
C ASP F 84 9.57 1.38 -37.33
N ASN F 85 10.88 1.34 -37.51
CA ASN F 85 11.47 0.88 -38.75
C ASN F 85 12.01 -0.54 -38.68
N TRP F 86 11.90 -1.24 -37.54
CA TRP F 86 12.65 -2.49 -37.42
C TRP F 86 12.09 -3.57 -38.33
N ARG F 87 10.78 -3.55 -38.57
CA ARG F 87 10.18 -4.50 -39.51
C ARG F 87 9.84 -3.80 -40.83
N THR F 88 10.57 -2.74 -41.13
CA THR F 88 10.38 -1.94 -42.33
C THR F 88 11.63 -1.87 -43.21
N LEU F 89 12.83 -2.04 -42.67
CA LEU F 89 14.07 -1.97 -43.42
C LEU F 89 14.56 -3.38 -43.70
N ILE F 90 15.15 -3.58 -44.89
CA ILE F 90 15.75 -4.86 -45.25
C ILE F 90 17.25 -4.68 -45.34
N LEU F 91 17.99 -5.49 -44.60
CA LEU F 91 19.44 -5.42 -44.53
C LEU F 91 20.02 -6.47 -45.48
N ARG F 92 20.98 -6.06 -46.32
CA ARG F 92 21.50 -6.93 -47.36
C ARG F 92 23.03 -6.87 -47.41
N ALA F 93 23.67 -8.01 -47.69
CA ALA F 93 25.11 -8.06 -47.88
C ALA F 93 25.41 -8.84 -49.15
N PHE F 94 26.22 -8.25 -50.03
CA PHE F 94 26.68 -8.87 -51.26
C PHE F 94 28.19 -9.07 -51.17
N TRP F 95 28.65 -10.30 -51.36
CA TRP F 95 30.07 -10.59 -51.34
C TRP F 95 30.62 -10.76 -52.76
N ASP F 96 31.86 -10.28 -52.96
CA ASP F 96 32.66 -10.56 -54.16
C ASP F 96 31.97 -10.11 -55.45
N GLY F 97 31.18 -9.04 -55.38
CA GLY F 97 30.57 -8.52 -56.58
C GLY F 97 29.38 -9.32 -57.07
N ALA F 98 28.96 -10.37 -56.37
CA ALA F 98 27.78 -11.13 -56.79
C ALA F 98 26.57 -10.23 -56.93
N ASP F 99 25.69 -10.58 -57.86
CA ASP F 99 24.50 -9.77 -58.04
C ASP F 99 23.37 -10.20 -57.11
N GLU F 100 23.47 -11.37 -56.48
CA GLU F 100 22.48 -11.77 -55.50
C GLU F 100 23.07 -11.70 -54.08
N PRO F 101 22.27 -11.30 -53.08
CA PRO F 101 22.83 -11.09 -51.75
C PRO F 101 22.97 -12.39 -50.97
N ALA F 102 23.96 -12.43 -50.09
CA ALA F 102 24.10 -13.57 -49.20
C ALA F 102 23.32 -13.39 -47.90
N VAL F 103 23.14 -12.13 -47.50
CA VAL F 103 22.37 -11.74 -46.33
C VAL F 103 21.17 -10.98 -46.85
N GLU F 104 19.97 -11.47 -46.56
CA GLU F 104 18.74 -10.76 -46.92
C GLU F 104 17.78 -10.94 -45.76
N VAL F 105 17.73 -9.95 -44.87
CA VAL F 105 17.08 -10.11 -43.57
C VAL F 105 16.38 -8.80 -43.19
N PRO F 106 15.15 -8.85 -42.67
CA PRO F 106 14.57 -7.65 -42.03
C PRO F 106 15.47 -7.17 -40.91
N TYR F 107 15.52 -5.85 -40.74
CA TYR F 107 16.52 -5.23 -39.89
C TYR F 107 16.47 -5.76 -38.46
N GLY F 108 15.29 -5.73 -37.84
CA GLY F 108 15.19 -6.11 -36.44
C GLY F 108 15.54 -7.57 -36.17
N ASP F 109 15.23 -8.45 -37.12
CA ASP F 109 15.45 -9.87 -36.90
C ASP F 109 16.93 -10.22 -36.87
N PHE F 110 17.76 -9.50 -37.62
CA PHE F 110 19.19 -9.76 -37.58
C PHE F 110 19.78 -9.56 -36.19
N PHE F 111 19.15 -8.73 -35.37
CA PHE F 111 19.59 -8.46 -33.99
C PHE F 111 18.59 -8.99 -32.97
N CYS F 112 17.85 -10.06 -33.33
CA CYS F 112 16.94 -10.76 -32.41
C CYS F 112 15.82 -9.87 -31.90
N ASN F 113 15.34 -8.95 -32.74
CA ASN F 113 14.38 -7.92 -32.33
C ASN F 113 13.36 -7.69 -33.43
N GLY F 114 12.81 -8.79 -33.98
CA GLY F 114 11.86 -8.75 -35.06
C GLY F 114 10.44 -8.38 -34.70
N TRP F 115 10.19 -7.90 -33.47
CA TRP F 115 8.85 -7.53 -33.06
C TRP F 115 8.69 -6.04 -32.83
N GLY F 116 9.73 -5.24 -33.04
CA GLY F 116 9.60 -3.80 -32.87
C GLY F 116 9.47 -3.35 -31.43
N VAL F 117 9.83 -4.21 -30.47
CA VAL F 117 9.85 -3.89 -29.05
C VAL F 117 11.22 -4.28 -28.53
N PHE F 118 11.95 -3.33 -27.97
CA PHE F 118 13.35 -3.57 -27.62
C PHE F 118 13.50 -4.71 -26.62
N ALA F 119 14.45 -5.60 -26.89
CA ALA F 119 14.77 -6.71 -26.03
C ALA F 119 16.29 -6.79 -25.87
N GLN F 120 16.75 -6.77 -24.63
CA GLN F 120 18.18 -6.83 -24.34
C GLN F 120 18.75 -8.17 -24.82
N VAL F 121 19.86 -8.12 -25.56
CA VAL F 121 20.53 -9.35 -26.01
C VAL F 121 21.98 -9.29 -25.56
N ASN F 122 22.39 -10.28 -24.76
CA ASN F 122 23.69 -10.28 -24.11
C ASN F 122 24.64 -11.30 -24.73
N SER F 123 24.44 -11.64 -26.00
CA SER F 123 25.08 -12.81 -26.57
C SER F 123 26.45 -12.47 -27.14
N GLN F 124 27.20 -13.51 -27.54
CA GLN F 124 28.55 -13.32 -28.06
C GLN F 124 28.52 -12.64 -29.43
N ALA F 125 27.61 -13.09 -30.30
CA ALA F 125 27.56 -12.69 -31.69
C ALA F 125 26.74 -11.43 -31.90
N ILE F 126 25.70 -11.25 -31.08
CA ILE F 126 24.74 -10.17 -31.24
C ILE F 126 24.60 -9.50 -29.87
N ALA F 127 24.82 -8.20 -29.81
CA ALA F 127 24.57 -7.42 -28.61
C ALA F 127 23.55 -6.35 -28.97
N ALA F 128 22.41 -6.39 -28.31
CA ALA F 128 21.33 -5.43 -28.53
C ALA F 128 21.10 -4.73 -27.20
N ASN F 129 21.35 -3.42 -27.15
CA ASN F 129 21.47 -2.65 -25.93
C ASN F 129 20.55 -1.45 -25.92
N PRO F 130 20.34 -0.82 -24.76
CA PRO F 130 19.49 0.38 -24.67
C PRO F 130 19.98 1.50 -25.59
N HIS F 131 19.05 2.09 -26.35
CA HIS F 131 17.72 1.55 -26.62
C HIS F 131 17.71 1.32 -28.13
N GLY F 132 17.87 0.08 -28.58
CA GLY F 132 18.08 -0.18 -30.00
C GLY F 132 19.51 0.00 -30.50
N GLY F 133 20.50 -0.11 -29.62
CA GLY F 133 21.88 -0.24 -30.06
C GLY F 133 22.15 -1.63 -30.56
N PHE F 134 22.20 -1.80 -31.88
CA PHE F 134 22.19 -3.11 -32.50
C PHE F 134 23.62 -3.43 -32.97
N ASN F 135 24.21 -4.49 -32.44
CA ASN F 135 25.62 -4.81 -32.67
C ASN F 135 25.76 -6.23 -33.21
N SER F 136 26.55 -6.40 -34.26
CA SER F 136 26.86 -7.72 -34.78
C SER F 136 28.36 -7.91 -34.83
N TYR F 137 28.83 -9.01 -34.27
CA TYR F 137 30.23 -9.38 -34.26
C TYR F 137 30.50 -10.62 -35.09
N TRP F 138 29.49 -11.10 -35.82
CA TRP F 138 29.66 -12.14 -36.82
C TRP F 138 30.78 -11.73 -37.78
N PRO F 139 31.86 -12.50 -37.89
CA PRO F 139 32.88 -12.16 -38.90
C PRO F 139 32.33 -12.46 -40.29
N MET F 140 32.50 -11.51 -41.20
CA MET F 140 32.02 -11.61 -42.59
C MET F 140 33.20 -11.44 -43.54
N PRO F 141 33.94 -12.50 -43.85
CA PRO F 141 35.07 -12.36 -44.77
C PRO F 141 34.63 -12.34 -46.21
N PHE F 142 35.45 -11.72 -47.04
CA PHE F 142 35.20 -11.63 -48.47
C PHE F 142 36.54 -11.50 -49.17
N ARG F 143 36.55 -11.87 -50.45
CA ARG F 143 37.80 -11.95 -51.20
C ARG F 143 37.95 -10.89 -52.28
N ASP F 144 36.84 -10.38 -52.81
CA ASP F 144 36.84 -9.47 -53.97
C ASP F 144 35.69 -8.47 -53.85
N GLY F 145 35.63 -7.74 -52.73
CA GLY F 145 34.66 -6.67 -52.56
C GLY F 145 33.48 -7.06 -51.66
N ALA F 146 32.84 -6.03 -51.10
CA ALA F 146 31.68 -6.19 -50.24
C ALA F 146 30.76 -5.00 -50.41
N ARG F 147 29.45 -5.28 -50.44
CA ARG F 147 28.40 -4.26 -50.58
C ARG F 147 27.37 -4.51 -49.49
N LEU F 148 27.14 -3.50 -48.64
CA LEU F 148 26.07 -3.54 -47.64
C LEU F 148 25.01 -2.52 -48.02
N THR F 149 23.74 -2.94 -48.03
CA THR F 149 22.66 -2.01 -48.33
C THR F 149 21.54 -2.18 -47.32
N ILE F 150 20.68 -1.17 -47.29
CA ILE F 150 19.48 -1.20 -46.48
C ILE F 150 18.36 -0.54 -47.28
N GLU F 151 17.28 -1.29 -47.51
CA GLU F 151 16.12 -0.84 -48.25
C GLU F 151 15.04 -0.32 -47.29
N ASN F 152 14.53 0.87 -47.58
CA ASN F 152 13.43 1.46 -46.82
C ASN F 152 12.16 1.11 -47.57
N THR F 153 11.51 0.00 -47.20
CA THR F 153 10.29 -0.42 -47.87
C THR F 153 9.06 0.30 -47.37
N SER F 154 9.20 1.27 -46.46
CA SER F 154 8.07 1.97 -45.85
C SER F 154 7.71 3.23 -46.64
N VAL F 155 6.56 3.81 -46.29
CA VAL F 155 6.06 5.02 -46.94
C VAL F 155 6.61 6.29 -46.31
N VAL F 156 7.46 6.21 -45.28
CA VAL F 156 8.03 7.38 -44.63
C VAL F 156 9.55 7.42 -44.85
N ASP F 157 10.12 8.62 -44.81
CA ASP F 157 11.57 8.76 -44.75
C ASP F 157 12.07 8.26 -43.39
N VAL F 158 13.24 7.60 -43.38
CA VAL F 158 13.82 7.10 -42.15
C VAL F 158 15.26 7.58 -42.01
N ARG F 159 15.68 7.71 -40.75
CA ARG F 159 17.03 8.05 -40.34
C ARG F 159 17.75 6.82 -39.81
N VAL F 160 19.03 6.70 -40.15
CA VAL F 160 19.84 5.55 -39.76
C VAL F 160 21.23 6.08 -39.39
N TYR F 161 21.75 5.63 -38.25
CA TYR F 161 23.15 5.82 -37.89
C TYR F 161 23.82 4.46 -37.99
N TYR F 162 25.10 4.44 -38.38
CA TYR F 162 25.75 3.15 -38.58
C TYR F 162 27.26 3.27 -38.45
N GLN F 163 27.91 2.14 -38.20
CA GLN F 163 29.36 2.08 -38.08
C GLN F 163 29.81 0.68 -38.50
N VAL F 164 30.42 0.57 -39.66
CA VAL F 164 30.84 -0.72 -40.23
C VAL F 164 32.36 -0.79 -40.11
N THR F 165 32.85 -1.59 -39.17
CA THR F 165 34.28 -1.76 -38.95
C THR F 165 34.76 -3.05 -39.61
N TYR F 166 35.89 -2.97 -40.31
CA TYR F 166 36.40 -4.15 -41.00
C TYR F 166 37.94 -4.13 -40.96
N GLU F 167 38.51 -5.27 -41.34
CA GLU F 167 39.95 -5.49 -41.36
C GLU F 167 40.40 -5.75 -42.79
N ILE F 168 41.56 -5.23 -43.17
CA ILE F 168 42.22 -5.57 -44.42
C ILE F 168 43.57 -6.21 -44.10
N GLY F 169 43.97 -7.19 -44.89
CA GLY F 169 45.13 -8.00 -44.60
C GLY F 169 44.72 -9.35 -44.04
N GLY F 170 45.55 -10.35 -44.26
CA GLY F 170 45.03 -11.63 -43.79
C GLY F 170 44.26 -12.37 -44.86
N ASP F 171 44.37 -13.70 -44.82
CA ASP F 171 44.11 -14.58 -45.97
C ASP F 171 42.74 -15.23 -45.86
N HIS F 172 41.79 -14.73 -46.64
CA HIS F 172 40.45 -15.29 -46.60
C HIS F 172 40.21 -16.37 -47.67
N SER F 173 41.28 -16.94 -48.24
CA SER F 173 41.12 -17.96 -49.28
C SER F 173 40.39 -19.22 -48.76
N ASN F 174 40.58 -19.59 -47.49
CA ASN F 174 39.80 -20.67 -46.90
C ASN F 174 38.80 -20.18 -45.83
N ASP F 175 38.33 -18.93 -45.96
CA ASP F 175 37.27 -18.39 -45.11
C ASP F 175 35.95 -18.42 -45.87
N ALA F 176 34.91 -18.94 -45.23
CA ALA F 176 33.62 -18.98 -45.88
C ALA F 176 32.94 -17.63 -45.83
N TYR F 177 31.94 -17.45 -46.68
CA TYR F 177 31.11 -16.27 -46.70
C TYR F 177 29.98 -16.41 -45.69
N PHE F 178 29.57 -15.27 -45.12
CA PHE F 178 28.49 -15.26 -44.14
C PHE F 178 27.14 -15.08 -44.84
N HIS F 179 26.14 -15.91 -44.47
CA HIS F 179 24.82 -15.88 -45.06
C HIS F 179 23.73 -15.77 -43.99
N ALA F 180 22.62 -15.11 -44.32
CA ALA F 180 21.45 -15.07 -43.44
C ALA F 180 20.17 -14.99 -44.27
N GLN F 181 19.13 -15.71 -43.86
CA GLN F 181 17.89 -15.76 -44.62
C GLN F 181 16.69 -15.78 -43.68
N TRP F 182 15.59 -15.20 -44.15
CA TRP F 182 14.41 -14.95 -43.35
C TRP F 182 13.19 -15.62 -43.98
N ARG F 183 12.35 -16.26 -43.16
CA ARG F 183 11.12 -16.88 -43.65
C ARG F 183 10.05 -16.77 -42.59
N ARG F 184 8.90 -16.22 -42.94
CA ARG F 184 7.77 -16.10 -42.03
C ARG F 184 6.61 -16.94 -42.52
N SER F 185 5.98 -17.69 -41.62
CA SER F 185 4.73 -18.40 -41.86
C SER F 185 3.65 -17.80 -40.99
N ASN F 186 2.56 -17.33 -41.58
CA ASN F 186 1.60 -16.54 -40.80
C ASN F 186 0.20 -16.50 -41.40
N PRO F 187 -0.72 -17.37 -40.97
CA PRO F 187 -0.50 -18.52 -40.10
C PRO F 187 0.14 -19.69 -40.82
N LEU F 188 1.00 -20.41 -40.10
CA LEU F 188 1.53 -21.68 -40.58
C LEU F 188 0.39 -22.61 -41.00
N GLU F 189 0.58 -23.27 -42.14
CA GLU F 189 -0.45 -24.18 -42.60
C GLU F 189 -0.54 -25.40 -41.69
N GLU F 190 -1.75 -25.95 -41.60
CA GLU F 190 -2.05 -27.09 -40.76
C GLU F 190 -1.07 -28.25 -40.98
N LEU F 191 -0.55 -28.79 -39.88
CA LEU F 191 0.31 -29.98 -39.87
C LEU F 191 1.46 -29.87 -40.86
N THR F 192 2.16 -28.73 -40.84
CA THR F 192 3.17 -28.44 -41.85
C THR F 192 4.38 -27.78 -41.20
N PRO F 193 5.58 -28.34 -41.32
CA PRO F 193 6.73 -27.72 -40.66
C PRO F 193 7.03 -26.33 -41.21
N HIS F 194 7.41 -25.43 -40.32
CA HIS F 194 7.92 -24.13 -40.75
C HIS F 194 9.31 -24.31 -41.34
N VAL F 195 9.46 -23.99 -42.62
CA VAL F 195 10.76 -24.07 -43.27
C VAL F 195 11.66 -22.95 -42.76
N ILE F 196 12.85 -23.32 -42.31
CA ILE F 196 13.87 -22.37 -41.87
C ILE F 196 14.91 -22.14 -42.94
N LEU F 197 15.27 -23.19 -43.67
CA LEU F 197 16.32 -23.15 -44.66
C LEU F 197 16.06 -24.29 -45.63
N GLU F 198 16.42 -24.09 -46.90
CA GLU F 198 16.00 -25.00 -47.97
C GLU F 198 16.93 -24.95 -49.18
N GLY F 199 17.39 -26.12 -49.62
CA GLY F 199 18.12 -26.23 -50.87
C GLY F 199 19.48 -25.55 -50.94
N ILE F 200 20.19 -25.41 -49.82
CA ILE F 200 21.50 -24.78 -49.84
C ILE F 200 22.51 -25.75 -50.45
N GLU F 201 23.25 -25.30 -51.46
CA GLU F 201 24.28 -26.12 -52.05
C GLU F 201 25.65 -25.54 -51.78
N GLY F 202 26.60 -26.40 -51.41
CA GLY F 202 27.96 -26.03 -51.14
C GLY F 202 28.48 -26.64 -49.85
N GLU F 203 29.73 -26.30 -49.53
CA GLU F 203 30.34 -26.67 -48.25
C GLU F 203 30.21 -25.51 -47.27
N GLY F 204 29.82 -25.83 -46.04
CA GLY F 204 29.70 -24.81 -45.03
C GLY F 204 29.27 -25.37 -43.69
N HIS F 205 28.68 -24.51 -42.87
CA HIS F 205 28.23 -24.93 -41.55
C HIS F 205 27.17 -23.96 -41.05
N TYR F 206 26.12 -24.51 -40.45
CA TYR F 206 25.00 -23.72 -39.93
C TYR F 206 25.37 -23.17 -38.55
N VAL F 207 25.18 -21.86 -38.34
CA VAL F 207 25.69 -21.25 -37.11
C VAL F 207 24.65 -20.47 -36.32
N GLY F 208 23.44 -20.29 -36.84
CA GLY F 208 22.47 -19.51 -36.06
C GLY F 208 20.99 -19.59 -36.42
N THR F 209 20.15 -19.52 -35.40
CA THR F 209 18.70 -19.43 -35.56
C THR F 209 18.19 -18.34 -34.65
N TYR F 210 17.39 -17.42 -35.19
CA TYR F 210 16.54 -16.54 -34.40
C TYR F 210 15.08 -16.74 -34.85
N ILE F 211 14.17 -16.87 -33.90
CA ILE F 211 12.77 -17.15 -34.23
C ILE F 211 11.88 -16.16 -33.48
N ALA F 212 11.03 -15.46 -34.22
CA ALA F 212 9.98 -14.60 -33.67
C ALA F 212 8.66 -15.35 -33.81
N TRP F 213 8.02 -15.65 -32.66
CA TRP F 213 6.93 -16.62 -32.60
C TRP F 213 5.73 -16.01 -31.88
N GLY F 214 4.59 -15.92 -32.58
CA GLY F 214 3.33 -15.48 -31.98
C GLY F 214 2.33 -16.62 -31.92
N VAL F 215 1.73 -16.83 -30.76
CA VAL F 215 0.99 -18.08 -30.51
C VAL F 215 -0.51 -17.82 -30.64
N ASN F 216 -1.19 -18.71 -31.34
CA ASN F 216 -2.63 -18.57 -31.54
C ASN F 216 -3.42 -19.72 -30.91
N SER F 217 -2.79 -20.53 -30.07
CA SER F 217 -3.51 -21.49 -29.28
C SER F 217 -3.14 -21.29 -27.82
N ASN F 218 -4.10 -21.57 -26.93
CA ASN F 218 -3.78 -21.59 -25.52
C ASN F 218 -2.91 -22.81 -25.19
N GLY F 219 -2.27 -22.78 -24.04
CA GLY F 219 -1.43 -23.88 -23.62
C GLY F 219 0.01 -23.67 -24.05
N TRP F 220 0.83 -24.68 -23.75
CA TRP F 220 2.21 -24.67 -24.20
C TRP F 220 2.30 -24.91 -25.71
N TRP F 221 3.10 -24.10 -26.38
CA TRP F 221 3.17 -24.02 -27.82
C TRP F 221 4.47 -24.57 -28.40
N GLY F 222 5.42 -24.98 -27.57
CA GLY F 222 6.73 -25.32 -28.07
C GLY F 222 7.11 -26.79 -28.05
N GLU F 223 6.16 -27.69 -28.34
CA GLU F 223 6.53 -29.11 -28.40
C GLU F 223 7.35 -29.42 -29.64
N GLY F 224 7.18 -28.66 -30.73
CA GLY F 224 7.72 -29.06 -32.02
C GLY F 224 9.25 -29.13 -32.06
N GLU F 225 9.75 -30.04 -32.89
CA GLU F 225 11.18 -30.34 -32.98
C GLU F 225 11.81 -29.71 -34.22
N ILE F 226 13.06 -29.25 -34.06
CA ILE F 226 13.85 -28.78 -35.20
C ILE F 226 14.44 -30.00 -35.89
N LYS F 227 14.61 -29.91 -37.21
CA LYS F 227 15.20 -31.00 -37.97
C LYS F 227 16.17 -30.45 -39.00
N PHE F 228 17.40 -30.97 -38.98
CA PHE F 228 18.42 -30.60 -39.95
C PHE F 228 18.59 -31.77 -40.92
N TYR F 229 18.15 -31.59 -42.15
CA TYR F 229 18.45 -32.52 -43.24
C TYR F 229 19.72 -32.03 -43.95
N LEU F 230 20.80 -32.83 -43.86
CA LEU F 230 22.11 -32.42 -44.35
C LEU F 230 22.61 -33.36 -45.45
N ASP F 231 23.37 -32.78 -46.40
CA ASP F 231 24.09 -33.53 -47.42
C ASP F 231 23.19 -34.49 -48.19
N ASP F 232 23.32 -35.80 -47.98
CA ASP F 232 22.54 -36.77 -48.74
C ASP F 232 21.17 -37.06 -48.14
N ASP F 233 20.82 -36.43 -47.01
CA ASP F 233 19.52 -36.68 -46.41
C ASP F 233 18.38 -36.39 -47.39
N THR F 234 17.35 -37.23 -47.34
CA THR F 234 16.19 -37.04 -48.20
C THR F 234 14.93 -36.88 -47.34
N ASP F 235 14.32 -37.97 -46.93
CA ASP F 235 13.09 -37.86 -46.16
C ASP F 235 13.32 -38.00 -44.65
N HIS F 236 14.57 -38.12 -44.19
CA HIS F 236 14.80 -38.14 -42.75
C HIS F 236 16.06 -37.37 -42.39
N PRO F 237 16.01 -36.55 -41.33
CA PRO F 237 17.15 -35.67 -41.01
C PRO F 237 18.29 -36.43 -40.36
N THR F 238 19.45 -35.76 -40.31
CA THR F 238 20.60 -36.26 -39.57
C THR F 238 20.57 -35.79 -38.13
N ILE F 239 20.14 -34.56 -37.89
CA ILE F 239 19.93 -34.02 -36.55
C ILE F 239 18.43 -33.82 -36.35
N CYS F 240 17.91 -34.33 -35.24
CA CYS F 240 16.50 -34.21 -34.89
C CYS F 240 16.40 -33.79 -33.44
N GLY F 241 15.79 -32.64 -33.19
CA GLY F 241 15.65 -32.11 -31.85
C GLY F 241 14.52 -32.79 -31.08
N THR F 242 14.28 -32.31 -29.86
CA THR F 242 13.25 -32.87 -29.00
C THR F 242 12.17 -31.86 -28.59
N GLY F 243 12.30 -30.58 -28.97
CA GLY F 243 11.33 -29.56 -28.62
C GLY F 243 11.80 -28.18 -29.06
N THR F 244 10.87 -27.22 -29.00
CA THR F 244 11.21 -25.85 -29.39
C THR F 244 12.01 -25.16 -28.31
N GLU F 245 11.51 -25.16 -27.06
CA GLU F 245 12.35 -24.60 -26.00
C GLU F 245 13.61 -25.42 -25.81
N ASP F 246 13.55 -26.75 -26.04
CA ASP F 246 14.76 -27.57 -25.92
C ASP F 246 15.86 -27.08 -26.85
N TYR F 247 15.51 -26.80 -28.10
CA TYR F 247 16.51 -26.38 -29.07
C TYR F 247 17.12 -25.03 -28.69
N PHE F 248 16.35 -24.13 -28.09
CA PHE F 248 16.90 -22.85 -27.66
C PHE F 248 17.54 -22.91 -26.29
N GLY F 249 17.81 -24.11 -25.78
CA GLY F 249 18.58 -24.25 -24.58
C GLY F 249 17.79 -24.27 -23.30
N GLY F 250 16.47 -24.08 -23.39
CA GLY F 250 15.61 -24.10 -22.24
C GLY F 250 15.01 -25.47 -22.01
N ALA F 251 13.99 -25.52 -21.15
CA ALA F 251 13.28 -26.75 -20.89
C ALA F 251 11.99 -26.41 -20.19
N TRP F 252 11.04 -27.35 -20.27
CA TRP F 252 9.80 -27.30 -19.51
C TRP F 252 9.06 -25.97 -19.71
N ASN F 253 8.88 -25.59 -20.97
CA ASN F 253 8.06 -24.44 -21.36
C ASN F 253 8.68 -23.09 -20.99
N PHE F 254 9.99 -23.03 -20.66
CA PHE F 254 10.63 -21.80 -20.19
C PHE F 254 9.99 -21.28 -18.89
N ASP F 255 9.36 -22.16 -18.11
CA ASP F 255 8.40 -21.79 -17.07
C ASP F 255 9.00 -22.09 -15.69
N ILE F 256 9.52 -21.06 -15.03
CA ILE F 256 10.01 -21.19 -13.67
C ILE F 256 8.79 -21.11 -12.76
N PRO F 257 8.49 -22.16 -11.97
CA PRO F 257 7.25 -22.17 -11.18
C PRO F 257 7.12 -20.92 -10.31
N GLY F 258 5.91 -20.35 -10.29
CA GLY F 258 5.65 -19.11 -9.59
C GLY F 258 6.05 -17.84 -10.34
N LYS F 259 6.91 -17.94 -11.37
CA LYS F 259 7.32 -16.78 -12.15
C LYS F 259 6.80 -16.78 -13.58
N GLY F 260 6.53 -17.95 -14.16
CA GLY F 260 6.13 -18.03 -15.54
C GLY F 260 7.31 -18.04 -16.50
N TYR F 261 7.00 -17.70 -17.76
CA TYR F 261 8.02 -17.53 -18.80
C TYR F 261 9.06 -16.53 -18.35
N THR F 262 10.32 -16.90 -18.44
CA THR F 262 11.40 -16.04 -17.96
C THR F 262 12.37 -15.79 -19.09
N GLU F 263 12.52 -14.51 -19.46
CA GLU F 263 13.54 -14.12 -20.43
C GLU F 263 14.92 -14.52 -19.92
N PHE F 264 15.78 -14.93 -20.85
CA PHE F 264 17.17 -15.24 -20.53
C PHE F 264 18.03 -14.97 -21.75
N SER F 265 19.29 -14.63 -21.53
CA SER F 265 20.20 -14.36 -22.64
C SER F 265 21.60 -14.76 -22.23
N THR F 266 22.16 -15.77 -22.90
CA THR F 266 23.49 -16.30 -22.60
C THR F 266 24.35 -16.24 -23.86
N PRO F 267 25.66 -16.60 -23.81
CA PRO F 267 26.50 -16.45 -25.01
C PRO F 267 25.95 -17.10 -26.27
N TYR F 268 25.37 -18.30 -26.18
CA TYR F 268 24.91 -19.02 -27.34
C TYR F 268 23.42 -19.28 -27.36
N LEU F 269 22.73 -19.03 -26.25
CA LEU F 269 21.35 -19.46 -26.08
C LEU F 269 20.55 -18.34 -25.42
N GLY F 270 19.34 -18.10 -25.91
CA GLY F 270 18.48 -17.18 -25.21
C GLY F 270 17.04 -17.21 -25.68
N MET F 271 16.16 -16.75 -24.78
CA MET F 271 14.85 -16.22 -25.13
C MET F 271 14.88 -14.80 -24.58
N PRO F 272 15.46 -13.85 -25.32
CA PRO F 272 15.56 -12.47 -24.81
C PRO F 272 14.22 -11.75 -24.76
N GLN F 273 13.18 -12.26 -25.41
CA GLN F 273 11.93 -11.50 -25.52
C GLN F 273 10.70 -12.36 -25.20
N VAL F 274 9.93 -11.89 -24.22
CA VAL F 274 8.56 -12.33 -24.02
C VAL F 274 7.68 -11.08 -24.06
N ILE F 275 6.74 -11.04 -24.99
CA ILE F 275 5.75 -9.96 -25.04
C ILE F 275 4.43 -10.50 -24.48
N ARG F 276 3.90 -9.84 -23.43
CA ARG F 276 2.64 -10.26 -22.83
C ARG F 276 1.52 -9.29 -23.20
N PRO F 277 0.37 -9.80 -23.62
CA PRO F 277 -0.75 -8.93 -24.01
C PRO F 277 -1.17 -7.99 -22.88
N ASP F 278 -1.57 -6.78 -23.25
CA ASP F 278 -1.93 -5.77 -22.26
C ASP F 278 -3.44 -5.72 -22.02
N GLY F 279 -4.19 -6.67 -22.57
CA GLY F 279 -5.63 -6.72 -22.39
C GLY F 279 -6.38 -5.63 -23.13
N LEU F 280 -5.69 -4.85 -23.97
CA LEU F 280 -6.30 -3.92 -24.92
C LEU F 280 -5.76 -4.22 -26.31
N TYR F 281 -5.09 -3.26 -26.97
CA TYR F 281 -4.75 -3.40 -28.39
C TYR F 281 -3.48 -4.19 -28.64
N VAL F 282 -2.63 -4.39 -27.64
CA VAL F 282 -1.49 -5.29 -27.77
C VAL F 282 -1.99 -6.64 -27.29
N SER F 283 -2.50 -7.44 -28.22
CA SER F 283 -3.25 -8.65 -27.87
C SER F 283 -2.54 -9.95 -28.23
N GLN F 284 -1.31 -9.91 -28.75
CA GLN F 284 -0.63 -11.12 -29.22
C GLN F 284 0.50 -11.49 -28.28
N GLN F 285 0.44 -12.70 -27.73
CA GLN F 285 1.54 -13.24 -26.92
C GLN F 285 2.67 -13.67 -27.86
N ARG F 286 3.86 -13.09 -27.69
CA ARG F 286 4.93 -13.25 -28.67
C ARG F 286 6.27 -13.54 -27.96
N PHE F 287 7.15 -14.24 -28.66
CA PHE F 287 8.43 -14.65 -28.10
C PHE F 287 9.54 -14.42 -29.12
N GLY F 288 10.74 -14.18 -28.61
CA GLY F 288 11.91 -14.09 -29.46
C GLY F 288 13.02 -14.96 -28.91
N MET F 289 13.58 -15.82 -29.76
CA MET F 289 14.53 -16.82 -29.30
C MET F 289 15.70 -16.90 -30.28
N TYR F 290 16.89 -17.14 -29.74
CA TYR F 290 18.07 -17.31 -30.57
C TYR F 290 18.93 -18.46 -30.05
N ARG F 291 19.64 -19.10 -30.97
CA ARG F 291 20.67 -20.06 -30.66
C ARG F 291 21.79 -19.88 -31.66
N TRP F 292 23.02 -19.67 -31.17
CA TRP F 292 24.20 -19.60 -32.02
C TRP F 292 24.99 -20.89 -31.84
N HIS F 293 25.28 -21.57 -32.94
CA HIS F 293 26.09 -22.78 -32.90
C HIS F 293 27.52 -22.35 -33.27
N LEU F 294 28.25 -21.85 -32.27
CA LEU F 294 29.61 -21.35 -32.45
C LEU F 294 30.67 -22.35 -31.98
N GLN F 295 30.54 -22.86 -30.75
CA GLN F 295 31.36 -24.00 -30.35
C GLN F 295 30.87 -25.29 -30.98
N ASP F 296 29.62 -25.33 -31.43
CA ASP F 296 29.02 -26.55 -31.98
C ASP F 296 28.36 -26.25 -33.33
N PRO F 297 29.13 -25.79 -34.33
CA PRO F 297 28.52 -25.59 -35.65
C PRO F 297 27.98 -26.90 -36.21
N ILE F 298 26.98 -26.78 -37.07
CA ILE F 298 26.43 -27.94 -37.75
C ILE F 298 27.00 -27.93 -39.16
N HIS F 299 27.94 -28.85 -39.41
CA HIS F 299 28.66 -28.89 -40.67
C HIS F 299 27.88 -29.66 -41.74
N PHE F 300 28.10 -29.26 -42.98
CA PHE F 300 27.60 -29.99 -44.14
C PHE F 300 28.66 -29.89 -45.24
N ALA F 301 28.83 -30.98 -45.98
CA ALA F 301 29.90 -31.05 -46.98
C ALA F 301 29.41 -30.66 -48.37
N THR F 302 28.18 -31.01 -48.72
CA THR F 302 27.65 -30.71 -50.04
C THR F 302 26.36 -29.88 -50.06
N GLY F 303 25.62 -29.80 -48.94
CA GLY F 303 24.51 -28.87 -48.87
C GLY F 303 23.65 -29.08 -47.62
N ILE F 304 22.64 -28.23 -47.52
CA ILE F 304 21.56 -28.37 -46.54
C ILE F 304 20.25 -28.45 -47.31
N PRO F 305 19.74 -29.65 -47.59
CA PRO F 305 18.44 -29.74 -48.24
C PRO F 305 17.35 -29.03 -47.46
N LYS F 306 17.32 -29.19 -46.14
CA LYS F 306 16.20 -28.66 -45.37
C LYS F 306 16.60 -28.48 -43.92
N VAL F 307 16.15 -27.36 -43.35
CA VAL F 307 16.03 -27.17 -41.92
C VAL F 307 14.61 -26.70 -41.69
N ASP F 308 13.86 -27.40 -40.84
CA ASP F 308 12.52 -26.95 -40.51
C ASP F 308 12.26 -27.23 -39.03
N ILE F 309 11.13 -26.70 -38.54
CA ILE F 309 10.71 -26.90 -37.15
C ILE F 309 9.20 -27.11 -37.12
N GLN F 310 8.76 -28.11 -36.35
CA GLN F 310 7.33 -28.38 -36.20
C GLN F 310 6.73 -27.35 -35.27
N ALA F 311 5.44 -27.08 -35.46
CA ALA F 311 4.70 -26.22 -34.53
C ALA F 311 3.62 -27.07 -33.86
N LEU F 312 3.86 -27.44 -32.60
CA LEU F 312 3.00 -28.39 -31.90
C LEU F 312 2.68 -27.89 -30.50
N GLY F 313 1.39 -27.83 -30.18
CA GLY F 313 0.95 -27.56 -28.81
C GLY F 313 0.24 -28.76 -28.25
N TRP F 314 -0.79 -28.54 -27.42
CA TRP F 314 -1.55 -29.63 -26.79
C TRP F 314 -3.04 -29.42 -26.96
N ARG F 315 -3.77 -30.52 -27.15
CA ARG F 315 -5.23 -30.55 -27.10
C ARG F 315 -5.65 -31.67 -26.14
N SER F 316 -6.94 -31.74 -25.84
CA SER F 316 -7.41 -32.68 -24.82
C SER F 316 -7.07 -34.13 -25.17
N GLY F 317 -6.81 -34.91 -24.11
CA GLY F 317 -6.43 -36.30 -24.25
C GLY F 317 -4.95 -36.52 -24.45
N TRP F 318 -4.11 -35.55 -24.05
CA TRP F 318 -2.67 -35.63 -24.26
C TRP F 318 -2.35 -35.87 -25.74
N ARG F 319 -3.02 -35.13 -26.60
CA ARG F 319 -2.72 -35.14 -28.02
C ARG F 319 -1.97 -33.86 -28.39
N TYR F 320 -0.98 -33.99 -29.25
CA TYR F 320 -0.35 -32.80 -29.83
C TYR F 320 -1.38 -32.02 -30.62
N LEU F 321 -1.28 -30.70 -30.57
CA LEU F 321 -2.14 -29.84 -31.38
C LEU F 321 -1.29 -29.20 -32.46
N PRO F 322 -1.57 -29.46 -33.74
CA PRO F 322 -0.87 -28.72 -34.80
C PRO F 322 -1.27 -27.24 -34.74
N LEU F 323 -0.28 -26.36 -34.60
CA LEU F 323 -0.53 -24.95 -34.35
C LEU F 323 -0.58 -24.16 -35.64
N ARG F 324 -1.55 -23.28 -35.73
CA ARG F 324 -1.66 -22.34 -36.84
C ARG F 324 -1.06 -21.00 -36.43
N ASP F 325 0.26 -21.04 -36.20
CA ASP F 325 0.91 -19.94 -35.50
C ASP F 325 1.65 -19.01 -36.46
N ASP F 326 2.23 -17.96 -35.89
CA ASP F 326 2.91 -16.89 -36.62
C ASP F 326 4.41 -17.02 -36.31
N ILE F 327 5.16 -17.62 -37.24
CA ILE F 327 6.56 -18.02 -36.99
C ILE F 327 7.46 -17.40 -38.06
N ALA F 328 8.46 -16.63 -37.63
CA ALA F 328 9.43 -16.05 -38.53
C ALA F 328 10.83 -16.50 -38.10
N SER F 329 11.56 -17.17 -39.00
CA SER F 329 12.89 -17.64 -38.68
C SER F 329 13.95 -16.83 -39.41
N THR F 330 15.09 -16.64 -38.76
CA THR F 330 16.29 -16.10 -39.38
C THR F 330 17.41 -17.11 -39.19
N ALA F 331 17.97 -17.60 -40.30
CA ALA F 331 19.00 -18.63 -40.29
C ALA F 331 20.31 -18.04 -40.75
N MET F 332 21.35 -18.18 -39.91
CA MET F 332 22.71 -17.75 -40.22
C MET F 332 23.56 -18.98 -40.58
N PHE F 333 24.33 -18.88 -41.66
CA PHE F 333 25.21 -19.99 -42.01
C PHE F 333 26.38 -19.46 -42.83
N TYR F 334 27.53 -20.15 -42.72
CA TYR F 334 28.70 -19.90 -43.58
C TYR F 334 28.72 -20.90 -44.72
N LEU F 335 29.16 -20.42 -45.89
CA LEU F 335 29.13 -21.19 -47.14
C LEU F 335 30.37 -20.86 -47.97
N ASP F 336 30.81 -21.85 -48.74
CA ASP F 336 32.01 -21.68 -49.56
C ASP F 336 31.73 -20.98 -50.87
N ARG F 337 30.55 -20.38 -51.02
CA ARG F 337 30.13 -19.59 -52.17
C ARG F 337 29.43 -18.34 -51.67
N PRO F 338 29.42 -17.27 -52.47
CA PRO F 338 28.79 -16.02 -52.03
C PRO F 338 27.28 -15.95 -52.22
N THR F 339 26.67 -16.91 -52.92
CA THR F 339 25.22 -16.92 -53.09
C THR F 339 24.70 -18.33 -52.89
N ALA F 340 23.39 -18.43 -52.66
CA ALA F 340 22.74 -19.71 -52.42
C ALA F 340 21.25 -19.53 -52.70
N ARG F 341 20.53 -20.63 -52.77
CA ARG F 341 19.09 -20.54 -52.91
C ARG F 341 18.49 -19.84 -51.69
N ARG F 342 17.62 -18.86 -51.94
CA ARG F 342 16.98 -18.03 -50.93
C ARG F 342 15.47 -18.03 -51.14
N PRO F 343 14.70 -17.68 -50.11
CA PRO F 343 13.26 -17.50 -50.29
C PRO F 343 12.95 -16.22 -51.01
N LYS F 344 11.66 -15.95 -51.27
CA LYS F 344 11.22 -14.68 -51.82
C LYS F 344 11.74 -13.52 -50.97
N SER F 345 12.11 -12.42 -51.61
CA SER F 345 12.49 -11.23 -50.86
C SER F 345 11.36 -10.82 -49.92
N PRO F 346 11.66 -10.42 -48.68
CA PRO F 346 10.60 -9.99 -47.77
C PRO F 346 9.92 -8.72 -48.28
N SER F 347 8.59 -8.72 -48.25
CA SER F 347 7.83 -7.55 -48.66
C SER F 347 7.38 -6.75 -47.45
N ALA F 348 7.04 -5.49 -47.69
CA ALA F 348 6.48 -4.64 -46.66
C ALA F 348 5.33 -5.35 -45.93
N ASP F 349 4.42 -5.95 -46.70
CA ASP F 349 3.24 -6.57 -46.10
C ASP F 349 3.62 -7.78 -45.24
N ASP F 350 4.50 -8.65 -45.72
CA ASP F 350 4.85 -9.86 -44.99
C ASP F 350 5.65 -9.55 -43.73
N MET F 351 6.45 -8.48 -43.76
CA MET F 351 7.28 -8.10 -42.61
C MET F 351 6.47 -7.40 -41.53
N GLU F 352 5.42 -6.69 -41.91
CA GLU F 352 4.78 -5.70 -41.04
C GLU F 352 4.39 -6.30 -39.68
N VAL F 353 4.69 -5.55 -38.63
CA VAL F 353 4.10 -5.76 -37.32
C VAL F 353 3.48 -4.44 -36.85
N HIS F 354 2.46 -4.55 -36.01
CA HIS F 354 1.76 -3.38 -35.51
C HIS F 354 2.72 -2.40 -34.83
N LEU F 355 2.52 -1.10 -35.07
CA LEU F 355 3.33 -0.04 -34.45
C LEU F 355 2.60 0.50 -33.23
N GLY F 356 3.29 0.52 -32.11
CA GLY F 356 2.68 1.17 -30.96
C GLY F 356 1.63 0.31 -30.29
N THR F 357 0.83 0.97 -29.47
CA THR F 357 -0.17 0.28 -28.67
C THR F 357 -1.57 0.84 -28.90
N ALA F 358 -1.75 1.64 -29.93
CA ALA F 358 -3.03 2.25 -30.23
C ALA F 358 -3.83 1.35 -31.15
N PRO F 359 -5.13 1.62 -31.37
CA PRO F 359 -5.91 0.71 -32.23
C PRO F 359 -5.45 0.66 -33.69
N VAL F 360 -4.68 1.66 -34.16
CA VAL F 360 -4.26 1.78 -35.56
C VAL F 360 -2.76 2.06 -35.56
N PRO F 361 -1.92 1.26 -36.27
CA PRO F 361 -0.46 1.51 -36.29
C PRO F 361 -0.07 2.97 -36.45
N ASP F 362 -0.73 3.69 -37.37
CA ASP F 362 -0.36 5.09 -37.61
C ASP F 362 -0.63 5.97 -36.40
N LEU F 363 -1.59 5.60 -35.54
CA LEU F 363 -1.85 6.38 -34.33
C LEU F 363 -0.74 6.20 -33.31
N GLY F 364 -0.11 5.03 -33.29
CA GLY F 364 0.94 4.71 -32.35
C GLY F 364 2.34 4.85 -32.88
N ALA F 365 2.51 5.37 -34.10
CA ALA F 365 3.81 5.66 -34.66
C ALA F 365 4.40 6.89 -33.98
N THR F 366 5.70 7.10 -34.20
CA THR F 366 6.47 8.22 -33.65
C THR F 366 7.00 9.13 -34.75
N PRO F 367 6.44 10.31 -34.97
CA PRO F 367 5.20 10.85 -34.41
C PRO F 367 4.00 10.21 -35.12
N PRO F 368 2.79 10.34 -34.56
CA PRO F 368 1.61 9.77 -35.21
C PRO F 368 1.46 10.28 -36.63
N ARG F 369 0.93 9.41 -37.51
CA ARG F 369 0.85 9.73 -38.93
C ARG F 369 -0.46 10.44 -39.26
N VAL F 370 -1.57 9.97 -38.68
CA VAL F 370 -2.90 10.63 -38.72
C VAL F 370 -3.08 11.68 -39.81
N PRO G 2 4.31 -20.49 50.03
CA PRO G 2 2.88 -20.78 49.77
C PRO G 2 2.50 -20.49 48.34
N ASP G 3 1.21 -20.59 48.01
CA ASP G 3 0.69 -20.24 46.69
C ASP G 3 -0.62 -19.50 46.91
N LEU G 4 -1.36 -19.24 45.82
CA LEU G 4 -2.63 -18.54 45.95
C LEU G 4 -3.58 -19.26 46.92
N ASN G 5 -3.64 -20.59 46.83
CA ASN G 5 -4.59 -21.33 47.65
C ASN G 5 -4.24 -21.27 49.12
N SER G 6 -2.97 -21.09 49.45
CA SER G 6 -2.53 -21.12 50.84
C SER G 6 -1.93 -19.79 51.30
N ILE G 7 -2.08 -18.72 50.53
CA ILE G 7 -1.38 -17.47 50.83
C ILE G 7 -1.85 -16.85 52.13
N ALA G 8 -3.09 -17.12 52.57
CA ALA G 8 -3.63 -16.38 53.70
C ALA G 8 -3.14 -16.90 55.06
N ALA G 9 -2.58 -18.11 55.12
CA ALA G 9 -2.18 -18.69 56.39
C ALA G 9 -1.03 -17.93 57.03
N LEU G 10 -1.12 -17.71 58.34
CA LEU G 10 -0.04 -17.10 59.09
C LEU G 10 1.09 -18.09 59.32
N ARG G 11 2.33 -17.63 59.16
CA ARG G 11 3.46 -18.53 59.19
C ARG G 11 4.63 -17.86 59.89
N GLN G 12 5.28 -18.59 60.80
CA GLN G 12 6.49 -18.10 61.46
C GLN G 12 7.66 -18.26 60.50
N VAL G 13 7.75 -17.32 59.56
CA VAL G 13 8.76 -17.32 58.52
C VAL G 13 9.30 -15.90 58.37
N GLN G 14 10.61 -15.77 58.18
CA GLN G 14 11.25 -14.50 57.84
C GLN G 14 11.59 -14.46 56.36
N THR G 15 11.40 -13.29 55.75
CA THR G 15 11.77 -13.10 54.34
C THR G 15 12.99 -12.20 54.25
N ARG G 16 13.97 -12.64 53.47
CA ARG G 16 15.18 -11.87 53.27
C ARG G 16 15.44 -11.73 51.77
N SER G 17 16.22 -10.72 51.41
CA SER G 17 16.52 -10.50 50.01
C SER G 17 17.92 -9.96 49.88
N ILE G 18 18.73 -10.61 49.03
CA ILE G 18 20.11 -10.24 48.78
C ILE G 18 20.18 -9.56 47.43
N SER G 19 20.81 -8.39 47.40
CA SER G 19 20.91 -7.61 46.17
C SER G 19 22.19 -6.80 46.26
N PRO G 20 22.59 -6.13 45.18
CA PRO G 20 23.74 -5.21 45.31
C PRO G 20 23.51 -4.12 46.34
N GLU G 21 22.25 -3.85 46.70
CA GLU G 21 21.95 -2.86 47.73
C GLU G 21 21.92 -3.48 49.12
N ASN G 22 22.02 -4.81 49.23
CA ASN G 22 22.08 -5.49 50.53
C ASN G 22 22.81 -6.84 50.31
N PHE G 23 24.15 -6.75 50.26
CA PHE G 23 24.98 -7.86 49.78
C PHE G 23 24.79 -9.14 50.59
N ASP G 24 24.55 -9.03 51.89
CA ASP G 24 24.44 -10.20 52.76
C ASP G 24 23.02 -10.45 53.23
N GLY G 25 22.07 -9.60 52.86
CA GLY G 25 20.67 -9.85 53.14
C GLY G 25 20.21 -9.54 54.55
N THR G 26 21.03 -8.84 55.34
CA THR G 26 20.75 -8.64 56.76
C THR G 26 19.58 -7.67 56.97
N ALA G 27 18.84 -7.91 58.06
CA ALA G 27 17.74 -7.04 58.44
C ALA G 27 18.25 -5.62 58.71
N GLY G 28 17.55 -4.62 58.18
CA GLY G 28 18.09 -3.28 58.29
C GLY G 28 19.40 -3.04 57.56
N GLY G 29 19.79 -3.93 56.64
CA GLY G 29 21.08 -3.84 55.99
C GLY G 29 21.12 -3.18 54.63
N GLY G 30 19.96 -2.79 54.05
CA GLY G 30 19.94 -2.33 52.67
C GLY G 30 20.07 -0.83 52.51
N GLY G 31 20.54 -0.41 51.35
CA GLY G 31 20.56 1.00 51.03
C GLY G 31 21.53 1.81 51.84
N ARG G 32 22.60 1.18 52.36
CA ARG G 32 23.59 1.83 53.20
C ARG G 32 24.85 2.24 52.44
N ALA G 33 25.01 1.79 51.20
CA ALA G 33 26.27 1.99 50.49
C ALA G 33 26.58 3.47 50.27
N THR G 34 27.86 3.81 50.35
CA THR G 34 28.35 5.11 49.88
C THR G 34 29.22 4.98 48.65
N GLU G 35 29.58 3.75 48.28
CA GLU G 35 30.32 3.46 47.06
C GLU G 35 29.50 2.44 46.29
N GLY G 36 29.70 2.42 44.98
CA GLY G 36 29.01 1.46 44.14
C GLY G 36 28.89 1.99 42.72
N THR G 37 28.19 1.21 41.90
CA THR G 37 28.06 1.57 40.48
C THR G 37 27.17 2.79 40.23
N GLY G 38 26.32 3.17 41.19
CA GLY G 38 25.49 4.34 41.00
C GLY G 38 25.93 5.58 41.75
N ALA G 39 27.11 5.55 42.39
CA ALA G 39 27.51 6.64 43.28
C ALA G 39 27.69 7.95 42.51
N ASP G 40 28.43 7.92 41.39
CA ASP G 40 28.59 9.12 40.57
C ASP G 40 27.26 9.62 40.05
N CYS G 41 26.34 8.71 39.74
CA CYS G 41 25.02 9.09 39.26
C CYS G 41 24.24 9.88 40.30
N ALA G 42 24.55 9.70 41.59
CA ALA G 42 23.86 10.37 42.69
C ALA G 42 24.65 11.54 43.26
N ARG G 43 25.71 11.97 42.57
CA ARG G 43 26.63 12.98 43.08
C ARG G 43 25.95 14.31 43.37
N ASP G 44 24.88 14.65 42.66
CA ASP G 44 24.12 15.87 42.91
C ASP G 44 22.95 15.66 43.85
N LEU G 45 22.59 14.43 44.13
CA LEU G 45 21.61 14.08 45.16
C LEU G 45 22.38 13.61 46.41
N GLY G 46 21.66 13.37 47.48
CA GLY G 46 22.34 12.99 48.68
C GLY G 46 22.58 11.51 48.79
N PRO G 47 22.85 11.05 50.01
CA PRO G 47 22.96 9.60 50.28
C PRO G 47 21.67 8.85 49.96
N GLY G 48 21.83 7.55 49.71
CA GLY G 48 20.71 6.63 49.64
C GLY G 48 19.91 6.65 48.35
N TRP G 49 20.42 7.29 47.29
CA TRP G 49 19.70 7.38 46.03
C TRP G 49 20.39 6.47 45.01
N LYS G 50 20.10 5.17 45.11
CA LYS G 50 20.56 4.17 44.15
C LYS G 50 22.08 4.21 43.97
N ILE G 51 22.78 4.03 45.09
CA ILE G 51 24.24 4.03 45.10
C ILE G 51 24.81 2.69 44.58
N SER G 52 24.11 1.58 44.78
CA SER G 52 24.70 0.25 44.56
C SER G 52 23.69 -0.71 43.92
N PRO G 53 23.25 -0.41 42.70
CA PRO G 53 22.21 -1.25 42.09
C PRO G 53 22.76 -2.46 41.34
N SER G 54 24.04 -2.47 41.02
CA SER G 54 24.59 -3.49 40.13
C SER G 54 26.02 -3.77 40.53
N VAL G 55 26.58 -4.83 39.93
CA VAL G 55 27.98 -5.20 40.15
C VAL G 55 28.64 -5.37 38.80
N ASP G 56 29.90 -4.97 38.70
CA ASP G 56 30.75 -5.29 37.57
C ASP G 56 31.58 -6.52 37.89
N ILE G 57 31.50 -7.53 37.05
CA ILE G 57 32.31 -8.75 37.18
C ILE G 57 33.38 -8.68 36.10
N LYS G 58 34.65 -8.56 36.51
CA LYS G 58 35.74 -8.44 35.56
C LYS G 58 35.85 -9.70 34.70
N ALA G 59 36.40 -9.53 33.50
CA ALA G 59 36.59 -10.63 32.57
C ALA G 59 37.35 -11.77 33.25
N GLY G 60 36.80 -12.99 33.15
CA GLY G 60 37.44 -14.17 33.68
C GLY G 60 37.07 -14.55 35.10
N GLU G 61 36.50 -13.63 35.85
CA GLU G 61 36.34 -13.83 37.28
C GLU G 61 34.96 -14.37 37.63
N THR G 62 34.84 -14.84 38.85
CA THR G 62 33.59 -15.36 39.38
C THR G 62 33.12 -14.44 40.50
N PHE G 63 31.82 -14.21 40.56
CA PHE G 63 31.24 -13.33 41.55
C PHE G 63 30.22 -14.12 42.36
N GLU G 64 30.28 -13.96 43.68
CA GLU G 64 29.37 -14.66 44.57
C GLU G 64 28.13 -13.80 44.73
N LEU G 65 27.04 -14.19 44.04
CA LEU G 65 25.78 -13.47 44.14
C LEU G 65 25.24 -13.47 45.58
N ALA G 66 25.17 -14.65 46.20
CA ALA G 66 24.53 -14.82 47.49
C ALA G 66 25.29 -15.85 48.31
N SER G 67 25.44 -15.57 49.60
CA SER G 67 26.00 -16.52 50.56
C SER G 67 25.09 -16.50 51.78
N ILE G 68 24.44 -17.63 52.05
CA ILE G 68 23.46 -17.76 53.12
C ILE G 68 23.91 -18.86 54.07
N GLU G 69 23.81 -18.59 55.37
CA GLU G 69 24.11 -19.58 56.40
C GLU G 69 22.82 -20.06 57.07
N GLY G 70 22.84 -21.33 57.49
CA GLY G 70 21.68 -21.93 58.12
C GLY G 70 20.75 -22.58 57.12
N ALA G 71 19.60 -23.01 57.63
CA ALA G 71 18.55 -23.54 56.78
C ALA G 71 17.77 -22.40 56.14
N GLY G 72 17.20 -22.68 54.97
CA GLY G 72 16.51 -21.65 54.22
C GLY G 72 15.96 -22.22 52.94
N LYS G 73 15.24 -21.37 52.21
CA LYS G 73 14.67 -21.73 50.90
C LYS G 73 14.59 -20.48 50.04
N ILE G 74 15.32 -20.48 48.91
CA ILE G 74 15.20 -19.42 47.92
C ILE G 74 13.83 -19.50 47.27
N THR G 75 13.10 -18.38 47.26
CA THR G 75 11.74 -18.36 46.71
C THR G 75 11.62 -17.64 45.38
N HIS G 76 12.55 -16.75 45.05
CA HIS G 76 12.48 -15.97 43.82
C HIS G 76 13.87 -15.42 43.50
N ILE G 77 14.30 -15.64 42.26
CA ILE G 77 15.50 -14.99 41.75
C ILE G 77 15.08 -14.08 40.60
N TRP G 78 15.42 -12.81 40.70
CA TRP G 78 15.39 -11.89 39.57
C TRP G 78 16.81 -11.49 39.22
N ILE G 79 17.12 -11.48 37.93
CA ILE G 79 18.47 -11.12 37.50
C ILE G 79 18.38 -10.63 36.06
N THR G 80 19.26 -9.68 35.72
CA THR G 80 19.41 -9.30 34.33
C THR G 80 20.86 -8.91 34.03
N THR G 81 21.15 -8.93 32.74
CA THR G 81 22.43 -8.57 32.14
C THR G 81 22.15 -8.49 30.65
N HIS G 82 23.02 -7.81 29.91
CA HIS G 82 22.79 -7.59 28.48
C HIS G 82 22.89 -8.89 27.70
N THR G 83 22.14 -8.96 26.58
CA THR G 83 22.02 -10.20 25.81
C THR G 83 23.36 -10.79 25.41
N ASP G 84 24.38 -9.96 25.14
CA ASP G 84 25.71 -10.44 24.77
C ASP G 84 26.29 -11.44 25.76
N ASN G 85 25.83 -11.41 27.02
CA ASN G 85 26.38 -12.24 28.07
C ASN G 85 25.54 -13.48 28.37
N TRP G 86 24.40 -13.68 27.70
CA TRP G 86 23.54 -14.79 28.08
C TRP G 86 24.25 -16.13 27.88
N ARG G 87 25.22 -16.21 26.96
CA ARG G 87 25.96 -17.45 26.76
C ARG G 87 27.46 -17.29 27.04
N THR G 88 27.83 -16.35 27.91
CA THR G 88 29.20 -16.27 28.41
C THR G 88 29.26 -16.40 29.94
N LEU G 89 28.12 -16.34 30.62
CA LEU G 89 28.04 -16.40 32.08
C LEU G 89 27.54 -17.77 32.51
N ILE G 90 28.10 -18.29 33.60
CA ILE G 90 27.67 -19.58 34.15
C ILE G 90 27.08 -19.34 35.54
N LEU G 91 25.83 -19.79 35.73
CA LEU G 91 25.13 -19.67 37.00
C LEU G 91 25.28 -20.98 37.77
N ARG G 92 25.72 -20.88 39.04
CA ARG G 92 25.98 -22.03 39.89
C ARG G 92 25.32 -21.88 41.25
N ALA G 93 24.89 -23.00 41.82
CA ALA G 93 24.32 -23.03 43.16
C ALA G 93 24.95 -24.21 43.91
N PHE G 94 25.49 -23.94 45.09
CA PHE G 94 26.05 -24.96 45.97
C PHE G 94 25.23 -25.03 47.26
N TRP G 95 24.81 -26.22 47.64
CA TRP G 95 24.00 -26.39 48.84
C TRP G 95 24.80 -27.06 49.95
N ASP G 96 24.55 -26.62 51.18
CA ASP G 96 25.08 -27.26 52.40
C ASP G 96 26.61 -27.33 52.42
N GLY G 97 27.27 -26.30 51.92
CA GLY G 97 28.72 -26.30 51.96
C GLY G 97 29.42 -27.26 51.03
N ALA G 98 28.67 -28.01 50.20
CA ALA G 98 29.26 -28.93 49.25
C ALA G 98 30.24 -28.22 48.31
N ASP G 99 31.30 -28.93 47.94
CA ASP G 99 32.32 -28.40 47.05
C ASP G 99 31.92 -28.46 45.58
N GLU G 100 30.88 -29.19 45.24
CA GLU G 100 30.44 -29.24 43.86
C GLU G 100 29.05 -28.64 43.75
N PRO G 101 28.75 -27.95 42.64
CA PRO G 101 27.43 -27.34 42.48
C PRO G 101 26.35 -28.34 42.16
N ALA G 102 25.14 -28.00 42.59
CA ALA G 102 23.97 -28.75 42.19
C ALA G 102 23.35 -28.18 40.94
N VAL G 103 23.52 -26.87 40.77
CA VAL G 103 23.10 -26.13 39.58
C VAL G 103 24.37 -25.65 38.88
N GLU G 104 24.47 -25.94 37.58
CA GLU G 104 25.62 -25.48 36.78
C GLU G 104 25.13 -25.34 35.35
N VAL G 105 24.69 -24.12 35.01
CA VAL G 105 23.91 -23.89 33.81
C VAL G 105 24.39 -22.58 33.20
N PRO G 106 24.52 -22.48 31.88
CA PRO G 106 24.73 -21.16 31.28
C PRO G 106 23.55 -20.27 31.61
N TYR G 107 23.84 -19.01 31.91
CA TYR G 107 22.86 -18.03 32.34
C TYR G 107 21.56 -18.05 31.52
N GLY G 108 21.68 -17.89 30.20
CA GLY G 108 20.49 -17.74 29.38
C GLY G 108 19.59 -18.95 29.41
N ASP G 109 20.20 -20.15 29.37
CA ASP G 109 19.42 -21.37 29.33
C ASP G 109 18.57 -21.56 30.58
N PHE G 110 19.04 -21.11 31.75
CA PHE G 110 18.24 -21.31 32.95
C PHE G 110 16.87 -20.66 32.80
N PHE G 111 16.76 -19.62 31.98
CA PHE G 111 15.53 -18.86 31.81
C PHE G 111 14.95 -19.06 30.40
N CYS G 112 15.23 -20.22 29.79
CA CYS G 112 14.70 -20.59 28.48
C CYS G 112 15.09 -19.59 27.39
N ASN G 113 16.33 -19.14 27.43
CA ASN G 113 16.80 -18.07 26.57
C ASN G 113 18.26 -18.34 26.20
N GLY G 114 18.55 -19.56 25.75
CA GLY G 114 19.91 -19.95 25.47
C GLY G 114 20.49 -19.44 24.16
N TRP G 115 19.71 -18.68 23.38
CA TRP G 115 20.17 -18.24 22.08
C TRP G 115 20.61 -16.79 22.07
N GLY G 116 20.56 -16.10 23.22
CA GLY G 116 20.94 -14.70 23.23
C GLY G 116 19.99 -13.77 22.50
N VAL G 117 18.75 -14.21 22.26
CA VAL G 117 17.72 -13.40 21.64
C VAL G 117 16.50 -13.46 22.55
N PHE G 118 16.01 -12.32 23.02
CA PHE G 118 14.97 -12.34 24.03
C PHE G 118 13.70 -13.01 23.54
N ALA G 119 13.13 -13.88 24.38
CA ALA G 119 11.84 -14.50 24.12
C ALA G 119 11.00 -14.51 25.40
N GLN G 120 9.79 -14.00 25.30
CA GLN G 120 8.87 -13.97 26.42
C GLN G 120 8.54 -15.38 26.90
N VAL G 121 8.56 -15.57 28.21
CA VAL G 121 8.18 -16.84 28.82
C VAL G 121 7.19 -16.51 29.93
N ASN G 122 5.96 -16.99 29.80
CA ASN G 122 4.89 -16.75 30.77
C ASN G 122 4.62 -17.96 31.67
N SER G 123 5.63 -18.75 31.99
CA SER G 123 5.39 -20.03 32.64
C SER G 123 5.30 -19.86 34.16
N GLN G 124 4.91 -20.94 34.84
CA GLN G 124 4.73 -20.87 36.28
C GLN G 124 6.06 -20.67 36.99
N ALA G 125 7.06 -21.47 36.63
CA ALA G 125 8.32 -21.49 37.36
C ALA G 125 9.29 -20.45 36.83
N ILE G 126 9.17 -20.09 35.56
CA ILE G 126 10.13 -19.21 34.90
C ILE G 126 9.36 -18.11 34.21
N ALA G 127 9.75 -16.87 34.47
CA ALA G 127 9.17 -15.72 33.81
C ALA G 127 10.32 -14.91 33.21
N ALA G 128 10.29 -14.75 31.89
CA ALA G 128 11.29 -13.97 31.16
C ALA G 128 10.53 -12.83 30.48
N ASN G 129 10.76 -11.60 30.94
CA ASN G 129 9.94 -10.44 30.59
C ASN G 129 10.76 -9.34 29.91
N PRO G 130 10.09 -8.40 29.22
CA PRO G 130 10.82 -7.33 28.51
C PRO G 130 11.70 -6.54 29.45
N HIS G 131 12.91 -6.20 29.01
CA HIS G 131 13.66 -6.88 27.96
C HIS G 131 14.80 -7.61 28.65
N GLY G 132 14.63 -8.90 28.92
CA GLY G 132 15.64 -9.64 29.65
C GLY G 132 15.46 -9.63 31.16
N GLY G 133 14.24 -9.49 31.65
CA GLY G 133 13.98 -9.65 33.07
C GLY G 133 13.75 -11.12 33.36
N PHE G 134 14.73 -11.74 34.00
CA PHE G 134 14.76 -13.19 34.14
C PHE G 134 14.33 -13.55 35.57
N ASN G 135 13.29 -14.37 35.69
CA ASN G 135 12.68 -14.67 36.98
C ASN G 135 12.55 -16.17 37.18
N SER G 136 13.11 -16.67 38.27
CA SER G 136 12.93 -18.06 38.66
C SER G 136 12.18 -18.13 39.98
N TYR G 137 11.09 -18.90 40.00
CA TYR G 137 10.34 -19.21 41.21
C TYR G 137 10.52 -20.66 41.64
N TRP G 138 11.46 -21.39 41.02
CA TRP G 138 11.82 -22.71 41.52
C TRP G 138 12.18 -22.58 42.99
N PRO G 139 11.48 -23.26 43.89
CA PRO G 139 11.92 -23.24 45.30
C PRO G 139 13.21 -24.04 45.45
N MET G 140 14.19 -23.46 46.15
CA MET G 140 15.51 -24.06 46.36
C MET G 140 15.78 -24.19 47.87
N PRO G 141 15.41 -25.30 48.50
CA PRO G 141 15.64 -25.45 49.94
C PRO G 141 17.05 -25.93 50.23
N PHE G 142 17.58 -25.47 51.36
CA PHE G 142 18.86 -25.96 51.83
C PHE G 142 18.80 -26.14 53.34
N ARG G 143 19.74 -26.91 53.88
CA ARG G 143 19.75 -27.27 55.30
C ARG G 143 20.92 -26.67 56.07
N ASP G 144 22.03 -26.36 55.42
CA ASP G 144 23.22 -25.91 56.11
C ASP G 144 24.02 -24.95 55.22
N GLY G 145 23.34 -23.96 54.66
CA GLY G 145 23.98 -22.93 53.88
C GLY G 145 23.69 -23.05 52.38
N ALA G 146 23.94 -21.96 51.67
CA ALA G 146 23.74 -21.86 50.23
C ALA G 146 24.73 -20.84 49.65
N ARG G 147 25.25 -21.15 48.46
CA ARG G 147 26.17 -20.26 47.74
C ARG G 147 25.72 -20.16 46.28
N LEU G 148 25.56 -18.95 45.77
CA LEU G 148 25.18 -18.75 44.37
C LEU G 148 26.29 -17.95 43.69
N THR G 149 26.82 -18.46 42.58
CA THR G 149 27.86 -17.72 41.86
C THR G 149 27.49 -17.57 40.39
N ILE G 150 28.14 -16.57 39.79
CA ILE G 150 28.08 -16.20 38.39
C ILE G 150 29.51 -16.15 37.90
N GLU G 151 29.87 -17.00 36.94
CA GLU G 151 31.20 -16.93 36.36
C GLU G 151 31.15 -16.24 35.01
N ASN G 152 31.99 -15.22 34.83
CA ASN G 152 32.14 -14.50 33.56
C ASN G 152 33.29 -15.11 32.77
N THR G 153 32.97 -15.98 31.80
CA THR G 153 34.01 -16.63 31.01
C THR G 153 34.40 -15.83 29.79
N SER G 154 33.84 -14.64 29.60
CA SER G 154 34.12 -13.82 28.43
C SER G 154 35.37 -12.99 28.66
N VAL G 155 35.85 -12.32 27.61
CA VAL G 155 37.04 -11.50 27.72
C VAL G 155 36.70 -10.04 28.03
N VAL G 156 35.43 -9.73 28.28
CA VAL G 156 35.04 -8.38 28.62
C VAL G 156 34.44 -8.36 30.03
N ASP G 157 34.48 -7.18 30.65
CA ASP G 157 33.78 -6.98 31.91
C ASP G 157 32.27 -6.94 31.68
N VAL G 158 31.51 -7.46 32.63
CA VAL G 158 30.06 -7.48 32.48
C VAL G 158 29.40 -6.88 33.72
N ARG G 159 28.21 -6.32 33.50
CA ARG G 159 27.39 -5.75 34.55
C ARG G 159 26.19 -6.67 34.79
N VAL G 160 25.89 -6.94 36.06
CA VAL G 160 24.78 -7.81 36.44
C VAL G 160 23.96 -7.07 37.49
N TYR G 161 22.63 -7.14 37.37
CA TYR G 161 21.71 -6.70 38.41
C TYR G 161 20.96 -7.93 38.90
N TYR G 162 20.74 -8.03 40.22
CA TYR G 162 20.15 -9.27 40.73
C TYR G 162 19.45 -9.02 42.07
N GLN G 163 18.52 -9.93 42.36
CA GLN G 163 17.71 -9.87 43.58
C GLN G 163 17.39 -11.31 43.93
N VAL G 164 17.98 -11.82 45.01
CA VAL G 164 17.81 -13.19 45.45
C VAL G 164 16.99 -13.16 46.75
N THR G 165 15.74 -13.58 46.68
CA THR G 165 14.82 -13.52 47.80
C THR G 165 14.62 -14.91 48.38
N TYR G 166 14.70 -15.02 49.70
CA TYR G 166 14.65 -16.32 50.36
C TYR G 166 13.94 -16.22 51.70
N GLU G 167 13.65 -17.39 52.27
CA GLU G 167 12.93 -17.51 53.52
C GLU G 167 13.78 -18.23 54.56
N ILE G 168 13.52 -17.91 55.83
CA ILE G 168 14.04 -18.68 56.95
C ILE G 168 12.89 -19.04 57.86
N GLY G 169 12.91 -20.27 58.37
CA GLY G 169 11.90 -20.70 59.33
C GLY G 169 11.37 -22.08 59.07
N GLY G 170 11.24 -22.44 57.79
CA GLY G 170 10.71 -23.73 57.42
C GLY G 170 11.62 -24.88 57.85
N ASP G 171 11.03 -26.07 57.85
CA ASP G 171 11.75 -27.30 58.15
C ASP G 171 12.04 -28.00 56.83
N HIS G 172 13.32 -28.02 56.44
CA HIS G 172 13.72 -28.51 55.14
C HIS G 172 14.35 -29.89 55.20
N SER G 173 14.10 -30.63 56.30
CA SER G 173 14.73 -31.93 56.49
C SER G 173 14.12 -33.01 55.60
N ASN G 174 12.90 -32.81 55.10
CA ASN G 174 12.38 -33.67 54.03
C ASN G 174 12.12 -32.89 52.73
N ASP G 175 12.81 -31.77 52.53
CA ASP G 175 12.79 -31.08 51.24
C ASP G 175 14.03 -31.51 50.45
N ALA G 176 13.82 -31.90 49.18
CA ALA G 176 14.95 -32.21 48.33
C ALA G 176 15.66 -30.93 47.91
N TYR G 177 16.86 -31.11 47.36
CA TYR G 177 17.66 -30.02 46.83
C TYR G 177 17.40 -29.84 45.34
N PHE G 178 17.42 -28.59 44.89
CA PHE G 178 17.21 -28.26 43.49
C PHE G 178 18.50 -28.43 42.68
N HIS G 179 18.40 -29.08 41.52
CA HIS G 179 19.53 -29.33 40.62
C HIS G 179 19.19 -28.92 39.19
N ALA G 180 20.20 -28.43 38.45
CA ALA G 180 20.02 -28.18 37.02
C ALA G 180 21.36 -28.37 36.31
N GLN G 181 21.31 -29.03 35.13
CA GLN G 181 22.50 -29.45 34.41
C GLN G 181 22.36 -29.15 32.93
N TRP G 182 23.50 -28.96 32.24
CA TRP G 182 23.50 -28.50 30.85
C TRP G 182 24.40 -29.35 29.96
N ARG G 183 23.94 -29.64 28.75
CA ARG G 183 24.67 -30.51 27.82
C ARG G 183 24.36 -30.07 26.41
N ARG G 184 25.42 -29.88 25.61
CA ARG G 184 25.25 -29.42 24.24
C ARG G 184 25.96 -30.37 23.29
N SER G 185 25.28 -30.68 22.20
CA SER G 185 25.76 -31.55 21.12
C SER G 185 25.75 -30.73 19.84
N ASN G 186 26.92 -30.33 19.37
CA ASN G 186 27.05 -29.46 18.19
C ASN G 186 28.23 -29.87 17.32
N PRO G 187 28.00 -30.63 16.25
CA PRO G 187 26.77 -31.32 15.87
C PRO G 187 26.66 -32.69 16.51
N LEU G 188 25.43 -33.13 16.69
CA LEU G 188 25.15 -34.42 17.29
C LEU G 188 25.64 -35.55 16.39
N GLU G 189 26.32 -36.55 16.97
CA GLU G 189 26.82 -37.65 16.16
C GLU G 189 25.67 -38.47 15.58
N GLU G 190 25.94 -39.14 14.47
CA GLU G 190 24.86 -39.78 13.74
C GLU G 190 24.25 -40.91 14.55
N LEU G 191 22.91 -40.98 14.55
CA LEU G 191 22.16 -42.08 15.18
C LEU G 191 22.54 -42.20 16.65
N THR G 192 22.76 -41.07 17.30
CA THR G 192 23.18 -41.01 18.70
C THR G 192 22.19 -40.10 19.43
N PRO G 193 21.47 -40.60 20.43
CA PRO G 193 20.54 -39.73 21.16
C PRO G 193 21.31 -38.65 21.90
N HIS G 194 20.72 -37.45 21.96
CA HIS G 194 21.32 -36.40 22.76
C HIS G 194 21.06 -36.69 24.24
N VAL G 195 22.13 -36.79 25.02
CA VAL G 195 22.03 -37.05 26.46
C VAL G 195 21.62 -35.79 27.20
N ILE G 196 20.55 -35.88 28.00
CA ILE G 196 20.02 -34.77 28.79
C ILE G 196 20.47 -34.92 30.24
N LEU G 197 20.52 -36.15 30.72
CA LEU G 197 20.84 -36.42 32.12
C LEU G 197 21.40 -37.84 32.19
N GLU G 198 22.35 -38.06 33.09
CA GLU G 198 23.10 -39.31 33.09
C GLU G 198 23.62 -39.65 34.49
N GLY G 199 23.33 -40.87 34.95
CA GLY G 199 23.98 -41.40 36.13
C GLY G 199 23.66 -40.72 37.44
N ILE G 200 22.44 -40.21 37.61
CA ILE G 200 22.08 -39.53 38.84
C ILE G 200 21.74 -40.59 39.88
N GLU G 201 22.27 -40.44 41.08
CA GLU G 201 22.05 -41.39 42.15
C GLU G 201 21.35 -40.72 43.32
N GLY G 202 20.22 -41.28 43.73
CA GLY G 202 19.52 -40.80 44.90
C GLY G 202 18.04 -40.91 44.67
N GLU G 203 17.29 -40.37 45.62
CA GLU G 203 15.83 -40.28 45.52
C GLU G 203 15.47 -38.86 45.09
N GLY G 204 14.53 -38.75 44.15
CA GLY G 204 14.10 -37.44 43.75
C GLY G 204 13.04 -37.48 42.68
N HIS G 205 12.94 -36.38 41.93
CA HIS G 205 11.98 -36.30 40.84
C HIS G 205 12.49 -35.30 39.80
N TYR G 206 12.28 -35.65 38.53
CA TYR G 206 12.66 -34.82 37.41
C TYR G 206 11.56 -33.81 37.16
N VAL G 207 11.91 -32.52 37.04
CA VAL G 207 10.87 -31.49 37.08
C VAL G 207 10.94 -30.50 35.92
N GLY G 208 11.98 -30.60 35.07
CA GLY G 208 12.11 -29.61 34.01
C GLY G 208 13.07 -29.92 32.89
N THR G 209 12.67 -29.59 31.65
CA THR G 209 13.53 -29.66 30.48
C THR G 209 13.35 -28.37 29.67
N TYR G 210 14.46 -27.72 29.35
CA TYR G 210 14.50 -26.66 28.36
C TYR G 210 15.55 -27.05 27.32
N ILE G 211 15.17 -27.04 26.05
CA ILE G 211 16.06 -27.45 24.96
C ILE G 211 16.18 -26.31 23.94
N ALA G 212 17.42 -25.95 23.61
CA ALA G 212 17.70 -25.01 22.52
C ALA G 212 18.17 -25.81 21.31
N TRP G 213 17.40 -25.74 20.23
CA TRP G 213 17.57 -26.65 19.09
C TRP G 213 17.77 -25.86 17.80
N GLY G 214 18.93 -26.04 17.16
CA GLY G 214 19.22 -25.46 15.85
C GLY G 214 19.32 -26.55 14.79
N VAL G 215 18.56 -26.38 13.70
CA VAL G 215 18.33 -27.45 12.73
C VAL G 215 19.26 -27.31 11.52
N ASN G 216 19.91 -28.42 11.15
CA ASN G 216 20.81 -28.46 10.01
C ASN G 216 20.28 -29.32 8.86
N SER G 217 19.03 -29.77 8.92
CA SER G 217 18.40 -30.42 7.77
C SER G 217 17.08 -29.73 7.47
N ASN G 218 16.65 -29.83 6.21
CA ASN G 218 15.38 -29.30 5.78
C ASN G 218 14.24 -30.21 6.26
N GLY G 219 13.01 -29.74 6.11
CA GLY G 219 11.86 -30.49 6.57
C GLY G 219 11.67 -30.43 8.07
N TRP G 220 10.78 -31.31 8.55
CA TRP G 220 10.48 -31.38 9.97
C TRP G 220 11.57 -32.13 10.74
N TRP G 221 11.91 -31.61 11.91
CA TRP G 221 13.12 -31.98 12.64
C TRP G 221 12.81 -32.57 14.00
N GLY G 222 11.54 -32.74 14.35
CA GLY G 222 11.17 -33.07 15.73
C GLY G 222 10.50 -34.42 15.89
N GLU G 223 10.78 -35.35 14.98
CA GLU G 223 10.23 -36.71 15.12
C GLU G 223 10.80 -37.41 16.34
N GLY G 224 12.01 -37.06 16.77
CA GLY G 224 12.72 -37.84 17.76
C GLY G 224 12.04 -37.80 19.12
N GLU G 225 12.10 -38.92 19.84
CA GLU G 225 11.29 -39.05 21.03
C GLU G 225 12.18 -39.19 22.26
N ILE G 226 11.66 -38.67 23.42
CA ILE G 226 12.38 -38.59 24.69
C ILE G 226 12.21 -39.88 25.47
N LYS G 227 13.21 -40.22 26.27
CA LYS G 227 13.23 -41.48 27.01
C LYS G 227 13.77 -41.23 28.41
N PHE G 228 13.03 -41.71 29.43
CA PHE G 228 13.45 -41.60 30.83
C PHE G 228 13.81 -43.00 31.31
N TYR G 229 15.11 -43.24 31.55
CA TYR G 229 15.57 -44.49 32.15
C TYR G 229 15.68 -44.27 33.65
N LEU G 230 14.83 -44.95 34.42
CA LEU G 230 14.68 -44.70 35.85
C LEU G 230 15.03 -45.95 36.65
N ASP G 231 15.67 -45.74 37.81
CA ASP G 231 15.84 -46.76 38.86
C ASP G 231 16.65 -47.94 38.32
N ASP G 232 16.11 -49.16 38.26
CA ASP G 232 16.89 -50.31 37.79
C ASP G 232 16.89 -50.48 36.29
N ASP G 233 16.33 -49.53 35.53
CA ASP G 233 16.37 -49.61 34.08
C ASP G 233 17.79 -49.77 33.56
N THR G 234 17.92 -50.57 32.52
CA THR G 234 19.20 -50.71 31.84
C THR G 234 19.01 -50.41 30.35
N ASP G 235 18.58 -51.39 29.56
CA ASP G 235 18.57 -51.19 28.11
C ASP G 235 17.29 -50.55 27.60
N HIS G 236 16.26 -50.43 28.42
CA HIS G 236 15.03 -49.86 27.93
C HIS G 236 14.43 -48.95 28.99
N PRO G 237 13.75 -47.89 28.58
CA PRO G 237 13.26 -46.90 29.53
C PRO G 237 11.86 -47.25 30.05
N THR G 238 11.49 -46.57 31.13
CA THR G 238 10.16 -46.66 31.73
C THR G 238 9.18 -45.67 31.11
N ILE G 239 9.63 -44.47 30.79
CA ILE G 239 8.82 -43.50 30.06
C ILE G 239 9.44 -43.31 28.68
N CYS G 240 8.64 -43.54 27.65
CA CYS G 240 9.07 -43.37 26.26
C CYS G 240 8.06 -42.49 25.55
N GLY G 241 8.49 -41.28 25.15
CA GLY G 241 7.62 -40.33 24.49
C GLY G 241 7.41 -40.67 23.01
N THR G 242 6.60 -39.86 22.35
CA THR G 242 6.25 -40.12 20.96
C THR G 242 6.78 -39.07 19.98
N GLY G 243 7.56 -38.09 20.42
CA GLY G 243 8.01 -37.04 19.52
C GLY G 243 8.48 -35.81 20.27
N THR G 244 9.19 -34.95 19.54
CA THR G 244 9.84 -33.82 20.22
C THR G 244 8.82 -32.73 20.53
N GLU G 245 8.03 -32.32 19.54
CA GLU G 245 6.98 -31.36 19.84
C GLU G 245 5.97 -31.97 20.80
N ASP G 246 5.75 -33.29 20.68
CA ASP G 246 4.85 -34.01 21.58
C ASP G 246 5.25 -33.80 23.03
N TYR G 247 6.51 -34.10 23.35
CA TYR G 247 7.01 -33.92 24.71
C TYR G 247 6.75 -32.52 25.23
N PHE G 248 6.94 -31.51 24.38
CA PHE G 248 6.75 -30.13 24.81
C PHE G 248 5.31 -29.67 24.67
N GLY G 249 4.38 -30.61 24.49
CA GLY G 249 2.97 -30.32 24.58
C GLY G 249 2.33 -29.85 23.30
N GLY G 250 3.08 -29.75 22.21
CA GLY G 250 2.53 -29.41 20.92
C GLY G 250 2.15 -30.65 20.15
N ALA G 251 1.81 -30.44 18.88
CA ALA G 251 1.50 -31.54 17.98
C ALA G 251 1.74 -31.08 16.54
N TRP G 252 1.94 -32.05 15.66
CA TRP G 252 2.00 -31.82 14.20
C TRP G 252 2.94 -30.65 13.87
N ASN G 253 4.16 -30.73 14.39
CA ASN G 253 5.28 -29.87 13.99
C ASN G 253 5.16 -28.44 14.53
N PHE G 254 4.30 -28.19 15.51
CA PHE G 254 4.05 -26.82 15.97
C PHE G 254 3.51 -25.93 14.83
N ASP G 255 2.92 -26.54 13.79
CA ASP G 255 2.67 -25.85 12.53
C ASP G 255 1.18 -25.61 12.36
N ILE G 256 0.71 -24.40 12.68
CA ILE G 256 -0.70 -24.04 12.48
C ILE G 256 -0.91 -23.71 11.00
N PRO G 257 -1.84 -24.39 10.32
CA PRO G 257 -2.01 -24.18 8.88
C PRO G 257 -2.15 -22.71 8.51
N GLY G 258 -1.32 -22.28 7.55
CA GLY G 258 -1.31 -20.89 7.13
C GLY G 258 -0.57 -19.95 8.06
N LYS G 259 0.08 -20.45 9.09
CA LYS G 259 0.87 -19.60 9.98
C LYS G 259 2.28 -20.12 10.22
N GLY G 260 2.55 -21.40 9.99
CA GLY G 260 3.84 -21.95 10.29
C GLY G 260 4.05 -22.17 11.78
N TYR G 261 5.32 -22.34 12.13
CA TYR G 261 5.74 -22.49 13.51
C TYR G 261 5.21 -21.34 14.35
N THR G 262 4.51 -21.68 15.44
CA THR G 262 3.86 -20.67 16.27
C THR G 262 4.39 -20.76 17.69
N GLU G 263 4.96 -19.66 18.17
CA GLU G 263 5.37 -19.55 19.56
C GLU G 263 4.16 -19.65 20.48
N PHE G 264 4.40 -20.20 21.67
CA PHE G 264 3.38 -20.35 22.70
C PHE G 264 4.09 -20.57 24.02
N SER G 265 3.51 -20.04 25.09
CA SER G 265 4.05 -20.20 26.43
C SER G 265 2.88 -20.39 27.40
N THR G 266 2.75 -21.59 28.01
CA THR G 266 1.68 -21.90 28.97
C THR G 266 2.31 -22.23 30.33
N PRO G 267 1.52 -22.46 31.39
CA PRO G 267 2.17 -22.67 32.71
C PRO G 267 3.22 -23.77 32.76
N TYR G 268 3.02 -24.89 32.04
CA TYR G 268 4.00 -25.98 32.09
C TYR G 268 4.61 -26.32 30.75
N LEU G 269 4.18 -25.70 29.66
CA LEU G 269 4.50 -26.18 28.34
C LEU G 269 4.74 -24.97 27.45
N GLY G 270 5.77 -25.03 26.62
CA GLY G 270 6.06 -23.89 25.81
C GLY G 270 7.07 -24.13 24.71
N MET G 271 6.85 -23.45 23.58
CA MET G 271 7.90 -23.15 22.62
C MET G 271 7.94 -21.64 22.54
N PRO G 272 8.60 -20.99 23.51
CA PRO G 272 8.64 -19.52 23.54
C PRO G 272 9.45 -18.88 22.44
N GLN G 273 10.35 -19.61 21.79
CA GLN G 273 11.27 -18.97 20.85
C GLN G 273 11.29 -19.70 19.50
N VAL G 274 11.06 -18.94 18.42
CA VAL G 274 11.37 -19.37 17.06
C VAL G 274 12.24 -18.29 16.43
N ILE G 275 13.42 -18.67 15.96
CA ILE G 275 14.36 -17.74 15.33
C ILE G 275 14.42 -18.07 13.86
N ARG G 276 14.00 -17.13 13.03
CA ARG G 276 13.97 -17.33 11.58
C ARG G 276 15.16 -16.67 10.93
N PRO G 277 15.89 -17.39 10.09
CA PRO G 277 17.02 -16.80 9.38
C PRO G 277 16.63 -15.52 8.66
N ASP G 278 17.51 -14.52 8.72
CA ASP G 278 17.21 -13.24 8.08
C ASP G 278 17.60 -13.20 6.62
N GLY G 279 18.18 -14.27 6.07
CA GLY G 279 18.66 -14.27 4.71
C GLY G 279 20.04 -13.71 4.51
N LEU G 280 20.68 -13.22 5.58
CA LEU G 280 22.05 -12.73 5.47
C LEU G 280 22.91 -13.47 6.50
N TYR G 281 23.41 -12.78 7.52
CA TYR G 281 24.35 -13.41 8.46
C TYR G 281 23.67 -14.20 9.56
N VAL G 282 22.38 -13.98 9.81
CA VAL G 282 21.65 -14.80 10.79
C VAL G 282 21.00 -15.92 9.98
N SER G 283 21.71 -17.02 9.84
CA SER G 283 21.32 -18.06 8.90
C SER G 283 20.83 -19.35 9.56
N GLN G 284 20.91 -19.46 10.88
CA GLN G 284 20.55 -20.70 11.57
C GLN G 284 19.12 -20.60 12.07
N GLN G 285 18.30 -21.58 11.69
CA GLN G 285 16.93 -21.69 12.18
C GLN G 285 16.94 -22.37 13.55
N ARG G 286 16.45 -21.68 14.59
CA ARG G 286 16.64 -22.12 15.96
C ARG G 286 15.33 -22.03 16.74
N PHE G 287 15.22 -22.90 17.77
CA PHE G 287 14.01 -23.08 18.54
C PHE G 287 14.38 -23.17 20.02
N GLY G 288 13.50 -22.63 20.88
CA GLY G 288 13.61 -22.78 22.31
C GLY G 288 12.33 -23.34 22.88
N MET G 289 12.41 -24.41 23.69
CA MET G 289 11.25 -25.14 24.20
C MET G 289 11.45 -25.52 25.66
N TYR G 290 10.38 -25.47 26.45
CA TYR G 290 10.47 -25.86 27.85
C TYR G 290 9.29 -26.74 28.21
N ARG G 291 9.52 -27.65 29.15
CA ARG G 291 8.45 -28.37 29.80
C ARG G 291 8.78 -28.52 31.28
N TRP G 292 7.88 -28.07 32.14
CA TRP G 292 8.00 -28.26 33.58
C TRP G 292 7.07 -29.39 34.01
N HIS G 293 7.60 -30.34 34.80
CA HIS G 293 6.81 -31.45 35.33
C HIS G 293 6.53 -31.12 36.80
N LEU G 294 5.59 -30.19 36.99
CA LEU G 294 5.27 -29.68 38.32
C LEU G 294 4.09 -30.41 38.94
N GLN G 295 2.96 -30.47 38.23
CA GLN G 295 1.84 -31.32 38.60
C GLN G 295 2.11 -32.79 38.26
N ASP G 296 3.01 -33.06 37.31
CA ASP G 296 3.36 -34.43 36.93
C ASP G 296 4.86 -34.66 37.07
N PRO G 297 5.42 -34.53 38.27
CA PRO G 297 6.84 -34.85 38.45
C PRO G 297 7.11 -36.28 38.02
N ILE G 298 8.33 -36.52 37.55
CA ILE G 298 8.75 -37.86 37.17
C ILE G 298 9.66 -38.38 38.27
N HIS G 299 9.14 -39.33 39.06
CA HIS G 299 9.77 -39.75 40.31
C HIS G 299 10.74 -40.89 40.08
N PHE G 300 11.83 -40.91 40.85
CA PHE G 300 12.74 -42.04 40.88
C PHE G 300 13.13 -42.30 42.34
N ALA G 301 13.34 -43.58 42.67
CA ALA G 301 13.65 -43.95 44.04
C ALA G 301 15.15 -44.11 44.29
N THR G 302 15.90 -44.65 43.33
CA THR G 302 17.33 -44.87 43.52
C THR G 302 18.21 -44.10 42.53
N GLY G 303 17.64 -43.59 41.44
CA GLY G 303 18.37 -42.66 40.60
C GLY G 303 17.82 -42.63 39.19
N ILE G 304 18.51 -41.86 38.35
CA ILE G 304 18.18 -41.76 36.93
C ILE G 304 19.42 -42.16 36.13
N PRO G 305 19.47 -43.39 35.63
CA PRO G 305 20.58 -43.74 34.71
C PRO G 305 20.68 -42.80 33.50
N LYS G 306 19.56 -42.49 32.85
CA LYS G 306 19.65 -41.72 31.62
C LYS G 306 18.32 -41.04 31.28
N VAL G 307 18.40 -39.78 30.87
CA VAL G 307 17.36 -39.13 30.09
C VAL G 307 17.99 -38.68 28.79
N ASP G 308 17.41 -39.08 27.66
CA ASP G 308 17.92 -38.63 26.37
C ASP G 308 16.77 -38.42 25.39
N ILE G 309 17.11 -37.87 24.22
CA ILE G 309 16.12 -37.54 23.19
C ILE G 309 16.76 -37.80 21.84
N GLN G 310 15.98 -38.41 20.93
CA GLN G 310 16.44 -38.68 19.59
C GLN G 310 16.31 -37.42 18.73
N ALA G 311 17.22 -37.27 17.76
CA ALA G 311 17.10 -36.24 16.73
C ALA G 311 16.80 -36.94 15.42
N LEU G 312 15.53 -36.96 15.05
CA LEU G 312 15.05 -37.64 13.85
C LEU G 312 14.23 -36.68 13.02
N GLY G 313 14.56 -36.57 11.73
CA GLY G 313 13.75 -35.86 10.75
C GLY G 313 13.24 -36.80 9.68
N TRP G 314 13.13 -36.32 8.45
CA TRP G 314 12.60 -37.11 7.34
C TRP G 314 13.52 -37.06 6.14
N ARG G 315 13.73 -38.21 5.51
CA ARG G 315 14.32 -38.27 4.19
C ARG G 315 13.30 -38.87 3.22
N SER G 316 13.65 -38.91 1.93
CA SER G 316 12.75 -39.42 0.89
C SER G 316 12.38 -40.87 1.16
N GLY G 317 11.20 -41.27 0.68
CA GLY G 317 10.69 -42.60 0.94
C GLY G 317 10.10 -42.81 2.32
N TRP G 318 9.64 -41.76 3.00
CA TRP G 318 9.09 -41.85 4.36
C TRP G 318 10.03 -42.61 5.30
N ARG G 319 11.32 -42.35 5.18
CA ARG G 319 12.33 -42.90 6.08
C ARG G 319 12.72 -41.83 7.09
N TYR G 320 13.02 -42.23 8.32
CA TYR G 320 13.57 -41.28 9.29
C TYR G 320 14.96 -40.83 8.83
N LEU G 321 15.29 -39.58 9.14
CA LEU G 321 16.63 -39.06 8.85
C LEU G 321 17.32 -38.74 10.17
N PRO G 322 18.36 -39.46 10.56
CA PRO G 322 19.14 -39.07 11.75
C PRO G 322 19.77 -37.72 11.52
N LEU G 323 19.61 -36.81 12.49
CA LEU G 323 19.91 -35.40 12.28
C LEU G 323 21.24 -35.04 12.94
N ARG G 324 22.06 -34.29 12.20
CA ARG G 324 23.33 -33.82 12.74
C ARG G 324 23.15 -32.39 13.27
N ASP G 325 22.39 -32.31 14.36
CA ASP G 325 21.82 -31.04 14.79
C ASP G 325 22.51 -30.49 16.03
N ASP G 326 22.12 -29.28 16.40
CA ASP G 326 22.78 -28.47 17.42
C ASP G 326 21.79 -28.35 18.55
N ILE G 327 21.99 -29.17 19.60
CA ILE G 327 20.98 -29.41 20.61
C ILE G 327 21.58 -29.18 21.98
N ALA G 328 21.06 -28.19 22.71
CA ALA G 328 21.46 -27.92 24.08
C ALA G 328 20.24 -28.12 24.97
N SER G 329 20.41 -28.86 26.06
CA SER G 329 19.33 -29.12 26.99
C SER G 329 19.74 -28.69 28.39
N THR G 330 18.73 -28.29 29.15
CA THR G 330 18.87 -27.96 30.57
C THR G 330 17.85 -28.81 31.31
N ALA G 331 18.33 -29.70 32.18
CA ALA G 331 17.47 -30.59 32.93
C ALA G 331 17.38 -30.10 34.36
N MET G 332 16.17 -29.88 34.85
CA MET G 332 15.92 -29.51 36.23
C MET G 332 15.40 -30.73 37.00
N PHE G 333 15.95 -30.96 38.19
CA PHE G 333 15.48 -32.10 38.97
C PHE G 333 15.73 -31.83 40.44
N TYR G 334 14.94 -32.48 41.28
CA TYR G 334 15.16 -32.45 42.71
C TYR G 334 15.78 -33.76 43.16
N LEU G 335 16.74 -33.66 44.09
CA LEU G 335 17.47 -34.81 44.60
C LEU G 335 17.57 -34.71 46.12
N ASP G 336 17.61 -35.87 46.77
CA ASP G 336 17.77 -35.87 48.23
C ASP G 336 19.20 -35.65 48.67
N ARG G 337 20.13 -35.40 47.75
CA ARG G 337 21.53 -35.08 48.05
C ARG G 337 21.91 -33.77 47.38
N PRO G 338 22.87 -33.04 47.96
CA PRO G 338 23.25 -31.73 47.37
C PRO G 338 24.08 -31.85 46.11
N THR G 339 24.64 -33.01 45.80
CA THR G 339 25.47 -33.21 44.61
C THR G 339 25.03 -34.45 43.86
N ALA G 340 25.46 -34.51 42.60
CA ALA G 340 25.14 -35.59 41.68
C ALA G 340 26.19 -35.58 40.56
N ARG G 341 26.14 -36.62 39.74
CA ARG G 341 27.04 -36.71 38.59
C ARG G 341 26.67 -35.63 37.58
N ARG G 342 27.67 -34.91 37.06
CA ARG G 342 27.50 -33.79 36.16
C ARG G 342 28.29 -33.99 34.88
N PRO G 343 27.87 -33.37 33.77
CA PRO G 343 28.76 -33.23 32.62
C PRO G 343 30.01 -32.42 32.92
N LYS G 344 30.92 -32.31 31.96
CA LYS G 344 32.00 -31.34 32.11
C LYS G 344 31.41 -29.95 32.24
N SER G 345 32.09 -29.08 32.98
CA SER G 345 31.65 -27.70 33.06
C SER G 345 31.54 -27.11 31.65
N PRO G 346 30.52 -26.30 31.37
CA PRO G 346 30.46 -25.67 30.05
C PRO G 346 31.62 -24.71 29.88
N SER G 347 32.24 -24.75 28.71
CA SER G 347 33.34 -23.86 28.38
C SER G 347 32.83 -22.67 27.59
N ALA G 348 33.65 -21.62 27.55
CA ALA G 348 33.35 -20.47 26.72
C ALA G 348 33.10 -20.89 25.27
N ASP G 349 33.95 -21.77 24.72
CA ASP G 349 33.83 -22.15 23.31
C ASP G 349 32.57 -22.96 23.06
N ASP G 350 32.21 -23.89 23.96
CA ASP G 350 31.01 -24.69 23.69
C ASP G 350 29.72 -23.92 23.97
N MET G 351 29.77 -22.92 24.87
CA MET G 351 28.61 -22.07 25.13
C MET G 351 28.37 -21.06 24.01
N GLU G 352 29.44 -20.62 23.34
CA GLU G 352 29.36 -19.47 22.45
C GLU G 352 28.21 -19.60 21.43
N VAL G 353 27.50 -18.48 21.26
CA VAL G 353 26.59 -18.24 20.16
C VAL G 353 27.00 -16.92 19.51
N HIS G 354 26.64 -16.78 18.25
CA HIS G 354 27.06 -15.61 17.48
C HIS G 354 26.38 -14.38 18.06
N LEU G 355 27.13 -13.32 18.32
CA LEU G 355 26.56 -12.09 18.86
C LEU G 355 26.09 -11.20 17.71
N GLY G 356 24.81 -10.84 17.72
CA GLY G 356 24.34 -9.83 16.79
C GLY G 356 23.98 -10.40 15.44
N THR G 357 24.06 -9.54 14.41
CA THR G 357 23.62 -9.88 13.06
C THR G 357 24.68 -9.59 12.00
N ALA G 358 25.84 -9.09 12.39
CA ALA G 358 26.90 -8.68 11.48
C ALA G 358 27.78 -9.89 11.13
N PRO G 359 28.74 -9.73 10.20
CA PRO G 359 29.55 -10.91 9.79
C PRO G 359 30.36 -11.55 10.91
N VAL G 360 30.79 -10.76 11.89
CA VAL G 360 31.73 -11.18 12.92
C VAL G 360 31.09 -10.87 14.27
N PRO G 361 31.10 -11.80 15.24
CA PRO G 361 30.48 -11.49 16.55
C PRO G 361 30.92 -10.17 17.17
N ASP G 362 32.22 -9.83 17.07
CA ASP G 362 32.70 -8.58 17.65
C ASP G 362 32.07 -7.35 16.99
N LEU G 363 31.71 -7.43 15.71
CA LEU G 363 31.08 -6.29 15.05
C LEU G 363 29.64 -6.10 15.51
N GLY G 364 28.94 -7.17 15.89
CA GLY G 364 27.59 -7.08 16.38
C GLY G 364 27.42 -6.98 17.88
N ALA G 365 28.50 -6.97 18.64
CA ALA G 365 28.40 -6.81 20.09
C ALA G 365 28.06 -5.35 20.45
N THR G 366 27.62 -5.15 21.69
CA THR G 366 27.25 -3.82 22.19
C THR G 366 28.20 -3.38 23.30
N PRO G 367 29.09 -2.41 23.08
CA PRO G 367 29.47 -1.81 21.80
C PRO G 367 30.39 -2.74 20.99
N PRO G 368 30.63 -2.42 19.72
CA PRO G 368 31.53 -3.25 18.92
C PRO G 368 32.95 -3.27 19.48
N ARG G 369 33.58 -4.44 19.39
CA ARG G 369 34.97 -4.64 19.80
C ARG G 369 35.81 -4.57 18.52
N VAL G 370 36.43 -3.44 18.28
CA VAL G 370 36.91 -3.11 16.95
C VAL G 370 38.40 -2.84 16.95
N PRO H 2 3.15 54.08 1.85
CA PRO H 2 2.93 53.77 3.27
C PRO H 2 3.20 52.31 3.62
N ASP H 3 3.28 51.97 4.91
CA ASP H 3 3.24 50.59 5.41
C ASP H 3 1.94 50.42 6.19
N LEU H 4 1.75 49.27 6.83
CA LEU H 4 0.52 49.07 7.59
C LEU H 4 0.39 50.08 8.72
N ASN H 5 1.52 50.46 9.32
CA ASN H 5 1.52 51.38 10.46
C ASN H 5 1.11 52.79 10.05
N SER H 6 1.31 53.18 8.78
CA SER H 6 1.02 54.53 8.33
C SER H 6 -0.05 54.59 7.24
N ILE H 7 -0.79 53.50 7.01
CA ILE H 7 -1.77 53.47 5.93
C ILE H 7 -2.93 54.44 6.15
N ALA H 8 -3.22 54.85 7.38
CA ALA H 8 -4.41 55.66 7.58
C ALA H 8 -4.20 57.14 7.27
N ALA H 9 -2.96 57.62 7.14
CA ALA H 9 -2.74 59.05 6.98
C ALA H 9 -3.24 59.54 5.63
N LEU H 10 -3.98 60.65 5.63
CA LEU H 10 -4.38 61.27 4.38
C LEU H 10 -3.17 61.90 3.70
N ARG H 11 -3.07 61.75 2.38
CA ARG H 11 -1.94 62.24 1.61
C ARG H 11 -2.44 62.78 0.29
N GLN H 12 -1.87 63.91 -0.14
CA GLN H 12 -2.16 64.45 -1.46
C GLN H 12 -1.21 63.76 -2.42
N VAL H 13 -1.65 62.58 -2.86
CA VAL H 13 -0.91 61.68 -3.73
C VAL H 13 -1.91 61.12 -4.73
N GLN H 14 -1.51 61.02 -6.00
CA GLN H 14 -2.26 60.32 -7.02
C GLN H 14 -1.65 58.93 -7.26
N THR H 15 -2.51 57.96 -7.57
CA THR H 15 -2.08 56.62 -7.97
C THR H 15 -2.48 56.38 -9.42
N ARG H 16 -1.52 55.96 -10.23
CA ARG H 16 -1.79 55.54 -11.59
C ARG H 16 -1.28 54.12 -11.80
N SER H 17 -1.79 53.46 -12.84
CA SER H 17 -1.37 52.09 -13.12
C SER H 17 -1.32 51.84 -14.62
N ILE H 18 -0.16 51.39 -15.11
CA ILE H 18 0.04 51.12 -16.53
C ILE H 18 -0.12 49.64 -16.81
N SER H 19 -0.96 49.30 -17.78
CA SER H 19 -1.22 47.92 -18.15
C SER H 19 -1.59 47.89 -19.63
N PRO H 20 -1.61 46.70 -20.24
CA PRO H 20 -2.09 46.62 -21.64
C PRO H 20 -3.51 47.17 -21.85
N GLU H 21 -4.29 47.37 -20.80
CA GLU H 21 -5.61 48.02 -20.89
C GLU H 21 -5.51 49.53 -20.68
N ASN H 22 -4.32 50.05 -20.40
CA ASN H 22 -4.09 51.47 -20.20
C ASN H 22 -2.59 51.76 -20.39
N PHE H 23 -2.15 51.81 -21.65
CA PHE H 23 -0.73 51.88 -21.99
C PHE H 23 -0.06 53.13 -21.40
N ASP H 24 -0.83 54.22 -21.25
CA ASP H 24 -0.42 55.54 -20.78
C ASP H 24 -0.41 55.65 -19.27
N GLY H 25 -1.31 54.96 -18.59
CA GLY H 25 -1.57 55.26 -17.20
C GLY H 25 -2.52 56.42 -16.96
N THR H 26 -3.12 56.99 -18.00
CA THR H 26 -3.85 58.25 -17.85
C THR H 26 -5.18 58.06 -17.13
N ALA H 27 -5.59 59.11 -16.43
CA ALA H 27 -6.87 59.08 -15.73
C ALA H 27 -7.99 58.94 -16.76
N GLY H 28 -8.98 58.13 -16.43
CA GLY H 28 -10.01 57.82 -17.41
C GLY H 28 -9.55 57.09 -18.68
N GLY H 29 -8.28 56.67 -18.74
CA GLY H 29 -7.75 56.10 -19.96
C GLY H 29 -7.86 54.59 -20.12
N GLY H 30 -8.37 53.87 -19.14
CA GLY H 30 -8.31 52.42 -19.16
C GLY H 30 -9.50 51.76 -19.81
N GLY H 31 -9.26 50.59 -20.40
CA GLY H 31 -10.35 49.80 -20.94
C GLY H 31 -11.05 50.35 -22.16
N ARG H 32 -10.39 51.21 -22.95
CA ARG H 32 -10.97 51.82 -24.15
C ARG H 32 -10.66 51.08 -25.43
N ALA H 33 -9.76 50.10 -25.41
CA ALA H 33 -9.28 49.47 -26.63
C ALA H 33 -10.40 48.79 -27.39
N THR H 34 -10.32 48.83 -28.72
CA THR H 34 -11.16 48.04 -29.59
C THR H 34 -10.37 46.97 -30.31
N GLU H 35 -9.04 46.99 -30.21
CA GLU H 35 -8.20 45.96 -30.79
C GLU H 35 -7.12 45.59 -29.78
N GLY H 36 -6.70 44.33 -29.82
CA GLY H 36 -5.71 43.82 -28.92
C GLY H 36 -5.76 42.30 -28.90
N THR H 37 -4.97 41.72 -27.99
CA THR H 37 -4.90 40.27 -27.90
C THR H 37 -6.22 39.63 -27.49
N GLY H 38 -7.14 40.40 -26.89
CA GLY H 38 -8.44 39.89 -26.50
C GLY H 38 -9.59 40.11 -27.47
N ALA H 39 -9.39 40.84 -28.57
CA ALA H 39 -10.51 41.27 -29.40
C ALA H 39 -11.32 40.09 -29.93
N ASP H 40 -10.64 39.10 -30.54
CA ASP H 40 -11.33 37.95 -31.10
C ASP H 40 -12.05 37.16 -30.02
N CYS H 41 -11.45 37.07 -28.82
CA CYS H 41 -12.08 36.39 -27.71
C CYS H 41 -13.40 37.05 -27.34
N ALA H 42 -13.51 38.34 -27.57
CA ALA H 42 -14.69 39.12 -27.22
C ALA H 42 -15.61 39.37 -28.42
N ARG H 43 -15.45 38.60 -29.51
CA ARG H 43 -16.20 38.92 -30.72
C ARG H 43 -17.70 38.87 -30.50
N ASP H 44 -18.19 38.02 -29.61
CA ASP H 44 -19.63 37.94 -29.34
C ASP H 44 -20.12 38.98 -28.33
N LEU H 45 -19.21 39.70 -27.69
CA LEU H 45 -19.56 40.56 -26.59
C LEU H 45 -19.38 42.05 -26.89
N GLY H 46 -18.52 42.39 -27.82
CA GLY H 46 -18.35 43.78 -28.17
C GLY H 46 -17.24 44.38 -27.34
N PRO H 47 -17.08 45.70 -27.40
CA PRO H 47 -15.96 46.33 -26.70
C PRO H 47 -16.18 46.40 -25.20
N GLY H 48 -15.09 46.61 -24.49
CA GLY H 48 -15.10 46.68 -23.04
C GLY H 48 -14.97 45.35 -22.32
N TRP H 49 -14.81 44.24 -23.03
CA TRP H 49 -14.69 42.92 -22.40
C TRP H 49 -13.30 42.36 -22.72
N LYS H 50 -12.31 42.80 -21.96
CA LYS H 50 -10.96 42.23 -22.01
C LYS H 50 -10.44 42.19 -23.45
N ILE H 51 -10.38 43.37 -24.06
CA ILE H 51 -9.91 43.49 -25.44
C ILE H 51 -8.39 43.49 -25.50
N SER H 52 -7.73 43.94 -24.45
CA SER H 52 -6.31 44.28 -24.51
C SER H 52 -5.61 43.91 -23.20
N PRO H 53 -5.66 42.63 -22.79
CA PRO H 53 -5.05 42.26 -21.51
C PRO H 53 -3.55 41.96 -21.55
N SER H 54 -2.95 41.89 -22.74
CA SER H 54 -1.55 41.47 -22.84
C SER H 54 -0.94 42.02 -24.12
N VAL H 55 0.37 41.80 -24.27
CA VAL H 55 1.08 42.20 -25.48
C VAL H 55 1.93 41.04 -25.96
N ASP H 56 2.15 41.01 -27.28
CA ASP H 56 3.04 40.05 -27.93
C ASP H 56 4.33 40.77 -28.30
N ILE H 57 5.46 40.23 -27.86
CA ILE H 57 6.76 40.81 -28.16
C ILE H 57 7.44 39.90 -29.17
N LYS H 58 7.68 40.43 -30.37
CA LYS H 58 8.25 39.60 -31.43
C LYS H 58 9.68 39.20 -31.08
N ALA H 59 10.11 38.06 -31.63
CA ALA H 59 11.45 37.54 -31.36
C ALA H 59 12.52 38.60 -31.60
N GLY H 60 13.42 38.74 -30.63
CA GLY H 60 14.52 39.68 -30.76
C GLY H 60 14.19 41.13 -30.47
N GLU H 61 12.93 41.48 -30.24
CA GLU H 61 12.55 42.88 -30.09
C GLU H 61 12.36 43.25 -28.62
N THR H 62 12.29 44.56 -28.39
CA THR H 62 12.14 45.15 -27.07
C THR H 62 10.81 45.91 -27.02
N PHE H 63 10.09 45.72 -25.94
CA PHE H 63 8.83 46.41 -25.74
C PHE H 63 8.98 47.35 -24.55
N GLU H 64 8.51 48.58 -24.70
CA GLU H 64 8.49 49.54 -23.60
C GLU H 64 7.25 49.30 -22.77
N LEU H 65 7.44 48.70 -21.58
CA LEU H 65 6.34 48.36 -20.68
C LEU H 65 5.65 49.61 -20.17
N ALA H 66 6.44 50.60 -19.78
CA ALA H 66 5.97 51.76 -19.04
C ALA H 66 6.82 52.95 -19.41
N SER H 67 6.20 54.11 -19.62
CA SER H 67 6.93 55.34 -19.80
C SER H 67 6.23 56.44 -19.02
N ILE H 68 6.91 57.00 -18.03
CA ILE H 68 6.32 57.95 -17.10
C ILE H 68 7.10 59.26 -17.16
N GLU H 69 6.38 60.38 -17.17
CA GLU H 69 6.96 61.71 -17.18
C GLU H 69 6.93 62.32 -15.78
N GLY H 70 7.91 63.15 -15.48
CA GLY H 70 7.91 63.87 -14.22
C GLY H 70 8.43 63.03 -13.05
N ALA H 71 8.11 63.50 -11.86
CA ALA H 71 8.51 62.82 -10.64
C ALA H 71 7.46 61.80 -10.24
N GLY H 72 7.91 60.71 -9.62
CA GLY H 72 6.99 59.66 -9.24
C GLY H 72 7.74 58.52 -8.60
N LYS H 73 6.98 57.48 -8.24
CA LYS H 73 7.55 56.32 -7.56
C LYS H 73 6.77 55.08 -7.94
N ILE H 74 7.44 54.09 -8.55
CA ILE H 74 6.82 52.78 -8.74
C ILE H 74 6.54 52.18 -7.38
N THR H 75 5.31 51.68 -7.17
CA THR H 75 4.99 51.05 -5.90
C THR H 75 4.69 49.56 -6.01
N HIS H 76 4.37 49.07 -7.20
CA HIS H 76 4.07 47.65 -7.34
C HIS H 76 4.09 47.28 -8.81
N ILE H 77 4.77 46.17 -9.13
CA ILE H 77 4.80 45.59 -10.46
C ILE H 77 4.27 44.17 -10.37
N TRP H 78 3.18 43.88 -11.09
CA TRP H 78 2.79 42.50 -11.34
C TRP H 78 3.04 42.20 -12.82
N ILE H 79 3.56 41.01 -13.10
CA ILE H 79 3.88 40.63 -14.47
C ILE H 79 3.84 39.11 -14.55
N THR H 80 3.49 38.58 -15.72
CA THR H 80 3.59 37.15 -15.91
C THR H 80 3.86 36.82 -17.35
N THR H 81 4.52 35.68 -17.54
CA THR H 81 4.82 35.10 -18.83
C THR H 81 5.11 33.62 -18.55
N HIS H 82 5.03 32.80 -19.59
CA HIS H 82 5.23 31.36 -19.38
C HIS H 82 6.70 31.07 -19.04
N THR H 83 6.92 30.00 -18.28
CA THR H 83 8.25 29.68 -17.76
C THR H 83 9.32 29.56 -18.86
N ASP H 84 8.96 29.20 -20.09
CA ASP H 84 9.96 29.13 -21.17
C ASP H 84 10.70 30.45 -21.36
N ASN H 85 10.07 31.58 -21.01
CA ASN H 85 10.63 32.90 -21.21
C ASN H 85 11.38 33.46 -19.98
N TRP H 86 11.48 32.73 -18.87
CA TRP H 86 12.00 33.38 -17.66
C TRP H 86 13.49 33.69 -17.77
N ARG H 87 14.24 32.94 -18.59
CA ARG H 87 15.66 33.19 -18.83
C ARG H 87 15.89 33.59 -20.28
N THR H 88 14.90 34.25 -20.85
CA THR H 88 14.87 34.67 -22.23
C THR H 88 14.60 36.17 -22.37
N LEU H 89 13.86 36.75 -21.42
CA LEU H 89 13.54 38.16 -21.36
C LEU H 89 14.48 38.88 -20.41
N ILE H 90 14.86 40.11 -20.77
CA ILE H 90 15.65 40.97 -19.90
C ILE H 90 14.78 42.16 -19.48
N LEU H 91 14.74 42.42 -18.17
CA LEU H 91 13.98 43.52 -17.62
C LEU H 91 14.91 44.70 -17.34
N ARG H 92 14.50 45.91 -17.75
CA ARG H 92 15.34 47.10 -17.63
C ARG H 92 14.52 48.27 -17.10
N ALA H 93 15.17 49.13 -16.32
CA ALA H 93 14.57 50.36 -15.85
C ALA H 93 15.54 51.51 -16.07
N PHE H 94 15.03 52.62 -16.61
CA PHE H 94 15.80 53.83 -16.91
C PHE H 94 15.19 54.99 -16.15
N TRP H 95 15.96 55.60 -15.26
CA TRP H 95 15.49 56.70 -14.42
C TRP H 95 15.99 58.04 -14.96
N ASP H 96 15.12 59.05 -14.89
CA ASP H 96 15.52 60.44 -15.15
C ASP H 96 16.14 60.62 -16.54
N GLY H 97 15.60 59.92 -17.55
CA GLY H 97 16.10 60.10 -18.90
C GLY H 97 17.46 59.52 -19.21
N ALA H 98 18.08 58.82 -18.26
CA ALA H 98 19.44 58.33 -18.46
C ALA H 98 19.54 57.37 -19.65
N ASP H 99 20.72 57.37 -20.27
CA ASP H 99 21.00 56.49 -21.42
C ASP H 99 21.09 55.03 -21.01
N GLU H 100 21.66 54.78 -19.91
CA GLU H 100 22.00 53.47 -19.41
C GLU H 100 20.99 53.04 -18.35
N PRO H 101 20.72 51.74 -18.24
CA PRO H 101 19.74 51.27 -17.25
C PRO H 101 20.33 51.13 -15.86
N ALA H 102 19.49 51.43 -14.86
CA ALA H 102 19.83 51.13 -13.47
C ALA H 102 19.48 49.69 -13.10
N VAL H 103 18.47 49.13 -13.75
CA VAL H 103 18.02 47.76 -13.54
C VAL H 103 18.32 47.01 -14.83
N GLU H 104 19.06 45.92 -14.73
CA GLU H 104 19.33 45.15 -15.95
C GLU H 104 19.45 43.68 -15.55
N VAL H 105 18.31 42.99 -15.56
CA VAL H 105 18.25 41.64 -14.98
C VAL H 105 17.40 40.71 -15.85
N PRO H 106 17.81 39.45 -16.00
CA PRO H 106 16.90 38.46 -16.58
C PRO H 106 15.62 38.41 -15.78
N TYR H 107 14.51 38.30 -16.50
CA TYR H 107 13.17 38.35 -15.93
C TYR H 107 13.02 37.50 -14.67
N GLY H 108 13.31 36.21 -14.77
CA GLY H 108 13.00 35.30 -13.68
C GLY H 108 13.79 35.60 -12.41
N ASP H 109 15.06 36.01 -12.57
CA ASP H 109 15.89 36.24 -11.39
C ASP H 109 15.40 37.43 -10.58
N PHE H 110 14.77 38.42 -11.22
CA PHE H 110 14.29 39.55 -10.43
C PHE H 110 13.23 39.13 -9.42
N PHE H 111 12.53 38.02 -9.68
CA PHE H 111 11.54 37.49 -8.75
C PHE H 111 11.99 36.18 -8.11
N CYS H 112 13.31 35.99 -7.95
CA CYS H 112 13.86 34.80 -7.28
C CYS H 112 13.47 33.51 -7.99
N ASN H 113 13.42 33.56 -9.32
CA ASN H 113 12.97 32.42 -10.10
C ASN H 113 13.85 32.31 -11.34
N GLY H 114 15.17 32.30 -11.16
CA GLY H 114 16.08 32.24 -12.28
C GLY H 114 16.28 30.87 -12.92
N TRP H 115 15.60 29.82 -12.45
CA TRP H 115 15.79 28.50 -13.02
C TRP H 115 14.64 28.09 -13.92
N GLY H 116 13.63 28.94 -14.11
CA GLY H 116 12.54 28.59 -15.01
C GLY H 116 11.62 27.51 -14.47
N VAL H 117 11.67 27.25 -13.17
CA VAL H 117 10.76 26.34 -12.49
C VAL H 117 10.16 27.10 -11.32
N PHE H 118 8.82 27.25 -11.31
CA PHE H 118 8.14 28.07 -10.33
C PHE H 118 8.51 27.71 -8.90
N ALA H 119 8.85 28.72 -8.11
CA ALA H 119 9.14 28.57 -6.69
C ALA H 119 8.36 29.65 -5.93
N GLN H 120 7.48 29.21 -5.02
CA GLN H 120 6.72 30.14 -4.20
C GLN H 120 7.65 30.97 -3.31
N VAL H 121 7.42 32.28 -3.30
CA VAL H 121 8.21 33.25 -2.53
C VAL H 121 7.24 34.12 -1.72
N ASN H 122 7.41 34.14 -0.39
CA ASN H 122 6.45 34.77 0.52
C ASN H 122 7.03 36.03 1.17
N SER H 123 7.94 36.73 0.49
CA SER H 123 8.75 37.76 1.13
C SER H 123 8.01 39.11 1.14
N GLN H 124 8.63 40.11 1.77
CA GLN H 124 8.04 41.44 1.77
C GLN H 124 8.19 42.12 0.42
N ALA H 125 9.41 42.18 -0.11
CA ALA H 125 9.68 42.90 -1.33
C ALA H 125 9.23 42.12 -2.57
N ILE H 126 9.33 40.79 -2.56
CA ILE H 126 9.00 39.97 -3.71
C ILE H 126 7.99 38.90 -3.30
N ALA H 127 6.91 38.80 -4.07
CA ALA H 127 5.93 37.73 -3.93
C ALA H 127 5.78 37.04 -5.27
N ALA H 128 6.10 35.73 -5.30
CA ALA H 128 5.99 34.91 -6.50
C ALA H 128 4.94 33.83 -6.23
N ASN H 129 3.81 33.91 -6.93
CA ASN H 129 2.59 33.18 -6.60
C ASN H 129 2.14 32.22 -7.71
N PRO H 130 1.31 31.24 -7.37
CA PRO H 130 0.82 30.29 -8.38
C PRO H 130 0.06 31.02 -9.49
N HIS H 131 0.42 30.74 -10.75
CA HIS H 131 1.63 30.01 -11.15
C HIS H 131 2.46 30.93 -12.03
N GLY H 132 3.51 31.52 -11.48
CA GLY H 132 4.26 32.50 -12.21
C GLY H 132 3.73 33.91 -12.10
N GLY H 133 2.95 34.22 -11.06
CA GLY H 133 2.51 35.57 -10.77
C GLY H 133 3.59 36.32 -10.02
N PHE H 134 4.29 37.22 -10.70
CA PHE H 134 5.52 37.80 -10.17
C PHE H 134 5.23 39.21 -9.66
N ASN H 135 5.56 39.48 -8.41
CA ASN H 135 5.22 40.76 -7.79
C ASN H 135 6.45 41.40 -7.16
N SER H 136 6.69 42.66 -7.50
CA SER H 136 7.73 43.48 -6.91
C SER H 136 7.08 44.65 -6.18
N TYR H 137 7.42 44.78 -4.89
CA TYR H 137 7.04 45.93 -4.09
C TYR H 137 8.24 46.77 -3.69
N TRP H 138 9.37 46.61 -4.38
CA TRP H 138 10.47 47.53 -4.16
C TRP H 138 10.01 48.93 -4.59
N PRO H 139 10.07 49.94 -3.71
CA PRO H 139 9.77 51.30 -4.18
C PRO H 139 10.88 51.78 -5.10
N MET H 140 10.49 52.34 -6.25
CA MET H 140 11.42 52.84 -7.26
C MET H 140 11.08 54.30 -7.56
N PRO H 141 11.70 55.25 -6.85
CA PRO H 141 11.41 56.67 -7.06
C PRO H 141 12.20 57.26 -8.21
N PHE H 142 11.61 58.27 -8.84
CA PHE H 142 12.34 59.01 -9.87
C PHE H 142 11.92 60.47 -9.77
N ARG H 143 12.81 61.35 -10.23
CA ARG H 143 12.54 62.78 -10.17
C ARG H 143 12.12 63.37 -11.50
N ASP H 144 12.44 62.70 -12.62
CA ASP H 144 12.30 63.32 -13.93
C ASP H 144 12.16 62.26 -15.01
N GLY H 145 11.24 61.33 -14.83
CA GLY H 145 10.94 60.37 -15.87
C GLY H 145 11.35 58.94 -15.50
N ALA H 146 10.64 57.98 -16.09
CA ALA H 146 11.00 56.58 -15.92
C ALA H 146 10.62 55.80 -17.17
N ARG H 147 11.49 54.87 -17.56
CA ARG H 147 11.23 53.93 -18.65
C ARG H 147 11.48 52.52 -18.15
N LEU H 148 10.51 51.63 -18.30
CA LEU H 148 10.74 50.20 -18.09
C LEU H 148 10.55 49.49 -19.43
N THR H 149 11.51 48.65 -19.79
CA THR H 149 11.45 47.86 -21.01
C THR H 149 11.72 46.40 -20.69
N ILE H 150 11.28 45.52 -21.59
CA ILE H 150 11.54 44.09 -21.50
C ILE H 150 11.99 43.62 -22.88
N GLU H 151 13.13 42.93 -22.93
CA GLU H 151 13.73 42.52 -24.19
C GLU H 151 13.59 41.02 -24.39
N ASN H 152 13.02 40.63 -25.53
CA ASN H 152 12.81 39.24 -25.90
C ASN H 152 14.04 38.76 -26.67
N THR H 153 14.99 38.12 -25.97
CA THR H 153 16.18 37.64 -26.67
C THR H 153 15.98 36.28 -27.35
N SER H 154 14.81 35.69 -27.24
CA SER H 154 14.61 34.37 -27.82
C SER H 154 14.21 34.49 -29.29
N VAL H 155 14.10 33.32 -29.94
CA VAL H 155 13.75 33.24 -31.35
C VAL H 155 12.26 32.98 -31.53
N VAL H 156 11.48 33.02 -30.44
CA VAL H 156 10.02 32.91 -30.53
C VAL H 156 9.38 34.21 -30.04
N ASP H 157 8.17 34.46 -30.53
CA ASP H 157 7.37 35.56 -30.02
C ASP H 157 6.84 35.23 -28.62
N VAL H 158 6.74 36.25 -27.78
CA VAL H 158 6.45 36.11 -26.36
C VAL H 158 5.19 36.87 -26.01
N ARG H 159 4.36 36.27 -25.15
CA ARG H 159 3.19 36.95 -24.56
C ARG H 159 3.53 37.38 -23.14
N VAL H 160 3.19 38.62 -22.81
CA VAL H 160 3.49 39.19 -21.50
C VAL H 160 2.25 39.93 -21.01
N TYR H 161 1.87 39.66 -19.75
CA TYR H 161 0.88 40.43 -19.02
C TYR H 161 1.62 41.25 -17.98
N TYR H 162 1.11 42.45 -17.67
CA TYR H 162 1.83 43.30 -16.74
C TYR H 162 0.91 44.37 -16.20
N GLN H 163 1.36 44.96 -15.10
CA GLN H 163 0.58 45.98 -14.37
C GLN H 163 1.59 46.73 -13.52
N VAL H 164 1.89 47.96 -13.91
CA VAL H 164 2.88 48.78 -13.24
C VAL H 164 2.14 49.92 -12.54
N THR H 165 2.10 49.88 -11.21
CA THR H 165 1.38 50.86 -10.42
C THR H 165 2.37 51.84 -9.78
N TYR H 166 2.04 53.12 -9.79
CA TYR H 166 2.93 54.12 -9.24
C TYR H 166 2.13 55.29 -8.69
N GLU H 167 2.88 56.20 -8.06
CA GLU H 167 2.35 57.36 -7.35
C GLU H 167 2.96 58.62 -7.93
N ILE H 168 2.13 59.65 -8.07
CA ILE H 168 2.60 61.00 -8.38
C ILE H 168 2.28 61.88 -7.19
N GLY H 169 3.31 62.48 -6.59
CA GLY H 169 3.06 63.42 -5.52
C GLY H 169 4.12 63.51 -4.44
N GLY H 170 4.88 62.44 -4.21
CA GLY H 170 5.90 62.47 -3.20
C GLY H 170 7.02 63.44 -3.57
N ASP H 171 7.79 63.84 -2.56
CA ASP H 171 9.02 64.58 -2.78
C ASP H 171 10.18 63.59 -2.83
N HIS H 172 10.80 63.45 -4.01
CA HIS H 172 11.86 62.48 -4.22
C HIS H 172 13.23 63.13 -4.30
N SER H 173 13.36 64.37 -3.77
CA SER H 173 14.64 65.05 -3.67
C SER H 173 15.66 64.19 -2.95
N ASN H 174 15.26 63.47 -1.90
CA ASN H 174 16.21 62.70 -1.10
C ASN H 174 15.92 61.20 -1.17
N ASP H 175 15.24 60.74 -2.21
CA ASP H 175 15.07 59.32 -2.46
C ASP H 175 16.16 58.85 -3.43
N ALA H 176 16.81 57.75 -3.09
CA ALA H 176 17.76 57.12 -4.00
C ALA H 176 17.04 56.43 -5.15
N TYR H 177 17.81 56.05 -6.16
CA TYR H 177 17.30 55.28 -7.28
C TYR H 177 17.53 53.80 -7.01
N PHE H 178 16.59 52.98 -7.47
CA PHE H 178 16.68 51.53 -7.29
C PHE H 178 17.47 50.91 -8.44
N HIS H 179 18.53 50.18 -8.12
CA HIS H 179 19.34 49.47 -9.10
C HIS H 179 19.27 47.95 -8.91
N ALA H 180 19.49 47.21 -9.98
CA ALA H 180 19.61 45.75 -9.91
C ALA H 180 20.56 45.28 -11.02
N GLN H 181 21.46 44.34 -10.68
CA GLN H 181 22.48 43.86 -11.60
C GLN H 181 22.68 42.35 -11.52
N TRP H 182 22.93 41.73 -12.68
CA TRP H 182 23.01 40.28 -12.79
C TRP H 182 24.38 39.85 -13.31
N ARG H 183 24.93 38.81 -12.68
CA ARG H 183 26.25 38.25 -13.01
C ARG H 183 26.20 36.74 -12.85
N ARG H 184 26.72 36.02 -13.84
CA ARG H 184 26.71 34.56 -13.80
C ARG H 184 28.09 34.00 -14.12
N SER H 185 28.55 33.11 -13.26
CA SER H 185 29.78 32.37 -13.45
C SER H 185 29.42 30.91 -13.67
N ASN H 186 29.81 30.36 -14.82
CA ASN H 186 29.39 29.00 -15.16
C ASN H 186 30.33 28.37 -16.18
N PRO H 187 31.26 27.50 -15.78
CA PRO H 187 31.71 27.25 -14.40
C PRO H 187 32.57 28.36 -13.83
N LEU H 188 32.43 28.54 -12.52
CA LEU H 188 33.28 29.46 -11.77
C LEU H 188 34.73 29.02 -11.86
N GLU H 189 35.63 29.98 -12.03
CA GLU H 189 37.04 29.65 -12.14
C GLU H 189 37.57 29.11 -10.81
N GLU H 190 38.61 28.29 -10.89
CA GLU H 190 39.32 27.78 -9.72
C GLU H 190 39.69 28.89 -8.74
N LEU H 191 39.32 28.69 -7.47
CA LEU H 191 39.64 29.60 -6.36
C LEU H 191 39.43 31.07 -6.73
N THR H 192 38.28 31.34 -7.35
CA THR H 192 37.90 32.70 -7.73
C THR H 192 36.52 33.01 -7.16
N PRO H 193 36.41 33.94 -6.21
CA PRO H 193 35.09 34.31 -5.68
C PRO H 193 34.15 34.77 -6.79
N HIS H 194 32.91 34.31 -6.73
CA HIS H 194 31.91 34.81 -7.67
C HIS H 194 31.61 36.28 -7.35
N VAL H 195 31.84 37.16 -8.32
CA VAL H 195 31.60 38.60 -8.14
C VAL H 195 30.12 38.89 -8.22
N ILE H 196 29.61 39.65 -7.24
CA ILE H 196 28.22 40.04 -7.19
C ILE H 196 28.02 41.50 -7.58
N LEU H 197 28.99 42.36 -7.30
CA LEU H 197 28.84 43.79 -7.51
C LEU H 197 30.24 44.40 -7.54
N GLU H 198 30.51 45.25 -8.54
CA GLU H 198 31.86 45.76 -8.73
C GLU H 198 31.85 47.24 -9.12
N GLY H 199 32.69 48.02 -8.45
CA GLY H 199 32.96 49.40 -8.85
C GLY H 199 31.80 50.35 -8.86
N ILE H 200 30.89 50.25 -7.89
CA ILE H 200 29.73 51.14 -7.80
C ILE H 200 30.19 52.46 -7.17
N GLU H 201 29.81 53.58 -7.77
CA GLU H 201 30.20 54.88 -7.26
C GLU H 201 28.98 55.71 -6.92
N GLY H 202 28.94 56.20 -5.69
CA GLY H 202 27.86 57.02 -5.23
C GLY H 202 27.58 56.75 -3.76
N GLU H 203 26.62 57.49 -3.22
CA GLU H 203 26.06 57.22 -1.90
C GLU H 203 24.84 56.32 -2.06
N GLY H 204 24.72 55.32 -1.20
CA GLY H 204 23.53 54.48 -1.25
C GLY H 204 23.58 53.37 -0.23
N HIS H 205 22.83 52.30 -0.51
CA HIS H 205 22.84 51.17 0.42
C HIS H 205 22.44 49.89 -0.29
N TYR H 206 23.10 48.80 0.09
CA TYR H 206 22.85 47.46 -0.45
C TYR H 206 21.60 46.87 0.20
N VAL H 207 20.61 46.47 -0.60
CA VAL H 207 19.32 46.08 -0.05
C VAL H 207 18.90 44.66 -0.40
N GLY H 208 19.61 43.96 -1.28
CA GLY H 208 19.18 42.61 -1.57
C GLY H 208 20.09 41.74 -2.42
N THR H 209 20.00 40.42 -2.21
CA THR H 209 20.76 39.42 -2.97
C THR H 209 19.85 38.24 -3.30
N TYR H 210 19.84 37.84 -4.57
CA TYR H 210 19.26 36.56 -4.97
C TYR H 210 20.31 35.76 -5.74
N ILE H 211 20.46 34.49 -5.40
CA ILE H 211 21.47 33.65 -6.04
C ILE H 211 20.83 32.34 -6.49
N ALA H 212 20.98 32.03 -7.78
CA ALA H 212 20.70 30.70 -8.32
C ALA H 212 22.01 29.92 -8.40
N TRP H 213 22.11 28.84 -7.62
CA TRP H 213 23.33 28.05 -7.46
C TRP H 213 23.07 26.64 -7.98
N GLY H 214 23.85 26.21 -8.97
CA GLY H 214 23.84 24.84 -9.43
C GLY H 214 25.14 24.14 -9.05
N VAL H 215 25.08 22.94 -8.46
CA VAL H 215 26.23 22.33 -7.79
C VAL H 215 26.87 21.25 -8.66
N ASN H 216 28.19 21.29 -8.76
CA ASN H 216 28.93 20.32 -9.56
C ASN H 216 29.86 19.46 -8.74
N SER H 217 29.88 19.60 -7.42
CA SER H 217 30.57 18.67 -6.54
C SER H 217 29.56 18.02 -5.61
N ASN H 218 29.87 16.80 -5.18
CA ASN H 218 29.12 16.17 -4.10
C ASN H 218 29.49 16.82 -2.77
N GLY H 219 28.72 16.47 -1.73
CA GLY H 219 28.95 17.05 -0.43
C GLY H 219 28.20 18.34 -0.30
N TRP H 220 28.35 18.94 0.88
CA TRP H 220 27.80 20.27 1.09
C TRP H 220 28.62 21.29 0.30
N TRP H 221 27.93 22.25 -0.29
CA TRP H 221 28.50 23.15 -1.29
C TRP H 221 28.55 24.59 -0.83
N GLY H 222 28.20 24.87 0.43
CA GLY H 222 27.91 26.24 0.82
C GLY H 222 28.74 26.79 1.96
N GLU H 223 30.02 26.46 1.98
CA GLU H 223 30.85 27.03 3.03
C GLU H 223 31.33 28.43 2.71
N GLY H 224 31.19 28.87 1.45
CA GLY H 224 31.82 30.11 1.03
C GLY H 224 31.20 31.31 1.72
N GLU H 225 32.06 32.27 2.07
CA GLU H 225 31.64 33.49 2.75
C GLU H 225 31.38 34.61 1.74
N ILE H 226 30.40 35.45 2.06
CA ILE H 226 30.12 36.66 1.30
C ILE H 226 30.95 37.78 1.90
N LYS H 227 31.48 38.66 1.05
CA LYS H 227 32.34 39.73 1.53
C LYS H 227 31.91 41.05 0.90
N PHE H 228 31.64 42.07 1.75
CA PHE H 228 31.26 43.40 1.31
C PHE H 228 32.45 44.35 1.48
N TYR H 229 33.00 44.80 0.36
CA TYR H 229 34.07 45.82 0.37
C TYR H 229 33.39 47.16 0.11
N LEU H 230 33.41 48.04 1.12
CA LEU H 230 32.66 49.29 1.09
C LEU H 230 33.59 50.49 1.18
N ASP H 231 33.29 51.53 0.39
CA ASP H 231 33.95 52.83 0.52
C ASP H 231 35.46 52.76 0.28
N ASP H 232 36.26 52.88 1.35
CA ASP H 232 37.71 52.90 1.27
C ASP H 232 38.34 51.52 1.23
N ASP H 233 37.53 50.47 1.42
CA ASP H 233 38.08 49.11 1.42
C ASP H 233 38.84 48.84 0.14
N THR H 234 39.99 48.22 0.30
CA THR H 234 40.77 47.81 -0.85
C THR H 234 40.86 46.29 -0.84
N ASP H 235 41.81 45.74 -0.11
CA ASP H 235 42.07 44.31 -0.18
C ASP H 235 41.46 43.51 0.96
N HIS H 236 40.57 44.12 1.76
CA HIS H 236 39.89 43.40 2.84
C HIS H 236 38.53 44.03 3.08
N PRO H 237 37.49 43.24 3.29
CA PRO H 237 36.13 43.79 3.37
C PRO H 237 35.81 44.37 4.74
N THR H 238 34.71 45.12 4.78
CA THR H 238 34.19 45.64 6.04
C THR H 238 33.24 44.65 6.69
N ILE H 239 32.41 43.99 5.88
CA ILE H 239 31.51 42.94 6.33
C ILE H 239 31.96 41.63 5.72
N CYS H 240 32.16 40.61 6.55
CA CYS H 240 32.63 39.31 6.11
C CYS H 240 31.73 38.27 6.76
N GLY H 241 30.88 37.62 5.95
CA GLY H 241 30.02 36.57 6.44
C GLY H 241 30.78 35.30 6.82
N THR H 242 30.02 34.28 7.23
CA THR H 242 30.60 33.03 7.73
C THR H 242 30.19 31.78 6.94
N GLY H 243 29.49 31.93 5.82
CA GLY H 243 29.04 30.79 5.05
C GLY H 243 27.84 31.16 4.21
N THR H 244 27.55 30.30 3.23
CA THR H 244 26.58 30.67 2.20
C THR H 244 25.16 30.52 2.72
N GLU H 245 24.88 29.42 3.43
CA GLU H 245 23.58 29.32 4.06
C GLU H 245 23.47 30.30 5.22
N ASP H 246 24.60 30.58 5.90
CA ASP H 246 24.61 31.58 6.97
C ASP H 246 24.09 32.91 6.48
N TYR H 247 24.66 33.42 5.36
CA TYR H 247 24.24 34.68 4.76
C TYR H 247 22.75 34.71 4.51
N PHE H 248 22.20 33.60 4.00
CA PHE H 248 20.78 33.56 3.69
C PHE H 248 19.94 33.18 4.90
N GLY H 249 20.49 33.35 6.11
CA GLY H 249 19.73 33.16 7.32
C GLY H 249 19.47 31.74 7.71
N GLY H 250 19.95 30.76 6.93
CA GLY H 250 19.89 29.38 7.32
C GLY H 250 21.08 29.01 8.19
N ALA H 251 21.19 27.70 8.45
CA ALA H 251 22.35 27.18 9.15
C ALA H 251 22.49 25.70 8.82
N TRP H 252 23.69 25.17 9.04
CA TRP H 252 23.99 23.74 8.95
C TRP H 252 23.43 23.10 7.67
N ASN H 253 23.81 23.65 6.52
CA ASN H 253 23.50 23.08 5.20
C ASN H 253 22.03 23.15 4.79
N PHE H 254 21.19 23.96 5.46
CA PHE H 254 19.74 23.93 5.24
C PHE H 254 19.15 22.55 5.46
N ASP H 255 19.78 21.71 6.26
CA ASP H 255 19.49 20.27 6.28
C ASP H 255 18.84 19.89 7.61
N ILE H 256 17.51 19.76 7.59
CA ILE H 256 16.76 19.32 8.76
C ILE H 256 16.92 17.80 8.85
N PRO H 257 17.46 17.27 9.95
CA PRO H 257 17.79 15.84 10.01
C PRO H 257 16.57 14.98 9.73
N GLY H 258 16.73 14.05 8.79
CA GLY H 258 15.64 13.18 8.38
C GLY H 258 14.72 13.74 7.33
N LYS H 259 14.93 15.00 6.92
CA LYS H 259 14.10 15.61 5.89
C LYS H 259 14.95 16.14 4.76
N GLY H 260 16.21 16.49 5.02
CA GLY H 260 17.07 17.03 3.97
C GLY H 260 16.90 18.53 3.79
N TYR H 261 17.42 19.00 2.65
CA TYR H 261 17.27 20.41 2.25
C TYR H 261 15.81 20.83 2.33
N THR H 262 15.53 21.92 3.04
CA THR H 262 14.15 22.35 3.26
C THR H 262 13.96 23.77 2.76
N GLU H 263 13.09 23.93 1.77
CA GLU H 263 12.69 25.24 1.29
C GLU H 263 12.06 26.04 2.41
N PHE H 264 12.27 27.36 2.38
CA PHE H 264 11.69 28.27 3.34
C PHE H 264 11.66 29.65 2.73
N SER H 265 10.72 30.48 3.18
CA SER H 265 10.49 31.81 2.65
C SER H 265 9.92 32.69 3.76
N THR H 266 10.73 33.64 4.24
CA THR H 266 10.41 34.51 5.37
C THR H 266 10.44 35.95 4.87
N PRO H 267 10.04 36.96 5.65
CA PRO H 267 10.02 38.32 5.10
C PRO H 267 11.32 38.78 4.44
N TYR H 268 12.49 38.44 5.01
CA TYR H 268 13.76 38.93 4.48
C TYR H 268 14.74 37.82 4.11
N LEU H 269 14.36 36.56 4.28
CA LEU H 269 15.31 35.46 4.17
C LEU H 269 14.59 34.25 3.56
N GLY H 270 15.22 33.63 2.57
CA GLY H 270 14.64 32.41 2.08
C GLY H 270 15.54 31.55 1.22
N MET H 271 15.29 30.23 1.24
CA MET H 271 15.65 29.36 0.13
C MET H 271 14.34 28.85 -0.46
N PRO H 272 13.71 29.64 -1.33
CA PRO H 272 12.41 29.21 -1.87
C PRO H 272 12.52 28.04 -2.84
N GLN H 273 13.68 27.77 -3.43
CA GLN H 273 13.79 26.76 -4.46
C GLN H 273 14.88 25.73 -4.16
N VAL H 274 14.50 24.46 -4.13
CA VAL H 274 15.44 23.35 -4.22
C VAL H 274 14.99 22.47 -5.37
N ILE H 275 15.85 22.30 -6.37
CA ILE H 275 15.57 21.47 -7.55
C ILE H 275 16.39 20.17 -7.47
N ARG H 276 15.68 19.02 -7.40
CA ARG H 276 16.32 17.70 -7.26
C ARG H 276 16.30 16.96 -8.59
N PRO H 277 17.45 16.46 -9.03
CA PRO H 277 17.53 15.73 -10.30
C PRO H 277 16.52 14.59 -10.33
N ASP H 278 16.02 14.28 -11.53
CA ASP H 278 14.99 13.25 -11.66
C ASP H 278 15.54 11.90 -12.12
N GLY H 279 16.87 11.76 -12.18
CA GLY H 279 17.46 10.49 -12.60
C GLY H 279 17.48 10.27 -14.10
N LEU H 280 16.95 11.21 -14.89
CA LEU H 280 17.01 11.18 -16.34
C LEU H 280 17.62 12.49 -16.83
N TYR H 281 16.87 13.32 -17.58
CA TYR H 281 17.43 14.50 -18.23
C TYR H 281 17.46 15.75 -17.35
N VAL H 282 16.74 15.79 -16.23
CA VAL H 282 16.92 16.88 -15.26
C VAL H 282 17.94 16.35 -14.25
N SER H 283 19.21 16.64 -14.50
CA SER H 283 20.33 16.05 -13.79
C SER H 283 21.08 17.04 -12.92
N GLN H 284 20.67 18.31 -12.90
CA GLN H 284 21.41 19.35 -12.18
C GLN H 284 20.68 19.67 -10.89
N GLN H 285 21.39 19.51 -9.77
CA GLN H 285 20.89 19.90 -8.45
C GLN H 285 21.08 21.41 -8.29
N ARG H 286 19.99 22.13 -8.05
CA ARG H 286 20.01 23.59 -8.11
C ARG H 286 19.26 24.19 -6.93
N PHE H 287 19.69 25.39 -6.52
CA PHE H 287 19.06 26.10 -5.41
C PHE H 287 18.81 27.55 -5.80
N GLY H 288 17.72 28.13 -5.24
CA GLY H 288 17.43 29.55 -5.32
C GLY H 288 17.29 30.15 -3.94
N MET H 289 17.94 31.29 -3.69
CA MET H 289 18.09 31.85 -2.35
C MET H 289 18.01 33.37 -2.42
N TYR H 290 17.32 33.98 -1.46
CA TYR H 290 17.26 35.44 -1.39
C TYR H 290 17.49 35.93 0.04
N ARG H 291 18.09 37.12 0.15
CA ARG H 291 18.10 37.88 1.38
C ARG H 291 17.88 39.34 1.03
N TRP H 292 16.87 39.95 1.67
CA TRP H 292 16.65 41.38 1.56
C TRP H 292 17.17 42.07 2.82
N HIS H 293 17.94 43.15 2.64
CA HIS H 293 18.48 43.94 3.74
C HIS H 293 17.61 45.20 3.84
N LEU H 294 16.44 45.06 4.47
CA LEU H 294 15.47 46.15 4.55
C LEU H 294 15.51 46.87 5.90
N GLN H 295 15.40 46.11 6.99
CA GLN H 295 15.66 46.64 8.33
C GLN H 295 17.13 46.77 8.59
N ASP H 296 17.96 46.04 7.84
CA ASP H 296 19.40 46.09 8.00
C ASP H 296 20.09 46.35 6.66
N PRO H 297 19.85 47.52 6.07
CA PRO H 297 20.55 47.85 4.82
C PRO H 297 22.02 48.07 5.07
N ILE H 298 22.83 47.78 4.07
CA ILE H 298 24.28 47.92 4.18
C ILE H 298 24.66 49.20 3.47
N HIS H 299 24.93 50.25 4.25
CA HIS H 299 25.15 51.59 3.73
C HIS H 299 26.57 51.77 3.20
N PHE H 300 26.71 52.61 2.18
CA PHE H 300 28.02 53.06 1.76
C PHE H 300 27.96 54.57 1.49
N ALA H 301 29.05 55.28 1.80
CA ALA H 301 29.06 56.72 1.62
C ALA H 301 29.57 57.14 0.24
N THR H 302 30.66 56.52 -0.22
CA THR H 302 31.24 56.86 -1.52
C THR H 302 31.12 55.76 -2.57
N GLY H 303 31.04 54.49 -2.19
CA GLY H 303 30.71 53.46 -3.16
C GLY H 303 30.87 52.06 -2.61
N ILE H 304 30.65 51.08 -3.50
CA ILE H 304 30.92 49.68 -3.23
C ILE H 304 31.98 49.20 -4.21
N PRO H 305 33.24 49.14 -3.80
CA PRO H 305 34.25 48.55 -4.69
C PRO H 305 33.93 47.11 -5.08
N LYS H 306 33.46 46.28 -4.15
CA LYS H 306 33.27 44.87 -4.48
C LYS H 306 32.35 44.18 -3.47
N VAL H 307 31.38 43.43 -3.97
CA VAL H 307 30.71 42.38 -3.20
C VAL H 307 30.95 41.07 -3.93
N ASP H 308 31.44 40.05 -3.21
CA ASP H 308 31.63 38.74 -3.80
C ASP H 308 31.36 37.67 -2.75
N ILE H 309 31.36 36.40 -3.19
CA ILE H 309 31.11 35.26 -2.33
C ILE H 309 31.96 34.08 -2.79
N GLN H 310 32.52 33.34 -1.83
CA GLN H 310 33.34 32.18 -2.14
C GLN H 310 32.46 31.00 -2.51
N ALA H 311 32.98 30.12 -3.35
CA ALA H 311 32.35 28.83 -3.63
C ALA H 311 33.25 27.75 -3.05
N LEU H 312 32.89 27.28 -1.85
CA LEU H 312 33.70 26.30 -1.12
C LEU H 312 32.82 25.17 -0.61
N GLY H 313 33.28 23.92 -0.85
CA GLY H 313 32.69 22.71 -0.30
C GLY H 313 33.71 21.90 0.48
N TRP H 314 33.68 20.57 0.40
CA TRP H 314 34.55 19.73 1.21
C TRP H 314 35.24 18.64 0.38
N ARG H 315 36.52 18.40 0.67
CA ARG H 315 37.26 17.25 0.15
C ARG H 315 37.84 16.46 1.32
N SER H 316 38.42 15.31 1.03
CA SER H 316 38.84 14.44 2.13
C SER H 316 39.89 15.11 3.03
N GLY H 317 39.92 14.68 4.29
CA GLY H 317 40.82 15.27 5.26
C GLY H 317 40.36 16.61 5.81
N TRP H 318 39.04 16.84 5.87
CA TRP H 318 38.47 18.08 6.37
C TRP H 318 39.14 19.30 5.74
N ARG H 319 39.25 19.28 4.41
CA ARG H 319 39.80 20.40 3.64
C ARG H 319 38.75 21.02 2.74
N TYR H 320 38.84 22.34 2.57
CA TYR H 320 37.90 23.02 1.70
C TYR H 320 38.13 22.57 0.26
N LEU H 321 37.03 22.38 -0.47
CA LEU H 321 37.15 22.08 -1.89
C LEU H 321 36.71 23.30 -2.67
N PRO H 322 37.58 23.93 -3.46
CA PRO H 322 37.13 25.03 -4.33
C PRO H 322 36.15 24.48 -5.37
N LEU H 323 34.99 25.13 -5.50
CA LEU H 323 33.90 24.58 -6.29
C LEU H 323 33.86 25.25 -7.66
N ARG H 324 33.89 24.44 -8.71
CA ARG H 324 33.72 24.95 -10.08
C ARG H 324 32.23 24.89 -10.44
N ASP H 325 31.46 25.73 -9.76
CA ASP H 325 30.01 25.63 -9.76
C ASP H 325 29.35 26.69 -10.64
N ASP H 326 28.02 26.64 -10.70
CA ASP H 326 27.21 27.47 -11.60
C ASP H 326 26.43 28.45 -10.73
N ILE H 327 26.90 29.69 -10.67
CA ILE H 327 26.39 30.66 -9.72
C ILE H 327 25.94 31.90 -10.48
N ALA H 328 24.66 32.26 -10.31
CA ALA H 328 24.07 33.48 -10.87
C ALA H 328 23.56 34.33 -9.74
N SER H 329 24.03 35.58 -9.66
CA SER H 329 23.62 36.50 -8.60
C SER H 329 22.88 37.70 -9.17
N THR H 330 21.85 38.13 -8.46
CA THR H 330 21.14 39.38 -8.73
C THR H 330 21.22 40.24 -7.48
N ALA H 331 21.89 41.39 -7.59
CA ALA H 331 22.09 42.29 -6.46
C ALA H 331 21.20 43.52 -6.60
N MET H 332 20.46 43.85 -5.54
CA MET H 332 19.63 45.04 -5.46
C MET H 332 20.27 46.06 -4.53
N PHE H 333 20.25 47.33 -4.93
CA PHE H 333 20.85 48.39 -4.15
C PHE H 333 20.27 49.74 -4.58
N TYR H 334 20.23 50.67 -3.63
CA TYR H 334 19.80 52.04 -3.90
C TYR H 334 21.02 52.95 -4.02
N LEU H 335 20.91 53.96 -4.87
CA LEU H 335 22.04 54.83 -5.17
C LEU H 335 21.56 56.26 -5.40
N ASP H 336 22.41 57.23 -5.07
CA ASP H 336 22.05 58.64 -5.22
C ASP H 336 22.15 59.15 -6.66
N ARG H 337 22.41 58.30 -7.64
CA ARG H 337 22.42 58.70 -9.04
C ARG H 337 21.84 57.59 -9.89
N PRO H 338 21.34 57.91 -11.09
CA PRO H 338 20.54 56.92 -11.85
C PRO H 338 21.33 55.88 -12.64
N THR H 339 22.66 55.96 -12.71
CA THR H 339 23.45 54.95 -13.43
C THR H 339 24.65 54.58 -12.59
N ALA H 340 25.30 53.49 -12.97
CA ALA H 340 26.42 52.94 -12.21
C ALA H 340 27.16 51.97 -13.11
N ARG H 341 28.34 51.58 -12.65
CA ARG H 341 29.09 50.57 -13.37
C ARG H 341 28.31 49.26 -13.38
N ARG H 342 28.05 48.72 -14.57
CA ARG H 342 27.33 47.47 -14.79
C ARG H 342 28.26 46.37 -15.27
N PRO H 343 27.84 45.12 -15.21
CA PRO H 343 28.54 44.07 -15.97
C PRO H 343 28.09 44.09 -17.42
N LYS H 344 28.78 43.29 -18.23
CA LYS H 344 28.33 43.12 -19.61
C LYS H 344 26.89 42.64 -19.63
N SER H 345 26.09 43.23 -20.52
CA SER H 345 24.69 42.90 -20.68
C SER H 345 24.47 41.38 -20.81
N PRO H 346 23.38 40.83 -20.27
CA PRO H 346 23.19 39.37 -20.32
C PRO H 346 22.84 38.89 -21.72
N SER H 347 23.60 37.94 -22.23
CA SER H 347 23.32 37.41 -23.55
C SER H 347 22.30 36.29 -23.46
N ALA H 348 21.71 35.94 -24.61
CA ALA H 348 20.85 34.77 -24.66
C ALA H 348 21.57 33.53 -24.16
N ASP H 349 22.82 33.32 -24.61
CA ASP H 349 23.55 32.11 -24.26
C ASP H 349 23.90 32.08 -22.77
N ASP H 350 24.27 33.23 -22.21
CA ASP H 350 24.62 33.29 -20.78
C ASP H 350 23.40 33.01 -19.91
N MET H 351 22.21 33.46 -20.33
CA MET H 351 21.03 33.26 -19.51
C MET H 351 20.47 31.84 -19.65
N GLU H 352 20.70 31.19 -20.79
CA GLU H 352 19.96 29.99 -21.13
C GLU H 352 20.00 28.96 -20.02
N VAL H 353 18.82 28.40 -19.74
CA VAL H 353 18.67 27.19 -18.94
C VAL H 353 17.82 26.24 -19.77
N HIS H 354 17.95 24.95 -19.47
CA HIS H 354 17.23 23.93 -20.22
C HIS H 354 15.72 24.12 -20.06
N LEU H 355 14.99 23.98 -21.16
CA LEU H 355 13.54 24.13 -21.14
C LEU H 355 12.95 22.72 -21.03
N GLY H 356 12.22 22.46 -19.98
CA GLY H 356 11.51 21.20 -19.91
C GLY H 356 12.33 20.10 -19.29
N THR H 357 11.87 18.86 -19.52
CA THR H 357 12.47 17.69 -18.92
C THR H 357 12.91 16.67 -19.97
N ALA H 358 12.92 17.06 -21.24
CA ALA H 358 13.19 16.18 -22.37
C ALA H 358 14.68 16.23 -22.75
N PRO H 359 15.15 15.37 -23.67
CA PRO H 359 16.59 15.41 -24.01
C PRO H 359 17.04 16.73 -24.64
N VAL H 360 16.15 17.42 -25.34
CA VAL H 360 16.50 18.62 -26.10
C VAL H 360 15.56 19.74 -25.63
N PRO H 361 16.06 20.96 -25.40
CA PRO H 361 15.16 22.03 -24.92
C PRO H 361 13.94 22.24 -25.81
N ASP H 362 14.11 22.14 -27.13
CA ASP H 362 12.99 22.35 -28.03
C ASP H 362 11.91 21.26 -27.91
N LEU H 363 12.27 20.07 -27.42
CA LEU H 363 11.30 18.98 -27.29
C LEU H 363 10.44 19.16 -26.04
N GLY H 364 10.97 19.83 -25.03
CA GLY H 364 10.27 20.13 -23.80
C GLY H 364 9.62 21.49 -23.72
N ALA H 365 9.72 22.32 -24.76
CA ALA H 365 9.12 23.64 -24.73
C ALA H 365 7.62 23.55 -24.96
N THR H 366 6.89 24.59 -24.52
CA THR H 366 5.44 24.66 -24.68
C THR H 366 5.04 25.72 -25.72
N PRO H 367 4.66 25.33 -26.94
CA PRO H 367 4.64 23.97 -27.45
C PRO H 367 6.01 23.53 -27.98
N PRO H 368 6.20 22.22 -28.19
CA PRO H 368 7.48 21.74 -28.72
C PRO H 368 7.80 22.46 -30.01
N ARG H 369 9.10 22.70 -30.25
CA ARG H 369 9.44 23.60 -31.33
C ARG H 369 9.61 22.86 -32.65
N VAL H 370 10.52 21.88 -32.72
CA VAL H 370 10.55 20.96 -33.85
C VAL H 370 10.86 21.74 -35.13
N LEU H 371 11.79 22.70 -35.04
CA LEU H 371 12.10 23.55 -36.17
C LEU H 371 13.42 23.11 -36.82
N GLU H 372 14.14 24.05 -37.44
CA GLU H 372 15.33 23.75 -38.25
C GLU H 372 16.35 22.90 -37.51
N PRO I 2 -42.53 -6.78 -32.74
CA PRO I 2 -42.88 -7.77 -31.71
C PRO I 2 -42.06 -7.62 -30.42
N ASP I 3 -42.25 -8.54 -29.46
CA ASP I 3 -41.41 -8.62 -28.27
C ASP I 3 -41.11 -10.11 -28.04
N LEU I 4 -40.46 -10.43 -26.90
CA LEU I 4 -40.08 -11.81 -26.61
C LEU I 4 -41.29 -12.73 -26.63
N ASN I 5 -42.41 -12.26 -26.07
CA ASN I 5 -43.61 -13.08 -25.92
C ASN I 5 -44.29 -13.36 -27.26
N SER I 6 -44.23 -12.42 -28.20
CA SER I 6 -44.92 -12.56 -29.47
C SER I 6 -43.97 -12.79 -30.66
N ILE I 7 -42.70 -13.11 -30.41
CA ILE I 7 -41.69 -13.14 -31.47
C ILE I 7 -41.84 -14.33 -32.42
N ALA I 8 -42.50 -15.42 -32.02
CA ALA I 8 -42.61 -16.57 -32.91
C ALA I 8 -43.70 -16.42 -33.97
N ALA I 9 -44.70 -15.58 -33.73
CA ALA I 9 -45.76 -15.35 -34.70
C ALA I 9 -45.19 -15.00 -36.07
N LEU I 10 -45.76 -15.62 -37.13
CA LEU I 10 -45.42 -15.28 -38.52
C LEU I 10 -46.19 -14.04 -38.98
N ARG I 11 -45.48 -13.08 -39.57
CA ARG I 11 -46.07 -11.80 -39.96
C ARG I 11 -45.65 -11.43 -41.37
N GLN I 12 -46.61 -10.97 -42.19
CA GLN I 12 -46.29 -10.44 -43.53
C GLN I 12 -45.79 -9.02 -43.37
N VAL I 13 -44.50 -8.91 -43.08
CA VAL I 13 -43.83 -7.65 -42.83
C VAL I 13 -42.45 -7.73 -43.47
N GLN I 14 -41.96 -6.60 -43.95
CA GLN I 14 -40.61 -6.50 -44.47
C GLN I 14 -39.76 -5.67 -43.52
N THR I 15 -38.49 -6.02 -43.42
CA THR I 15 -37.52 -5.27 -42.65
C THR I 15 -36.55 -4.62 -43.61
N ARG I 16 -36.29 -3.33 -43.40
CA ARG I 16 -35.30 -2.59 -44.16
C ARG I 16 -34.40 -1.84 -43.19
N SER I 17 -33.21 -1.44 -43.67
CA SER I 17 -32.28 -0.73 -42.82
C SER I 17 -31.45 0.28 -43.62
N ILE I 18 -31.41 1.51 -43.13
CA ILE I 18 -30.73 2.60 -43.80
C ILE I 18 -29.41 2.89 -43.09
N SER I 19 -28.32 2.95 -43.84
CA SER I 19 -26.99 3.16 -43.28
C SER I 19 -26.13 3.76 -44.38
N PRO I 20 -24.98 4.32 -44.03
CA PRO I 20 -24.08 4.84 -45.08
C PRO I 20 -23.72 3.81 -46.15
N GLU I 21 -23.79 2.51 -45.84
CA GLU I 21 -23.58 1.48 -46.84
C GLU I 21 -24.83 1.20 -47.68
N ASN I 22 -25.99 1.81 -47.34
CA ASN I 22 -27.22 1.67 -48.12
C ASN I 22 -28.10 2.88 -47.82
N PHE I 23 -27.80 4.01 -48.47
CA PHE I 23 -28.34 5.30 -48.05
C PHE I 23 -29.86 5.35 -48.13
N ASP I 24 -30.46 4.58 -49.05
CA ASP I 24 -31.90 4.56 -49.23
C ASP I 24 -32.54 3.26 -48.71
N GLY I 25 -31.73 2.33 -48.22
CA GLY I 25 -32.26 1.08 -47.70
C GLY I 25 -32.91 0.17 -48.72
N THR I 26 -32.52 0.24 -49.98
CA THR I 26 -33.20 -0.55 -51.00
C THR I 26 -32.78 -2.01 -50.92
N ALA I 27 -33.69 -2.88 -51.36
CA ALA I 27 -33.40 -4.30 -51.46
C ALA I 27 -32.17 -4.50 -52.35
N GLY I 28 -31.26 -5.36 -51.91
CA GLY I 28 -30.06 -5.56 -52.72
C GLY I 28 -29.20 -4.33 -52.98
N GLY I 29 -29.44 -3.24 -52.27
CA GLY I 29 -28.67 -2.02 -52.44
C GLY I 29 -27.54 -1.76 -51.46
N GLY I 30 -27.18 -2.71 -50.60
CA GLY I 30 -26.15 -2.45 -49.61
C GLY I 30 -24.74 -2.75 -50.12
N GLY I 31 -23.79 -1.94 -49.64
CA GLY I 31 -22.37 -2.23 -49.80
C GLY I 31 -21.86 -2.21 -51.23
N ARG I 32 -22.39 -1.30 -52.07
CA ARG I 32 -22.01 -1.21 -53.47
C ARG I 32 -21.04 -0.07 -53.77
N ALA I 33 -20.85 0.88 -52.84
CA ALA I 33 -20.11 2.09 -53.18
C ALA I 33 -18.67 1.77 -53.53
N THR I 34 -18.11 2.60 -54.40
CA THR I 34 -16.68 2.67 -54.65
C THR I 34 -16.06 3.90 -54.05
N GLU I 35 -16.86 4.88 -53.63
CA GLU I 35 -16.38 6.07 -52.96
C GLU I 35 -17.07 6.18 -51.60
N GLY I 36 -16.44 6.90 -50.70
CA GLY I 36 -16.98 7.04 -49.36
C GLY I 36 -15.84 7.18 -48.37
N THR I 37 -16.22 7.32 -47.10
CA THR I 37 -15.23 7.61 -46.07
C THR I 37 -14.27 6.46 -45.81
N GLY I 38 -14.58 5.25 -46.28
CA GLY I 38 -13.66 4.15 -46.15
C GLY I 38 -12.91 3.76 -47.42
N ALA I 39 -13.06 4.53 -48.51
CA ALA I 39 -12.45 4.12 -49.79
C ALA I 39 -10.94 4.03 -49.68
N ASP I 40 -10.29 5.04 -49.10
CA ASP I 40 -8.83 5.02 -49.01
C ASP I 40 -8.33 3.86 -48.17
N CYS I 41 -9.05 3.57 -47.07
CA CYS I 41 -8.74 2.43 -46.22
C CYS I 41 -8.78 1.11 -46.97
N ALA I 42 -9.60 1.01 -48.02
CA ALA I 42 -9.69 -0.23 -48.78
C ALA I 42 -8.89 -0.20 -50.08
N ARG I 43 -7.98 0.76 -50.22
CA ARG I 43 -7.31 0.94 -51.50
C ARG I 43 -6.61 -0.33 -51.97
N ASP I 44 -6.09 -1.16 -51.07
CA ASP I 44 -5.50 -2.43 -51.49
C ASP I 44 -6.51 -3.55 -51.64
N LEU I 45 -7.77 -3.34 -51.26
CA LEU I 45 -8.76 -4.40 -51.20
C LEU I 45 -9.84 -4.29 -52.27
N GLY I 46 -10.23 -3.09 -52.68
CA GLY I 46 -11.27 -3.01 -53.67
C GLY I 46 -12.64 -2.89 -53.05
N PRO I 47 -13.67 -2.75 -53.89
CA PRO I 47 -15.04 -2.57 -53.39
C PRO I 47 -15.56 -3.78 -52.64
N GLY I 48 -16.58 -3.52 -51.82
CA GLY I 48 -17.14 -4.52 -50.95
C GLY I 48 -16.45 -4.69 -49.61
N TRP I 49 -15.41 -3.90 -49.31
CA TRP I 49 -14.69 -3.98 -48.04
C TRP I 49 -14.78 -2.64 -47.31
N LYS I 50 -15.97 -2.34 -46.78
CA LYS I 50 -16.20 -1.21 -45.87
C LYS I 50 -15.88 0.13 -46.53
N ILE I 51 -16.50 0.38 -47.69
CA ILE I 51 -16.20 1.59 -48.45
C ILE I 51 -16.98 2.79 -47.91
N SER I 52 -18.17 2.59 -47.36
CA SER I 52 -19.07 3.68 -46.96
C SER I 52 -19.69 3.43 -45.59
N PRO I 53 -18.89 3.50 -44.52
CA PRO I 53 -19.46 3.20 -43.20
C PRO I 53 -20.02 4.41 -42.44
N SER I 54 -19.69 5.62 -42.90
CA SER I 54 -19.99 6.82 -42.12
C SER I 54 -20.16 8.00 -43.08
N VAL I 55 -20.50 9.17 -42.52
CA VAL I 55 -20.61 10.39 -43.31
C VAL I 55 -19.97 11.55 -42.56
N ASP I 56 -19.45 12.52 -43.32
CA ASP I 56 -18.85 13.73 -42.79
C ASP I 56 -19.84 14.86 -43.04
N ILE I 57 -20.36 15.41 -41.95
CA ILE I 57 -21.37 16.47 -41.98
C ILE I 57 -20.66 17.80 -41.74
N LYS I 58 -20.71 18.69 -42.72
CA LYS I 58 -19.95 19.93 -42.64
C LYS I 58 -20.47 20.83 -41.52
N ALA I 59 -19.58 21.67 -41.02
CA ALA I 59 -19.96 22.65 -40.01
C ALA I 59 -21.12 23.49 -40.51
N GLY I 60 -22.25 23.39 -39.82
CA GLY I 60 -23.41 24.19 -40.11
C GLY I 60 -24.48 23.46 -40.88
N GLU I 61 -24.18 22.29 -41.44
CA GLU I 61 -25.04 21.62 -42.40
C GLU I 61 -25.94 20.60 -41.72
N THR I 62 -27.09 20.35 -42.35
CA THR I 62 -27.99 19.30 -41.90
C THR I 62 -27.82 18.12 -42.83
N PHE I 63 -27.59 16.95 -42.26
CA PHE I 63 -27.56 15.71 -43.01
C PHE I 63 -28.84 14.94 -42.76
N GLU I 64 -29.41 14.39 -43.82
CA GLU I 64 -30.60 13.57 -43.71
C GLU I 64 -30.18 12.11 -43.48
N LEU I 65 -30.56 11.56 -42.31
CA LEU I 65 -30.19 10.19 -41.98
C LEU I 65 -31.03 9.19 -42.74
N ALA I 66 -32.31 9.49 -42.93
CA ALA I 66 -33.24 8.53 -43.47
C ALA I 66 -34.40 9.27 -44.13
N SER I 67 -34.72 8.87 -45.35
CA SER I 67 -35.99 9.24 -45.98
C SER I 67 -36.72 7.96 -46.35
N ILE I 68 -37.88 7.75 -45.75
CA ILE I 68 -38.69 6.57 -46.02
C ILE I 68 -40.02 7.07 -46.56
N GLU I 69 -40.55 6.39 -47.56
CA GLU I 69 -41.79 6.81 -48.19
C GLU I 69 -42.87 5.77 -47.91
N GLY I 70 -44.10 6.25 -47.74
CA GLY I 70 -45.20 5.36 -47.44
C GLY I 70 -45.25 5.01 -45.96
N ALA I 71 -46.07 4.03 -45.65
CA ALA I 71 -46.27 3.65 -44.26
C ALA I 71 -45.09 2.82 -43.76
N GLY I 72 -44.85 2.90 -42.46
CA GLY I 72 -43.83 2.05 -41.86
C GLY I 72 -43.68 2.39 -40.40
N LYS I 73 -42.63 1.82 -39.81
CA LYS I 73 -42.35 2.00 -38.39
C LYS I 73 -40.87 1.78 -38.16
N ILE I 74 -40.20 2.79 -37.59
CA ILE I 74 -38.82 2.62 -37.15
C ILE I 74 -38.79 1.74 -35.90
N THR I 75 -38.03 0.64 -35.96
CA THR I 75 -37.91 -0.27 -34.83
C THR I 75 -36.58 -0.15 -34.10
N HIS I 76 -35.55 0.43 -34.71
CA HIS I 76 -34.23 0.48 -34.09
C HIS I 76 -33.38 1.54 -34.78
N ILE I 77 -32.82 2.44 -33.98
CA ILE I 77 -31.80 3.37 -34.42
C ILE I 77 -30.53 3.05 -33.64
N TRP I 78 -29.43 2.83 -34.34
CA TRP I 78 -28.12 2.82 -33.72
C TRP I 78 -27.36 3.99 -34.34
N ILE I 79 -26.60 4.72 -33.51
CA ILE I 79 -25.83 5.87 -34.00
C ILE I 79 -24.66 6.12 -33.05
N THR I 80 -23.54 6.60 -33.60
CA THR I 80 -22.39 7.01 -32.79
C THR I 80 -21.70 8.19 -33.43
N THR I 81 -20.97 8.93 -32.58
CA THR I 81 -20.18 10.11 -32.90
C THR I 81 -19.38 10.45 -31.64
N HIS I 82 -18.18 11.01 -31.84
CA HIS I 82 -17.30 11.37 -30.72
C HIS I 82 -18.03 12.27 -29.72
N THR I 83 -17.63 12.16 -28.43
CA THR I 83 -18.32 12.89 -27.37
C THR I 83 -18.34 14.39 -27.60
N ASP I 84 -17.36 14.93 -28.33
CA ASP I 84 -17.32 16.37 -28.58
C ASP I 84 -18.59 16.88 -29.27
N ASN I 85 -19.33 16.00 -29.94
CA ASN I 85 -20.49 16.42 -30.73
C ASN I 85 -21.81 16.16 -30.04
N TRP I 86 -21.81 15.56 -28.83
CA TRP I 86 -23.08 15.14 -28.23
C TRP I 86 -23.97 16.33 -27.88
N ARG I 87 -23.42 17.52 -27.71
CA ARG I 87 -24.26 18.70 -27.49
C ARG I 87 -24.05 19.73 -28.58
N THR I 88 -23.65 19.30 -29.78
CA THR I 88 -23.62 20.19 -30.93
C THR I 88 -24.45 19.66 -32.09
N LEU I 89 -25.07 18.49 -31.94
CA LEU I 89 -25.90 17.91 -32.97
C LEU I 89 -27.34 17.93 -32.50
N ILE I 90 -28.27 18.25 -33.41
CA ILE I 90 -29.70 18.23 -33.12
C ILE I 90 -30.32 17.10 -33.92
N LEU I 91 -30.93 16.15 -33.22
CA LEU I 91 -31.67 15.08 -33.88
C LEU I 91 -33.10 15.54 -34.15
N ARG I 92 -33.55 15.35 -35.39
CA ARG I 92 -34.91 15.71 -35.75
C ARG I 92 -35.59 14.57 -36.49
N ALA I 93 -36.90 14.43 -36.28
CA ALA I 93 -37.72 13.52 -37.06
C ALA I 93 -38.98 14.25 -37.56
N PHE I 94 -39.34 13.99 -38.82
CA PHE I 94 -40.55 14.55 -39.42
C PHE I 94 -41.44 13.40 -39.91
N TRP I 95 -42.70 13.37 -39.46
CA TRP I 95 -43.63 12.31 -39.85
C TRP I 95 -44.64 12.81 -40.89
N ASP I 96 -44.89 11.96 -41.90
CA ASP I 96 -45.98 12.16 -42.87
C ASP I 96 -45.81 13.44 -43.70
N GLY I 97 -44.57 13.80 -44.00
CA GLY I 97 -44.33 14.97 -44.83
C GLY I 97 -44.57 16.32 -44.16
N ALA I 98 -44.86 16.34 -42.86
CA ALA I 98 -45.00 17.61 -42.16
C ALA I 98 -43.69 18.38 -42.20
N ASP I 99 -43.80 19.72 -42.19
CA ASP I 99 -42.64 20.60 -42.29
C ASP I 99 -42.11 21.03 -40.94
N GLU I 100 -42.80 20.73 -39.88
CA GLU I 100 -42.26 20.91 -38.56
C GLU I 100 -41.93 19.55 -37.96
N PRO I 101 -40.85 19.44 -37.18
CA PRO I 101 -40.44 18.14 -36.65
C PRO I 101 -41.20 17.76 -35.39
N ALA I 102 -41.47 16.45 -35.27
CA ALA I 102 -42.04 15.92 -34.03
C ALA I 102 -40.97 15.56 -33.02
N VAL I 103 -39.78 15.19 -33.47
CA VAL I 103 -38.61 15.00 -32.61
C VAL I 103 -37.68 16.17 -32.88
N GLU I 104 -37.33 16.92 -31.83
CA GLU I 104 -36.30 17.95 -31.94
C GLU I 104 -35.54 17.95 -30.63
N VAL I 105 -34.42 17.23 -30.61
CA VAL I 105 -33.70 16.92 -29.39
C VAL I 105 -32.20 16.99 -29.68
N PRO I 106 -31.39 17.59 -28.80
CA PRO I 106 -29.94 17.52 -28.98
C PRO I 106 -29.49 16.06 -28.85
N TYR I 107 -28.40 15.75 -29.56
CA TYR I 107 -28.03 14.36 -29.81
C TYR I 107 -27.84 13.59 -28.51
N GLY I 108 -27.03 14.11 -27.59
CA GLY I 108 -26.69 13.36 -26.40
C GLY I 108 -27.91 13.00 -25.58
N ASP I 109 -28.84 13.96 -25.43
CA ASP I 109 -29.96 13.84 -24.50
C ASP I 109 -30.94 12.76 -24.91
N PHE I 110 -31.07 12.53 -26.23
CA PHE I 110 -31.97 11.48 -26.68
C PHE I 110 -31.58 10.13 -26.15
N PHE I 111 -30.32 9.95 -25.76
CA PHE I 111 -29.83 8.67 -25.28
C PHE I 111 -29.36 8.79 -23.83
N CYS I 112 -29.94 9.74 -23.08
CA CYS I 112 -29.61 9.94 -21.66
C CYS I 112 -28.11 10.23 -21.44
N ASN I 113 -27.52 10.99 -22.36
CA ASN I 113 -26.11 11.39 -22.25
C ASN I 113 -25.96 12.85 -22.67
N GLY I 114 -26.74 13.72 -22.03
CA GLY I 114 -26.69 15.12 -22.39
C GLY I 114 -25.54 15.91 -21.82
N TRP I 115 -24.56 15.23 -21.20
CA TRP I 115 -23.43 15.91 -20.56
C TRP I 115 -22.10 15.66 -21.27
N GLY I 116 -22.10 14.91 -22.37
CA GLY I 116 -20.88 14.71 -23.12
C GLY I 116 -19.88 13.82 -22.43
N VAL I 117 -20.33 13.00 -21.48
CA VAL I 117 -19.50 12.06 -20.74
C VAL I 117 -20.27 10.75 -20.73
N PHE I 118 -19.69 9.69 -21.30
CA PHE I 118 -20.43 8.46 -21.54
C PHE I 118 -20.93 7.86 -20.23
N ALA I 119 -22.22 7.50 -20.21
CA ALA I 119 -22.81 6.75 -19.11
C ALA I 119 -23.57 5.54 -19.65
N GLN I 120 -23.28 4.36 -19.11
CA GLN I 120 -24.00 3.14 -19.48
C GLN I 120 -25.49 3.28 -19.17
N VAL I 121 -26.33 2.90 -20.12
CA VAL I 121 -27.78 2.88 -19.90
C VAL I 121 -28.30 1.52 -20.35
N ASN I 122 -28.95 0.81 -19.44
CA ASN I 122 -29.37 -0.59 -19.62
C ASN I 122 -30.88 -0.74 -19.77
N SER I 123 -31.60 0.28 -20.25
CA SER I 123 -33.05 0.29 -20.19
C SER I 123 -33.65 -0.43 -21.39
N GLN I 124 -34.98 -0.54 -21.38
CA GLN I 124 -35.71 -1.16 -22.48
C GLN I 124 -35.71 -0.28 -23.74
N ALA I 125 -36.05 1.00 -23.59
CA ALA I 125 -36.24 1.85 -24.75
C ALA I 125 -34.91 2.36 -25.30
N ILE I 126 -33.95 2.65 -24.42
CA ILE I 126 -32.68 3.28 -24.77
C ILE I 126 -31.54 2.45 -24.19
N ALA I 127 -30.57 2.12 -25.02
CA ALA I 127 -29.38 1.39 -24.56
C ALA I 127 -28.16 2.16 -25.02
N ALA I 128 -27.33 2.57 -24.07
CA ALA I 128 -26.13 3.34 -24.35
C ALA I 128 -24.92 2.54 -23.86
N ASN I 129 -24.03 2.16 -24.77
CA ASN I 129 -23.04 1.11 -24.60
C ASN I 129 -21.62 1.57 -24.94
N PRO I 130 -20.61 0.89 -24.40
CA PRO I 130 -19.21 1.30 -24.66
C PRO I 130 -18.90 1.33 -26.14
N HIS I 131 -18.30 2.43 -26.61
CA HIS I 131 -18.21 3.74 -25.96
C HIS I 131 -18.99 4.77 -26.79
N GLY I 132 -20.19 5.13 -26.33
CA GLY I 132 -21.06 5.95 -27.13
C GLY I 132 -21.88 5.21 -28.16
N GLY I 133 -22.17 3.92 -27.94
CA GLY I 133 -23.07 3.17 -28.77
C GLY I 133 -24.50 3.46 -28.38
N PHE I 134 -25.15 4.36 -29.13
CA PHE I 134 -26.46 4.90 -28.77
C PHE I 134 -27.54 4.18 -29.55
N ASN I 135 -28.49 3.59 -28.85
CA ASN I 135 -29.53 2.77 -29.48
C ASN I 135 -30.91 3.21 -29.01
N SER I 136 -31.82 3.39 -29.95
CA SER I 136 -33.21 3.70 -29.64
C SER I 136 -34.10 2.57 -30.12
N TYR I 137 -34.91 2.05 -29.21
CA TYR I 137 -35.91 1.06 -29.57
C TYR I 137 -37.32 1.60 -29.49
N TRP I 138 -37.48 2.90 -29.22
CA TRP I 138 -38.78 3.55 -29.35
C TRP I 138 -39.38 3.20 -30.71
N PRO I 139 -40.54 2.55 -30.76
CA PRO I 139 -41.20 2.35 -32.05
C PRO I 139 -41.76 3.68 -32.55
N MET I 140 -41.56 3.96 -33.84
CA MET I 140 -41.90 5.24 -34.45
C MET I 140 -42.71 4.99 -35.71
N PRO I 141 -44.02 4.80 -35.58
CA PRO I 141 -44.87 4.52 -36.75
C PRO I 141 -45.21 5.78 -37.52
N PHE I 142 -45.42 5.60 -38.82
CA PHE I 142 -45.82 6.71 -39.67
C PHE I 142 -46.68 6.17 -40.79
N ARG I 143 -47.58 7.00 -41.29
CA ARG I 143 -48.55 6.57 -42.29
C ARG I 143 -48.16 6.94 -43.72
N ASP I 144 -47.47 8.06 -43.92
CA ASP I 144 -47.13 8.53 -45.27
C ASP I 144 -45.74 9.18 -45.25
N GLY I 145 -44.71 8.37 -45.01
CA GLY I 145 -43.34 8.83 -45.12
C GLY I 145 -42.74 9.32 -43.80
N ALA I 146 -41.40 9.34 -43.76
CA ALA I 146 -40.68 9.77 -42.56
C ALA I 146 -39.29 10.28 -42.97
N ARG I 147 -38.82 11.30 -42.26
CA ARG I 147 -37.51 11.91 -42.50
C ARG I 147 -36.82 12.16 -41.18
N LEU I 148 -35.63 11.59 -41.00
CA LEU I 148 -34.78 11.85 -39.84
C LEU I 148 -33.56 12.64 -40.29
N THR I 149 -33.22 13.69 -39.53
CA THR I 149 -32.10 14.54 -39.87
C THR I 149 -31.24 14.78 -38.63
N ILE I 150 -30.02 15.25 -38.87
CA ILE I 150 -29.08 15.60 -37.82
C ILE I 150 -28.39 16.90 -38.24
N GLU I 151 -28.50 17.94 -37.42
CA GLU I 151 -27.94 19.23 -37.77
C GLU I 151 -26.64 19.45 -37.01
N ASN I 152 -25.57 19.77 -37.75
CA ASN I 152 -24.26 20.03 -37.16
C ASN I 152 -24.13 21.51 -36.85
N THR I 153 -24.38 21.87 -35.61
CA THR I 153 -24.37 23.24 -35.17
C THR I 153 -22.98 23.78 -34.84
N SER I 154 -21.94 22.94 -34.85
CA SER I 154 -20.63 23.34 -34.40
C SER I 154 -19.84 24.01 -35.53
N VAL I 155 -18.63 24.46 -35.19
CA VAL I 155 -17.76 25.13 -36.17
C VAL I 155 -16.81 24.14 -36.83
N VAL I 156 -16.88 22.86 -36.49
CA VAL I 156 -16.04 21.82 -37.07
C VAL I 156 -16.92 20.83 -37.83
N ASP I 157 -16.29 20.10 -38.74
CA ASP I 157 -16.93 18.96 -39.39
C ASP I 157 -17.03 17.77 -38.43
N VAL I 158 -18.09 16.99 -38.58
CA VAL I 158 -18.41 15.93 -37.64
C VAL I 158 -18.60 14.64 -38.43
N ARG I 159 -18.05 13.54 -37.93
CA ARG I 159 -18.28 12.23 -38.51
C ARG I 159 -19.38 11.51 -37.71
N VAL I 160 -20.27 10.81 -38.42
CA VAL I 160 -21.38 10.12 -37.79
C VAL I 160 -21.49 8.74 -38.42
N TYR I 161 -21.76 7.72 -37.60
CA TYR I 161 -22.13 6.40 -38.07
C TYR I 161 -23.55 6.12 -37.62
N TYR I 162 -24.32 5.40 -38.44
CA TYR I 162 -25.72 5.20 -38.06
C TYR I 162 -26.28 4.01 -38.80
N GLN I 163 -27.35 3.45 -38.22
CA GLN I 163 -28.10 2.33 -38.81
C GLN I 163 -29.54 2.54 -38.35
N VAL I 164 -30.44 2.84 -39.30
CA VAL I 164 -31.86 3.08 -39.00
C VAL I 164 -32.65 1.91 -39.58
N THR I 165 -33.22 1.09 -38.68
CA THR I 165 -33.97 -0.11 -39.07
C THR I 165 -35.45 0.12 -38.89
N TYR I 166 -36.24 -0.38 -39.85
CA TYR I 166 -37.67 -0.11 -39.87
C TYR I 166 -38.41 -1.25 -40.57
N GLU I 167 -39.68 -1.41 -40.23
CA GLU I 167 -40.57 -2.40 -40.83
C GLU I 167 -41.57 -1.72 -41.73
N ILE I 168 -41.92 -2.40 -42.82
CA ILE I 168 -43.00 -1.98 -43.71
C ILE I 168 -44.00 -3.11 -43.83
N GLY I 169 -45.27 -2.80 -43.64
CA GLY I 169 -46.29 -3.82 -43.82
C GLY I 169 -47.25 -3.93 -42.66
N GLY I 170 -46.98 -3.19 -41.62
CA GLY I 170 -47.97 -3.02 -40.58
C GLY I 170 -49.00 -2.01 -41.01
N ASP I 171 -50.08 -1.96 -40.25
CA ASP I 171 -51.13 -0.98 -40.43
C ASP I 171 -51.05 -0.03 -39.23
N HIS I 172 -50.68 1.22 -39.49
CA HIS I 172 -50.47 2.20 -38.43
C HIS I 172 -51.59 3.23 -38.39
N SER I 173 -52.78 2.81 -38.79
CA SER I 173 -53.95 3.69 -38.78
C SER I 173 -54.31 4.12 -37.36
N ASN I 174 -54.11 3.26 -36.35
CA ASN I 174 -54.39 3.62 -34.96
C ASN I 174 -53.13 3.74 -34.11
N ASP I 175 -51.97 3.95 -34.73
CA ASP I 175 -50.74 4.19 -33.99
C ASP I 175 -50.46 5.69 -33.96
N ALA I 176 -50.12 6.19 -32.77
CA ALA I 176 -49.70 7.57 -32.59
C ALA I 176 -48.28 7.79 -33.13
N TYR I 177 -47.94 9.07 -33.31
CA TYR I 177 -46.61 9.46 -33.73
C TYR I 177 -45.72 9.75 -32.53
N PHE I 178 -44.44 9.39 -32.65
CA PHE I 178 -43.48 9.58 -31.58
C PHE I 178 -42.97 11.02 -31.59
N HIS I 179 -43.04 11.68 -30.43
CA HIS I 179 -42.54 13.04 -30.25
C HIS I 179 -41.46 13.07 -29.18
N ALA I 180 -40.57 14.06 -29.27
CA ALA I 180 -39.61 14.32 -28.20
C ALA I 180 -39.22 15.79 -28.24
N GLN I 181 -39.25 16.47 -27.09
CA GLN I 181 -38.90 17.89 -27.02
C GLN I 181 -37.91 18.17 -25.89
N TRP I 182 -37.12 19.21 -26.07
CA TRP I 182 -36.04 19.55 -25.14
C TRP I 182 -36.18 20.98 -24.65
N ARG I 183 -35.97 21.19 -23.34
CA ARG I 183 -35.96 22.52 -22.75
C ARG I 183 -34.84 22.61 -21.71
N ARG I 184 -34.05 23.68 -21.76
CA ARG I 184 -32.99 23.89 -20.79
C ARG I 184 -33.18 25.20 -20.05
N SER I 185 -32.96 25.17 -18.73
CA SER I 185 -33.01 26.32 -17.85
C SER I 185 -31.66 26.47 -17.17
N ASN I 186 -30.94 27.56 -17.44
CA ASN I 186 -29.57 27.70 -16.96
C ASN I 186 -29.19 29.17 -16.78
N PRO I 187 -29.30 29.72 -15.56
CA PRO I 187 -29.87 29.13 -14.36
C PRO I 187 -31.37 29.38 -14.27
N LEU I 188 -32.11 28.35 -13.85
CA LEU I 188 -33.54 28.46 -13.65
C LEU I 188 -33.87 29.67 -12.79
N GLU I 189 -34.96 30.36 -13.12
CA GLU I 189 -35.34 31.54 -12.35
C GLU I 189 -35.79 31.17 -10.94
N GLU I 190 -35.69 32.15 -10.05
CA GLU I 190 -36.08 31.96 -8.66
C GLU I 190 -37.55 31.55 -8.56
N LEU I 191 -37.83 30.59 -7.68
CA LEU I 191 -39.17 30.11 -7.37
C LEU I 191 -40.02 29.93 -8.63
N THR I 192 -39.42 29.32 -9.65
CA THR I 192 -40.11 29.08 -10.92
C THR I 192 -39.93 27.60 -11.27
N PRO I 193 -40.99 26.85 -11.50
CA PRO I 193 -40.82 25.46 -11.95
C PRO I 193 -40.12 25.40 -13.31
N HIS I 194 -39.31 24.38 -13.50
CA HIS I 194 -38.72 24.14 -14.82
C HIS I 194 -39.74 23.46 -15.73
N VAL I 195 -40.01 24.07 -16.89
CA VAL I 195 -41.03 23.54 -17.80
C VAL I 195 -40.47 22.38 -18.59
N ILE I 196 -41.20 21.27 -18.60
CA ILE I 196 -40.84 20.07 -19.38
C ILE I 196 -41.63 19.98 -20.67
N LEU I 197 -42.94 20.20 -20.59
CA LEU I 197 -43.86 20.14 -21.72
C LEU I 197 -44.88 21.25 -21.52
N GLU I 198 -45.31 21.87 -22.63
CA GLU I 198 -46.26 22.97 -22.52
C GLU I 198 -47.16 23.01 -23.76
N GLY I 199 -48.46 23.18 -23.54
CA GLY I 199 -49.42 23.47 -24.60
C GLY I 199 -49.62 22.41 -25.66
N ILE I 200 -49.50 21.13 -25.32
CA ILE I 200 -49.64 20.07 -26.32
C ILE I 200 -51.11 19.79 -26.55
N GLU I 201 -51.52 19.67 -27.82
CA GLU I 201 -52.90 19.43 -28.20
C GLU I 201 -53.04 18.09 -28.92
N GLY I 202 -54.00 17.29 -28.51
CA GLY I 202 -54.34 16.06 -29.19
C GLY I 202 -54.55 14.94 -28.21
N GLU I 203 -54.73 13.74 -28.76
CA GLU I 203 -54.79 12.50 -27.97
C GLU I 203 -53.43 11.81 -28.00
N GLY I 204 -53.00 11.32 -26.85
CA GLY I 204 -51.75 10.58 -26.81
C GLY I 204 -51.46 10.06 -25.43
N HIS I 205 -50.18 9.77 -25.18
CA HIS I 205 -49.72 9.38 -23.86
C HIS I 205 -48.26 9.81 -23.66
N TYR I 206 -47.98 10.38 -22.48
CA TYR I 206 -46.62 10.74 -22.08
C TYR I 206 -45.85 9.48 -21.69
N VAL I 207 -44.70 9.24 -22.33
CA VAL I 207 -43.97 7.99 -22.14
C VAL I 207 -42.53 8.18 -21.64
N GLY I 208 -42.02 9.40 -21.52
CA GLY I 208 -40.62 9.51 -21.14
C GLY I 208 -40.09 10.85 -20.66
N THR I 209 -39.20 10.80 -19.66
CA THR I 209 -38.48 11.96 -19.15
C THR I 209 -37.02 11.59 -18.99
N TYR I 210 -36.12 12.39 -19.58
CA TYR I 210 -34.70 12.39 -19.23
C TYR I 210 -34.31 13.80 -18.78
N ILE I 211 -33.57 13.90 -17.67
CA ILE I 211 -33.18 15.19 -17.13
C ILE I 211 -31.67 15.22 -16.84
N ALA I 212 -31.02 16.27 -17.29
CA ALA I 212 -29.61 16.54 -17.03
C ALA I 212 -29.56 17.72 -16.07
N TRP I 213 -29.11 17.45 -14.83
CA TRP I 213 -29.22 18.38 -13.71
C TRP I 213 -27.82 18.69 -13.15
N GLY I 214 -27.43 19.96 -13.17
CA GLY I 214 -26.21 20.43 -12.53
C GLY I 214 -26.58 21.39 -11.40
N VAL I 215 -25.96 21.20 -10.25
CA VAL I 215 -26.44 21.80 -9.00
C VAL I 215 -25.57 22.97 -8.61
N ASN I 216 -26.20 24.08 -8.21
CA ASN I 216 -25.47 25.26 -7.80
C ASN I 216 -25.63 25.58 -6.32
N SER I 217 -26.21 24.67 -5.54
CA SER I 217 -26.32 24.86 -4.10
C SER I 217 -25.82 23.60 -3.41
N ASN I 218 -25.27 23.77 -2.22
CA ASN I 218 -24.89 22.61 -1.43
C ASN I 218 -26.13 21.95 -0.85
N GLY I 219 -25.97 20.75 -0.34
CA GLY I 219 -27.12 20.05 0.21
C GLY I 219 -27.78 19.19 -0.83
N TRP I 220 -28.87 18.55 -0.42
CA TRP I 220 -29.65 17.74 -1.34
C TRP I 220 -30.50 18.66 -2.19
N TRP I 221 -30.63 18.31 -3.47
CA TRP I 221 -31.12 19.24 -4.48
C TRP I 221 -32.39 18.76 -5.16
N GLY I 222 -32.92 17.60 -4.75
CA GLY I 222 -33.97 16.93 -5.50
C GLY I 222 -35.29 16.82 -4.74
N GLU I 223 -35.59 17.81 -3.92
CA GLU I 223 -36.88 17.78 -3.22
C GLU I 223 -38.05 18.09 -4.13
N GLY I 224 -37.82 18.79 -5.24
CA GLY I 224 -38.91 19.33 -6.03
C GLY I 224 -39.76 18.24 -6.65
N GLU I 225 -41.08 18.48 -6.70
CA GLU I 225 -42.04 17.53 -7.25
C GLU I 225 -42.30 17.81 -8.74
N ILE I 226 -42.63 16.73 -9.47
CA ILE I 226 -43.05 16.81 -10.87
C ILE I 226 -44.59 16.90 -10.90
N LYS I 227 -45.12 17.65 -11.85
CA LYS I 227 -46.56 17.91 -11.96
C LYS I 227 -46.99 17.76 -13.41
N PHE I 228 -47.99 16.90 -13.65
CA PHE I 228 -48.58 16.66 -14.97
C PHE I 228 -49.98 17.30 -14.99
N TYR I 229 -50.13 18.39 -15.75
CA TYR I 229 -51.44 19.00 -15.98
C TYR I 229 -52.01 18.41 -17.27
N LEU I 230 -53.08 17.63 -17.17
CA LEU I 230 -53.64 16.92 -18.31
C LEU I 230 -55.08 17.38 -18.61
N ASP I 231 -55.41 17.41 -19.90
CA ASP I 231 -56.76 17.68 -20.42
C ASP I 231 -57.20 19.07 -19.97
N ASP I 232 -58.27 19.20 -19.16
CA ASP I 232 -58.80 20.50 -18.76
C ASP I 232 -58.14 21.07 -17.50
N ASP I 233 -57.08 20.44 -17.01
CA ASP I 233 -56.32 21.01 -15.91
C ASP I 233 -55.94 22.46 -16.22
N THR I 234 -56.14 23.34 -15.24
CA THR I 234 -55.76 24.73 -15.39
C THR I 234 -54.66 24.99 -14.33
N ASP I 235 -55.03 25.32 -13.10
CA ASP I 235 -54.08 25.77 -12.10
C ASP I 235 -53.60 24.65 -11.16
N HIS I 236 -54.08 23.42 -11.36
CA HIS I 236 -53.73 22.33 -10.47
C HIS I 236 -53.68 21.03 -11.26
N PRO I 237 -52.64 20.24 -11.09
CA PRO I 237 -52.41 19.06 -11.94
C PRO I 237 -53.20 17.84 -11.48
N THR I 238 -53.22 16.84 -12.35
CA THR I 238 -53.89 15.57 -12.08
C THR I 238 -52.94 14.61 -11.40
N ILE I 239 -51.67 14.64 -11.77
CA ILE I 239 -50.63 13.82 -11.17
C ILE I 239 -49.63 14.78 -10.55
N CYS I 240 -49.44 14.67 -9.24
CA CYS I 240 -48.46 15.47 -8.51
C CYS I 240 -47.53 14.51 -7.79
N GLY I 241 -46.23 14.58 -8.10
CA GLY I 241 -45.25 13.70 -7.49
C GLY I 241 -44.78 14.20 -6.12
N THR I 242 -43.81 13.47 -5.55
CA THR I 242 -43.37 13.76 -4.18
C THR I 242 -41.89 14.13 -4.10
N GLY I 243 -41.19 14.26 -5.22
CA GLY I 243 -39.76 14.55 -5.22
C GLY I 243 -39.09 14.14 -6.52
N THR I 244 -37.88 14.69 -6.72
CA THR I 244 -37.15 14.49 -7.97
C THR I 244 -36.53 13.10 -8.03
N GLU I 245 -35.90 12.65 -6.95
CA GLU I 245 -35.45 11.28 -6.95
C GLU I 245 -36.64 10.33 -6.90
N ASP I 246 -37.71 10.72 -6.22
CA ASP I 246 -38.92 9.89 -6.16
C ASP I 246 -39.48 9.66 -7.56
N TYR I 247 -39.56 10.73 -8.37
CA TYR I 247 -40.09 10.56 -9.72
C TYR I 247 -39.26 9.55 -10.50
N PHE I 248 -37.95 9.53 -10.27
CA PHE I 248 -37.07 8.68 -11.05
C PHE I 248 -36.89 7.30 -10.41
N GLY I 249 -37.79 6.90 -9.50
CA GLY I 249 -37.73 5.59 -8.89
C GLY I 249 -36.72 5.42 -7.78
N GLY I 250 -35.91 6.43 -7.48
CA GLY I 250 -35.02 6.41 -6.35
C GLY I 250 -35.72 6.85 -5.08
N ALA I 251 -34.92 7.07 -4.03
CA ALA I 251 -35.46 7.56 -2.76
C ALA I 251 -34.31 8.02 -1.89
N TRP I 252 -34.61 8.90 -0.93
CA TRP I 252 -33.64 9.42 0.04
C TRP I 252 -32.34 9.83 -0.64
N ASN I 253 -32.45 10.76 -1.58
CA ASN I 253 -31.32 11.43 -2.22
C ASN I 253 -30.44 10.52 -3.08
N PHE I 254 -30.90 9.32 -3.45
CA PHE I 254 -30.06 8.33 -4.12
C PHE I 254 -28.87 7.91 -3.27
N ASP I 255 -28.92 8.20 -1.98
CA ASP I 255 -27.73 8.17 -1.13
C ASP I 255 -27.67 6.83 -0.40
N ILE I 256 -26.88 5.90 -0.92
CA ILE I 256 -26.66 4.63 -0.21
C ILE I 256 -25.68 4.89 0.92
N PRO I 257 -26.08 4.63 2.19
CA PRO I 257 -25.24 4.98 3.35
C PRO I 257 -23.80 4.51 3.26
N GLY I 258 -22.87 5.46 3.33
CA GLY I 258 -21.46 5.13 3.28
C GLY I 258 -20.91 4.94 1.89
N LYS I 259 -21.76 5.05 0.86
CA LYS I 259 -21.31 5.07 -0.52
C LYS I 259 -21.74 6.32 -1.29
N GLY I 260 -22.73 7.06 -0.81
CA GLY I 260 -23.14 8.28 -1.44
C GLY I 260 -24.08 8.06 -2.61
N TYR I 261 -24.08 9.04 -3.52
CA TYR I 261 -24.87 8.95 -4.74
C TYR I 261 -24.47 7.71 -5.51
N THR I 262 -25.44 6.89 -5.89
CA THR I 262 -25.17 5.63 -6.56
C THR I 262 -25.89 5.61 -7.89
N GLU I 263 -25.14 5.41 -8.98
CA GLU I 263 -25.74 5.20 -10.28
C GLU I 263 -26.52 3.89 -10.31
N PHE I 264 -27.57 3.87 -11.14
CA PHE I 264 -28.39 2.68 -11.32
C PHE I 264 -29.11 2.81 -12.65
N SER I 265 -29.47 1.67 -13.24
CA SER I 265 -30.13 1.71 -14.55
C SER I 265 -31.04 0.49 -14.69
N THR I 266 -32.34 0.70 -14.69
CA THR I 266 -33.25 -0.45 -14.74
C THR I 266 -34.07 -0.37 -16.02
N PRO I 267 -35.01 -1.28 -16.30
CA PRO I 267 -35.77 -1.18 -17.57
C PRO I 267 -36.49 0.14 -17.77
N TYR I 268 -37.10 0.68 -16.70
CA TYR I 268 -37.91 1.90 -16.80
C TYR I 268 -37.40 3.03 -15.95
N LEU I 269 -36.39 2.80 -15.11
CA LEU I 269 -35.98 3.80 -14.13
C LEU I 269 -34.47 3.85 -14.05
N GLY I 270 -33.90 5.04 -13.97
CA GLY I 270 -32.47 5.10 -13.86
C GLY I 270 -31.86 6.42 -13.44
N MET I 271 -30.80 6.37 -12.64
CA MET I 271 -29.86 7.48 -12.67
C MET I 271 -28.56 6.98 -13.28
N PRO I 272 -28.45 6.95 -14.62
CA PRO I 272 -27.24 6.39 -15.23
C PRO I 272 -25.98 7.19 -14.98
N GLN I 273 -26.05 8.47 -14.59
CA GLN I 273 -24.86 9.32 -14.60
C GLN I 273 -24.76 10.18 -13.35
N VAL I 274 -23.63 10.07 -12.66
CA VAL I 274 -23.21 11.05 -11.66
C VAL I 274 -21.82 11.53 -12.06
N ILE I 275 -21.67 12.83 -12.24
CA ILE I 275 -20.38 13.42 -12.56
C ILE I 275 -19.91 14.16 -11.32
N ARG I 276 -18.69 13.84 -10.86
CA ARG I 276 -18.17 14.44 -9.64
C ARG I 276 -17.05 15.40 -9.98
N PRO I 277 -17.09 16.62 -9.44
CA PRO I 277 -16.02 17.59 -9.74
C PRO I 277 -14.65 17.01 -9.44
N ASP I 278 -13.70 17.26 -10.35
CA ASP I 278 -12.35 16.75 -10.16
C ASP I 278 -11.49 17.68 -9.33
N GLY I 279 -12.06 18.78 -8.83
CA GLY I 279 -11.31 19.69 -8.01
C GLY I 279 -10.44 20.65 -8.77
N LEU I 280 -10.48 20.61 -10.10
CA LEU I 280 -9.79 21.58 -10.93
C LEU I 280 -10.78 22.20 -11.91
N TYR I 281 -10.74 21.83 -13.19
CA TYR I 281 -11.56 22.53 -14.17
C TYR I 281 -12.90 21.87 -14.42
N VAL I 282 -13.08 20.61 -14.02
CA VAL I 282 -14.41 19.99 -14.05
C VAL I 282 -15.02 20.29 -12.69
N SER I 283 -15.67 21.44 -12.58
CA SER I 283 -16.11 21.93 -11.28
C SER I 283 -17.61 21.77 -11.05
N GLN I 284 -18.38 21.30 -12.02
CA GLN I 284 -19.82 21.22 -11.89
C GLN I 284 -20.23 19.79 -11.54
N GLN I 285 -20.92 19.64 -10.41
CA GLN I 285 -21.50 18.36 -10.02
C GLN I 285 -22.79 18.14 -10.77
N ARG I 286 -22.91 17.00 -11.47
CA ARG I 286 -23.99 16.83 -12.42
C ARG I 286 -24.57 15.42 -12.37
N PHE I 287 -25.83 15.31 -12.81
CA PHE I 287 -26.58 14.06 -12.77
C PHE I 287 -27.36 13.90 -14.06
N GLY I 288 -27.61 12.64 -14.42
CA GLY I 288 -28.48 12.27 -15.53
C GLY I 288 -29.50 11.24 -15.09
N MET I 289 -30.78 11.51 -15.36
CA MET I 289 -31.86 10.67 -14.87
C MET I 289 -32.87 10.44 -15.98
N TYR I 290 -33.42 9.23 -16.02
CA TYR I 290 -34.46 8.93 -17.00
C TYR I 290 -35.56 8.14 -16.33
N ARG I 291 -36.78 8.29 -16.85
CA ARG I 291 -37.87 7.41 -16.51
C ARG I 291 -38.72 7.19 -17.74
N TRP I 292 -38.96 5.93 -18.09
CA TRP I 292 -39.85 5.56 -19.17
C TRP I 292 -41.17 5.07 -18.60
N HIS I 293 -42.27 5.59 -19.13
CA HIS I 293 -43.61 5.22 -18.69
C HIS I 293 -44.21 4.26 -19.71
N LEU I 294 -43.63 3.07 -19.78
CA LEU I 294 -44.02 2.08 -20.77
C LEU I 294 -45.20 1.22 -20.29
N GLN I 295 -44.99 0.47 -19.20
CA GLN I 295 -46.09 -0.22 -18.56
C GLN I 295 -47.12 0.75 -17.96
N ASP I 296 -46.71 1.99 -17.66
CA ASP I 296 -47.57 2.97 -16.99
C ASP I 296 -47.58 4.30 -17.73
N PRO I 297 -47.98 4.33 -19.00
CA PRO I 297 -48.04 5.60 -19.72
C PRO I 297 -49.04 6.54 -19.06
N ILE I 298 -48.77 7.83 -19.15
CA ILE I 298 -49.69 8.85 -18.66
C ILE I 298 -50.53 9.29 -19.86
N HIS I 299 -51.78 8.84 -19.90
CA HIS I 299 -52.66 9.10 -21.03
C HIS I 299 -53.26 10.49 -20.96
N PHE I 300 -53.62 11.02 -22.12
CA PHE I 300 -54.43 12.22 -22.20
C PHE I 300 -55.38 12.10 -23.38
N ALA I 301 -56.57 12.69 -23.24
CA ALA I 301 -57.57 12.67 -24.29
C ALA I 301 -57.53 13.91 -25.17
N THR I 302 -57.21 15.06 -24.58
CA THR I 302 -57.37 16.37 -25.18
C THR I 302 -56.06 17.09 -25.42
N GLY I 303 -55.19 17.13 -24.41
CA GLY I 303 -53.84 17.61 -24.60
C GLY I 303 -53.08 17.56 -23.30
N ILE I 304 -51.82 18.00 -23.36
CA ILE I 304 -51.03 18.20 -22.14
C ILE I 304 -50.81 19.70 -21.99
N PRO I 305 -51.60 20.39 -21.17
CA PRO I 305 -51.32 21.81 -20.93
C PRO I 305 -49.90 22.06 -20.41
N LYS I 306 -49.44 21.27 -19.44
CA LYS I 306 -48.17 21.57 -18.80
C LYS I 306 -47.64 20.37 -18.03
N VAL I 307 -46.40 20.00 -18.29
CA VAL I 307 -45.61 19.13 -17.40
C VAL I 307 -44.44 19.97 -16.89
N ASP I 308 -44.20 19.95 -15.58
CA ASP I 308 -43.06 20.68 -15.03
C ASP I 308 -42.58 20.03 -13.73
N ILE I 309 -41.43 20.51 -13.26
CA ILE I 309 -40.76 20.01 -12.07
C ILE I 309 -40.21 21.20 -11.29
N GLN I 310 -40.28 21.13 -9.96
CA GLN I 310 -39.75 22.18 -9.11
C GLN I 310 -38.27 21.92 -8.85
N ALA I 311 -37.53 22.99 -8.60
CA ALA I 311 -36.13 22.90 -8.20
C ALA I 311 -36.02 23.36 -6.75
N LEU I 312 -36.01 22.40 -5.82
CA LEU I 312 -36.01 22.69 -4.40
C LEU I 312 -34.91 21.91 -3.69
N GLY I 313 -34.03 22.64 -3.01
CA GLY I 313 -33.04 22.08 -2.10
C GLY I 313 -33.36 22.45 -0.67
N TRP I 314 -32.36 22.64 0.18
CA TRP I 314 -32.57 22.97 1.58
C TRP I 314 -31.73 24.16 2.02
N ARG I 315 -32.29 24.97 2.90
CA ARG I 315 -31.52 25.99 3.61
C ARG I 315 -31.86 25.89 5.09
N SER I 316 -31.28 26.78 5.90
CA SER I 316 -31.38 26.64 7.35
C SER I 316 -32.82 26.76 7.85
N GLY I 317 -33.08 26.11 8.98
CA GLY I 317 -34.42 26.12 9.55
C GLY I 317 -35.36 25.09 8.96
N TRP I 318 -34.82 24.06 8.32
CA TRP I 318 -35.60 23.08 7.57
C TRP I 318 -36.56 23.77 6.61
N ARG I 319 -36.05 24.78 5.90
CA ARG I 319 -36.78 25.51 4.86
C ARG I 319 -36.32 25.04 3.47
N TYR I 320 -37.27 24.89 2.55
CA TYR I 320 -36.90 24.59 1.18
C TYR I 320 -36.10 25.74 0.60
N LEU I 321 -35.11 25.41 -0.22
CA LEU I 321 -34.33 26.43 -0.90
C LEU I 321 -34.65 26.41 -2.39
N PRO I 322 -35.23 27.47 -2.95
CA PRO I 322 -35.44 27.51 -4.41
C PRO I 322 -34.09 27.51 -5.11
N LEU I 323 -33.92 26.61 -6.07
CA LEU I 323 -32.62 26.37 -6.68
C LEU I 323 -32.49 27.16 -7.99
N ARG I 324 -31.38 27.86 -8.14
CA ARG I 324 -31.02 28.51 -9.40
C ARG I 324 -30.09 27.59 -10.19
N ASP I 325 -30.65 26.44 -10.59
CA ASP I 325 -29.87 25.31 -11.08
C ASP I 325 -29.90 25.20 -12.60
N ASP I 326 -29.11 24.27 -13.13
CA ASP I 326 -28.93 24.04 -14.57
C ASP I 326 -29.66 22.73 -14.91
N ILE I 327 -30.85 22.85 -15.51
CA ILE I 327 -31.79 21.75 -15.62
C ILE I 327 -32.25 21.68 -17.06
N ALA I 328 -32.02 20.53 -17.71
CA ALA I 328 -32.43 20.33 -19.09
C ALA I 328 -33.23 19.04 -19.13
N SER I 329 -34.40 19.09 -19.77
CA SER I 329 -35.30 17.95 -19.82
C SER I 329 -35.55 17.53 -21.26
N THR I 330 -35.71 16.22 -21.44
CA THR I 330 -36.15 15.65 -22.71
C THR I 330 -37.44 14.88 -22.45
N ALA I 331 -38.53 15.31 -23.08
CA ALA I 331 -39.84 14.71 -22.88
C ALA I 331 -40.23 13.90 -24.10
N MET I 332 -40.61 12.64 -23.87
CA MET I 332 -41.04 11.72 -24.92
C MET I 332 -42.53 11.48 -24.79
N PHE I 333 -43.28 11.66 -25.88
CA PHE I 333 -44.71 11.36 -25.85
C PHE I 333 -45.17 10.87 -27.21
N TYR I 334 -46.20 10.04 -27.20
CA TYR I 334 -46.92 9.66 -28.40
C TYR I 334 -48.14 10.56 -28.57
N LEU I 335 -48.44 10.95 -29.82
CA LEU I 335 -49.51 11.89 -30.12
C LEU I 335 -50.20 11.50 -31.42
N ASP I 336 -51.48 11.80 -31.53
CA ASP I 336 -52.23 11.39 -32.71
C ASP I 336 -52.13 12.40 -33.84
N ARG I 337 -51.22 13.37 -33.74
CA ARG I 337 -50.87 14.28 -34.81
C ARG I 337 -49.35 14.30 -35.01
N PRO I 338 -48.88 14.55 -36.24
CA PRO I 338 -47.43 14.56 -36.48
C PRO I 338 -46.69 15.78 -35.94
N THR I 339 -47.38 16.79 -35.43
CA THR I 339 -46.72 18.01 -34.96
C THR I 339 -47.41 18.50 -33.69
N ALA I 340 -46.71 19.36 -32.96
CA ALA I 340 -47.23 19.88 -31.71
C ALA I 340 -46.47 21.16 -31.34
N ARG I 341 -47.05 21.94 -30.45
CA ARG I 341 -46.35 23.10 -29.93
C ARG I 341 -45.03 22.65 -29.31
N ARG I 342 -43.94 23.32 -29.68
CA ARG I 342 -42.59 22.97 -29.32
C ARG I 342 -41.93 24.16 -28.63
N PRO I 343 -40.86 23.93 -27.88
CA PRO I 343 -40.06 25.07 -27.41
C PRO I 343 -39.29 25.71 -28.56
N LYS I 344 -38.60 26.79 -28.25
CA LYS I 344 -37.65 27.37 -29.21
C LYS I 344 -36.64 26.31 -29.64
N SER I 345 -36.25 26.36 -30.91
CA SER I 345 -35.22 25.45 -31.42
C SER I 345 -33.90 25.61 -30.66
N PRO I 346 -33.26 24.50 -30.28
CA PRO I 346 -31.97 24.62 -29.54
C PRO I 346 -30.90 25.31 -30.38
N SER I 347 -30.24 26.30 -29.79
CA SER I 347 -29.08 26.98 -30.37
C SER I 347 -27.77 26.39 -29.87
N ALA I 348 -26.70 26.63 -30.63
CA ALA I 348 -25.35 26.22 -30.22
C ALA I 348 -25.06 26.63 -28.78
N ASP I 349 -25.30 27.90 -28.47
CA ASP I 349 -24.90 28.44 -27.17
C ASP I 349 -25.72 27.81 -26.05
N ASP I 350 -27.02 27.58 -26.26
CA ASP I 350 -27.85 27.01 -25.20
C ASP I 350 -27.56 25.53 -24.98
N MET I 351 -27.12 24.83 -26.02
CA MET I 351 -26.78 23.42 -25.88
C MET I 351 -25.41 23.22 -25.21
N GLU I 352 -24.50 24.19 -25.34
CA GLU I 352 -23.08 23.94 -25.12
C GLU I 352 -22.78 23.47 -23.71
N VAL I 353 -21.96 22.43 -23.62
CA VAL I 353 -21.33 22.01 -22.37
C VAL I 353 -19.82 22.01 -22.60
N HIS I 354 -19.07 22.18 -21.52
CA HIS I 354 -17.61 22.24 -21.59
C HIS I 354 -17.04 20.94 -22.16
N LEU I 355 -16.15 21.08 -23.16
CA LEU I 355 -15.47 19.93 -23.73
C LEU I 355 -14.19 19.62 -22.95
N GLY I 356 -14.04 18.39 -22.52
CA GLY I 356 -12.81 18.01 -21.91
C GLY I 356 -12.66 18.57 -20.50
N THR I 357 -11.40 18.61 -20.07
CA THR I 357 -11.07 18.89 -18.68
C THR I 357 -10.03 19.99 -18.55
N ALA I 358 -9.71 20.67 -19.63
CA ALA I 358 -8.71 21.72 -19.66
C ALA I 358 -9.38 23.07 -19.37
N PRO I 359 -8.60 24.15 -19.20
CA PRO I 359 -9.22 25.46 -18.91
C PRO I 359 -10.17 25.97 -19.98
N VAL I 360 -9.95 25.58 -21.24
CA VAL I 360 -10.67 26.11 -22.39
C VAL I 360 -11.24 24.92 -23.15
N PRO I 361 -12.52 24.94 -23.57
CA PRO I 361 -13.06 23.78 -24.30
C PRO I 361 -12.19 23.36 -25.47
N ASP I 362 -11.63 24.35 -26.16
CA ASP I 362 -10.80 24.08 -27.34
C ASP I 362 -9.55 23.31 -26.98
N LEU I 363 -9.04 23.46 -25.75
CA LEU I 363 -7.83 22.75 -25.36
C LEU I 363 -8.11 21.28 -25.05
N GLY I 364 -9.33 20.95 -24.64
CA GLY I 364 -9.74 19.60 -24.31
C GLY I 364 -10.50 18.87 -25.40
N ALA I 365 -10.68 19.48 -26.58
CA ALA I 365 -11.32 18.82 -27.70
C ALA I 365 -10.37 17.82 -28.36
N THR I 366 -10.93 16.94 -29.19
CA THR I 366 -10.18 15.87 -29.86
C THR I 366 -10.17 16.08 -31.38
N PRO I 367 -9.08 16.58 -31.96
CA PRO I 367 -7.87 17.11 -31.31
C PRO I 367 -8.07 18.55 -30.82
N PRO I 368 -7.16 19.05 -29.99
CA PRO I 368 -7.25 20.45 -29.55
C PRO I 368 -7.37 21.41 -30.73
N ARG I 369 -8.28 22.38 -30.61
CA ARG I 369 -8.61 23.22 -31.76
C ARG I 369 -7.51 24.23 -32.04
N VAL I 370 -7.16 25.04 -31.04
CA VAL I 370 -6.01 25.94 -31.14
C VAL I 370 -6.14 26.83 -32.37
N LEU I 371 -7.22 27.61 -32.42
CA LEU I 371 -7.51 28.51 -33.54
C LEU I 371 -7.63 29.96 -33.08
N PRO J 2 -49.58 -1.05 -21.49
CA PRO J 2 -48.93 -1.66 -22.65
C PRO J 2 -47.46 -2.01 -22.37
N ASP J 3 -46.61 -2.08 -23.40
CA ASP J 3 -45.18 -2.27 -23.24
C ASP J 3 -44.47 -1.62 -24.45
N LEU J 4 -43.14 -1.78 -24.53
CA LEU J 4 -42.37 -1.18 -25.62
C LEU J 4 -42.96 -1.53 -26.98
N ASN J 5 -43.31 -2.82 -27.18
CA ASN J 5 -43.79 -3.29 -28.47
C ASN J 5 -45.12 -2.66 -28.86
N SER J 6 -46.00 -2.39 -27.89
CA SER J 6 -47.33 -1.90 -28.22
C SER J 6 -47.56 -0.46 -27.77
N ILE J 7 -46.51 0.28 -27.38
CA ILE J 7 -46.69 1.58 -26.75
C ILE J 7 -47.24 2.64 -27.71
N ALA J 8 -47.10 2.46 -29.02
CA ALA J 8 -47.52 3.51 -29.95
C ALA J 8 -49.02 3.54 -30.19
N ALA J 9 -49.75 2.49 -29.79
CA ALA J 9 -51.17 2.38 -30.08
C ALA J 9 -51.99 3.41 -29.32
N LEU J 10 -52.92 4.06 -30.01
CA LEU J 10 -53.86 4.95 -29.35
C LEU J 10 -54.91 4.11 -28.60
N ARG J 11 -55.15 4.46 -27.33
CA ARG J 11 -56.12 3.75 -26.51
C ARG J 11 -56.97 4.74 -25.74
N GLN J 12 -58.26 4.39 -25.57
CA GLN J 12 -59.23 5.17 -24.80
C GLN J 12 -59.05 4.85 -23.33
N VAL J 13 -58.06 5.49 -22.72
CA VAL J 13 -57.69 5.18 -21.34
C VAL J 13 -57.38 6.50 -20.64
N GLN J 14 -57.69 6.55 -19.35
CA GLN J 14 -57.27 7.65 -18.52
C GLN J 14 -56.26 7.16 -17.49
N THR J 15 -55.28 8.01 -17.18
CA THR J 15 -54.27 7.70 -16.18
C THR J 15 -54.53 8.59 -14.98
N ARG J 16 -54.62 7.99 -13.80
CA ARG J 16 -54.67 8.75 -12.56
C ARG J 16 -53.58 8.23 -11.63
N SER J 17 -53.30 9.03 -10.59
CA SER J 17 -52.18 8.73 -9.69
C SER J 17 -52.49 9.26 -8.30
N ILE J 18 -52.52 8.36 -7.32
CA ILE J 18 -52.80 8.69 -5.93
C ILE J 18 -51.47 8.87 -5.19
N SER J 19 -51.35 9.99 -4.49
CA SER J 19 -50.16 10.28 -3.69
C SER J 19 -50.56 11.24 -2.58
N PRO J 20 -49.70 11.44 -1.58
CA PRO J 20 -50.00 12.47 -0.56
C PRO J 20 -50.28 13.86 -1.10
N GLU J 21 -49.96 14.16 -2.36
CA GLU J 21 -50.28 15.45 -2.95
C GLU J 21 -51.58 15.42 -3.74
N ASN J 22 -52.19 14.24 -3.86
CA ASN J 22 -53.52 14.06 -4.44
C ASN J 22 -54.07 12.75 -3.88
N PHE J 23 -54.68 12.83 -2.68
CA PHE J 23 -55.03 11.64 -1.92
C PHE J 23 -56.04 10.77 -2.66
N ASP J 24 -57.00 11.37 -3.37
CA ASP J 24 -58.02 10.59 -4.06
C ASP J 24 -57.74 10.44 -5.55
N GLY J 25 -56.71 11.09 -6.09
CA GLY J 25 -56.32 10.88 -7.47
C GLY J 25 -57.19 11.55 -8.49
N THR J 26 -57.95 12.57 -8.10
CA THR J 26 -58.92 13.20 -8.98
C THR J 26 -58.23 14.07 -10.02
N ALA J 27 -58.91 14.24 -11.16
CA ALA J 27 -58.45 15.17 -12.17
C ALA J 27 -58.36 16.58 -11.59
N GLY J 28 -57.25 17.26 -11.85
CA GLY J 28 -57.11 18.60 -11.29
C GLY J 28 -57.01 18.67 -9.78
N GLY J 29 -56.82 17.55 -9.09
CA GLY J 29 -56.88 17.54 -7.65
C GLY J 29 -55.56 17.55 -6.91
N GLY J 30 -54.43 17.64 -7.60
CA GLY J 30 -53.13 17.56 -6.96
C GLY J 30 -52.52 18.90 -6.62
N GLY J 31 -51.67 18.92 -5.60
CA GLY J 31 -50.97 20.15 -5.24
C GLY J 31 -51.81 21.23 -4.60
N ARG J 32 -52.98 20.87 -4.07
CA ARG J 32 -53.92 21.84 -3.49
C ARG J 32 -53.74 22.04 -2.00
N ALA J 33 -52.95 21.20 -1.34
CA ALA J 33 -52.86 21.21 0.12
C ALA J 33 -52.25 22.50 0.63
N THR J 34 -52.82 23.02 1.71
CA THR J 34 -52.19 24.08 2.47
C THR J 34 -51.64 23.59 3.81
N GLU J 35 -52.03 22.39 4.23
CA GLU J 35 -51.46 21.72 5.39
C GLU J 35 -50.84 20.40 4.94
N GLY J 36 -49.91 19.90 5.75
CA GLY J 36 -49.29 18.61 5.51
C GLY J 36 -47.85 18.59 6.00
N THR J 37 -47.15 17.49 5.69
CA THR J 37 -45.83 17.27 6.29
C THR J 37 -44.76 18.23 5.80
N GLY J 38 -44.95 18.88 4.67
CA GLY J 38 -44.01 19.88 4.18
C GLY J 38 -44.42 21.32 4.41
N ALA J 39 -45.52 21.57 5.12
CA ALA J 39 -46.08 22.91 5.21
C ALA J 39 -45.10 23.88 5.85
N ASP J 40 -44.53 23.50 7.00
CA ASP J 40 -43.61 24.39 7.70
C ASP J 40 -42.32 24.61 6.90
N CYS J 41 -41.84 23.58 6.19
CA CYS J 41 -40.69 23.73 5.29
C CYS J 41 -40.94 24.78 4.22
N ALA J 42 -42.20 25.02 3.89
CA ALA J 42 -42.56 25.96 2.85
C ALA J 42 -43.03 27.30 3.40
N ARG J 43 -42.83 27.54 4.70
CA ARG J 43 -43.40 28.74 5.33
C ARG J 43 -42.96 30.03 4.63
N ASP J 44 -41.76 30.07 4.05
CA ASP J 44 -41.31 31.29 3.39
C ASP J 44 -41.75 31.37 1.95
N LEU J 45 -42.20 30.27 1.37
CA LEU J 45 -42.75 30.21 0.02
C LEU J 45 -44.27 30.16 0.16
N GLY J 46 -44.96 30.12 -0.96
CA GLY J 46 -46.41 30.00 -0.91
C GLY J 46 -46.84 28.57 -0.68
N PRO J 47 -48.15 28.31 -0.70
CA PRO J 47 -48.61 26.94 -0.93
C PRO J 47 -48.33 26.58 -2.37
N GLY J 48 -48.55 25.31 -2.70
CA GLY J 48 -48.08 24.75 -3.95
C GLY J 48 -46.60 24.42 -3.99
N TRP J 49 -45.88 24.62 -2.89
CA TRP J 49 -44.44 24.33 -2.86
C TRP J 49 -44.18 23.15 -1.91
N LYS J 50 -44.42 21.95 -2.42
CA LYS J 50 -44.15 20.68 -1.71
C LYS J 50 -44.73 20.70 -0.30
N ILE J 51 -46.06 20.87 -0.23
CA ILE J 51 -46.76 21.03 1.03
C ILE J 51 -47.16 19.69 1.66
N SER J 52 -47.39 18.66 0.85
CA SER J 52 -47.90 17.37 1.34
C SER J 52 -47.23 16.21 0.62
N PRO J 53 -45.91 16.05 0.76
CA PRO J 53 -45.22 14.98 0.01
C PRO J 53 -45.29 13.62 0.67
N SER J 54 -45.71 13.52 1.94
CA SER J 54 -45.62 12.28 2.69
C SER J 54 -46.70 12.26 3.75
N VAL J 55 -46.78 11.12 4.47
CA VAL J 55 -47.73 10.93 5.55
C VAL J 55 -47.00 10.30 6.73
N ASP J 56 -47.52 10.58 7.94
CA ASP J 56 -47.04 9.98 9.17
C ASP J 56 -48.08 8.97 9.64
N ILE J 57 -47.67 7.71 9.76
CA ILE J 57 -48.54 6.65 10.25
C ILE J 57 -48.14 6.34 11.68
N LYS J 58 -49.05 6.57 12.61
CA LYS J 58 -48.71 6.47 14.01
C LYS J 58 -48.55 5.00 14.40
N ALA J 59 -47.77 4.79 15.46
CA ALA J 59 -47.51 3.43 15.96
C ALA J 59 -48.81 2.65 16.11
N GLY J 60 -48.82 1.42 15.58
CA GLY J 60 -49.95 0.53 15.71
C GLY J 60 -51.02 0.71 14.65
N GLU J 61 -51.09 1.86 14.00
CA GLU J 61 -52.21 2.20 13.16
C GLU J 61 -51.99 1.78 11.71
N THR J 62 -53.11 1.63 11.00
CA THR J 62 -53.11 1.37 9.57
C THR J 62 -53.46 2.64 8.81
N PHE J 63 -52.82 2.85 7.68
CA PHE J 63 -53.13 3.96 6.80
C PHE J 63 -53.60 3.42 5.45
N GLU J 64 -54.61 4.08 4.88
CA GLU J 64 -55.17 3.69 3.57
C GLU J 64 -54.44 4.45 2.47
N LEU J 65 -53.49 3.79 1.81
CA LEU J 65 -52.72 4.45 0.75
C LEU J 65 -53.64 4.92 -0.37
N ALA J 66 -54.54 4.06 -0.82
CA ALA J 66 -55.38 4.35 -1.97
C ALA J 66 -56.72 3.64 -1.81
N SER J 67 -57.79 4.35 -2.18
CA SER J 67 -59.11 3.76 -2.33
C SER J 67 -59.68 4.20 -3.68
N ILE J 68 -59.93 3.26 -4.57
CA ILE J 68 -60.37 3.54 -5.94
C ILE J 68 -61.77 2.98 -6.13
N GLU J 69 -62.60 3.69 -6.87
CA GLU J 69 -63.95 3.23 -7.17
C GLU J 69 -64.04 2.80 -8.62
N GLY J 70 -64.79 1.73 -8.86
CA GLY J 70 -65.01 1.26 -10.21
C GLY J 70 -63.95 0.29 -10.68
N ALA J 71 -63.92 0.09 -12.00
CA ALA J 71 -62.95 -0.79 -12.62
C ALA J 71 -61.65 -0.03 -12.88
N GLY J 72 -60.53 -0.74 -12.72
CA GLY J 72 -59.25 -0.14 -13.04
C GLY J 72 -58.14 -1.16 -12.97
N LYS J 73 -56.92 -0.67 -13.20
CA LYS J 73 -55.71 -1.49 -13.13
C LYS J 73 -54.59 -0.62 -12.60
N ILE J 74 -53.99 -1.01 -11.49
CA ILE J 74 -52.78 -0.35 -11.02
C ILE J 74 -51.62 -0.76 -11.92
N THR J 75 -50.82 0.23 -12.35
CA THR J 75 -49.74 0.00 -13.29
C THR J 75 -48.36 0.26 -12.71
N HIS J 76 -48.25 1.07 -11.65
CA HIS J 76 -46.95 1.34 -11.06
C HIS J 76 -47.17 1.83 -9.64
N ILE J 77 -46.58 1.13 -8.67
CA ILE J 77 -46.49 1.60 -7.29
C ILE J 77 -45.06 2.07 -7.05
N TRP J 78 -44.91 3.30 -6.61
CA TRP J 78 -43.64 3.75 -6.02
C TRP J 78 -43.88 4.10 -4.56
N ILE J 79 -42.93 3.76 -3.69
CA ILE J 79 -43.11 3.95 -2.25
C ILE J 79 -41.73 3.93 -1.59
N THR J 80 -41.61 4.60 -0.43
CA THR J 80 -40.38 4.54 0.34
C THR J 80 -40.66 4.80 1.82
N THR J 81 -39.73 4.33 2.64
CA THR J 81 -39.72 4.47 4.09
C THR J 81 -38.34 4.01 4.54
N HIS J 82 -37.92 4.45 5.72
CA HIS J 82 -36.57 4.15 6.17
C HIS J 82 -36.42 2.65 6.44
N THR J 83 -35.17 2.16 6.31
CA THR J 83 -34.92 0.73 6.38
C THR J 83 -35.48 0.12 7.67
N ASP J 84 -35.50 0.88 8.76
CA ASP J 84 -35.99 0.38 10.04
C ASP J 84 -37.42 -0.12 9.97
N ASN J 85 -38.19 0.30 8.95
CA ASN J 85 -39.59 -0.04 8.83
C ASN J 85 -39.86 -1.17 7.83
N TRP J 86 -38.83 -1.67 7.14
CA TRP J 86 -39.06 -2.62 6.04
C TRP J 86 -39.68 -3.92 6.52
N ARG J 87 -39.38 -4.33 7.76
CA ARG J 87 -40.01 -5.51 8.35
C ARG J 87 -40.92 -5.19 9.54
N THR J 88 -41.51 -3.98 9.59
CA THR J 88 -42.55 -3.67 10.54
C THR J 88 -43.85 -3.20 9.91
N LEU J 89 -43.84 -2.83 8.62
CA LEU J 89 -45.03 -2.43 7.90
C LEU J 89 -45.55 -3.62 7.11
N ILE J 90 -46.87 -3.75 7.06
CA ILE J 90 -47.55 -4.78 6.26
C ILE J 90 -48.31 -4.08 5.13
N LEU J 91 -48.11 -4.55 3.90
CA LEU J 91 -48.79 -4.00 2.74
C LEU J 91 -49.94 -4.93 2.37
N ARG J 92 -51.14 -4.36 2.22
CA ARG J 92 -52.30 -5.14 1.81
C ARG J 92 -53.03 -4.48 0.65
N ALA J 93 -53.64 -5.33 -0.18
CA ALA J 93 -54.52 -4.91 -1.26
C ALA J 93 -55.82 -5.70 -1.19
N PHE J 94 -56.94 -4.99 -1.21
CA PHE J 94 -58.27 -5.60 -1.28
C PHE J 94 -58.91 -5.22 -2.61
N TRP J 95 -59.45 -6.22 -3.31
CA TRP J 95 -60.10 -6.02 -4.60
C TRP J 95 -61.61 -6.19 -4.51
N ASP J 96 -62.34 -5.38 -5.28
CA ASP J 96 -63.77 -5.57 -5.45
C ASP J 96 -64.50 -5.62 -4.10
N GLY J 97 -64.06 -4.80 -3.16
CA GLY J 97 -64.71 -4.69 -1.87
C GLY J 97 -64.57 -5.89 -0.95
N ALA J 98 -63.77 -6.89 -1.32
CA ALA J 98 -63.57 -8.07 -0.48
C ALA J 98 -63.18 -7.68 0.95
N ASP J 99 -63.65 -8.48 1.91
CA ASP J 99 -63.33 -8.25 3.31
C ASP J 99 -61.92 -8.71 3.65
N GLU J 100 -61.36 -9.60 2.84
CA GLU J 100 -60.06 -10.20 3.03
C GLU J 100 -59.10 -9.71 1.94
N PRO J 101 -57.83 -9.47 2.29
CA PRO J 101 -56.88 -8.97 1.30
C PRO J 101 -56.39 -10.09 0.40
N ALA J 102 -56.15 -9.75 -0.86
CA ALA J 102 -55.49 -10.68 -1.77
C ALA J 102 -53.98 -10.56 -1.69
N VAL J 103 -53.47 -9.38 -1.36
CA VAL J 103 -52.07 -9.10 -1.09
C VAL J 103 -51.93 -8.87 0.41
N GLU J 104 -51.05 -9.63 1.05
CA GLU J 104 -50.78 -9.43 2.48
C GLU J 104 -49.34 -9.85 2.71
N VAL J 105 -48.43 -8.87 2.69
CA VAL J 105 -47.00 -9.14 2.60
C VAL J 105 -46.27 -8.09 3.44
N PRO J 106 -45.22 -8.43 4.19
CA PRO J 106 -44.39 -7.39 4.82
C PRO J 106 -43.80 -6.47 3.76
N TYR J 107 -43.60 -5.21 4.15
CA TYR J 107 -43.23 -4.16 3.21
C TYR J 107 -41.95 -4.52 2.46
N GLY J 108 -40.91 -4.92 3.18
CA GLY J 108 -39.63 -5.16 2.54
C GLY J 108 -39.70 -6.27 1.50
N ASP J 109 -40.36 -7.38 1.85
CA ASP J 109 -40.35 -8.57 1.03
C ASP J 109 -41.07 -8.39 -0.30
N PHE J 110 -41.99 -7.43 -0.40
CA PHE J 110 -42.71 -7.25 -1.66
C PHE J 110 -41.79 -6.71 -2.75
N PHE J 111 -40.65 -6.13 -2.38
CA PHE J 111 -39.68 -5.57 -3.31
C PHE J 111 -38.34 -6.26 -3.15
N CYS J 112 -38.38 -7.54 -2.74
CA CYS J 112 -37.20 -8.40 -2.64
C CYS J 112 -36.18 -7.88 -1.63
N ASN J 113 -36.63 -7.19 -0.59
CA ASN J 113 -35.75 -6.55 0.38
C ASN J 113 -36.29 -6.81 1.79
N GLY J 114 -36.51 -8.09 2.12
CA GLY J 114 -37.05 -8.50 3.40
C GLY J 114 -36.04 -8.55 4.53
N TRP J 115 -34.81 -8.10 4.32
CA TRP J 115 -33.82 -8.10 5.38
C TRP J 115 -33.52 -6.72 5.89
N GLY J 116 -34.21 -5.69 5.37
CA GLY J 116 -33.97 -4.35 5.85
C GLY J 116 -32.59 -3.81 5.56
N VAL J 117 -31.91 -4.37 4.55
CA VAL J 117 -30.63 -3.87 4.04
C VAL J 117 -30.77 -3.69 2.54
N PHE J 118 -30.57 -2.46 2.06
CA PHE J 118 -30.89 -2.18 0.67
C PHE J 118 -30.10 -3.05 -0.29
N ALA J 119 -30.81 -3.69 -1.23
CA ALA J 119 -30.18 -4.42 -2.31
C ALA J 119 -30.83 -3.99 -3.63
N GLN J 120 -30.00 -3.72 -4.63
CA GLN J 120 -30.47 -3.26 -5.92
C GLN J 120 -31.15 -4.38 -6.69
N VAL J 121 -32.28 -4.07 -7.33
CA VAL J 121 -33.09 -5.06 -8.03
C VAL J 121 -33.41 -4.47 -9.40
N ASN J 122 -32.92 -5.11 -10.46
CA ASN J 122 -33.04 -4.58 -11.82
C ASN J 122 -34.07 -5.33 -12.66
N SER J 123 -35.01 -6.02 -12.02
CA SER J 123 -35.91 -6.94 -12.69
C SER J 123 -37.02 -6.18 -13.43
N GLN J 124 -37.84 -6.95 -14.14
CA GLN J 124 -38.92 -6.37 -14.95
C GLN J 124 -40.05 -5.87 -14.07
N ALA J 125 -40.53 -6.73 -13.16
CA ALA J 125 -41.71 -6.46 -12.37
C ALA J 125 -41.39 -5.63 -11.13
N ILE J 126 -40.14 -5.66 -10.68
CA ILE J 126 -39.72 -4.97 -9.47
C ILE J 126 -38.39 -4.28 -9.74
N ALA J 127 -38.33 -3.00 -9.39
CA ALA J 127 -37.10 -2.23 -9.42
C ALA J 127 -36.91 -1.65 -8.03
N ALA J 128 -35.81 -2.00 -7.37
CA ALA J 128 -35.46 -1.40 -6.08
C ALA J 128 -34.16 -0.61 -6.26
N ASN J 129 -34.22 0.69 -6.02
CA ASN J 129 -33.22 1.64 -6.45
C ASN J 129 -32.70 2.46 -5.28
N PRO J 130 -31.49 3.03 -5.40
CA PRO J 130 -30.93 3.80 -4.28
C PRO J 130 -31.84 4.96 -3.90
N HIS J 131 -32.09 5.13 -2.60
CA HIS J 131 -31.77 4.16 -1.54
C HIS J 131 -33.11 3.74 -0.94
N GLY J 132 -33.58 2.54 -1.28
CA GLY J 132 -34.89 2.13 -0.87
C GLY J 132 -36.02 2.66 -1.72
N GLY J 133 -35.73 3.03 -2.98
CA GLY J 133 -36.74 3.36 -3.97
C GLY J 133 -37.39 2.11 -4.53
N PHE J 134 -38.58 1.79 -4.00
CA PHE J 134 -39.25 0.52 -4.24
C PHE J 134 -40.35 0.71 -5.28
N ASN J 135 -40.27 -0.03 -6.38
CA ASN J 135 -41.17 0.10 -7.52
C ASN J 135 -41.75 -1.25 -7.89
N SER J 136 -43.08 -1.34 -7.94
CA SER J 136 -43.76 -2.51 -8.47
C SER J 136 -44.40 -2.14 -9.80
N TYR J 137 -44.23 -3.01 -10.79
CA TYR J 137 -44.93 -2.88 -12.07
C TYR J 137 -45.86 -4.07 -12.33
N TRP J 138 -46.10 -4.91 -11.33
CA TRP J 138 -47.13 -5.94 -11.43
C TRP J 138 -48.46 -5.27 -11.77
N PRO J 139 -49.08 -5.57 -12.90
CA PRO J 139 -50.42 -5.03 -13.16
C PRO J 139 -51.43 -5.66 -12.20
N MET J 140 -52.23 -4.80 -11.57
CA MET J 140 -53.22 -5.22 -10.57
C MET J 140 -54.60 -4.75 -11.04
N PRO J 141 -55.30 -5.54 -11.86
CA PRO J 141 -56.62 -5.12 -12.34
C PRO J 141 -57.74 -5.47 -11.36
N PHE J 142 -58.78 -4.65 -11.40
CA PHE J 142 -59.92 -4.85 -10.52
C PHE J 142 -61.18 -4.39 -11.22
N ARG J 143 -62.30 -5.01 -10.86
CA ARG J 143 -63.56 -4.79 -11.57
C ARG J 143 -64.50 -3.85 -10.83
N ASP J 144 -64.34 -3.69 -9.53
CA ASP J 144 -65.33 -3.03 -8.70
C ASP J 144 -64.73 -2.47 -7.41
N GLY J 145 -63.72 -1.60 -7.53
CA GLY J 145 -63.10 -1.02 -6.35
C GLY J 145 -61.73 -1.62 -6.07
N ALA J 146 -60.91 -0.83 -5.36
CA ALA J 146 -59.58 -1.24 -4.92
C ALA J 146 -59.20 -0.44 -3.66
N ARG J 147 -58.62 -1.15 -2.68
CA ARG J 147 -58.11 -0.56 -1.43
C ARG J 147 -56.70 -1.08 -1.17
N LEU J 148 -55.75 -0.16 -1.00
CA LEU J 148 -54.39 -0.48 -0.55
C LEU J 148 -54.16 0.11 0.84
N THR J 149 -53.75 -0.72 1.79
CA THR J 149 -53.42 -0.21 3.12
C THR J 149 -51.99 -0.56 3.50
N ILE J 150 -51.55 0.09 4.59
CA ILE J 150 -50.23 -0.10 5.17
C ILE J 150 -50.40 -0.05 6.70
N GLU J 151 -50.04 -1.13 7.38
CA GLU J 151 -50.20 -1.23 8.83
C GLU J 151 -48.83 -1.11 9.49
N ASN J 152 -48.67 -0.08 10.33
CA ASN J 152 -47.45 0.12 11.12
C ASN J 152 -47.57 -0.71 12.39
N THR J 153 -46.92 -1.88 12.42
CA THR J 153 -47.03 -2.74 13.59
C THR J 153 -46.01 -2.42 14.66
N SER J 154 -45.15 -1.42 14.45
CA SER J 154 -44.10 -1.09 15.39
C SER J 154 -44.61 -0.12 16.45
N VAL J 155 -43.74 0.15 17.43
CA VAL J 155 -44.07 1.05 18.53
C VAL J 155 -43.68 2.50 18.25
N VAL J 156 -43.16 2.80 17.06
CA VAL J 156 -42.76 4.16 16.69
C VAL J 156 -43.62 4.63 15.53
N ASP J 157 -43.81 5.95 15.45
CA ASP J 157 -44.43 6.57 14.28
C ASP J 157 -43.50 6.46 13.07
N VAL J 158 -44.09 6.29 11.89
CA VAL J 158 -43.36 5.96 10.68
C VAL J 158 -43.79 6.91 9.58
N ARG J 159 -42.84 7.35 8.76
CA ARG J 159 -43.11 8.23 7.63
C ARG J 159 -43.07 7.44 6.33
N VAL J 160 -44.05 7.68 5.45
CA VAL J 160 -44.16 6.97 4.18
C VAL J 160 -44.39 7.99 3.06
N TYR J 161 -43.63 7.86 1.98
CA TYR J 161 -43.90 8.52 0.71
C TYR J 161 -44.44 7.49 -0.25
N TYR J 162 -45.40 7.85 -1.10
CA TYR J 162 -45.98 6.85 -2.00
C TYR J 162 -46.60 7.51 -3.22
N GLN J 163 -46.73 6.73 -4.28
CA GLN J 163 -47.32 7.19 -5.53
C GLN J 163 -47.89 5.95 -6.22
N VAL J 164 -49.22 5.86 -6.27
CA VAL J 164 -49.92 4.70 -6.84
C VAL J 164 -50.58 5.15 -8.12
N THR J 165 -50.12 4.62 -9.25
CA THR J 165 -50.58 5.07 -10.57
C THR J 165 -51.38 3.96 -11.24
N TYR J 166 -52.52 4.32 -11.83
CA TYR J 166 -53.46 3.31 -12.30
C TYR J 166 -54.23 3.83 -13.51
N GLU J 167 -54.81 2.90 -14.24
CA GLU J 167 -55.55 3.18 -15.46
C GLU J 167 -57.04 2.94 -15.25
N ILE J 168 -57.86 3.81 -15.83
CA ILE J 168 -59.30 3.60 -15.90
C ILE J 168 -59.70 3.43 -17.36
N GLY J 169 -60.78 2.68 -17.59
CA GLY J 169 -61.19 2.33 -18.93
C GLY J 169 -60.40 1.16 -19.48
N GLY J 170 -61.10 0.15 -19.98
CA GLY J 170 -60.44 -1.08 -20.34
C GLY J 170 -61.16 -2.22 -19.67
N ASP J 171 -61.35 -3.33 -20.37
CA ASP J 171 -62.21 -4.41 -19.89
C ASP J 171 -61.38 -5.41 -19.09
N HIS J 172 -61.73 -5.57 -17.81
CA HIS J 172 -61.05 -6.50 -16.92
C HIS J 172 -61.90 -7.73 -16.61
N SER J 173 -62.92 -8.00 -17.43
CA SER J 173 -63.75 -9.18 -17.25
C SER J 173 -62.91 -10.45 -17.24
N ASN J 174 -61.98 -10.58 -18.19
CA ASN J 174 -61.14 -11.77 -18.26
C ASN J 174 -59.75 -11.56 -17.65
N ASP J 175 -59.56 -10.47 -16.90
CA ASP J 175 -58.31 -10.24 -16.18
C ASP J 175 -58.40 -10.80 -14.77
N ALA J 176 -57.34 -11.48 -14.34
CA ALA J 176 -57.30 -12.08 -13.01
C ALA J 176 -56.88 -11.06 -11.96
N TYR J 177 -57.08 -11.41 -10.70
CA TYR J 177 -56.64 -10.57 -9.60
C TYR J 177 -55.23 -10.94 -9.16
N PHE J 178 -54.47 -9.94 -8.70
CA PHE J 178 -53.11 -10.12 -8.22
C PHE J 178 -53.11 -10.47 -6.73
N HIS J 179 -52.43 -11.56 -6.37
CA HIS J 179 -52.32 -12.03 -4.99
C HIS J 179 -50.86 -12.12 -4.57
N ALA J 180 -50.63 -11.99 -3.26
CA ALA J 180 -49.27 -12.14 -2.72
C ALA J 180 -49.36 -12.56 -1.26
N GLN J 181 -48.56 -13.55 -0.88
CA GLN J 181 -48.66 -14.18 0.43
C GLN J 181 -47.27 -14.47 0.98
N TRP J 182 -47.16 -14.45 2.30
CA TRP J 182 -45.88 -14.45 3.00
C TRP J 182 -45.88 -15.51 4.11
N ARG J 183 -44.83 -16.32 4.17
CA ARG J 183 -44.71 -17.37 5.18
C ARG J 183 -43.26 -17.50 5.61
N ARG J 184 -43.01 -17.52 6.91
CA ARG J 184 -41.65 -17.59 7.43
C ARG J 184 -41.51 -18.78 8.38
N SER J 185 -40.44 -19.57 8.19
CA SER J 185 -40.07 -20.67 9.07
C SER J 185 -38.75 -20.37 9.76
N ASN J 186 -38.78 -20.23 11.09
CA ASN J 186 -37.60 -19.75 11.82
C ASN J 186 -37.58 -20.27 13.25
N PRO J 187 -36.92 -21.40 13.49
CA PRO J 187 -36.28 -22.23 12.46
C PRO J 187 -37.25 -23.26 11.89
N LEU J 188 -37.07 -23.57 10.60
CA LEU J 188 -37.81 -24.64 9.96
C LEU J 188 -37.59 -25.96 10.68
N GLU J 189 -38.66 -26.74 10.81
CA GLU J 189 -38.60 -28.05 11.47
C GLU J 189 -37.80 -29.07 10.65
N GLU J 190 -37.25 -30.04 11.36
CA GLU J 190 -36.47 -31.12 10.75
C GLU J 190 -37.27 -31.82 9.64
N LEU J 191 -36.58 -32.12 8.54
CA LEU J 191 -37.15 -32.83 7.39
C LEU J 191 -38.57 -32.38 7.10
N THR J 192 -38.77 -31.07 7.00
CA THR J 192 -40.09 -30.48 6.75
C THR J 192 -39.95 -29.44 5.66
N PRO J 193 -40.53 -29.65 4.48
CA PRO J 193 -40.46 -28.61 3.45
C PRO J 193 -41.04 -27.30 3.96
N HIS J 194 -40.40 -26.19 3.59
CA HIS J 194 -40.96 -24.87 3.87
C HIS J 194 -42.11 -24.61 2.90
N VAL J 195 -43.31 -24.42 3.47
CA VAL J 195 -44.51 -24.17 2.67
C VAL J 195 -44.46 -22.76 2.10
N ILE J 196 -44.66 -22.63 0.79
CA ILE J 196 -44.72 -21.35 0.10
C ILE J 196 -46.16 -20.92 -0.17
N LEU J 197 -47.01 -21.86 -0.59
CA LEU J 197 -48.41 -21.61 -0.96
C LEU J 197 -49.21 -22.84 -0.60
N GLU J 198 -50.41 -22.65 -0.06
CA GLU J 198 -51.17 -23.83 0.34
C GLU J 198 -52.66 -23.58 0.15
N GLY J 199 -53.34 -24.52 -0.50
CA GLY J 199 -54.79 -24.55 -0.53
C GLY J 199 -55.46 -23.50 -1.38
N ILE J 200 -54.86 -23.10 -2.49
CA ILE J 200 -55.43 -22.05 -3.33
C ILE J 200 -56.50 -22.65 -4.23
N GLU J 201 -57.70 -22.08 -4.23
CA GLU J 201 -58.79 -22.58 -5.05
C GLU J 201 -59.17 -21.56 -6.11
N GLY J 202 -59.17 -21.99 -7.37
CA GLY J 202 -59.63 -21.15 -8.46
C GLY J 202 -58.87 -21.45 -9.75
N GLU J 203 -59.01 -20.56 -10.72
CA GLU J 203 -58.21 -20.60 -11.95
C GLU J 203 -57.25 -19.43 -11.96
N GLY J 204 -55.99 -19.70 -12.25
CA GLY J 204 -55.00 -18.63 -12.29
C GLY J 204 -53.64 -19.17 -12.63
N HIS J 205 -52.62 -18.34 -12.40
CA HIS J 205 -51.26 -18.77 -12.68
C HIS J 205 -50.31 -18.18 -11.64
N TYR J 206 -49.31 -18.98 -11.27
CA TYR J 206 -48.28 -18.61 -10.33
C TYR J 206 -47.18 -17.88 -11.09
N VAL J 207 -46.76 -16.71 -10.60
CA VAL J 207 -45.92 -15.83 -11.41
C VAL J 207 -44.74 -15.24 -10.64
N GLY J 208 -44.51 -15.70 -9.40
CA GLY J 208 -43.47 -15.06 -8.61
C GLY J 208 -43.09 -15.68 -7.27
N THR J 209 -41.78 -15.83 -7.02
CA THR J 209 -41.22 -16.25 -5.73
C THR J 209 -40.08 -15.33 -5.35
N TYR J 210 -40.15 -14.79 -4.14
CA TYR J 210 -39.01 -14.14 -3.48
C TYR J 210 -38.79 -14.85 -2.15
N ILE J 211 -37.53 -15.18 -1.85
CA ILE J 211 -37.18 -15.92 -0.65
C ILE J 211 -36.02 -15.21 0.04
N ALA J 212 -36.17 -14.96 1.34
CA ALA J 212 -35.12 -14.47 2.21
C ALA J 212 -34.71 -15.63 3.11
N TRP J 213 -33.43 -16.05 2.99
CA TRP J 213 -32.93 -17.30 3.53
C TRP J 213 -31.72 -17.03 4.42
N GLY J 214 -31.84 -17.40 5.70
CA GLY J 214 -30.73 -17.31 6.66
C GLY J 214 -30.24 -18.70 7.02
N VAL J 215 -28.92 -18.91 6.87
CA VAL J 215 -28.33 -20.24 6.95
C VAL J 215 -27.73 -20.51 8.33
N ASN J 216 -28.12 -21.64 8.92
CA ASN J 216 -27.67 -22.04 10.25
C ASN J 216 -26.77 -23.26 10.23
N SER J 217 -26.43 -23.79 9.06
CA SER J 217 -25.40 -24.80 8.90
C SER J 217 -24.29 -24.27 8.00
N ASN J 218 -23.07 -24.76 8.22
CA ASN J 218 -21.94 -24.49 7.34
C ASN J 218 -22.09 -25.31 6.06
N GLY J 219 -21.36 -24.92 5.02
CA GLY J 219 -21.47 -25.64 3.77
C GLY J 219 -22.47 -25.01 2.84
N TRP J 220 -22.69 -25.68 1.70
CA TRP J 220 -23.72 -25.23 0.77
C TRP J 220 -25.09 -25.64 1.31
N TRP J 221 -26.05 -24.72 1.18
CA TRP J 221 -27.32 -24.77 1.87
C TRP J 221 -28.50 -24.89 0.93
N GLY J 222 -28.27 -25.00 -0.38
CA GLY J 222 -29.31 -24.80 -1.35
C GLY J 222 -29.59 -25.98 -2.26
N GLU J 223 -29.43 -27.20 -1.75
CA GLU J 223 -29.74 -28.39 -2.55
C GLU J 223 -31.24 -28.63 -2.71
N GLY J 224 -32.08 -28.06 -1.85
CA GLY J 224 -33.47 -28.48 -1.78
C GLY J 224 -34.27 -28.05 -3.00
N GLU J 225 -35.19 -28.93 -3.43
CA GLU J 225 -36.00 -28.68 -4.62
C GLU J 225 -37.32 -27.97 -4.27
N ILE J 226 -37.75 -27.12 -5.20
CA ILE J 226 -39.10 -26.54 -5.17
C ILE J 226 -40.07 -27.54 -5.79
N LYS J 227 -41.31 -27.55 -5.30
CA LYS J 227 -42.32 -28.49 -5.79
C LYS J 227 -43.65 -27.77 -5.92
N PHE J 228 -44.22 -27.81 -7.12
CA PHE J 228 -45.54 -27.25 -7.40
C PHE J 228 -46.53 -28.39 -7.47
N TYR J 229 -47.43 -28.47 -6.49
CA TYR J 229 -48.58 -29.40 -6.54
C TYR J 229 -49.76 -28.66 -7.16
N LEU J 230 -50.18 -29.09 -8.35
CA LEU J 230 -51.13 -28.34 -9.18
C LEU J 230 -52.42 -29.13 -9.35
N ASP J 231 -53.54 -28.40 -9.37
CA ASP J 231 -54.86 -28.94 -9.74
C ASP J 231 -55.26 -30.19 -8.94
N ASP J 232 -55.18 -31.38 -9.53
CA ASP J 232 -55.57 -32.61 -8.83
C ASP J 232 -54.42 -33.31 -8.12
N ASP J 233 -53.22 -32.72 -8.11
CA ASP J 233 -52.11 -33.37 -7.42
C ASP J 233 -52.46 -33.58 -5.96
N THR J 234 -52.00 -34.70 -5.40
CA THR J 234 -52.12 -34.95 -3.98
C THR J 234 -50.73 -35.22 -3.38
N ASP J 235 -50.25 -36.46 -3.50
CA ASP J 235 -49.02 -36.89 -2.84
C ASP J 235 -47.76 -36.49 -3.59
N HIS J 236 -47.87 -36.11 -4.87
CA HIS J 236 -46.71 -35.92 -5.71
C HIS J 236 -46.96 -34.74 -6.64
N PRO J 237 -45.96 -33.89 -6.87
CA PRO J 237 -46.17 -32.65 -7.62
C PRO J 237 -46.14 -32.86 -9.14
N THR J 238 -46.60 -31.82 -9.84
CA THR J 238 -46.55 -31.79 -11.29
C THR J 238 -45.25 -31.16 -11.79
N ILE J 239 -44.75 -30.14 -11.09
CA ILE J 239 -43.46 -29.53 -11.39
C ILE J 239 -42.56 -29.75 -10.18
N CYS J 240 -41.39 -30.32 -10.43
CA CYS J 240 -40.44 -30.65 -9.38
C CYS J 240 -39.08 -30.14 -9.84
N GLY J 241 -38.48 -29.23 -9.08
CA GLY J 241 -37.21 -28.63 -9.44
C GLY J 241 -36.04 -29.51 -9.05
N THR J 242 -34.83 -28.99 -9.29
CA THR J 242 -33.61 -29.73 -8.99
C THR J 242 -32.72 -29.09 -7.91
N GLY J 243 -33.10 -27.95 -7.35
CA GLY J 243 -32.31 -27.32 -6.31
C GLY J 243 -32.71 -25.86 -6.15
N THR J 244 -32.24 -25.26 -5.04
CA THR J 244 -32.66 -23.90 -4.71
C THR J 244 -32.06 -22.86 -5.65
N GLU J 245 -30.74 -22.89 -5.82
CA GLU J 245 -30.13 -21.98 -6.79
C GLU J 245 -30.57 -22.31 -8.20
N ASP J 246 -30.81 -23.59 -8.49
CA ASP J 246 -31.34 -23.98 -9.80
C ASP J 246 -32.67 -23.27 -10.06
N TYR J 247 -33.59 -23.34 -9.10
CA TYR J 247 -34.88 -22.68 -9.25
C TYR J 247 -34.72 -21.20 -9.53
N PHE J 248 -33.83 -20.52 -8.80
CA PHE J 248 -33.64 -19.09 -8.96
C PHE J 248 -32.73 -18.74 -10.13
N GLY J 249 -32.44 -19.70 -11.00
CA GLY J 249 -31.77 -19.41 -12.24
C GLY J 249 -30.27 -19.52 -12.20
N GLY J 250 -29.67 -19.72 -11.04
CA GLY J 250 -28.23 -19.93 -10.93
C GLY J 250 -27.87 -21.40 -11.02
N ALA J 251 -26.63 -21.71 -10.63
CA ALA J 251 -26.14 -23.07 -10.59
C ALA J 251 -24.92 -23.13 -9.69
N TRP J 252 -24.59 -24.35 -9.25
CA TRP J 252 -23.35 -24.62 -8.53
C TRP J 252 -23.13 -23.62 -7.39
N ASN J 253 -24.17 -23.45 -6.56
CA ASN J 253 -24.07 -22.72 -5.30
C ASN J 253 -23.94 -21.21 -5.48
N PHE J 254 -24.22 -20.68 -6.68
CA PHE J 254 -23.97 -19.27 -7.01
C PHE J 254 -22.49 -18.92 -6.88
N ASP J 255 -21.59 -19.90 -6.92
CA ASP J 255 -20.21 -19.73 -6.47
C ASP J 255 -19.31 -19.57 -7.69
N ILE J 256 -18.89 -18.35 -7.99
CA ILE J 256 -17.96 -18.14 -9.09
C ILE J 256 -16.54 -18.33 -8.55
N PRO J 257 -15.78 -19.28 -9.10
CA PRO J 257 -14.44 -19.60 -8.57
C PRO J 257 -13.58 -18.37 -8.32
N GLY J 258 -13.05 -18.27 -7.11
CA GLY J 258 -12.21 -17.15 -6.73
C GLY J 258 -12.94 -15.85 -6.44
N LYS J 259 -14.27 -15.82 -6.57
CA LYS J 259 -15.10 -14.71 -6.12
C LYS J 259 -16.14 -15.10 -5.09
N GLY J 260 -16.58 -16.36 -5.06
CA GLY J 260 -17.61 -16.75 -4.11
C GLY J 260 -19.01 -16.40 -4.60
N TYR J 261 -19.97 -16.42 -3.66
CA TYR J 261 -21.36 -16.06 -3.95
C TYR J 261 -21.38 -14.72 -4.64
N THR J 262 -22.11 -14.63 -5.75
CA THR J 262 -22.13 -13.43 -6.56
C THR J 262 -23.58 -12.97 -6.74
N GLU J 263 -23.87 -11.75 -6.27
CA GLU J 263 -25.18 -11.17 -6.50
C GLU J 263 -25.43 -11.01 -8.00
N PHE J 264 -26.70 -11.12 -8.38
CA PHE J 264 -27.08 -10.93 -9.78
C PHE J 264 -28.55 -10.58 -9.82
N SER J 265 -28.97 -9.95 -10.91
CA SER J 265 -30.34 -9.45 -10.97
C SER J 265 -30.68 -9.18 -12.44
N THR J 266 -31.49 -10.07 -13.02
CA THR J 266 -31.85 -10.13 -14.43
C THR J 266 -33.37 -9.94 -14.55
N PRO J 267 -33.92 -9.75 -15.77
CA PRO J 267 -35.37 -9.48 -15.87
C PRO J 267 -36.26 -10.43 -15.07
N TYR J 268 -36.00 -11.75 -15.07
CA TYR J 268 -36.87 -12.71 -14.40
C TYR J 268 -36.16 -13.53 -13.32
N LEU J 269 -34.86 -13.37 -13.14
CA LEU J 269 -34.13 -14.19 -12.19
C LEU J 269 -33.09 -13.34 -11.48
N GLY J 270 -32.93 -13.58 -10.18
CA GLY J 270 -31.89 -12.89 -9.45
C GLY J 270 -31.59 -13.43 -8.07
N MET J 271 -30.35 -13.22 -7.61
CA MET J 271 -30.01 -13.21 -6.19
C MET J 271 -29.52 -11.80 -5.90
N PRO J 272 -30.42 -10.82 -5.75
CA PRO J 272 -29.96 -9.44 -5.58
C PRO J 272 -29.21 -9.20 -4.28
N GLN J 273 -29.38 -10.04 -3.26
CA GLN J 273 -28.83 -9.75 -1.94
C GLN J 273 -28.04 -10.91 -1.36
N VAL J 274 -26.79 -10.63 -0.97
CA VAL J 274 -25.96 -11.50 -0.15
C VAL J 274 -25.46 -10.67 1.03
N ILE J 275 -25.80 -11.09 2.25
CA ILE J 275 -25.38 -10.40 3.47
C ILE J 275 -24.32 -11.27 4.15
N ARG J 276 -23.08 -10.74 4.22
CA ARG J 276 -22.02 -11.52 4.88
C ARG J 276 -21.84 -11.03 6.30
N PRO J 277 -21.78 -11.93 7.29
CA PRO J 277 -21.52 -11.51 8.68
C PRO J 277 -20.27 -10.65 8.79
N ASP J 278 -20.34 -9.64 9.65
CA ASP J 278 -19.25 -8.70 9.89
C ASP J 278 -18.30 -9.14 10.99
N GLY J 279 -18.50 -10.32 11.57
CA GLY J 279 -17.60 -10.79 12.62
C GLY J 279 -17.87 -10.18 13.99
N LEU J 280 -18.82 -9.26 14.09
CA LEU J 280 -19.28 -8.79 15.39
C LEU J 280 -20.77 -9.11 15.53
N TYR J 281 -21.66 -8.11 15.54
CA TYR J 281 -23.04 -8.39 15.90
C TYR J 281 -23.94 -8.70 14.72
N VAL J 282 -23.51 -8.41 13.50
CA VAL J 282 -24.19 -8.90 12.30
C VAL J 282 -23.57 -10.26 11.99
N SER J 283 -24.14 -11.30 12.58
CA SER J 283 -23.55 -12.63 12.59
C SER J 283 -24.29 -13.64 11.73
N GLN J 284 -25.32 -13.23 11.00
CA GLN J 284 -26.16 -14.14 10.24
C GLN J 284 -25.86 -13.99 8.75
N GLN J 285 -25.42 -15.07 8.11
CA GLN J 285 -25.23 -15.09 6.66
C GLN J 285 -26.59 -15.31 6.00
N ARG J 286 -26.99 -14.36 5.13
CA ARG J 286 -28.37 -14.24 4.65
C ARG J 286 -28.41 -14.00 3.14
N PHE J 287 -29.50 -14.42 2.50
CA PHE J 287 -29.61 -14.33 1.05
C PHE J 287 -31.00 -13.84 0.68
N GLY J 288 -31.09 -13.05 -0.39
CA GLY J 288 -32.36 -12.72 -1.02
C GLY J 288 -32.40 -13.11 -2.48
N MET J 289 -33.45 -13.80 -2.93
CA MET J 289 -33.54 -14.39 -4.27
C MET J 289 -34.95 -14.19 -4.80
N TYR J 290 -35.07 -13.87 -6.10
CA TYR J 290 -36.38 -13.73 -6.71
C TYR J 290 -36.44 -14.48 -8.04
N ARG J 291 -37.65 -14.90 -8.39
CA ARG J 291 -37.92 -15.52 -9.68
C ARG J 291 -39.30 -15.11 -10.13
N TRP J 292 -39.36 -14.49 -11.30
CA TRP J 292 -40.61 -14.08 -11.91
C TRP J 292 -40.89 -15.03 -13.06
N HIS J 293 -42.06 -15.67 -13.04
CA HIS J 293 -42.52 -16.51 -14.15
C HIS J 293 -43.48 -15.65 -14.98
N LEU J 294 -42.94 -14.88 -15.91
CA LEU J 294 -43.73 -13.98 -16.74
C LEU J 294 -43.87 -14.48 -18.17
N GLN J 295 -42.76 -14.85 -18.82
CA GLN J 295 -42.83 -15.61 -20.05
C GLN J 295 -43.24 -17.06 -19.79
N ASP J 296 -42.95 -17.58 -18.59
CA ASP J 296 -43.24 -18.98 -18.24
C ASP J 296 -44.10 -19.09 -16.98
N PRO J 297 -45.31 -18.51 -16.99
CA PRO J 297 -46.18 -18.63 -15.81
C PRO J 297 -46.59 -20.09 -15.61
N ILE J 298 -46.85 -20.45 -14.35
CA ILE J 298 -47.28 -21.79 -14.00
C ILE J 298 -48.80 -21.78 -13.81
N HIS J 299 -49.52 -22.32 -14.80
CA HIS J 299 -50.97 -22.28 -14.81
C HIS J 299 -51.56 -23.40 -13.96
N PHE J 300 -52.75 -23.13 -13.42
CA PHE J 300 -53.55 -24.12 -12.72
C PHE J 300 -54.99 -23.84 -13.07
N ALA J 301 -55.76 -24.89 -13.37
CA ALA J 301 -57.15 -24.73 -13.78
C ALA J 301 -58.12 -24.67 -12.61
N THR J 302 -57.90 -25.51 -11.60
CA THR J 302 -58.77 -25.55 -10.43
C THR J 302 -58.10 -25.12 -9.13
N GLY J 303 -56.78 -25.26 -9.01
CA GLY J 303 -56.12 -24.69 -7.85
C GLY J 303 -54.67 -25.11 -7.71
N ILE J 304 -54.04 -24.53 -6.70
CA ILE J 304 -52.72 -24.94 -6.23
C ILE J 304 -52.87 -25.50 -4.83
N PRO J 305 -52.84 -26.82 -4.65
CA PRO J 305 -52.86 -27.37 -3.28
C PRO J 305 -51.64 -27.00 -2.45
N LYS J 306 -50.44 -27.02 -3.02
CA LYS J 306 -49.24 -26.77 -2.24
C LYS J 306 -48.10 -26.37 -3.17
N VAL J 307 -47.35 -25.37 -2.76
CA VAL J 307 -46.01 -25.12 -3.27
C VAL J 307 -45.08 -25.14 -2.07
N ASP J 308 -43.96 -25.84 -2.19
CA ASP J 308 -43.04 -25.88 -1.06
C ASP J 308 -41.61 -26.05 -1.58
N ILE J 309 -40.64 -25.91 -0.67
CA ILE J 309 -39.23 -26.03 -1.01
C ILE J 309 -38.49 -26.74 0.11
N GLN J 310 -37.69 -27.72 -0.26
CA GLN J 310 -36.86 -28.41 0.72
C GLN J 310 -35.73 -27.51 1.17
N ALA J 311 -35.24 -27.76 2.39
CA ALA J 311 -34.05 -27.09 2.90
C ALA J 311 -33.02 -28.18 3.17
N LEU J 312 -32.14 -28.41 2.20
CA LEU J 312 -31.13 -29.46 2.28
C LEU J 312 -29.73 -28.88 2.10
N GLY J 313 -28.83 -29.25 2.99
CA GLY J 313 -27.41 -28.94 2.86
C GLY J 313 -26.57 -30.19 2.69
N TRP J 314 -25.37 -30.22 3.28
CA TRP J 314 -24.52 -31.39 3.19
C TRP J 314 -23.97 -31.72 4.56
N ARG J 315 -23.87 -33.02 4.84
CA ARG J 315 -23.13 -33.53 5.97
C ARG J 315 -22.13 -34.57 5.47
N SER J 316 -21.26 -35.02 6.38
CA SER J 316 -20.21 -35.96 6.01
C SER J 316 -20.80 -37.23 5.42
N GLY J 317 -20.05 -37.85 4.52
CA GLY J 317 -20.49 -39.03 3.82
C GLY J 317 -21.25 -38.77 2.57
N TRP J 318 -21.22 -37.53 2.06
CA TRP J 318 -22.03 -37.14 0.92
C TRP J 318 -23.52 -37.39 1.18
N ARG J 319 -23.97 -37.02 2.38
CA ARG J 319 -25.37 -37.11 2.79
C ARG J 319 -26.02 -35.73 2.79
N TYR J 320 -27.30 -35.70 2.43
CA TYR J 320 -28.07 -34.47 2.59
C TYR J 320 -28.19 -34.15 4.07
N LEU J 321 -28.10 -32.87 4.41
CA LEU J 321 -28.35 -32.44 5.78
C LEU J 321 -29.67 -31.69 5.83
N PRO J 322 -30.70 -32.18 6.52
CA PRO J 322 -31.93 -31.39 6.73
C PRO J 322 -31.63 -30.14 7.53
N LEU J 323 -32.00 -28.99 6.98
CA LEU J 323 -31.55 -27.69 7.47
C LEU J 323 -32.57 -27.07 8.40
N ARG J 324 -32.12 -26.64 9.59
CA ARG J 324 -32.97 -25.92 10.54
C ARG J 324 -32.80 -24.41 10.34
N ASP J 325 -33.23 -23.94 9.17
CA ASP J 325 -32.85 -22.63 8.66
C ASP J 325 -33.99 -21.62 8.76
N ASP J 326 -33.66 -20.36 8.46
CA ASP J 326 -34.55 -19.21 8.59
C ASP J 326 -35.01 -18.85 7.19
N ILE J 327 -36.26 -19.20 6.86
CA ILE J 327 -36.75 -19.15 5.48
C ILE J 327 -38.08 -18.41 5.43
N ALA J 328 -38.12 -17.31 4.69
CA ALA J 328 -39.34 -16.54 4.48
C ALA J 328 -39.55 -16.35 2.98
N SER J 329 -40.70 -16.78 2.48
CA SER J 329 -41.00 -16.71 1.06
C SER J 329 -42.16 -15.75 0.82
N THR J 330 -42.13 -15.11 -0.35
CA THR J 330 -43.23 -14.31 -0.85
C THR J 330 -43.64 -14.87 -2.19
N ALA J 331 -44.92 -15.21 -2.32
CA ALA J 331 -45.43 -15.92 -3.48
C ALA J 331 -46.44 -15.05 -4.21
N MET J 332 -46.24 -14.88 -5.50
CA MET J 332 -47.08 -14.02 -6.32
C MET J 332 -47.91 -14.85 -7.27
N PHE J 333 -49.21 -14.64 -7.28
CA PHE J 333 -50.03 -15.41 -8.20
C PHE J 333 -51.22 -14.58 -8.62
N TYR J 334 -51.74 -14.93 -9.78
CA TYR J 334 -53.00 -14.39 -10.26
C TYR J 334 -54.07 -15.46 -10.12
N LEU J 335 -55.30 -15.00 -9.89
CA LEU J 335 -56.42 -15.87 -9.58
C LEU J 335 -57.69 -15.21 -10.07
N ASP J 336 -58.68 -16.04 -10.42
CA ASP J 336 -59.96 -15.53 -10.90
C ASP J 336 -60.91 -15.12 -9.77
N ARG J 337 -60.46 -15.08 -8.52
CA ARG J 337 -61.24 -14.56 -7.41
C ARG J 337 -60.41 -13.56 -6.63
N PRO J 338 -61.06 -12.58 -5.98
CA PRO J 338 -60.31 -11.59 -5.17
C PRO J 338 -59.82 -12.07 -3.82
N THR J 339 -60.17 -13.28 -3.36
CA THR J 339 -59.61 -13.82 -2.13
C THR J 339 -59.21 -15.28 -2.36
N ALA J 340 -58.51 -15.83 -1.38
CA ALA J 340 -58.01 -17.20 -1.43
C ALA J 340 -57.46 -17.53 -0.03
N ARG J 341 -57.22 -18.82 0.20
CA ARG J 341 -56.67 -19.23 1.50
C ARG J 341 -55.34 -18.56 1.75
N ARG J 342 -55.12 -18.12 2.98
CA ARG J 342 -53.96 -17.32 3.35
C ARG J 342 -53.31 -17.87 4.60
N PRO J 343 -52.01 -17.62 4.80
CA PRO J 343 -51.39 -17.91 6.10
C PRO J 343 -51.95 -16.96 7.14
N LYS J 344 -51.65 -17.27 8.41
CA LYS J 344 -52.04 -16.31 9.44
C LYS J 344 -51.21 -15.04 9.30
N SER J 345 -51.84 -13.90 9.55
CA SER J 345 -51.28 -12.61 9.18
C SER J 345 -49.91 -12.42 9.85
N PRO J 346 -48.94 -11.82 9.14
CA PRO J 346 -47.62 -11.62 9.76
C PRO J 346 -47.73 -10.75 11.00
N SER J 347 -47.16 -11.22 12.11
CA SER J 347 -47.12 -10.45 13.34
C SER J 347 -45.82 -9.67 13.40
N ALA J 348 -45.76 -8.72 14.34
CA ALA J 348 -44.53 -7.96 14.52
C ALA J 348 -43.38 -8.87 14.95
N ASP J 349 -43.67 -9.84 15.81
CA ASP J 349 -42.58 -10.69 16.32
C ASP J 349 -42.02 -11.61 15.23
N ASP J 350 -42.89 -12.22 14.42
CA ASP J 350 -42.41 -13.11 13.35
C ASP J 350 -41.68 -12.34 12.26
N MET J 351 -42.10 -11.11 11.99
CA MET J 351 -41.50 -10.32 10.92
C MET J 351 -40.14 -9.78 11.30
N GLU J 352 -39.92 -9.57 12.60
CA GLU J 352 -38.80 -8.76 13.08
C GLU J 352 -37.46 -9.31 12.60
N VAL J 353 -36.61 -8.38 12.16
CA VAL J 353 -35.19 -8.62 11.96
C VAL J 353 -34.46 -7.53 12.73
N HIS J 354 -33.23 -7.84 13.12
CA HIS J 354 -32.42 -6.92 13.91
C HIS J 354 -32.18 -5.63 13.13
N LEU J 355 -32.34 -4.49 13.81
CA LEU J 355 -32.10 -3.16 13.22
C LEU J 355 -30.67 -2.74 13.49
N GLY J 356 -29.98 -2.27 12.45
CA GLY J 356 -28.66 -1.74 12.68
C GLY J 356 -27.59 -2.82 12.82
N THR J 357 -26.47 -2.43 13.43
CA THR J 357 -25.34 -3.31 13.59
C THR J 357 -24.82 -3.38 15.03
N ALA J 358 -25.50 -2.72 15.98
CA ALA J 358 -25.12 -2.63 17.38
C ALA J 358 -25.60 -3.87 18.13
N PRO J 359 -25.32 -4.04 19.44
CA PRO J 359 -25.75 -5.28 20.11
C PRO J 359 -27.25 -5.37 20.34
N VAL J 360 -27.96 -4.25 20.40
CA VAL J 360 -29.38 -4.21 20.70
C VAL J 360 -30.07 -3.49 19.55
N PRO J 361 -31.18 -4.04 18.99
CA PRO J 361 -31.84 -3.34 17.86
C PRO J 361 -32.09 -1.85 18.09
N ASP J 362 -32.50 -1.48 19.31
CA ASP J 362 -32.78 -0.08 19.63
C ASP J 362 -31.54 0.79 19.58
N LEU J 363 -30.34 0.20 19.76
CA LEU J 363 -29.12 1.00 19.73
C LEU J 363 -28.76 1.40 18.31
N GLY J 364 -29.15 0.59 17.32
CA GLY J 364 -28.85 0.83 15.94
C GLY J 364 -29.99 1.35 15.09
N ALA J 365 -31.12 1.70 15.70
CA ALA J 365 -32.21 2.33 14.97
C ALA J 365 -31.85 3.77 14.62
N THR J 366 -32.56 4.32 13.65
CA THR J 366 -32.41 5.73 13.26
C THR J 366 -33.63 6.53 13.67
N PRO J 367 -33.57 7.33 14.75
CA PRO J 367 -32.48 7.51 15.71
C PRO J 367 -32.54 6.43 16.81
N PRO J 368 -31.52 6.37 17.67
CA PRO J 368 -31.51 5.34 18.72
C PRO J 368 -32.62 5.53 19.75
N ARG J 369 -33.21 4.42 20.17
CA ARG J 369 -34.30 4.38 21.15
C ARG J 369 -33.69 4.01 22.50
N VAL J 370 -33.51 4.99 23.37
CA VAL J 370 -32.75 4.77 24.58
C VAL J 370 -33.53 5.23 25.81
N PRO K 2 15.40 51.38 8.50
CA PRO K 2 14.24 51.59 7.63
C PRO K 2 13.40 50.32 7.45
N ASP K 3 12.37 50.41 6.63
CA ASP K 3 11.55 49.26 6.25
C ASP K 3 11.25 49.41 4.76
N LEU K 4 10.50 48.46 4.21
CA LEU K 4 10.15 48.48 2.79
C LEU K 4 9.59 49.83 2.35
N ASN K 5 8.75 50.47 3.20
CA ASN K 5 8.12 51.73 2.80
C ASN K 5 9.11 52.89 2.77
N SER K 6 10.16 52.84 3.59
CA SER K 6 11.10 53.95 3.69
C SER K 6 12.50 53.61 3.19
N ILE K 7 12.67 52.46 2.51
CA ILE K 7 14.02 52.00 2.17
C ILE K 7 14.70 52.86 1.11
N ALA K 8 13.95 53.65 0.32
CA ALA K 8 14.58 54.45 -0.73
C ALA K 8 15.34 55.67 -0.21
N ALA K 9 15.00 56.18 0.98
CA ALA K 9 15.58 57.43 1.45
C ALA K 9 17.08 57.33 1.67
N LEU K 10 17.80 58.39 1.30
CA LEU K 10 19.22 58.50 1.63
C LEU K 10 19.41 58.94 3.07
N ARG K 11 20.39 58.33 3.74
CA ARG K 11 20.60 58.55 5.16
C ARG K 11 22.09 58.53 5.47
N GLN K 12 22.54 59.47 6.31
CA GLN K 12 23.92 59.51 6.74
C GLN K 12 24.11 58.51 7.89
N VAL K 13 24.24 57.24 7.49
CA VAL K 13 24.31 56.11 8.42
C VAL K 13 25.38 55.16 7.89
N GLN K 14 26.17 54.59 8.79
CA GLN K 14 27.16 53.57 8.43
C GLN K 14 26.70 52.21 8.92
N THR K 15 26.97 51.16 8.14
CA THR K 15 26.67 49.80 8.55
C THR K 15 27.95 49.06 8.89
N ARG K 16 27.95 48.39 10.03
CA ARG K 16 29.08 47.58 10.45
C ARG K 16 28.54 46.22 10.86
N SER K 17 29.44 45.23 10.88
CA SER K 17 28.99 43.89 11.21
C SER K 17 30.13 43.17 11.91
N ILE K 18 29.86 42.66 13.11
CA ILE K 18 30.81 41.89 13.88
C ILE K 18 30.57 40.40 13.63
N SER K 19 31.64 39.65 13.35
CA SER K 19 31.57 38.21 13.13
C SER K 19 32.93 37.62 13.45
N PRO K 20 33.04 36.29 13.57
CA PRO K 20 34.35 35.68 13.82
C PRO K 20 35.40 36.01 12.75
N GLU K 21 34.99 36.54 11.60
CA GLU K 21 35.88 37.01 10.56
C GLU K 21 36.19 38.49 10.66
N ASN K 22 35.50 39.23 11.55
CA ASN K 22 35.74 40.65 11.84
C ASN K 22 35.30 40.87 13.29
N PHE K 23 36.20 40.52 14.22
CA PHE K 23 35.82 40.43 15.63
C PHE K 23 35.35 41.77 16.20
N ASP K 24 35.94 42.88 15.78
CA ASP K 24 35.59 44.18 16.34
C ASP K 24 34.77 45.04 15.39
N GLY K 25 34.46 44.54 14.20
CA GLY K 25 33.58 45.26 13.29
C GLY K 25 34.24 46.34 12.47
N THR K 26 35.55 46.54 12.59
CA THR K 26 36.18 47.70 11.97
C THR K 26 36.05 47.67 10.46
N ALA K 27 36.08 48.86 9.87
CA ALA K 27 36.04 48.98 8.43
C ALA K 27 37.32 48.44 7.84
N GLY K 28 37.22 47.74 6.71
CA GLY K 28 38.41 47.12 6.19
C GLY K 28 39.02 46.02 7.05
N GLY K 29 38.31 45.64 8.13
CA GLY K 29 38.86 44.74 9.11
C GLY K 29 38.57 43.26 8.94
N GLY K 30 37.80 42.87 7.94
CA GLY K 30 37.30 41.52 7.88
C GLY K 30 38.21 40.62 7.06
N GLY K 31 38.26 39.36 7.46
CA GLY K 31 38.91 38.34 6.66
C GLY K 31 40.41 38.34 6.69
N ARG K 32 41.02 38.90 7.73
CA ARG K 32 42.47 38.97 7.84
C ARG K 32 43.07 37.84 8.66
N ALA K 33 42.24 36.96 9.23
CA ALA K 33 42.74 35.95 10.15
C ALA K 33 43.73 35.02 9.48
N THR K 34 44.78 34.66 10.21
CA THR K 34 45.68 33.58 9.82
C THR K 34 45.55 32.38 10.74
N GLU K 35 44.92 32.54 11.91
CA GLU K 35 44.58 31.44 12.79
C GLU K 35 43.07 31.49 13.06
N GLY K 36 42.51 30.36 13.48
CA GLY K 36 41.07 30.29 13.67
C GLY K 36 40.55 28.86 13.53
N THR K 37 39.22 28.75 13.65
CA THR K 37 38.64 27.42 13.56
C THR K 37 38.68 26.85 12.15
N GLY K 38 38.96 27.68 11.13
CA GLY K 38 39.06 27.20 9.77
C GLY K 38 40.46 27.08 9.22
N ALA K 39 41.50 27.35 10.02
CA ALA K 39 42.86 27.47 9.49
C ALA K 39 43.34 26.16 8.89
N ASP K 40 43.19 25.04 9.62
CA ASP K 40 43.61 23.75 9.09
C ASP K 40 42.79 23.34 7.89
N CYS K 41 41.46 23.60 7.92
CA CYS K 41 40.63 23.34 6.75
C CYS K 41 41.15 24.01 5.49
N ALA K 42 41.89 25.13 5.64
CA ALA K 42 42.41 25.89 4.51
C ALA K 42 43.92 25.78 4.38
N ARG K 43 44.52 24.72 4.95
CA ARG K 43 45.98 24.57 4.94
C ARG K 43 46.55 24.48 3.52
N ASP K 44 45.80 23.95 2.55
CA ASP K 44 46.27 23.98 1.16
C ASP K 44 45.73 25.19 0.40
N LEU K 45 45.02 26.08 1.06
CA LEU K 45 44.59 27.29 0.41
C LEU K 45 45.42 28.44 0.95
N GLY K 46 44.85 29.29 1.78
CA GLY K 46 45.63 30.26 2.48
C GLY K 46 44.71 31.24 3.16
N PRO K 47 45.28 32.26 3.80
CA PRO K 47 44.47 33.37 4.34
C PRO K 47 43.44 33.87 3.33
N GLY K 48 42.28 34.29 3.84
CA GLY K 48 41.20 34.73 3.00
C GLY K 48 40.22 33.65 2.58
N TRP K 49 40.47 32.41 2.97
CA TRP K 49 39.61 31.30 2.59
C TRP K 49 39.06 30.66 3.85
N LYS K 50 38.12 31.39 4.49
CA LYS K 50 37.31 30.89 5.60
C LYS K 50 38.18 30.42 6.76
N ILE K 51 39.07 31.30 7.21
CA ILE K 51 40.01 30.98 8.30
C ILE K 51 39.31 31.02 9.66
N SER K 52 38.32 31.89 9.84
CA SER K 52 37.80 32.23 11.16
C SER K 52 36.28 32.39 11.11
N PRO K 53 35.54 31.29 10.86
CA PRO K 53 34.08 31.42 10.71
C PRO K 53 33.28 31.25 12.00
N SER K 54 33.91 30.68 13.03
CA SER K 54 33.19 30.29 14.24
C SER K 54 34.10 30.47 15.44
N VAL K 55 33.53 30.35 16.64
CA VAL K 55 34.34 30.40 17.86
C VAL K 55 33.99 29.20 18.71
N ASP K 56 34.96 28.73 19.49
CA ASP K 56 34.78 27.63 20.42
C ASP K 56 34.76 28.19 21.83
N ILE K 57 33.66 28.02 22.52
CA ILE K 57 33.50 28.49 23.89
C ILE K 57 33.68 27.29 24.82
N LYS K 58 34.73 27.31 25.63
CA LYS K 58 34.98 26.21 26.54
C LYS K 58 33.88 26.11 27.59
N ALA K 59 33.68 24.89 28.09
CA ALA K 59 32.67 24.63 29.12
C ALA K 59 32.80 25.61 30.29
N GLY K 60 31.66 26.16 30.72
CA GLY K 60 31.64 27.05 31.85
C GLY K 60 31.95 28.50 31.53
N GLU K 61 32.46 28.78 30.34
CA GLU K 61 33.04 30.09 30.09
C GLU K 61 32.09 30.98 29.29
N THR K 62 32.36 32.27 29.34
CA THR K 62 31.55 33.28 28.68
C THR K 62 32.35 33.91 27.56
N PHE K 63 31.73 34.07 26.40
CA PHE K 63 32.37 34.67 25.25
C PHE K 63 31.66 35.97 24.90
N GLU K 64 32.42 37.04 24.72
CA GLU K 64 31.87 38.35 24.35
C GLU K 64 31.64 38.38 22.85
N LEU K 65 30.39 38.21 22.41
CA LEU K 65 30.08 38.24 20.97
C LEU K 65 30.47 39.57 20.36
N ALA K 66 30.11 40.67 21.00
CA ALA K 66 30.26 41.97 20.40
C ALA K 66 30.48 43.02 21.49
N SER K 67 31.48 43.87 21.28
CA SER K 67 31.69 45.08 22.06
C SER K 67 31.67 46.24 21.07
N ILE K 68 30.80 47.20 21.30
CA ILE K 68 30.67 48.36 20.45
C ILE K 68 30.80 49.58 21.33
N GLU K 69 31.55 50.58 20.87
CA GLU K 69 31.66 51.85 21.57
C GLU K 69 30.75 52.88 20.91
N GLY K 70 30.34 53.88 21.69
CA GLY K 70 29.54 54.94 21.13
C GLY K 70 28.07 54.55 21.02
N ALA K 71 27.36 55.34 20.23
CA ALA K 71 25.95 55.13 20.01
C ALA K 71 25.72 54.38 18.71
N GLY K 72 24.60 53.67 18.64
CA GLY K 72 24.35 52.83 17.49
C GLY K 72 23.10 52.02 17.71
N LYS K 73 22.82 51.12 16.76
CA LYS K 73 21.61 50.33 16.82
C LYS K 73 21.87 49.02 16.10
N ILE K 74 21.75 47.90 16.82
CA ILE K 74 21.77 46.60 16.20
C ILE K 74 20.53 46.44 15.34
N THR K 75 20.71 46.01 14.10
CA THR K 75 19.60 45.84 13.18
C THR K 75 19.34 44.40 12.79
N HIS K 76 20.33 43.52 12.92
CA HIS K 76 20.14 42.12 12.56
C HIS K 76 21.19 41.29 13.26
N ILE K 77 20.73 40.28 14.00
CA ILE K 77 21.61 39.27 14.59
C ILE K 77 21.30 37.96 13.89
N TRP K 78 22.33 37.33 13.35
CA TRP K 78 22.25 35.94 12.92
C TRP K 78 23.17 35.11 13.79
N ILE K 79 22.70 33.94 14.20
CA ILE K 79 23.52 33.08 15.05
C ILE K 79 23.08 31.63 14.84
N THR K 80 24.02 30.69 14.97
CA THR K 80 23.68 29.27 14.96
C THR K 80 24.62 28.50 15.87
N THR K 81 24.14 27.35 16.33
CA THR K 81 24.88 26.35 17.10
C THR K 81 24.02 25.09 17.10
N HIS K 82 24.63 23.94 17.38
CA HIS K 82 23.90 22.66 17.34
C HIS K 82 22.80 22.62 18.40
N THR K 83 21.76 21.82 18.13
CA THR K 83 20.57 21.81 18.99
C THR K 83 20.90 21.43 20.44
N ASP K 84 21.90 20.56 20.65
CA ASP K 84 22.31 20.21 22.02
C ASP K 84 22.57 21.42 22.91
N ASN K 85 22.91 22.58 22.33
CA ASN K 85 23.26 23.76 23.11
C ASN K 85 22.14 24.78 23.23
N TRP K 86 20.95 24.50 22.68
CA TRP K 86 19.93 25.55 22.66
C TRP K 86 19.46 25.92 24.06
N ARG K 87 19.48 24.98 25.00
CA ARG K 87 19.13 25.29 26.38
C ARG K 87 20.30 25.02 27.31
N THR K 88 21.53 25.28 26.86
CA THR K 88 22.68 25.40 27.74
C THR K 88 23.42 26.73 27.60
N LEU K 89 23.14 27.52 26.56
CA LEU K 89 23.77 28.83 26.38
C LEU K 89 22.83 29.94 26.83
N ILE K 90 23.40 30.98 27.44
CA ILE K 90 22.64 32.16 27.87
C ILE K 90 23.08 33.35 27.01
N LEU K 91 22.12 34.00 26.38
CA LEU K 91 22.39 35.19 25.59
C LEU K 91 22.18 36.43 26.46
N ARG K 92 23.13 37.36 26.45
CA ARG K 92 23.04 38.57 27.28
C ARG K 92 23.40 39.80 26.47
N ALA K 93 22.69 40.90 26.73
CA ALA K 93 23.05 42.19 26.16
C ALA K 93 23.10 43.24 27.28
N PHE K 94 24.14 44.08 27.24
CA PHE K 94 24.34 45.18 28.19
C PHE K 94 24.42 46.46 27.39
N TRP K 95 23.65 47.47 27.80
CA TRP K 95 23.60 48.75 27.10
C TRP K 95 24.28 49.83 27.93
N ASP K 96 24.95 50.75 27.25
CA ASP K 96 25.47 51.98 27.84
C ASP K 96 26.40 51.71 29.01
N GLY K 97 27.12 50.59 28.99
CA GLY K 97 28.06 50.28 30.03
C GLY K 97 27.46 49.81 31.33
N ALA K 98 26.16 49.48 31.34
CA ALA K 98 25.49 48.97 32.53
C ALA K 98 26.14 47.69 33.05
N ASP K 99 26.24 47.59 34.38
CA ASP K 99 26.76 46.39 35.06
C ASP K 99 25.83 45.21 34.92
N GLU K 100 24.55 45.45 34.75
CA GLU K 100 23.54 44.42 34.67
C GLU K 100 23.02 44.28 33.23
N PRO K 101 22.65 43.08 32.80
CA PRO K 101 22.17 42.89 31.43
C PRO K 101 20.71 43.29 31.29
N ALA K 102 20.38 43.92 30.14
CA ALA K 102 18.98 44.16 29.83
C ALA K 102 18.32 42.97 29.14
N VAL K 103 19.10 42.16 28.44
CA VAL K 103 18.65 40.90 27.83
C VAL K 103 19.36 39.78 28.56
N GLU K 104 18.60 38.81 29.05
CA GLU K 104 19.21 37.66 29.74
C GLU K 104 18.30 36.46 29.49
N VAL K 105 18.60 35.72 28.42
CA VAL K 105 17.68 34.74 27.84
C VAL K 105 18.41 33.46 27.47
N PRO K 106 17.86 32.28 27.76
CA PRO K 106 18.42 31.06 27.18
C PRO K 106 18.36 31.19 25.68
N TYR K 107 19.45 30.72 25.03
CA TYR K 107 19.69 30.99 23.62
C TYR K 107 18.51 30.57 22.73
N GLY K 108 17.99 29.38 22.94
CA GLY K 108 16.98 28.87 22.01
C GLY K 108 15.68 29.64 22.12
N ASP K 109 15.30 30.01 23.35
CA ASP K 109 14.04 30.69 23.59
C ASP K 109 13.99 32.03 22.87
N PHE K 110 15.13 32.72 22.77
CA PHE K 110 15.12 34.04 22.14
C PHE K 110 14.67 33.97 20.69
N PHE K 111 14.75 32.80 20.07
CA PHE K 111 14.30 32.59 18.70
C PHE K 111 13.12 31.62 18.63
N CYS K 112 12.31 31.58 19.70
CA CYS K 112 11.10 30.75 19.71
C CYS K 112 11.41 29.27 19.55
N ASN K 113 12.54 28.83 20.09
CA ASN K 113 12.97 27.45 19.95
C ASN K 113 13.54 26.99 21.29
N GLY K 114 12.68 27.03 22.32
CA GLY K 114 13.11 26.69 23.67
C GLY K 114 13.17 25.22 24.00
N TRP K 115 12.83 24.32 23.07
CA TRP K 115 12.76 22.90 23.35
C TRP K 115 13.91 22.11 22.72
N GLY K 116 14.79 22.76 21.95
CA GLY K 116 15.91 22.06 21.35
C GLY K 116 15.52 21.16 20.20
N VAL K 117 14.39 21.45 19.56
CA VAL K 117 13.89 20.74 18.40
C VAL K 117 13.48 21.81 17.38
N PHE K 118 14.16 21.84 16.23
CA PHE K 118 13.99 22.98 15.34
C PHE K 118 12.54 23.19 14.94
N ALA K 119 12.11 24.44 14.93
CA ALA K 119 10.79 24.78 14.43
C ALA K 119 10.90 26.02 13.57
N GLN K 120 10.33 25.97 12.36
CA GLN K 120 10.33 27.10 11.44
C GLN K 120 9.53 28.26 12.03
N VAL K 121 10.09 29.46 11.94
CA VAL K 121 9.45 30.65 12.45
C VAL K 121 9.57 31.70 11.36
N ASN K 122 8.42 32.14 10.81
CA ASN K 122 8.39 33.08 9.69
C ASN K 122 8.02 34.51 10.11
N SER K 123 8.20 34.86 11.38
CA SER K 123 7.66 36.12 11.89
C SER K 123 8.48 37.32 11.40
N GLN K 124 7.99 38.53 11.72
CA GLN K 124 8.66 39.76 11.31
C GLN K 124 9.95 39.98 12.08
N ALA K 125 9.91 39.80 13.41
CA ALA K 125 11.03 40.12 14.27
C ALA K 125 12.01 38.96 14.37
N ILE K 126 11.52 37.73 14.24
CA ILE K 126 12.30 36.52 14.43
C ILE K 126 12.14 35.63 13.20
N ALA K 127 13.25 35.22 12.60
CA ALA K 127 13.22 34.20 11.56
C ALA K 127 14.15 33.07 11.97
N ALA K 128 13.58 31.87 12.12
CA ALA K 128 14.35 30.68 12.44
C ALA K 128 14.21 29.70 11.28
N ASN K 129 15.31 29.39 10.62
CA ASN K 129 15.33 28.73 9.33
C ASN K 129 16.10 27.42 9.37
N PRO K 130 15.91 26.55 8.36
CA PRO K 130 16.67 25.28 8.32
C PRO K 130 18.16 25.54 8.28
N HIS K 131 18.91 24.89 9.17
CA HIS K 131 18.40 24.13 10.29
C HIS K 131 18.99 24.78 11.52
N GLY K 132 18.21 25.59 12.23
CA GLY K 132 18.76 26.33 13.35
C GLY K 132 19.41 27.64 12.95
N GLY K 133 19.01 28.20 11.81
CA GLY K 133 19.42 29.54 11.42
C GLY K 133 18.59 30.55 12.17
N PHE K 134 19.17 31.12 13.23
CA PHE K 134 18.44 31.96 14.17
C PHE K 134 18.69 33.43 13.86
N ASN K 135 17.63 34.15 13.49
CA ASN K 135 17.74 35.55 13.07
C ASN K 135 16.84 36.44 13.92
N SER K 136 17.39 37.57 14.37
CA SER K 136 16.65 38.55 15.14
C SER K 136 16.73 39.89 14.42
N TYR K 137 15.58 40.53 14.24
CA TYR K 137 15.48 41.84 13.62
C TYR K 137 14.92 42.88 14.60
N TRP K 138 14.80 42.53 15.87
CA TRP K 138 14.57 43.50 16.93
C TRP K 138 15.62 44.61 16.87
N PRO K 139 15.24 45.86 16.61
CA PRO K 139 16.23 46.95 16.71
C PRO K 139 16.61 47.16 18.17
N MET K 140 17.93 47.28 18.42
CA MET K 140 18.45 47.44 19.78
C MET K 140 19.33 48.69 19.84
N PRO K 141 18.71 49.87 20.02
CA PRO K 141 19.48 51.13 20.08
C PRO K 141 20.17 51.31 21.42
N PHE K 142 21.32 51.99 21.37
CA PHE K 142 22.11 52.27 22.56
C PHE K 142 22.80 53.62 22.37
N ARG K 143 23.03 54.33 23.48
CA ARG K 143 23.56 55.67 23.41
C ARG K 143 25.03 55.79 23.77
N ASP K 144 25.58 54.81 24.49
CA ASP K 144 26.93 54.92 25.03
C ASP K 144 27.55 53.53 25.19
N GLY K 145 27.53 52.74 24.11
CA GLY K 145 28.17 51.44 24.07
C GLY K 145 27.18 50.27 24.18
N ALA K 146 27.64 49.10 23.75
CA ALA K 146 26.87 47.86 23.80
C ALA K 146 27.84 46.68 23.94
N ARG K 147 27.44 45.68 24.72
CA ARG K 147 28.16 44.41 24.86
C ARG K 147 27.15 43.27 24.78
N LEU K 148 27.40 42.30 23.90
CA LEU K 148 26.62 41.07 23.84
C LEU K 148 27.52 39.93 24.31
N THR K 149 26.98 39.03 25.13
CA THR K 149 27.75 37.87 25.55
C THR K 149 26.91 36.62 25.39
N ILE K 150 27.59 35.48 25.32
CA ILE K 150 26.97 34.16 25.31
C ILE K 150 27.74 33.26 26.28
N GLU K 151 27.05 32.76 27.31
CA GLU K 151 27.67 31.97 28.36
C GLU K 151 27.41 30.48 28.15
N ASN K 152 28.47 29.67 28.16
CA ASN K 152 28.33 28.22 28.01
C ASN K 152 28.25 27.60 29.39
N THR K 153 27.04 27.29 29.85
CA THR K 153 26.86 26.68 31.16
C THR K 153 26.99 25.16 31.16
N SER K 154 27.30 24.54 30.03
CA SER K 154 27.33 23.08 29.89
C SER K 154 28.73 22.53 30.17
N VAL K 155 28.81 21.21 30.32
CA VAL K 155 30.10 20.58 30.63
C VAL K 155 30.94 20.29 29.39
N VAL K 156 30.45 20.61 28.18
CA VAL K 156 31.21 20.41 26.95
C VAL K 156 31.54 21.76 26.30
N ASP K 157 32.63 21.76 25.52
CA ASP K 157 32.98 22.91 24.71
C ASP K 157 31.99 23.05 23.55
N VAL K 158 31.68 24.28 23.18
CA VAL K 158 30.59 24.57 22.26
C VAL K 158 31.10 25.42 21.09
N ARG K 159 30.59 25.16 19.89
CA ARG K 159 30.94 25.92 18.70
C ARG K 159 29.77 26.83 18.33
N VAL K 160 30.07 28.09 18.00
CA VAL K 160 29.05 29.10 17.72
C VAL K 160 29.49 29.93 16.52
N TYR K 161 28.60 30.09 15.55
CA TYR K 161 28.78 31.04 14.46
C TYR K 161 27.84 32.23 14.69
N TYR K 162 28.28 33.43 14.30
CA TYR K 162 27.40 34.58 14.55
C TYR K 162 27.74 35.74 13.62
N GLN K 163 26.77 36.62 13.46
CA GLN K 163 26.93 37.82 12.62
C GLN K 163 26.05 38.90 13.22
N VAL K 164 26.66 39.93 13.80
CA VAL K 164 25.92 40.97 14.51
C VAL K 164 26.03 42.26 13.70
N THR K 165 24.96 42.64 13.02
CA THR K 165 24.98 43.80 12.12
C THR K 165 24.33 45.01 12.79
N TYR K 166 25.01 46.16 12.76
CA TYR K 166 24.49 47.34 13.43
C TYR K 166 24.75 48.59 12.61
N GLU K 167 24.13 49.70 13.03
CA GLU K 167 24.25 50.97 12.35
C GLU K 167 24.87 52.01 13.28
N ILE K 168 25.59 52.96 12.68
CA ILE K 168 26.10 54.13 13.38
C ILE K 168 25.59 55.37 12.67
N GLY K 169 25.22 56.39 13.44
CA GLY K 169 24.96 57.70 12.87
C GLY K 169 23.55 58.22 13.00
N GLY K 170 22.70 57.49 13.74
CA GLY K 170 21.36 57.94 14.03
C GLY K 170 21.25 58.55 15.42
N ASP K 171 20.08 59.11 15.69
CA ASP K 171 19.81 59.80 16.97
C ASP K 171 18.99 58.87 17.86
N HIS K 172 19.59 58.40 18.94
CA HIS K 172 18.94 57.45 19.83
C HIS K 172 18.57 58.07 21.18
N SER K 173 18.64 59.39 21.30
CA SER K 173 18.30 60.05 22.55
C SER K 173 16.83 59.85 22.93
N ASN K 174 15.95 59.56 21.97
CA ASN K 174 14.58 59.18 22.30
C ASN K 174 14.23 57.74 21.93
N ASP K 175 15.22 56.87 21.73
CA ASP K 175 14.96 55.46 21.46
C ASP K 175 15.05 54.67 22.75
N ALA K 176 14.08 53.80 23.01
CA ALA K 176 14.15 52.96 24.18
C ALA K 176 15.23 51.90 24.00
N TYR K 177 15.63 51.30 25.12
CA TYR K 177 16.52 50.15 25.10
C TYR K 177 15.70 48.87 25.05
N PHE K 178 16.25 47.87 24.35
CA PHE K 178 15.62 46.56 24.20
C PHE K 178 15.96 45.67 25.38
N HIS K 179 14.94 45.04 25.96
CA HIS K 179 15.09 44.12 27.09
C HIS K 179 14.44 42.80 26.78
N ALA K 180 14.96 41.73 27.38
CA ALA K 180 14.27 40.44 27.31
C ALA K 180 14.54 39.64 28.57
N GLN K 181 13.49 39.04 29.13
CA GLN K 181 13.60 38.26 30.36
C GLN K 181 12.90 36.92 30.23
N TRP K 182 13.46 35.92 30.92
CA TRP K 182 13.01 34.52 30.86
C TRP K 182 12.68 33.99 32.25
N ARG K 183 11.53 33.33 32.37
CA ARG K 183 11.14 32.66 33.62
C ARG K 183 10.53 31.31 33.31
N ARG K 184 10.90 30.29 34.08
CA ARG K 184 10.38 28.94 33.92
C ARG K 184 9.86 28.44 35.26
N SER K 185 8.68 27.83 35.24
CA SER K 185 8.18 27.14 36.41
C SER K 185 7.82 25.71 36.02
N ASN K 186 8.36 24.75 36.75
CA ASN K 186 8.36 23.35 36.34
C ASN K 186 8.52 22.48 37.58
N PRO K 187 7.41 21.99 38.15
CA PRO K 187 6.04 22.25 37.73
C PRO K 187 5.48 23.52 38.35
N LEU K 188 4.58 24.20 37.63
CA LEU K 188 3.88 25.35 38.19
C LEU K 188 3.19 24.96 39.48
N GLU K 189 3.33 25.80 40.51
CA GLU K 189 2.65 25.54 41.77
C GLU K 189 1.13 25.67 41.60
N GLU K 190 0.42 25.05 42.52
CA GLU K 190 -1.03 25.03 42.44
C GLU K 190 -1.61 26.43 42.56
N LEU K 191 -2.65 26.71 41.76
CA LEU K 191 -3.39 27.98 41.80
C LEU K 191 -2.44 29.19 41.75
N THR K 192 -1.44 29.13 40.89
CA THR K 192 -0.44 30.18 40.82
C THR K 192 -0.27 30.60 39.36
N PRO K 193 -0.58 31.84 39.01
CA PRO K 193 -0.31 32.30 37.64
C PRO K 193 1.18 32.19 37.36
N HIS K 194 1.53 31.75 36.16
CA HIS K 194 2.93 31.78 35.76
C HIS K 194 3.34 33.23 35.50
N VAL K 195 4.39 33.67 36.18
CA VAL K 195 4.83 35.05 36.09
C VAL K 195 5.67 35.21 34.84
N ILE K 196 5.32 36.19 34.00
CA ILE K 196 6.07 36.48 32.79
C ILE K 196 7.01 37.66 33.01
N LEU K 197 6.58 38.61 33.84
CA LEU K 197 7.30 39.87 34.02
C LEU K 197 6.80 40.54 35.29
N GLU K 198 7.74 41.05 36.07
CA GLU K 198 7.49 41.50 37.44
C GLU K 198 8.31 42.78 37.69
N GLY K 199 7.66 43.82 38.24
CA GLY K 199 8.37 44.94 38.86
C GLY K 199 9.17 45.87 37.97
N ILE K 200 8.78 46.04 36.70
CA ILE K 200 9.54 46.88 35.77
C ILE K 200 9.22 48.35 36.02
N GLU K 201 10.25 49.17 36.21
CA GLU K 201 10.07 50.61 36.44
C GLU K 201 10.61 51.43 35.28
N GLY K 202 9.81 52.36 34.78
CA GLY K 202 10.23 53.28 33.73
C GLY K 202 9.15 53.45 32.68
N GLU K 203 9.39 54.29 31.67
CA GLU K 203 8.51 54.43 30.52
C GLU K 203 8.97 53.46 29.44
N GLY K 204 8.03 52.95 28.66
CA GLY K 204 8.33 51.96 27.65
C GLY K 204 7.07 51.27 27.14
N HIS K 205 7.27 50.12 26.51
CA HIS K 205 6.15 49.39 25.93
C HIS K 205 6.52 47.91 25.75
N TYR K 206 5.57 47.05 26.11
CA TYR K 206 5.73 45.61 26.00
C TYR K 206 5.46 45.18 24.57
N VAL K 207 6.34 44.34 24.00
CA VAL K 207 6.28 44.05 22.57
C VAL K 207 6.36 42.57 22.19
N GLY K 208 6.60 41.66 23.15
CA GLY K 208 6.70 40.26 22.75
C GLY K 208 6.69 39.16 23.80
N THR K 209 6.02 38.04 23.51
CA THR K 209 5.95 36.86 24.38
C THR K 209 6.23 35.61 23.55
N TYR K 210 7.21 34.83 23.99
CA TYR K 210 7.33 33.44 23.55
C TYR K 210 7.18 32.55 24.77
N ILE K 211 6.31 31.54 24.67
CA ILE K 211 6.09 30.61 25.78
C ILE K 211 6.34 29.19 25.29
N ALA K 212 7.21 28.50 25.99
CA ALA K 212 7.40 27.05 25.86
C ALA K 212 6.55 26.36 26.91
N TRP K 213 5.62 25.49 26.48
CA TRP K 213 4.61 24.90 27.36
C TRP K 213 4.58 23.39 27.19
N GLY K 214 4.84 22.67 28.28
CA GLY K 214 4.69 21.20 28.33
C GLY K 214 3.58 20.84 29.31
N VAL K 215 2.71 19.92 28.90
CA VAL K 215 1.40 19.71 29.53
C VAL K 215 1.39 18.40 30.31
N ASN K 216 0.97 18.47 31.58
CA ASN K 216 0.94 17.31 32.47
C ASN K 216 -0.48 16.84 32.80
N SER K 217 -1.51 17.42 32.21
CA SER K 217 -2.87 16.89 32.30
C SER K 217 -3.40 16.58 30.91
N ASN K 218 -4.33 15.63 30.83
CA ASN K 218 -5.02 15.35 29.59
C ASN K 218 -6.07 16.43 29.31
N GLY K 219 -6.58 16.44 28.09
CA GLY K 219 -7.58 17.43 27.78
C GLY K 219 -6.94 18.70 27.27
N TRP K 220 -7.75 19.74 27.14
CA TRP K 220 -7.24 21.01 26.64
C TRP K 220 -6.59 21.76 27.79
N TRP K 221 -5.45 22.41 27.51
CA TRP K 221 -4.56 22.94 28.54
C TRP K 221 -4.48 24.47 28.56
N GLY K 222 -5.20 25.15 27.67
CA GLY K 222 -4.92 26.56 27.50
C GLY K 222 -6.10 27.49 27.68
N GLU K 223 -6.89 27.24 28.73
CA GLU K 223 -7.97 28.16 29.03
C GLU K 223 -7.46 29.44 29.68
N GLY K 224 -6.28 29.41 30.29
CA GLY K 224 -5.88 30.49 31.20
C GLY K 224 -5.60 31.82 30.50
N GLU K 225 -5.96 32.91 31.18
CA GLU K 225 -5.87 34.25 30.62
C GLU K 225 -4.56 34.94 30.98
N ILE K 226 -4.02 35.71 30.03
CA ILE K 226 -2.91 36.62 30.29
C ILE K 226 -3.45 37.92 30.90
N LYS K 227 -2.66 38.51 31.79
CA LYS K 227 -3.03 39.76 32.47
C LYS K 227 -1.84 40.71 32.47
N PHE K 228 -2.04 41.93 31.99
CA PHE K 228 -1.02 42.96 32.02
C PHE K 228 -1.44 43.98 33.07
N TYR K 229 -0.66 44.07 34.14
CA TYR K 229 -0.82 45.08 35.17
C TYR K 229 0.13 46.22 34.83
N LEU K 230 -0.41 47.40 34.48
CA LEU K 230 0.41 48.52 34.04
C LEU K 230 0.26 49.71 34.97
N ASP K 231 1.36 50.44 35.17
CA ASP K 231 1.37 51.73 35.85
C ASP K 231 0.85 51.63 37.27
N ASP K 232 -0.33 52.19 37.56
CA ASP K 232 -0.87 52.22 38.91
C ASP K 232 -1.59 50.94 39.31
N ASP K 233 -1.66 49.93 38.44
CA ASP K 233 -2.43 48.73 38.75
C ASP K 233 -1.85 48.01 39.96
N THR K 234 -2.74 47.42 40.77
CA THR K 234 -2.31 46.60 41.87
C THR K 234 -3.10 45.31 41.86
N ASP K 235 -4.31 45.31 42.44
CA ASP K 235 -5.10 44.10 42.52
C ASP K 235 -5.69 43.66 41.17
N HIS K 236 -5.84 44.57 40.20
CA HIS K 236 -6.47 44.16 38.94
C HIS K 236 -5.80 44.72 37.69
N PRO K 237 -5.72 43.94 36.62
CA PRO K 237 -4.98 44.36 35.43
C PRO K 237 -5.77 45.34 34.56
N THR K 238 -5.02 46.10 33.76
CA THR K 238 -5.65 46.95 32.76
C THR K 238 -6.06 46.15 31.53
N ILE K 239 -5.22 45.23 31.07
CA ILE K 239 -5.55 44.33 29.97
C ILE K 239 -5.73 42.92 30.52
N CYS K 240 -6.93 42.35 30.34
CA CYS K 240 -7.20 40.98 30.72
C CYS K 240 -7.59 40.16 29.48
N GLY K 241 -6.85 39.08 29.23
CA GLY K 241 -7.11 38.22 28.09
C GLY K 241 -8.27 37.26 28.32
N THR K 242 -8.53 36.42 27.31
CA THR K 242 -9.63 35.46 27.40
C THR K 242 -9.20 34.01 27.23
N GLY K 243 -7.89 33.75 27.05
CA GLY K 243 -7.40 32.38 26.89
C GLY K 243 -5.97 32.32 26.38
N THR K 244 -5.32 31.16 26.53
CA THR K 244 -3.91 31.04 26.17
C THR K 244 -3.74 31.02 24.66
N GLU K 245 -4.51 30.18 23.96
CA GLU K 245 -4.49 30.22 22.51
C GLU K 245 -5.05 31.55 22.00
N ASP K 246 -6.02 32.14 22.72
CA ASP K 246 -6.58 33.43 22.31
C ASP K 246 -5.51 34.48 22.26
N TYR K 247 -4.71 34.57 23.33
CA TYR K 247 -3.65 35.57 23.37
C TYR K 247 -2.70 35.45 22.19
N PHE K 248 -2.41 34.21 21.76
CA PHE K 248 -1.46 33.99 20.67
C PHE K 248 -2.11 34.02 19.29
N GLY K 249 -3.32 34.55 19.16
CA GLY K 249 -3.94 34.71 17.87
C GLY K 249 -4.76 33.52 17.39
N GLY K 250 -4.76 32.42 18.13
CA GLY K 250 -5.50 31.23 17.76
C GLY K 250 -6.89 31.23 18.37
N ALA K 251 -7.58 30.10 18.24
CA ALA K 251 -8.89 29.91 18.84
C ALA K 251 -9.18 28.41 18.95
N TRP K 252 -10.09 28.07 19.85
CA TRP K 252 -10.66 26.73 19.93
C TRP K 252 -9.57 25.65 19.94
N ASN K 253 -8.64 25.78 20.89
CA ASN K 253 -7.65 24.76 21.22
C ASN K 253 -6.58 24.57 20.15
N PHE K 254 -6.48 25.48 19.17
CA PHE K 254 -5.60 25.29 18.01
C PHE K 254 -5.98 24.07 17.19
N ASP K 255 -7.24 23.66 17.24
CA ASP K 255 -7.68 22.32 16.82
C ASP K 255 -8.50 22.40 15.52
N ILE K 256 -7.87 22.11 14.40
CA ILE K 256 -8.59 22.09 13.12
C ILE K 256 -9.29 20.73 13.05
N PRO K 257 -10.61 20.69 12.90
CA PRO K 257 -11.31 19.40 12.87
C PRO K 257 -10.69 18.45 11.85
N GLY K 258 -10.39 17.22 12.29
CA GLY K 258 -9.76 16.23 11.44
C GLY K 258 -8.26 16.32 11.35
N LYS K 259 -7.65 17.34 11.95
CA LYS K 259 -6.22 17.55 11.89
C LYS K 259 -5.57 17.66 13.26
N GLY K 260 -6.31 18.06 14.28
CA GLY K 260 -5.70 18.28 15.58
C GLY K 260 -4.95 19.59 15.65
N TYR K 261 -4.01 19.67 16.59
CA TYR K 261 -3.19 20.87 16.75
C TYR K 261 -2.46 21.17 15.46
N THR K 262 -2.49 22.43 15.04
CA THR K 262 -1.90 22.81 13.76
C THR K 262 -0.93 23.95 13.98
N GLU K 263 0.34 23.72 13.68
CA GLU K 263 1.33 24.79 13.70
C GLU K 263 0.97 25.88 12.69
N PHE K 264 1.37 27.11 13.02
CA PHE K 264 1.18 28.26 12.14
C PHE K 264 2.22 29.30 12.53
N SER K 265 2.51 30.20 11.60
CA SER K 265 3.53 31.21 11.86
C SER K 265 3.24 32.38 10.95
N THR K 266 2.86 33.51 11.54
CA THR K 266 2.41 34.67 10.80
C THR K 266 3.29 35.84 11.24
N PRO K 267 3.14 37.06 10.69
CA PRO K 267 4.13 38.10 11.06
C PRO K 267 4.15 38.37 12.55
N TYR K 268 3.00 38.36 13.23
CA TYR K 268 2.96 38.73 14.63
C TYR K 268 2.47 37.62 15.55
N LEU K 269 1.96 36.51 15.03
CA LEU K 269 1.35 35.49 15.86
C LEU K 269 1.77 34.13 15.35
N GLY K 270 1.99 33.20 16.27
CA GLY K 270 2.32 31.85 15.87
C GLY K 270 2.28 30.85 16.99
N MET K 271 2.03 29.59 16.62
CA MET K 271 2.42 28.41 17.37
C MET K 271 3.35 27.64 16.42
N PRO K 272 4.61 28.03 16.34
CA PRO K 272 5.52 27.37 15.38
C PRO K 272 5.81 25.92 15.71
N GLN K 273 5.58 25.48 16.94
CA GLN K 273 6.05 24.18 17.38
C GLN K 273 4.94 23.40 18.07
N VAL K 274 4.75 22.14 17.65
CA VAL K 274 3.96 21.16 18.38
C VAL K 274 4.80 19.88 18.43
N ILE K 275 5.27 19.51 19.61
CA ILE K 275 6.03 18.28 19.78
C ILE K 275 5.09 17.21 20.30
N ARG K 276 4.91 16.13 19.52
CA ARG K 276 4.08 14.98 19.87
C ARG K 276 4.93 13.85 20.44
N PRO K 277 4.47 13.24 21.54
CA PRO K 277 5.19 12.11 22.11
C PRO K 277 5.35 10.97 21.12
N ASP K 278 6.52 10.32 21.17
CA ASP K 278 6.81 9.25 20.23
C ASP K 278 6.45 7.88 20.78
N GLY K 279 5.86 7.81 21.97
CA GLY K 279 5.46 6.57 22.59
C GLY K 279 6.59 5.80 23.23
N LEU K 280 7.81 6.33 23.20
CA LEU K 280 8.93 5.71 23.91
C LEU K 280 9.52 6.75 24.86
N TYR K 281 10.76 7.20 24.64
CA TYR K 281 11.41 8.11 25.58
C TYR K 281 11.09 9.59 25.35
N VAL K 282 10.52 9.99 24.21
CA VAL K 282 10.08 11.37 24.02
C VAL K 282 8.61 11.40 24.42
N SER K 283 8.37 11.53 25.72
CA SER K 283 7.04 11.30 26.29
C SER K 283 6.26 12.56 26.62
N GLN K 284 6.87 13.76 26.49
CA GLN K 284 6.22 15.01 26.90
C GLN K 284 5.64 15.71 25.68
N GLN K 285 4.33 15.98 25.72
CA GLN K 285 3.67 16.79 24.69
C GLN K 285 3.93 18.27 24.97
N ARG K 286 4.48 18.98 23.98
CA ARG K 286 5.00 20.33 24.21
C ARG K 286 4.60 21.27 23.08
N PHE K 287 4.57 22.57 23.39
CA PHE K 287 4.22 23.59 22.41
C PHE K 287 5.14 24.79 22.56
N GLY K 288 5.31 25.54 21.47
CA GLY K 288 6.01 26.81 21.49
C GLY K 288 5.15 27.83 20.77
N MET K 289 4.92 28.98 21.38
CA MET K 289 3.99 29.98 20.87
C MET K 289 4.59 31.35 21.04
N TYR K 290 4.33 32.25 20.09
CA TYR K 290 4.85 33.60 20.18
C TYR K 290 3.80 34.61 19.76
N ARG K 291 3.90 35.80 20.32
CA ARG K 291 3.13 36.95 19.87
C ARG K 291 4.00 38.20 20.00
N TRP K 292 4.17 38.91 18.89
CA TRP K 292 4.86 40.19 18.86
C TRP K 292 3.84 41.31 18.83
N HIS K 293 4.00 42.27 19.75
CA HIS K 293 3.11 43.43 19.83
C HIS K 293 3.81 44.63 19.19
N LEU K 294 3.88 44.60 17.86
CA LEU K 294 4.61 45.61 17.10
C LEU K 294 3.71 46.71 16.55
N GLN K 295 2.64 46.35 15.81
CA GLN K 295 1.63 47.33 15.44
C GLN K 295 0.80 47.74 16.65
N ASP K 296 0.75 46.90 17.68
CA ASP K 296 -0.11 47.09 18.84
C ASP K 296 0.69 46.92 20.13
N PRO K 297 1.74 47.72 20.33
CA PRO K 297 2.52 47.60 21.57
C PRO K 297 1.65 47.91 22.78
N ILE K 298 2.02 47.33 23.92
CA ILE K 298 1.34 47.58 25.19
C ILE K 298 2.20 48.60 25.93
N HIS K 299 1.78 49.86 25.92
CA HIS K 299 2.56 50.95 26.48
C HIS K 299 2.39 51.01 28.00
N PHE K 300 3.35 51.65 28.65
CA PHE K 300 3.20 52.01 30.05
C PHE K 300 4.03 53.26 30.30
N ALA K 301 3.53 54.11 31.20
CA ALA K 301 4.19 55.40 31.43
C ALA K 301 5.18 55.36 32.59
N THR K 302 4.89 54.57 33.64
CA THR K 302 5.78 54.49 34.80
C THR K 302 6.23 53.08 35.15
N GLY K 303 5.62 52.04 34.62
CA GLY K 303 6.12 50.71 34.89
C GLY K 303 5.16 49.61 34.49
N ILE K 304 5.65 48.38 34.64
CA ILE K 304 4.84 47.18 34.57
C ILE K 304 4.99 46.43 35.88
N PRO K 305 4.05 46.59 36.81
CA PRO K 305 4.06 45.76 38.02
C PRO K 305 4.11 44.25 37.76
N LYS K 306 3.34 43.75 36.81
CA LYS K 306 3.21 42.31 36.65
C LYS K 306 2.55 41.97 35.31
N VAL K 307 3.11 40.98 34.62
CA VAL K 307 2.42 40.28 33.54
C VAL K 307 2.42 38.82 33.94
N ASP K 308 1.26 38.17 33.86
CA ASP K 308 1.21 36.74 34.15
C ASP K 308 0.10 36.10 33.35
N ILE K 309 0.06 34.77 33.41
CA ILE K 309 -0.83 33.97 32.59
C ILE K 309 -1.27 32.78 33.43
N GLN K 310 -2.56 32.48 33.37
CA GLN K 310 -3.10 31.39 34.17
C GLN K 310 -2.86 30.07 33.44
N ALA K 311 -2.63 29.03 34.22
CA ALA K 311 -2.51 27.68 33.69
C ALA K 311 -3.74 26.89 34.09
N LEU K 312 -4.74 26.82 33.19
CA LEU K 312 -6.02 26.17 33.48
C LEU K 312 -6.38 25.16 32.38
N GLY K 313 -6.73 23.95 32.80
CA GLY K 313 -7.31 22.95 31.91
C GLY K 313 -8.73 22.60 32.33
N TRP K 314 -9.13 21.33 32.17
CA TRP K 314 -10.51 20.92 32.44
C TRP K 314 -10.56 19.71 33.35
N ARG K 315 -11.53 19.75 34.26
CA ARG K 315 -11.85 18.68 35.19
C ARG K 315 -13.29 18.25 34.93
N SER K 316 -13.73 17.14 35.53
CA SER K 316 -15.10 16.68 35.28
C SER K 316 -16.12 17.64 35.89
N GLY K 317 -17.31 17.68 35.28
CA GLY K 317 -18.32 18.63 35.67
C GLY K 317 -18.06 20.04 35.20
N TRP K 318 -17.41 20.18 34.04
CA TRP K 318 -17.05 21.47 33.45
C TRP K 318 -16.39 22.41 34.47
N ARG K 319 -15.35 21.91 35.14
CA ARG K 319 -14.59 22.70 36.10
C ARG K 319 -13.18 22.93 35.58
N TYR K 320 -12.72 24.19 35.62
CA TYR K 320 -11.31 24.49 35.37
C TYR K 320 -10.41 23.65 36.26
N LEU K 321 -9.38 23.07 35.65
CA LEU K 321 -8.41 22.32 36.42
C LEU K 321 -7.14 23.17 36.52
N PRO K 322 -6.69 23.53 37.73
CA PRO K 322 -5.40 24.21 37.84
C PRO K 322 -4.29 23.24 37.43
N LEU K 323 -3.49 23.66 36.46
CA LEU K 323 -2.51 22.79 35.84
C LEU K 323 -1.16 22.92 36.55
N ARG K 324 -0.55 21.77 36.84
CA ARG K 324 0.82 21.74 37.34
C ARG K 324 1.77 21.50 36.17
N ASP K 325 1.82 22.49 35.29
CA ASP K 325 2.45 22.34 33.98
C ASP K 325 3.87 22.89 33.99
N ASP K 326 4.55 22.71 32.87
CA ASP K 326 5.95 23.10 32.66
C ASP K 326 5.92 24.27 31.68
N ILE K 327 6.12 25.49 32.18
CA ILE K 327 5.85 26.71 31.42
C ILE K 327 7.05 27.62 31.49
N ALA K 328 7.58 27.99 30.32
CA ALA K 328 8.72 28.89 30.25
C ALA K 328 8.34 30.06 29.36
N SER K 329 8.59 31.28 29.82
CA SER K 329 8.17 32.46 29.08
C SER K 329 9.39 33.32 28.81
N THR K 330 9.43 33.90 27.61
CA THR K 330 10.39 34.93 27.23
C THR K 330 9.62 36.20 26.92
N ALA K 331 9.96 37.30 27.58
CA ALA K 331 9.21 38.55 27.47
C ALA K 331 10.10 39.65 26.92
N MET K 332 9.62 40.32 25.88
CA MET K 332 10.38 41.37 25.20
C MET K 332 9.70 42.71 25.45
N PHE K 333 10.48 43.71 25.85
CA PHE K 333 9.91 45.02 26.09
C PHE K 333 10.95 46.10 25.84
N TYR K 334 10.49 47.27 25.43
CA TYR K 334 11.36 48.43 25.35
C TYR K 334 11.17 49.31 26.59
N LEU K 335 12.26 49.88 27.07
CA LEU K 335 12.28 50.67 28.30
C LEU K 335 13.21 51.87 28.12
N ASP K 336 12.93 52.95 28.84
CA ASP K 336 13.76 54.15 28.75
C ASP K 336 14.98 54.10 29.66
N ARG K 337 15.25 52.96 30.27
CA ARG K 337 16.42 52.73 31.12
C ARG K 337 17.15 51.50 30.60
N PRO K 338 18.46 51.42 30.80
CA PRO K 338 19.19 50.22 30.33
C PRO K 338 19.09 49.02 31.26
N THR K 339 18.64 49.17 32.51
CA THR K 339 18.49 48.05 33.44
C THR K 339 17.07 48.03 34.01
N ALA K 340 16.74 46.94 34.68
CA ALA K 340 15.40 46.74 35.21
C ALA K 340 15.41 45.50 36.09
N ARG K 341 14.38 45.39 36.94
CA ARG K 341 14.25 44.22 37.80
C ARG K 341 14.10 42.97 36.95
N ARG K 342 14.86 41.93 37.29
CA ARG K 342 15.02 40.68 36.56
C ARG K 342 14.66 39.50 37.44
N PRO K 343 14.29 38.36 36.85
CA PRO K 343 14.20 37.13 37.64
C PRO K 343 15.60 36.66 37.99
N LYS K 344 15.72 35.58 38.77
CA LYS K 344 17.05 35.02 38.99
C LYS K 344 17.65 34.61 37.65
N SER K 345 18.98 34.63 37.59
CA SER K 345 19.67 34.26 36.36
C SER K 345 19.38 32.79 36.03
N PRO K 346 19.17 32.44 34.75
CA PRO K 346 18.84 31.06 34.40
C PRO K 346 20.05 30.15 34.60
N SER K 347 19.83 29.00 35.20
CA SER K 347 20.91 28.09 35.53
C SER K 347 20.84 26.84 34.66
N ALA K 348 21.94 26.09 34.67
CA ALA K 348 22.03 24.88 33.86
C ALA K 348 20.88 23.93 34.17
N ASP K 349 20.58 23.74 35.46
CA ASP K 349 19.54 22.80 35.84
C ASP K 349 18.15 23.30 35.45
N ASP K 350 17.89 24.60 35.57
CA ASP K 350 16.54 25.10 35.24
C ASP K 350 16.29 25.18 33.75
N MET K 351 17.34 25.44 32.95
CA MET K 351 17.21 25.50 31.51
C MET K 351 17.12 24.13 30.88
N GLU K 352 17.68 23.11 31.53
CA GLU K 352 17.90 21.83 30.87
C GLU K 352 16.60 21.25 30.31
N VAL K 353 16.65 20.83 29.06
CA VAL K 353 15.71 19.87 28.50
C VAL K 353 16.49 18.65 28.02
N HIS K 354 15.81 17.52 27.97
CA HIS K 354 16.39 16.25 27.55
C HIS K 354 17.00 16.36 26.14
N LEU K 355 18.22 15.82 25.97
CA LEU K 355 18.91 15.81 24.68
C LEU K 355 18.56 14.54 23.90
N GLY K 356 18.04 14.71 22.69
CA GLY K 356 17.85 13.55 21.83
C GLY K 356 16.62 12.72 22.16
N THR K 357 16.66 11.45 21.75
CA THR K 357 15.52 10.56 21.84
C THR K 357 15.80 9.33 22.70
N ALA K 358 16.98 9.23 23.29
CA ALA K 358 17.42 8.03 23.98
C ALA K 358 16.93 8.03 25.43
N PRO K 359 17.12 6.93 26.18
CA PRO K 359 16.70 6.93 27.58
C PRO K 359 17.51 7.86 28.48
N VAL K 360 18.67 8.34 28.03
CA VAL K 360 19.59 9.13 28.84
C VAL K 360 20.08 10.28 27.95
N PRO K 361 20.01 11.55 28.41
CA PRO K 361 20.46 12.66 27.54
C PRO K 361 21.83 12.46 26.90
N ASP K 362 22.75 11.84 27.63
CA ASP K 362 24.11 11.67 27.11
C ASP K 362 24.18 10.61 26.01
N LEU K 363 23.22 9.69 25.95
CA LEU K 363 23.19 8.71 24.88
C LEU K 363 22.74 9.34 23.57
N GLY K 364 21.81 10.29 23.63
CA GLY K 364 21.28 10.95 22.46
C GLY K 364 21.99 12.23 22.07
N ALA K 365 23.07 12.60 22.75
CA ALA K 365 23.80 13.79 22.38
C ALA K 365 24.58 13.55 21.10
N THR K 366 24.97 14.63 20.45
CA THR K 366 25.75 14.56 19.21
C THR K 366 27.14 15.14 19.44
N PRO K 367 28.20 14.31 19.54
CA PRO K 367 28.17 12.85 19.61
C PRO K 367 27.79 12.35 21.01
N PRO K 368 27.41 11.08 21.12
CA PRO K 368 27.08 10.52 22.43
C PRO K 368 28.23 10.72 23.40
N ARG K 369 27.89 11.04 24.65
CA ARG K 369 28.95 11.40 25.59
C ARG K 369 29.54 10.17 26.25
N VAL K 370 28.70 9.30 26.80
CA VAL K 370 29.14 7.99 27.29
C VAL K 370 30.28 8.19 28.28
N LEU K 371 30.10 9.14 29.20
CA LEU K 371 31.07 9.46 30.25
C LEU K 371 30.40 9.38 31.62
N PRO L 2 3.09 51.76 15.74
CA PRO L 2 4.42 51.61 15.12
C PRO L 2 4.57 50.31 14.32
N ASP L 3 5.80 50.02 13.94
CA ASP L 3 6.11 48.76 13.27
C ASP L 3 7.51 48.36 13.69
N LEU L 4 8.01 47.25 13.13
CA LEU L 4 9.34 46.77 13.48
C LEU L 4 10.36 47.89 13.35
N ASN L 5 10.29 48.63 12.24
CA ASN L 5 11.25 49.69 11.96
C ASN L 5 11.22 50.81 13.00
N SER L 6 10.05 51.12 13.55
CA SER L 6 9.93 52.26 14.45
C SER L 6 9.62 51.85 15.88
N ILE L 7 9.65 50.55 16.19
CA ILE L 7 9.17 50.07 17.49
C ILE L 7 9.95 50.64 18.66
N ALA L 8 11.20 51.08 18.45
CA ALA L 8 12.03 51.48 19.58
C ALA L 8 11.76 52.90 20.08
N ALA L 9 11.14 53.77 19.29
CA ALA L 9 10.96 55.14 19.72
C ALA L 9 10.06 55.23 20.95
N LEU L 10 10.47 56.04 21.92
CA LEU L 10 9.64 56.33 23.08
C LEU L 10 8.46 57.20 22.66
N ARG L 11 7.25 56.78 23.01
CA ARG L 11 6.04 57.47 22.59
C ARG L 11 5.12 57.64 23.78
N GLN L 12 4.56 58.85 23.93
CA GLN L 12 3.62 59.14 25.00
C GLN L 12 2.23 58.70 24.55
N VAL L 13 2.00 57.39 24.64
CA VAL L 13 0.77 56.76 24.18
C VAL L 13 0.32 55.81 25.28
N GLN L 14 -0.99 55.71 25.47
CA GLN L 14 -1.56 54.70 26.35
C GLN L 14 -2.18 53.59 25.50
N THR L 15 -2.05 52.35 25.98
CA THR L 15 -2.65 51.19 25.33
C THR L 15 -3.78 50.67 26.22
N ARG L 16 -4.96 50.48 25.63
CA ARG L 16 -6.10 49.96 26.35
C ARG L 16 -6.66 48.76 25.58
N SER L 17 -7.49 47.96 26.27
CA SER L 17 -7.98 46.74 25.65
C SER L 17 -9.33 46.35 26.23
N ILE L 18 -10.30 46.15 25.34
CA ILE L 18 -11.68 45.83 25.69
C ILE L 18 -11.92 44.36 25.36
N SER L 19 -12.29 43.59 26.38
CA SER L 19 -12.63 42.18 26.25
C SER L 19 -13.84 41.90 27.14
N PRO L 20 -14.40 40.68 27.12
CA PRO L 20 -15.40 40.33 28.13
C PRO L 20 -14.87 40.37 29.57
N GLU L 21 -13.56 40.37 29.78
CA GLU L 21 -12.99 40.55 31.11
C GLU L 21 -12.73 42.02 31.44
N ASN L 22 -12.99 42.92 30.50
CA ASN L 22 -12.89 44.35 30.75
C ASN L 22 -13.77 45.08 29.73
N PHE L 23 -15.10 45.10 29.97
CA PHE L 23 -16.04 45.54 28.93
C PHE L 23 -15.78 46.97 28.50
N ASP L 24 -15.27 47.82 29.38
CA ASP L 24 -15.03 49.21 29.03
C ASP L 24 -13.56 49.53 28.87
N GLY L 25 -12.67 48.59 29.15
CA GLY L 25 -11.26 48.82 28.92
C GLY L 25 -10.61 49.84 29.82
N THR L 26 -11.17 50.05 31.01
CA THR L 26 -10.62 51.00 31.96
C THR L 26 -9.30 50.50 32.54
N ALA L 27 -8.49 51.45 33.00
CA ALA L 27 -7.27 51.10 33.73
C ALA L 27 -7.63 50.42 35.04
N GLY L 28 -6.96 49.31 35.33
CA GLY L 28 -7.24 48.57 36.53
C GLY L 28 -8.59 47.89 36.59
N GLY L 29 -9.32 47.81 35.47
CA GLY L 29 -10.67 47.30 35.47
C GLY L 29 -10.86 45.89 34.96
N GLY L 30 -9.79 45.12 34.74
CA GLY L 30 -9.92 43.78 34.19
C GLY L 30 -10.02 42.70 35.25
N GLY L 31 -10.73 41.63 34.92
CA GLY L 31 -10.77 40.51 35.83
C GLY L 31 -11.53 40.72 37.12
N ARG L 32 -12.50 41.63 37.14
CA ARG L 32 -13.25 41.91 38.37
C ARG L 32 -14.58 41.19 38.43
N ALA L 33 -15.05 40.61 37.32
CA ALA L 33 -16.36 39.99 37.25
C ALA L 33 -16.54 38.93 38.33
N THR L 34 -17.73 38.89 38.92
CA THR L 34 -18.18 37.76 39.70
C THR L 34 -19.31 36.99 39.03
N GLU L 35 -19.92 37.55 37.97
CA GLU L 35 -20.88 36.88 37.11
C GLU L 35 -20.28 36.76 35.70
N GLY L 36 -20.69 35.73 34.97
CA GLY L 36 -20.20 35.58 33.60
C GLY L 36 -20.30 34.16 33.09
N THR L 37 -19.89 34.00 31.81
CA THR L 37 -20.00 32.70 31.14
C THR L 37 -19.10 31.64 31.75
N GLY L 38 -18.07 32.02 32.49
CA GLY L 38 -17.20 31.06 33.12
C GLY L 38 -17.42 30.89 34.61
N ALA L 39 -18.45 31.53 35.19
CA ALA L 39 -18.57 31.57 36.64
C ALA L 39 -18.71 30.17 37.22
N ASP L 40 -19.64 29.38 36.67
CA ASP L 40 -19.82 28.02 37.18
C ASP L 40 -18.56 27.18 37.02
N CYS L 41 -17.79 27.43 35.95
CA CYS L 41 -16.54 26.70 35.75
C CYS L 41 -15.53 26.97 36.87
N ALA L 42 -15.58 28.16 37.47
CA ALA L 42 -14.63 28.52 38.50
C ALA L 42 -15.18 28.28 39.90
N ARG L 43 -16.22 27.47 40.03
CA ARG L 43 -16.99 27.41 41.27
C ARG L 43 -16.20 26.77 42.41
N ASP L 44 -15.18 25.98 42.10
CA ASP L 44 -14.31 25.43 43.14
C ASP L 44 -13.02 26.22 43.29
N LEU L 45 -12.87 27.30 42.54
CA LEU L 45 -11.72 28.22 42.62
C LEU L 45 -12.22 29.61 43.06
N GLY L 46 -11.29 30.48 43.41
CA GLY L 46 -11.68 31.80 43.83
C GLY L 46 -12.40 32.65 42.78
N PRO L 47 -12.58 33.93 43.09
CA PRO L 47 -12.84 34.90 42.03
C PRO L 47 -11.58 35.12 41.22
N GLY L 48 -11.74 35.76 40.07
CA GLY L 48 -10.60 36.07 39.24
C GLY L 48 -10.06 34.93 38.42
N TRP L 49 -10.72 33.77 38.40
CA TRP L 49 -10.26 32.63 37.61
C TRP L 49 -11.16 32.46 36.38
N LYS L 50 -11.00 33.37 35.41
CA LYS L 50 -11.66 33.27 34.10
C LYS L 50 -13.18 33.22 34.24
N ILE L 51 -13.72 34.25 34.89
CA ILE L 51 -15.15 34.31 35.15
C ILE L 51 -15.91 34.78 33.91
N SER L 52 -15.26 35.51 33.02
CA SER L 52 -15.95 36.28 32.00
C SER L 52 -15.17 36.34 30.69
N PRO L 53 -14.88 35.18 30.07
CA PRO L 53 -14.10 35.18 28.83
C PRO L 53 -14.89 35.43 27.56
N SER L 54 -16.21 35.29 27.60
CA SER L 54 -17.02 35.35 26.38
C SER L 54 -18.39 35.97 26.66
N VAL L 55 -19.13 36.25 25.60
CA VAL L 55 -20.50 36.69 25.78
C VAL L 55 -21.41 35.84 24.90
N ASP L 56 -22.65 35.67 25.33
CA ASP L 56 -23.67 35.01 24.54
C ASP L 56 -24.58 36.07 23.98
N ILE L 57 -24.78 36.05 22.66
CA ILE L 57 -25.63 37.01 21.95
C ILE L 57 -26.89 36.29 21.53
N LYS L 58 -28.03 36.67 22.12
CA LYS L 58 -29.26 35.96 21.82
C LYS L 58 -29.64 36.14 20.36
N ALA L 59 -30.35 35.14 19.83
CA ALA L 59 -30.80 35.16 18.45
C ALA L 59 -31.50 36.48 18.10
N GLY L 60 -31.12 37.05 16.95
CA GLY L 60 -31.72 38.29 16.48
C GLY L 60 -31.20 39.57 17.12
N GLU L 61 -30.31 39.47 18.10
CA GLU L 61 -29.90 40.65 18.85
C GLU L 61 -28.50 41.12 18.46
N THR L 62 -28.24 42.40 18.72
CA THR L 62 -26.96 43.03 18.47
C THR L 62 -26.27 43.27 19.81
N PHE L 63 -24.96 43.05 19.85
CA PHE L 63 -24.18 43.26 21.05
C PHE L 63 -23.10 44.29 20.75
N GLU L 64 -22.84 45.16 21.72
CA GLU L 64 -21.85 46.23 21.57
C GLU L 64 -20.50 45.68 22.01
N LEU L 65 -19.65 45.32 21.05
CA LEU L 65 -18.33 44.82 21.42
C LEU L 65 -17.52 45.86 22.16
N ALA L 66 -17.64 47.12 21.77
CA ALA L 66 -16.73 48.14 22.25
C ALA L 66 -17.37 49.50 22.09
N SER L 67 -17.23 50.32 23.14
CA SER L 67 -17.65 51.72 23.10
C SER L 67 -16.51 52.55 23.68
N ILE L 68 -15.92 53.41 22.87
CA ILE L 68 -14.79 54.23 23.27
C ILE L 68 -15.16 55.70 23.17
N GLU L 69 -14.77 56.48 24.16
CA GLU L 69 -14.91 57.93 24.11
C GLU L 69 -13.60 58.59 23.76
N GLY L 70 -13.69 59.68 23.01
CA GLY L 70 -12.53 60.48 22.70
C GLY L 70 -11.81 60.00 21.46
N ALA L 71 -10.64 60.59 21.26
CA ALA L 71 -9.79 60.23 20.15
C ALA L 71 -9.02 58.95 20.46
N GLY L 72 -8.77 58.16 19.44
CA GLY L 72 -7.93 56.98 19.59
C GLY L 72 -7.84 56.22 18.30
N LYS L 73 -7.20 55.04 18.37
CA LYS L 73 -7.01 54.22 17.18
C LYS L 73 -6.96 52.75 17.56
N ILE L 74 -7.89 51.96 17.02
CA ILE L 74 -7.84 50.51 17.21
C ILE L 74 -6.61 49.95 16.48
N THR L 75 -5.79 49.19 17.22
CA THR L 75 -4.55 48.66 16.65
C THR L 75 -4.57 47.15 16.44
N HIS L 76 -5.46 46.42 17.10
CA HIS L 76 -5.53 44.97 16.91
C HIS L 76 -6.87 44.49 17.43
N ILE L 77 -7.61 43.78 16.58
CA ILE L 77 -8.85 43.10 16.96
C ILE L 77 -8.60 41.60 16.89
N TRP L 78 -8.85 40.89 17.99
CA TRP L 78 -8.92 39.43 17.97
C TRP L 78 -10.34 39.01 18.32
N ILE L 79 -10.86 37.99 17.62
CA ILE L 79 -12.24 37.56 17.83
C ILE L 79 -12.37 36.11 17.35
N THR L 80 -13.24 35.35 18.02
CA THR L 80 -13.58 34.01 17.56
C THR L 80 -15.04 33.69 17.88
N THR L 81 -15.56 32.73 17.13
CA THR L 81 -16.91 32.18 17.23
C THR L 81 -16.90 30.94 16.36
N HIS L 82 -17.87 30.04 16.55
CA HIS L 82 -17.89 28.81 15.77
C HIS L 82 -18.19 29.07 14.29
N THR L 83 -17.62 28.23 13.42
CA THR L 83 -17.77 28.37 11.98
C THR L 83 -19.22 28.56 11.55
N ASP L 84 -20.16 27.87 12.21
CA ASP L 84 -21.59 27.99 11.88
C ASP L 84 -22.09 29.45 11.87
N ASN L 85 -21.42 30.35 12.59
CA ASN L 85 -21.85 31.73 12.68
C ASN L 85 -21.12 32.67 11.72
N TRP L 86 -20.10 32.19 10.99
CA TRP L 86 -19.27 33.10 10.21
C TRP L 86 -20.07 33.86 9.15
N ARG L 87 -21.18 33.29 8.66
CA ARG L 87 -22.04 34.03 7.75
C ARG L 87 -23.43 34.29 8.35
N THR L 88 -23.55 34.36 9.68
CA THR L 88 -24.75 34.88 10.32
C THR L 88 -24.51 36.13 11.15
N LEU L 89 -23.27 36.41 11.53
CA LEU L 89 -22.96 37.60 12.32
C LEU L 89 -22.54 38.73 11.39
N ILE L 90 -22.97 39.95 11.72
CA ILE L 90 -22.59 41.15 10.96
C ILE L 90 -21.74 42.02 11.87
N LEU L 91 -20.57 42.40 11.38
CA LEU L 91 -19.64 43.22 12.15
C LEU L 91 -19.75 44.66 11.69
N ARG L 92 -19.89 45.59 12.64
CA ARG L 92 -20.08 47.00 12.30
C ARG L 92 -19.20 47.88 13.17
N ALA L 93 -18.68 48.96 12.59
CA ALA L 93 -17.96 49.98 13.35
C ALA L 93 -18.51 51.36 12.98
N PHE L 94 -18.74 52.19 13.99
CA PHE L 94 -19.20 53.57 13.82
C PHE L 94 -18.16 54.48 14.43
N TRP L 95 -17.70 55.47 13.65
CA TRP L 95 -16.71 56.43 14.12
C TRP L 95 -17.38 57.78 14.40
N ASP L 96 -16.91 58.46 15.45
CA ASP L 96 -17.23 59.86 15.73
C ASP L 96 -18.71 60.09 15.93
N GLY L 97 -19.43 59.11 16.48
CA GLY L 97 -20.83 59.27 16.80
C GLY L 97 -21.77 59.18 15.63
N ALA L 98 -21.26 58.88 14.44
CA ALA L 98 -22.13 58.76 13.27
C ALA L 98 -23.23 57.74 13.52
N ASP L 99 -24.37 57.99 12.88
CA ASP L 99 -25.55 57.13 12.95
C ASP L 99 -25.47 55.95 11.99
N GLU L 100 -24.66 56.07 10.93
CA GLU L 100 -24.44 55.02 9.97
C GLU L 100 -23.04 54.44 10.13
N PRO L 101 -22.87 53.13 9.91
CA PRO L 101 -21.55 52.51 10.13
C PRO L 101 -20.62 52.68 8.95
N ALA L 102 -19.34 52.85 9.25
CA ALA L 102 -18.32 52.88 8.21
C ALA L 102 -17.88 51.47 7.82
N VAL L 103 -17.93 50.53 8.75
CA VAL L 103 -17.62 49.13 8.51
C VAL L 103 -18.93 48.36 8.65
N GLU L 104 -19.30 47.62 7.62
CA GLU L 104 -20.51 46.80 7.70
C GLU L 104 -20.27 45.54 6.87
N VAL L 105 -19.84 44.47 7.53
CA VAL L 105 -19.34 43.29 6.82
C VAL L 105 -19.84 42.02 7.51
N PRO L 106 -20.26 40.99 6.77
CA PRO L 106 -20.41 39.66 7.38
C PRO L 106 -19.11 39.28 8.06
N TYR L 107 -19.24 38.61 9.21
CA TYR L 107 -18.10 38.40 10.10
C TYR L 107 -16.97 37.65 9.39
N GLY L 108 -17.31 36.55 8.70
CA GLY L 108 -16.27 35.71 8.13
C GLY L 108 -15.46 36.41 7.06
N ASP L 109 -16.12 37.22 6.24
CA ASP L 109 -15.46 37.84 5.09
C ASP L 109 -14.42 38.86 5.54
N PHE L 110 -14.66 39.53 6.67
CA PHE L 110 -13.70 40.53 7.13
C PHE L 110 -12.34 39.92 7.38
N PHE L 111 -12.30 38.61 7.62
CA PHE L 111 -11.08 37.85 7.89
C PHE L 111 -10.81 36.83 6.79
N CYS L 112 -11.28 37.13 5.56
CA CYS L 112 -11.05 36.29 4.38
C CYS L 112 -11.55 34.87 4.57
N ASN L 113 -12.66 34.71 5.28
CA ASN L 113 -13.19 33.40 5.60
C ASN L 113 -14.71 33.43 5.45
N GLY L 114 -15.18 33.81 4.26
CA GLY L 114 -16.58 34.04 4.00
C GLY L 114 -17.36 32.82 3.62
N TRP L 115 -16.75 31.64 3.68
CA TRP L 115 -17.38 30.39 3.32
C TRP L 115 -17.67 29.51 4.51
N GLY L 116 -17.26 29.91 5.71
CA GLY L 116 -17.49 29.10 6.89
C GLY L 116 -16.68 27.82 6.94
N VAL L 117 -15.51 27.82 6.29
CA VAL L 117 -14.54 26.73 6.32
C VAL L 117 -13.17 27.36 6.57
N PHE L 118 -12.53 26.99 7.68
CA PHE L 118 -11.31 27.70 8.10
C PHE L 118 -10.21 27.65 7.04
N ALA L 119 -9.74 28.82 6.62
CA ALA L 119 -8.56 28.91 5.77
C ALA L 119 -7.50 29.74 6.48
N GLN L 120 -6.28 29.19 6.57
CA GLN L 120 -5.15 29.90 7.17
C GLN L 120 -4.85 31.17 6.37
N VAL L 121 -4.62 32.27 7.07
CA VAL L 121 -4.30 33.54 6.40
C VAL L 121 -3.10 34.17 7.10
N ASN L 122 -1.97 34.27 6.37
CA ASN L 122 -0.69 34.68 6.92
C ASN L 122 -0.31 36.11 6.54
N SER L 123 -1.28 36.96 6.23
CA SER L 123 -1.03 38.28 5.68
C SER L 123 -0.64 39.30 6.76
N GLN L 124 -0.35 40.52 6.33
CA GLN L 124 0.04 41.55 7.28
C GLN L 124 -1.18 42.13 8.01
N ALA L 125 -2.24 42.45 7.28
CA ALA L 125 -3.37 43.12 7.92
C ALA L 125 -4.32 42.15 8.59
N ILE L 126 -4.40 40.91 8.09
CA ILE L 126 -5.32 39.89 8.58
C ILE L 126 -4.53 38.63 8.88
N ALA L 127 -4.65 38.11 10.10
CA ALA L 127 -4.17 36.78 10.42
C ALA L 127 -5.34 35.92 10.86
N ALA L 128 -5.50 34.77 10.23
CA ALA L 128 -6.58 33.82 10.54
C ALA L 128 -5.92 32.48 10.82
N ASN L 129 -5.93 32.08 12.09
CA ASN L 129 -5.11 31.00 12.63
C ASN L 129 -5.96 29.88 13.20
N PRO L 130 -5.36 28.70 13.40
CA PRO L 130 -6.13 27.57 13.95
C PRO L 130 -6.70 27.90 15.32
N HIS L 131 -8.00 27.64 15.49
CA HIS L 131 -8.95 27.25 14.45
C HIS L 131 -10.04 28.32 14.46
N GLY L 132 -10.06 29.19 13.47
CA GLY L 132 -10.94 30.33 13.55
C GLY L 132 -10.46 31.43 14.48
N GLY L 133 -9.16 31.54 14.72
CA GLY L 133 -8.62 32.71 15.42
C GLY L 133 -8.45 33.89 14.49
N PHE L 134 -9.36 34.85 14.53
CA PHE L 134 -9.42 35.93 13.55
C PHE L 134 -8.79 37.20 14.09
N ASN L 135 -7.82 37.75 13.37
CA ASN L 135 -7.04 38.89 13.82
C ASN L 135 -7.05 39.96 12.75
N SER L 136 -7.35 41.20 13.16
CA SER L 136 -7.27 42.34 12.27
C SER L 136 -6.28 43.32 12.87
N TYR L 137 -5.30 43.74 12.06
CA TYR L 137 -4.32 44.74 12.43
C TYR L 137 -4.50 46.04 11.66
N TRP L 138 -5.55 46.15 10.86
CA TRP L 138 -5.91 47.40 10.21
C TRP L 138 -6.02 48.51 11.27
N PRO L 139 -5.21 49.56 11.19
CA PRO L 139 -5.41 50.69 12.11
C PRO L 139 -6.72 51.38 11.80
N MET L 140 -7.51 51.64 12.85
CA MET L 140 -8.82 52.28 12.73
C MET L 140 -8.82 53.50 13.65
N PRO L 141 -8.27 54.63 13.19
CA PRO L 141 -8.22 55.83 14.03
C PRO L 141 -9.56 56.57 14.04
N PHE L 142 -9.79 57.31 15.12
CA PHE L 142 -11.05 58.03 15.28
C PHE L 142 -10.81 59.24 16.16
N ARG L 143 -11.64 60.27 15.97
CA ARG L 143 -11.45 61.59 16.59
C ARG L 143 -12.38 61.85 17.75
N ASP L 144 -13.58 61.28 17.75
CA ASP L 144 -14.60 61.65 18.74
C ASP L 144 -15.51 60.45 18.96
N GLY L 145 -14.95 59.35 19.47
CA GLY L 145 -15.71 58.18 19.80
C GLY L 145 -15.63 57.07 18.74
N ALA L 146 -15.89 55.83 19.20
CA ALA L 146 -15.89 54.64 18.37
C ALA L 146 -16.86 53.62 18.96
N ARG L 147 -17.71 53.04 18.11
CA ARG L 147 -18.63 51.97 18.51
C ARG L 147 -18.39 50.76 17.62
N LEU L 148 -18.19 49.59 18.22
CA LEU L 148 -18.13 48.34 17.47
C LEU L 148 -19.30 47.45 17.90
N THR L 149 -20.04 46.90 16.92
CA THR L 149 -21.15 46.01 17.24
C THR L 149 -21.07 44.73 16.42
N ILE L 150 -21.71 43.68 16.93
CA ILE L 150 -21.91 42.47 16.16
C ILE L 150 -23.37 42.02 16.30
N GLU L 151 -24.01 41.79 15.15
CA GLU L 151 -25.42 41.46 15.07
C GLU L 151 -25.59 39.98 14.73
N ASN L 152 -26.28 39.25 15.59
CA ASN L 152 -26.63 37.84 15.38
C ASN L 152 -27.95 37.78 14.62
N THR L 153 -27.88 37.59 13.32
CA THR L 153 -29.08 37.48 12.49
C THR L 153 -29.65 36.08 12.45
N SER L 154 -29.05 35.11 13.14
CA SER L 154 -29.49 33.72 13.12
C SER L 154 -30.59 33.48 14.16
N VAL L 155 -31.19 32.29 14.08
CA VAL L 155 -32.24 31.89 15.03
C VAL L 155 -31.70 31.25 16.30
N VAL L 156 -30.38 31.10 16.44
CA VAL L 156 -29.79 30.45 17.60
C VAL L 156 -28.95 31.44 18.39
N ASP L 157 -28.76 31.16 19.68
CA ASP L 157 -27.86 31.95 20.49
C ASP L 157 -26.42 31.65 20.10
N VAL L 158 -25.57 32.66 20.21
CA VAL L 158 -24.22 32.60 19.67
C VAL L 158 -23.25 33.03 20.75
N ARG L 159 -22.15 32.31 20.87
CA ARG L 159 -21.08 32.66 21.79
C ARG L 159 -19.93 33.33 21.01
N VAL L 160 -19.37 34.39 21.59
CA VAL L 160 -18.33 35.19 20.92
C VAL L 160 -17.25 35.55 21.95
N TYR L 161 -15.99 35.31 21.59
CA TYR L 161 -14.86 35.80 22.35
C TYR L 161 -14.21 36.93 21.57
N TYR L 162 -13.67 37.92 22.27
CA TYR L 162 -13.15 39.07 21.52
C TYR L 162 -12.20 39.86 22.40
N GLN L 163 -11.36 40.66 21.74
CA GLN L 163 -10.37 41.46 22.43
C GLN L 163 -10.02 42.61 21.49
N VAL L 164 -10.42 43.83 21.85
CA VAL L 164 -10.25 45.01 21.03
C VAL L 164 -9.18 45.87 21.69
N THR L 165 -8.02 46.00 21.05
CA THR L 165 -6.91 46.77 21.61
C THR L 165 -6.74 48.08 20.83
N TYR L 166 -6.49 49.17 21.55
CA TYR L 166 -6.44 50.47 20.91
C TYR L 166 -5.51 51.38 21.69
N GLU L 167 -5.17 52.51 21.05
CA GLU L 167 -4.27 53.50 21.62
C GLU L 167 -5.00 54.82 21.87
N ILE L 168 -4.66 55.47 22.98
CA ILE L 168 -5.06 56.84 23.27
C ILE L 168 -3.80 57.71 23.27
N GLY L 169 -3.97 58.99 22.99
CA GLY L 169 -2.88 59.94 23.09
C GLY L 169 -2.17 60.25 21.79
N GLY L 170 -2.84 60.11 20.65
CA GLY L 170 -2.26 60.49 19.38
C GLY L 170 -3.07 61.57 18.68
N ASP L 171 -2.46 62.22 17.69
CA ASP L 171 -3.13 63.24 16.90
C ASP L 171 -3.66 62.56 15.65
N HIS L 172 -4.99 62.45 15.54
CA HIS L 172 -5.64 61.81 14.40
C HIS L 172 -6.38 62.81 13.52
N SER L 173 -6.02 64.10 13.61
CA SER L 173 -6.70 65.12 12.82
C SER L 173 -6.40 64.97 11.34
N ASN L 174 -5.26 64.38 10.98
CA ASN L 174 -5.00 64.05 9.58
C ASN L 174 -4.98 62.54 9.31
N ASP L 175 -5.60 61.72 10.16
CA ASP L 175 -5.79 60.31 9.89
C ASP L 175 -7.18 60.08 9.30
N ALA L 176 -7.25 59.24 8.26
CA ALA L 176 -8.51 58.90 7.64
C ALA L 176 -9.24 57.84 8.47
N TYR L 177 -10.52 57.63 8.13
CA TYR L 177 -11.37 56.64 8.79
C TYR L 177 -11.36 55.35 8.01
N PHE L 178 -11.28 54.22 8.73
CA PHE L 178 -11.36 52.89 8.12
C PHE L 178 -12.80 52.54 7.75
N HIS L 179 -12.98 52.08 6.50
CA HIS L 179 -14.28 51.66 5.96
C HIS L 179 -14.16 50.27 5.36
N ALA L 180 -15.28 49.53 5.37
CA ALA L 180 -15.33 48.21 4.74
C ALA L 180 -16.77 47.91 4.37
N GLN L 181 -16.99 47.44 3.13
CA GLN L 181 -18.33 47.17 2.62
C GLN L 181 -18.36 45.86 1.87
N TRP L 182 -19.56 45.27 1.84
CA TRP L 182 -19.78 43.92 1.33
C TRP L 182 -20.89 43.92 0.30
N ARG L 183 -20.66 43.24 -0.83
CA ARG L 183 -21.71 43.00 -1.82
C ARG L 183 -21.58 41.57 -2.33
N ARG L 184 -22.72 40.90 -2.52
CA ARG L 184 -22.81 39.54 -3.04
C ARG L 184 -23.75 39.47 -4.23
N SER L 185 -23.26 38.97 -5.35
CA SER L 185 -24.09 38.66 -6.51
C SER L 185 -24.17 37.14 -6.65
N ASN L 186 -25.38 36.59 -6.58
CA ASN L 186 -25.57 35.14 -6.62
C ASN L 186 -26.98 34.85 -7.16
N PRO L 187 -27.09 34.40 -8.42
CA PRO L 187 -26.07 34.42 -9.47
C PRO L 187 -25.92 35.80 -10.06
N LEU L 188 -24.69 36.18 -10.38
CA LEU L 188 -24.43 37.38 -11.16
C LEU L 188 -25.27 37.38 -12.44
N GLU L 189 -25.84 38.53 -12.77
CA GLU L 189 -26.57 38.67 -14.03
C GLU L 189 -25.64 38.53 -15.22
N GLU L 190 -26.22 38.16 -16.36
CA GLU L 190 -25.49 38.01 -17.61
C GLU L 190 -24.77 39.30 -18.00
N LEU L 191 -23.57 39.16 -18.56
CA LEU L 191 -22.73 40.27 -19.04
C LEU L 191 -22.82 41.52 -18.16
N THR L 192 -22.77 41.36 -16.84
CA THR L 192 -22.86 42.48 -15.92
C THR L 192 -21.71 42.37 -14.93
N PRO L 193 -20.89 43.40 -14.78
CA PRO L 193 -19.81 43.33 -13.79
C PRO L 193 -20.37 43.25 -12.38
N HIS L 194 -19.64 42.56 -11.52
CA HIS L 194 -19.98 42.55 -10.10
C HIS L 194 -19.46 43.81 -9.45
N VAL L 195 -20.36 44.62 -8.88
CA VAL L 195 -19.95 45.86 -8.23
C VAL L 195 -19.27 45.54 -6.90
N ILE L 196 -18.15 46.20 -6.64
CA ILE L 196 -17.41 46.05 -5.40
C ILE L 196 -17.59 47.29 -4.50
N LEU L 197 -17.57 48.48 -5.10
CA LEU L 197 -17.78 49.78 -4.46
C LEU L 197 -18.51 50.67 -5.45
N GLU L 198 -19.33 51.58 -4.92
CA GLU L 198 -20.07 52.51 -5.77
C GLU L 198 -20.33 53.80 -5.00
N GLY L 199 -20.05 54.94 -5.64
CA GLY L 199 -20.50 56.22 -5.15
C GLY L 199 -19.84 56.74 -3.88
N ILE L 200 -18.57 56.43 -3.66
CA ILE L 200 -17.85 56.91 -2.48
C ILE L 200 -17.43 58.36 -2.70
N GLU L 201 -17.69 59.23 -1.73
CA GLU L 201 -17.39 60.66 -1.84
C GLU L 201 -16.42 61.09 -0.75
N GLY L 202 -15.34 61.75 -1.15
CA GLY L 202 -14.37 62.23 -0.19
C GLY L 202 -12.95 61.99 -0.64
N GLU L 203 -11.99 62.35 0.19
CA GLU L 203 -10.59 62.05 -0.05
C GLU L 203 -10.23 60.77 0.70
N GLY L 204 -9.35 59.98 0.12
CA GLY L 204 -8.93 58.75 0.78
C GLY L 204 -8.10 57.87 -0.14
N HIS L 205 -8.06 56.58 0.19
CA HIS L 205 -7.36 55.60 -0.64
C HIS L 205 -7.93 54.19 -0.42
N TYR L 206 -8.10 53.47 -1.53
CA TYR L 206 -8.55 52.08 -1.50
C TYR L 206 -7.41 51.16 -1.05
N VAL L 207 -7.70 50.25 -0.10
CA VAL L 207 -6.59 49.48 0.46
C VAL L 207 -6.80 47.96 0.50
N GLY L 208 -8.03 47.49 0.24
CA GLY L 208 -8.23 46.05 0.31
C GLY L 208 -9.40 45.46 -0.45
N THR L 209 -9.19 44.24 -0.97
CA THR L 209 -10.25 43.44 -1.56
C THR L 209 -10.13 41.99 -1.10
N TYR L 210 -11.22 41.45 -0.56
CA TYR L 210 -11.37 40.01 -0.37
C TYR L 210 -12.57 39.56 -1.19
N ILE L 211 -12.41 38.47 -1.96
CA ILE L 211 -13.49 37.94 -2.79
C ILE L 211 -13.72 36.47 -2.48
N ALA L 212 -14.97 36.10 -2.25
CA ALA L 212 -15.40 34.71 -2.18
C ALA L 212 -16.14 34.40 -3.46
N TRP L 213 -15.65 33.42 -4.22
CA TRP L 213 -16.11 33.15 -5.57
C TRP L 213 -16.48 31.68 -5.67
N GLY L 214 -17.75 31.42 -6.00
CA GLY L 214 -18.23 30.07 -6.27
C GLY L 214 -18.59 29.94 -7.75
N VAL L 215 -18.04 28.90 -8.39
CA VAL L 215 -18.04 28.79 -9.84
C VAL L 215 -19.19 27.91 -10.32
N ASN L 216 -19.89 28.37 -11.34
CA ASN L 216 -21.03 27.66 -11.90
C ASN L 216 -20.81 27.20 -13.32
N SER L 217 -19.65 27.47 -13.91
CA SER L 217 -19.28 26.98 -15.22
C SER L 217 -18.02 26.14 -15.06
N ASN L 218 -17.83 25.18 -15.97
CA ASN L 218 -16.58 24.44 -16.01
C ASN L 218 -15.51 25.27 -16.71
N GLY L 219 -14.25 24.82 -16.58
CA GLY L 219 -13.09 25.53 -17.12
C GLY L 219 -12.62 26.63 -16.20
N TRP L 220 -11.63 27.39 -16.67
CA TRP L 220 -11.09 28.50 -15.88
C TRP L 220 -12.08 29.66 -15.84
N TRP L 221 -12.19 30.26 -14.66
CA TRP L 221 -13.27 31.18 -14.34
C TRP L 221 -12.79 32.60 -14.08
N GLY L 222 -11.49 32.88 -14.19
CA GLY L 222 -10.95 34.13 -13.69
C GLY L 222 -10.34 35.08 -14.72
N GLU L 223 -10.87 35.10 -15.94
CA GLU L 223 -10.35 36.00 -16.94
C GLU L 223 -10.73 37.46 -16.65
N GLY L 224 -11.75 37.68 -15.82
CA GLY L 224 -12.35 39.01 -15.71
C GLY L 224 -11.41 40.03 -15.09
N GLU L 225 -11.50 41.26 -15.60
CA GLU L 225 -10.63 42.35 -15.17
C GLU L 225 -11.31 43.20 -14.11
N ILE L 226 -10.50 43.65 -13.08
CA ILE L 226 -10.96 44.61 -12.09
C ILE L 226 -10.75 46.02 -12.63
N LYS L 227 -11.66 46.93 -12.29
CA LYS L 227 -11.61 48.29 -12.82
C LYS L 227 -11.88 49.29 -11.71
N PHE L 228 -10.98 50.27 -11.57
CA PHE L 228 -11.15 51.36 -10.60
C PHE L 228 -11.49 52.65 -11.36
N TYR L 229 -12.72 53.13 -11.16
CA TYR L 229 -13.15 54.45 -11.62
C TYR L 229 -12.91 55.43 -10.48
N LEU L 230 -11.95 56.34 -10.64
CA LEU L 230 -11.58 57.24 -9.57
C LEU L 230 -11.87 58.69 -9.97
N ASP L 231 -12.40 59.46 -9.02
CA ASP L 231 -12.53 60.92 -9.15
C ASP L 231 -13.37 61.32 -10.37
N ASP L 232 -12.74 61.89 -11.40
CA ASP L 232 -13.44 62.41 -12.57
C ASP L 232 -14.00 61.32 -13.47
N ASP L 233 -13.56 60.08 -13.31
CA ASP L 233 -13.93 59.04 -14.27
C ASP L 233 -15.45 58.89 -14.34
N THR L 234 -15.93 58.64 -15.55
CA THR L 234 -17.33 58.34 -15.77
C THR L 234 -17.47 57.00 -16.46
N ASP L 235 -17.15 56.94 -17.75
CA ASP L 235 -17.43 55.79 -18.57
C ASP L 235 -16.24 54.86 -18.70
N HIS L 236 -15.06 55.27 -18.24
CA HIS L 236 -13.89 54.42 -18.34
C HIS L 236 -12.97 54.60 -17.15
N PRO L 237 -12.36 53.51 -16.65
CA PRO L 237 -11.60 53.58 -15.41
C PRO L 237 -10.19 54.15 -15.57
N THR L 238 -9.63 54.55 -14.43
CA THR L 238 -8.24 55.01 -14.37
C THR L 238 -7.27 53.84 -14.26
N ILE L 239 -7.63 52.84 -13.46
CA ILE L 239 -6.85 51.62 -13.28
C ILE L 239 -7.69 50.46 -13.80
N CYS L 240 -7.15 49.75 -14.79
CA CYS L 240 -7.83 48.62 -15.42
C CYS L 240 -6.87 47.43 -15.35
N GLY L 241 -7.37 46.29 -14.89
CA GLY L 241 -6.55 45.11 -14.67
C GLY L 241 -6.63 44.13 -15.85
N THR L 242 -5.91 43.00 -15.72
CA THR L 242 -5.79 42.03 -16.81
C THR L 242 -6.39 40.66 -16.51
N GLY L 243 -6.84 40.40 -15.28
CA GLY L 243 -7.49 39.14 -14.94
C GLY L 243 -7.81 39.10 -13.46
N THR L 244 -8.54 38.04 -13.07
CA THR L 244 -8.90 37.89 -11.66
C THR L 244 -7.72 37.39 -10.85
N GLU L 245 -7.07 36.31 -11.31
CA GLU L 245 -5.88 35.85 -10.62
C GLU L 245 -4.76 36.87 -10.74
N ASP L 246 -4.70 37.60 -11.86
CA ASP L 246 -3.71 38.68 -12.00
C ASP L 246 -3.87 39.72 -10.89
N TYR L 247 -5.09 40.19 -10.69
CA TYR L 247 -5.34 41.19 -9.66
C TYR L 247 -4.83 40.71 -8.30
N PHE L 248 -5.10 39.46 -7.97
CA PHE L 248 -4.70 38.88 -6.69
C PHE L 248 -3.27 38.37 -6.71
N GLY L 249 -2.49 38.70 -7.74
CA GLY L 249 -1.08 38.40 -7.72
C GLY L 249 -0.70 37.02 -8.20
N GLY L 250 -1.66 36.17 -8.54
CA GLY L 250 -1.36 34.92 -9.19
C GLY L 250 -1.23 35.10 -10.69
N ALA L 251 -1.17 33.97 -11.39
CA ALA L 251 -1.17 33.99 -12.84
C ALA L 251 -1.51 32.60 -13.33
N TRP L 252 -2.00 32.53 -14.57
CA TRP L 252 -2.26 31.27 -15.25
C TRP L 252 -3.13 30.36 -14.39
N ASN L 253 -4.27 30.91 -13.95
CA ASN L 253 -5.35 30.14 -13.34
C ASN L 253 -4.98 29.63 -11.94
N PHE L 254 -3.96 30.22 -11.30
CA PHE L 254 -3.45 29.70 -10.02
C PHE L 254 -3.04 28.23 -10.15
N ASP L 255 -2.69 27.77 -11.36
CA ASP L 255 -2.62 26.34 -11.66
C ASP L 255 -1.15 25.93 -11.82
N ILE L 256 -0.63 25.22 -10.84
CA ILE L 256 0.75 24.72 -10.87
C ILE L 256 0.71 23.37 -11.57
N PRO L 257 1.41 23.19 -12.70
CA PRO L 257 1.29 21.94 -13.47
C PRO L 257 1.57 20.70 -12.66
N GLY L 258 0.59 19.78 -12.63
CA GLY L 258 0.69 18.58 -11.83
C GLY L 258 0.12 18.69 -10.44
N LYS L 259 -0.20 19.90 -9.99
CA LYS L 259 -0.74 20.11 -8.66
C LYS L 259 -2.10 20.78 -8.65
N GLY L 260 -2.46 21.54 -9.68
CA GLY L 260 -3.72 22.23 -9.73
C GLY L 260 -3.71 23.55 -8.96
N TYR L 261 -4.92 24.05 -8.71
CA TYR L 261 -5.10 25.23 -7.88
C TYR L 261 -4.31 25.07 -6.59
N THR L 262 -3.53 26.08 -6.27
CA THR L 262 -2.68 26.00 -5.09
C THR L 262 -2.91 27.22 -4.23
N GLU L 263 -3.37 26.98 -2.99
CA GLU L 263 -3.46 28.04 -2.00
C GLU L 263 -2.10 28.67 -1.75
N PHE L 264 -2.11 29.99 -1.58
CA PHE L 264 -0.92 30.73 -1.18
C PHE L 264 -1.40 31.89 -0.33
N SER L 265 -0.47 32.46 0.46
CA SER L 265 -0.85 33.53 1.38
C SER L 265 0.39 34.35 1.71
N THR L 266 0.50 35.53 1.12
CA THR L 266 1.70 36.35 1.28
C THR L 266 1.33 37.64 2.02
N PRO L 267 2.27 38.54 2.32
CA PRO L 267 1.89 39.73 3.11
C PRO L 267 0.75 40.56 2.52
N TYR L 268 0.69 40.71 1.18
CA TYR L 268 -0.32 41.56 0.53
C TYR L 268 -1.23 40.82 -0.43
N LEU L 269 -0.95 39.55 -0.74
CA LEU L 269 -1.59 38.83 -1.83
C LEU L 269 -1.80 37.39 -1.41
N GLY L 270 -2.97 36.84 -1.72
CA GLY L 270 -3.24 35.45 -1.36
C GLY L 270 -4.45 34.89 -2.07
N MET L 271 -4.47 33.56 -2.18
CA MET L 271 -5.70 32.80 -2.35
C MET L 271 -5.65 31.75 -1.25
N PRO L 272 -6.02 32.13 -0.03
CA PRO L 272 -5.87 31.20 1.11
C PRO L 272 -6.83 30.02 1.06
N GLN L 273 -7.88 30.05 0.24
CA GLN L 273 -8.93 29.05 0.26
C GLN L 273 -9.23 28.51 -1.12
N VAL L 274 -9.18 27.19 -1.24
CA VAL L 274 -9.75 26.45 -2.35
C VAL L 274 -10.59 25.35 -1.74
N ILE L 275 -11.90 25.37 -1.99
CA ILE L 275 -12.81 24.34 -1.51
C ILE L 275 -13.15 23.43 -2.68
N ARG L 276 -12.84 22.14 -2.53
CA ARG L 276 -13.12 21.20 -3.61
C ARG L 276 -14.36 20.36 -3.26
N PRO L 277 -15.25 20.16 -4.23
CA PRO L 277 -16.44 19.35 -3.95
C PRO L 277 -16.07 17.93 -3.52
N ASP L 278 -16.93 17.35 -2.69
CA ASP L 278 -16.65 16.05 -2.09
C ASP L 278 -17.40 14.90 -2.78
N GLY L 279 -18.03 15.16 -3.92
CA GLY L 279 -18.76 14.13 -4.64
C GLY L 279 -20.10 13.77 -4.02
N LEU L 280 -20.45 14.35 -2.88
CA LEU L 280 -21.76 14.16 -2.29
C LEU L 280 -22.47 15.51 -2.13
N TYR L 281 -22.71 15.98 -0.90
CA TYR L 281 -23.53 17.18 -0.70
C TYR L 281 -22.72 18.48 -0.67
N VAL L 282 -21.40 18.41 -0.53
CA VAL L 282 -20.58 19.61 -0.71
C VAL L 282 -20.22 19.58 -2.19
N SER L 283 -21.03 20.29 -2.98
CA SER L 283 -21.00 20.17 -4.43
C SER L 283 -20.46 21.42 -5.13
N GLN L 284 -20.21 22.51 -4.42
CA GLN L 284 -19.81 23.79 -5.02
C GLN L 284 -18.30 24.01 -4.91
N GLN L 285 -17.65 24.27 -6.04
CA GLN L 285 -16.24 24.64 -6.04
C GLN L 285 -16.10 26.12 -5.72
N ARG L 286 -15.37 26.46 -4.65
CA ARG L 286 -15.32 27.83 -4.16
C ARG L 286 -13.88 28.28 -3.85
N PHE L 287 -13.65 29.60 -3.95
CA PHE L 287 -12.33 30.18 -3.78
C PHE L 287 -12.43 31.40 -2.86
N GLY L 288 -11.34 31.65 -2.13
CA GLY L 288 -11.23 32.87 -1.36
C GLY L 288 -9.90 33.53 -1.65
N MET L 289 -9.91 34.82 -1.95
CA MET L 289 -8.74 35.54 -2.43
C MET L 289 -8.71 36.92 -1.80
N TYR L 290 -7.52 37.41 -1.45
CA TYR L 290 -7.40 38.75 -0.91
C TYR L 290 -6.23 39.47 -1.57
N ARG L 291 -6.31 40.79 -1.58
CA ARG L 291 -5.19 41.65 -1.95
C ARG L 291 -5.26 42.91 -1.10
N TRP L 292 -4.15 43.24 -0.44
CA TRP L 292 -4.07 44.45 0.37
C TRP L 292 -3.19 45.44 -0.38
N HIS L 293 -3.65 46.69 -0.49
CA HIS L 293 -2.91 47.71 -1.19
C HIS L 293 -2.27 48.64 -0.16
N LEU L 294 -1.32 48.09 0.60
CA LEU L 294 -0.72 48.83 1.69
C LEU L 294 0.48 49.65 1.22
N GLN L 295 1.43 49.01 0.51
CA GLN L 295 2.53 49.73 -0.07
C GLN L 295 2.13 50.45 -1.34
N ASP L 296 1.07 49.97 -2.00
CA ASP L 296 0.53 50.57 -3.21
C ASP L 296 -0.94 50.91 -3.05
N PRO L 297 -1.29 51.84 -2.16
CA PRO L 297 -2.69 52.25 -2.05
C PRO L 297 -3.16 52.94 -3.32
N ILE L 298 -4.46 52.80 -3.60
CA ILE L 298 -5.11 53.48 -4.71
C ILE L 298 -5.78 54.74 -4.14
N HIS L 299 -5.09 55.87 -4.25
CA HIS L 299 -5.59 57.14 -3.73
C HIS L 299 -6.70 57.70 -4.62
N PHE L 300 -7.55 58.51 -4.01
CA PHE L 300 -8.52 59.29 -4.75
C PHE L 300 -8.67 60.61 -4.02
N ALA L 301 -8.82 61.70 -4.78
CA ALA L 301 -8.92 63.04 -4.22
C ALA L 301 -10.35 63.45 -3.94
N THR L 302 -11.27 62.97 -4.73
CA THR L 302 -12.66 63.41 -4.80
C THR L 302 -13.67 62.30 -4.52
N GLY L 303 -13.40 61.08 -4.99
CA GLY L 303 -14.29 59.98 -4.72
C GLY L 303 -13.89 58.74 -5.48
N ILE L 304 -14.68 57.69 -5.28
CA ILE L 304 -14.59 56.47 -6.07
C ILE L 304 -15.98 56.20 -6.62
N PRO L 305 -16.27 56.61 -7.86
CA PRO L 305 -17.58 56.27 -8.45
C PRO L 305 -17.83 54.79 -8.55
N LYS L 306 -16.82 54.00 -8.95
CA LYS L 306 -17.07 52.57 -9.16
C LYS L 306 -15.78 51.78 -9.03
N VAL L 307 -15.83 50.69 -8.28
CA VAL L 307 -14.90 49.57 -8.41
C VAL L 307 -15.75 48.35 -8.74
N ASP L 308 -15.45 47.69 -9.86
CA ASP L 308 -16.14 46.46 -10.24
C ASP L 308 -15.15 45.48 -10.90
N ILE L 309 -15.62 44.27 -11.14
CA ILE L 309 -14.80 43.21 -11.69
C ILE L 309 -15.69 42.36 -12.60
N GLN L 310 -15.16 41.99 -13.76
CA GLN L 310 -15.91 41.15 -14.67
C GLN L 310 -15.81 39.69 -14.22
N ALA L 311 -16.78 38.90 -14.65
CA ALA L 311 -16.79 37.45 -14.40
C ALA L 311 -16.79 36.75 -15.76
N LEU L 312 -15.60 36.38 -16.23
CA LEU L 312 -15.42 35.75 -17.54
C LEU L 312 -14.67 34.44 -17.40
N GLY L 313 -15.18 33.40 -18.06
CA GLY L 313 -14.45 32.18 -18.31
C GLY L 313 -14.29 31.91 -19.80
N TRP L 314 -14.41 30.65 -20.21
CA TRP L 314 -14.16 30.28 -21.60
C TRP L 314 -15.29 29.42 -22.14
N ARG L 315 -15.55 29.57 -23.44
CA ARG L 315 -16.46 28.68 -24.17
C ARG L 315 -15.78 28.34 -25.49
N SER L 316 -16.43 27.46 -26.26
CA SER L 316 -15.85 26.94 -27.51
C SER L 316 -15.47 28.07 -28.48
N GLY L 317 -14.48 27.80 -29.32
CA GLY L 317 -13.98 28.77 -30.26
C GLY L 317 -13.16 29.89 -29.65
N TRP L 318 -12.53 29.64 -28.50
CA TRP L 318 -11.75 30.63 -27.77
C TRP L 318 -12.50 31.94 -27.55
N ARG L 319 -13.76 31.83 -27.11
CA ARG L 319 -14.58 32.98 -26.72
C ARG L 319 -14.66 33.08 -25.21
N TYR L 320 -14.63 34.30 -24.68
CA TYR L 320 -14.97 34.48 -23.27
C TYR L 320 -16.37 33.96 -23.00
N LEU L 321 -16.57 33.40 -21.81
CA LEU L 321 -17.90 32.98 -21.39
C LEU L 321 -18.38 33.87 -20.25
N PRO L 322 -19.46 34.65 -20.43
CA PRO L 322 -20.04 35.40 -19.30
C PRO L 322 -20.51 34.44 -18.20
N LEU L 323 -20.06 34.70 -16.98
CA LEU L 323 -20.23 33.77 -15.86
C LEU L 323 -21.43 34.19 -15.02
N ARG L 324 -22.33 33.24 -14.79
CA ARG L 324 -23.44 33.42 -13.86
C ARG L 324 -23.06 32.89 -12.48
N ASP L 325 -22.06 33.53 -11.88
CA ASP L 325 -21.33 32.95 -10.76
C ASP L 325 -21.76 33.58 -9.43
N ASP L 326 -21.24 33.01 -8.35
CA ASP L 326 -21.60 33.40 -6.98
C ASP L 326 -20.41 34.18 -6.42
N ILE L 327 -20.53 35.52 -6.40
CA ILE L 327 -19.41 36.41 -6.14
C ILE L 327 -19.75 37.34 -4.97
N ALA L 328 -18.91 37.33 -3.95
CA ALA L 328 -19.03 38.24 -2.82
C ALA L 328 -17.73 39.02 -2.65
N SER L 329 -17.81 40.33 -2.51
CA SER L 329 -16.62 41.14 -2.34
C SER L 329 -16.70 41.89 -1.02
N THR L 330 -15.54 42.04 -0.39
CA THR L 330 -15.36 42.94 0.74
C THR L 330 -14.30 43.95 0.32
N ALA L 331 -14.65 45.23 0.30
CA ALA L 331 -13.74 46.30 -0.10
C ALA L 331 -13.34 47.10 1.15
N MET L 332 -12.04 47.29 1.33
CA MET L 332 -11.50 48.08 2.43
C MET L 332 -10.97 49.41 1.89
N PHE L 333 -11.28 50.51 2.58
CA PHE L 333 -10.81 51.81 2.13
C PHE L 333 -10.82 52.80 3.29
N TYR L 334 -9.90 53.75 3.23
CA TYR L 334 -9.84 54.88 4.14
C TYR L 334 -10.45 56.12 3.49
N LEU L 335 -11.09 56.96 4.31
CA LEU L 335 -11.84 58.10 3.82
C LEU L 335 -11.73 59.24 4.83
N ASP L 336 -11.81 60.48 4.33
CA ASP L 336 -11.74 61.63 5.22
C ASP L 336 -13.07 61.96 5.91
N ARG L 337 -14.09 61.11 5.78
CA ARG L 337 -15.33 61.20 6.52
C ARG L 337 -15.62 59.86 7.18
N PRO L 338 -16.46 59.81 8.22
CA PRO L 338 -16.84 58.55 8.84
C PRO L 338 -17.99 57.79 8.19
N THR L 339 -18.62 58.30 7.15
CA THR L 339 -19.70 57.58 6.46
C THR L 339 -19.54 57.76 4.96
N ALA L 340 -20.21 56.90 4.20
CA ALA L 340 -20.16 56.94 2.74
C ALA L 340 -21.33 56.14 2.22
N ARG L 341 -21.56 56.20 0.91
CA ARG L 341 -22.61 55.36 0.34
C ARG L 341 -22.29 53.89 0.59
N ARG L 342 -23.27 53.17 1.12
CA ARG L 342 -23.20 51.75 1.42
C ARG L 342 -24.21 51.00 0.55
N PRO L 343 -24.00 49.70 0.34
CA PRO L 343 -25.08 48.86 -0.19
C PRO L 343 -26.12 48.58 0.89
N LYS L 344 -27.19 47.92 0.48
CA LYS L 344 -28.18 47.44 1.43
C LYS L 344 -27.49 46.54 2.47
N SER L 345 -27.93 46.65 3.73
CA SER L 345 -27.38 45.82 4.79
C SER L 345 -27.48 44.34 4.41
N PRO L 346 -26.47 43.54 4.72
CA PRO L 346 -26.55 42.11 4.38
C PRO L 346 -27.64 41.44 5.21
N SER L 347 -28.53 40.72 4.54
CA SER L 347 -29.57 39.99 5.22
C SER L 347 -29.09 38.59 5.62
N ALA L 348 -29.86 37.97 6.52
CA ALA L 348 -29.60 36.58 6.84
C ALA L 348 -29.61 35.74 5.57
N ASP L 349 -30.52 36.05 4.65
CA ASP L 349 -30.70 35.21 3.47
C ASP L 349 -29.57 35.42 2.45
N ASP L 350 -29.13 36.66 2.24
CA ASP L 350 -28.02 36.89 1.31
C ASP L 350 -26.72 36.31 1.83
N MET L 351 -26.52 36.34 3.14
CA MET L 351 -25.27 35.89 3.72
C MET L 351 -25.16 34.37 3.74
N GLU L 352 -26.30 33.66 3.81
CA GLU L 352 -26.27 32.25 4.16
C GLU L 352 -25.41 31.42 3.21
N VAL L 353 -24.50 30.64 3.78
CA VAL L 353 -23.89 29.51 3.10
C VAL L 353 -24.32 28.24 3.83
N HIS L 354 -24.23 27.11 3.14
CA HIS L 354 -24.67 25.82 3.69
C HIS L 354 -23.82 25.43 4.89
N LEU L 355 -24.47 24.94 5.95
CA LEU L 355 -23.78 24.84 7.23
C LEU L 355 -22.76 23.70 7.26
N GLY L 356 -23.21 22.46 7.11
CA GLY L 356 -22.23 21.38 7.28
C GLY L 356 -21.81 20.64 6.03
N THR L 357 -21.77 19.31 6.09
CA THR L 357 -21.64 18.48 4.90
C THR L 357 -22.82 17.54 4.69
N ALA L 358 -23.91 17.73 5.42
CA ALA L 358 -25.09 16.90 5.32
C ALA L 358 -26.02 17.46 4.26
N PRO L 359 -27.10 16.74 3.91
CA PRO L 359 -28.01 17.25 2.86
C PRO L 359 -28.82 18.45 3.29
N VAL L 360 -28.90 18.73 4.60
CA VAL L 360 -29.69 19.82 5.17
C VAL L 360 -28.79 20.61 6.11
N PRO L 361 -28.72 21.95 5.99
CA PRO L 361 -27.87 22.74 6.89
C PRO L 361 -27.99 22.36 8.36
N ASP L 362 -29.23 22.18 8.84
CA ASP L 362 -29.48 21.90 10.26
C ASP L 362 -28.93 20.53 10.68
N LEU L 363 -28.80 19.58 9.74
CA LEU L 363 -28.26 18.28 10.12
C LEU L 363 -26.76 18.34 10.37
N GLY L 364 -26.04 19.21 9.67
CA GLY L 364 -24.62 19.39 9.90
C GLY L 364 -24.25 20.58 10.76
N ALA L 365 -25.22 21.27 11.37
CA ALA L 365 -24.90 22.29 12.35
C ALA L 365 -24.34 21.63 13.61
N THR L 366 -23.77 22.45 14.48
CA THR L 366 -23.10 21.97 15.68
C THR L 366 -23.72 22.60 16.92
N PRO L 367 -24.55 21.86 17.68
CA PRO L 367 -25.05 20.52 17.38
C PRO L 367 -26.19 20.58 16.36
N PRO L 368 -26.59 19.43 15.81
CA PRO L 368 -27.69 19.41 14.85
C PRO L 368 -28.96 20.04 15.41
N ARG L 369 -29.79 20.55 14.52
CA ARG L 369 -31.03 21.22 14.91
C ARG L 369 -32.23 20.39 14.46
N VAL L 370 -32.91 19.78 15.42
CA VAL L 370 -34.01 18.86 15.17
C VAL L 370 -35.32 19.55 15.53
N LEU L 371 -36.09 19.95 14.51
CA LEU L 371 -37.44 20.47 14.70
C LEU L 371 -38.38 19.91 13.62
P PO4 M . -5.87 13.91 34.03
O1 PO4 M . -4.42 14.06 34.43
O2 PO4 M . -6.24 15.05 33.11
O3 PO4 M . -6.76 13.93 35.25
O4 PO4 M . -6.07 12.59 33.33
P PO4 N . 18.39 -32.04 3.32
O1 PO4 N . 19.70 -31.47 3.85
O2 PO4 N . 18.03 -31.36 2.02
O3 PO4 N . 17.29 -31.85 4.34
O4 PO4 N . 18.51 -33.54 3.07
P PO4 O . -22.26 -27.82 10.70
O1 PO4 O . -20.92 -27.33 11.22
O2 PO4 O . -22.51 -27.30 9.30
O3 PO4 O . -23.36 -27.32 11.63
O4 PO4 O . -22.22 -29.34 10.64
P PO4 P . 33.31 14.97 -5.91
O1 PO4 P . 34.79 14.86 -5.67
O2 PO4 P . 32.96 15.63 -7.21
O3 PO4 P . 32.71 15.79 -4.79
O4 PO4 P . 32.74 13.58 -5.97
P PO4 Q . -7.42 -23.45 -27.82
O1 PO4 Q . -5.99 -23.70 -27.35
O2 PO4 Q . -8.17 -22.72 -26.72
O3 PO4 Q . -8.10 -24.77 -28.11
O4 PO4 Q . -7.39 -22.59 -29.07
P PO4 R . 0.18 -7.28 -36.24
O1 PO4 R . 1.32 -7.01 -35.28
O2 PO4 R . -1.11 -6.70 -35.69
O3 PO4 R . 0.04 -8.79 -36.39
O4 PO4 R . 0.46 -6.67 -37.61
P PO4 S . 27.02 -19.63 15.95
O1 PO4 S . 28.06 -19.48 17.02
O2 PO4 S . 27.50 -18.92 14.72
O3 PO4 S . 25.75 -19.01 16.45
O4 PO4 S . 26.79 -21.07 15.59
P PO4 T . 21.34 23.77 -18.83
O1 PO4 T . 22.66 23.90 -18.10
O2 PO4 T . 21.21 24.83 -19.92
O3 PO4 T . 20.19 23.92 -17.86
O4 PO4 T . 21.30 22.42 -19.50
P PO4 U . -20.19 24.45 -19.04
O1 PO4 U . -19.77 23.01 -19.08
O2 PO4 U . -20.79 24.81 -20.38
O3 PO4 U . -18.99 25.34 -18.82
O4 PO4 U . -21.18 24.65 -17.92
P PO4 V . -32.46 -11.28 14.16
O1 PO4 V . -31.49 -11.04 15.30
O2 PO4 V . -32.06 -10.49 12.92
O3 PO4 V . -33.85 -10.85 14.61
O4 PO4 V . -32.47 -12.77 13.82
P PO4 W . 13.16 16.74 30.35
O1 PO4 W . 14.44 17.38 30.85
O2 PO4 W . 13.00 17.03 28.87
O3 PO4 W . 11.96 17.30 31.10
O4 PO4 W . 13.29 15.24 30.61
P PO4 X . -25.38 27.18 -0.31
O1 PO4 X . -23.95 27.23 0.22
O2 PO4 X . -26.27 28.02 0.60
O3 PO4 X . -25.91 25.76 -0.32
O4 PO4 X . -25.44 27.69 -1.74
#